data_8QP8
#
_entry.id   8QP8
#
loop_
_entity.id
_entity.type
_entity.pdbx_description
1 polymer 'Splicing factor 3A subunit 1'
2 polymer 'Probable ATP-dependent RNA helicase DDX23'
3 polymer 'U6 snRNA'
4 polymer 'U5 snRNA'
5 polymer 'U4 snRNA'
6 polymer 'U4/U6.U5 tri-snRNP-associated protein 1'
7 polymer '116 kDa U5 small nuclear ribonucleoprotein component'
8 polymer 'Ubiquitin carboxyl-terminal hydrolase 39'
9 polymer 'Pre-mRNA-processing-splicing factor 8'
10 polymer 'RNA-binding protein 42'
11 polymer 'Pre-mRNA-processing factor 6'
12 polymer 'U4/U6 small nuclear ribonucleoprotein Prp31'
13 polymer 'U4/U6 small nuclear ribonucleoprotein Prp3'
14 polymer 'Thioredoxin-like protein 4A'
15 polymer 'U4/U6.U5 small nuclear ribonucleoprotein 27 kDa protein'
16 non-polymer 'INOSITOL HEXAKISPHOSPHATE'
#
loop_
_entity_poly.entity_id
_entity_poly.type
_entity_poly.pdbx_seq_one_letter_code
_entity_poly.pdbx_strand_id
1 'polypeptide(L)'
;MPAGPVQAVPPPPPVPTEPKQPTEEEASSKEDSAPSKPVVGIIYPPPEVRNIVDKTASFVARNGPEFEARIRQNEINNPK
FNFLNPNDPYHAYYRHKVSEFKEGKAQEPSAAIPKVMQQQQQTTQQQLPQKVQAQVIQETIVPKEPPPEFEFIADPPSIS
AFDLDVVKLTAQFVARNGRQFLTQLMQKEQRNYQFDFLRPQHSLFNYFTKLVEQYTKILIPPKGLFSKLKKEAENPREVL
DQVCYRVEWAKFQERERKKEEEEKEKERVAYAQIDWHDFVVVETVDFQPNEQGNFPPPTTPEELGARILIQERYEKFGES
EEVEMEVESDEEDDKQEKAEEPPSQLDQDTQVQDMDEGSDDEEEGQKVPPPPETPMPPPLPPTPDQVIVRKDYDPKASKP
LPPAPAPDEYLVSPITGEKIPASKMQEHMRIGLLDPRWLEQRDRSIREKQSDDEVYAPGLDIESSLKQLAERRTDIFGVE
ETAIGKKIGEEEIQKPEEKVTWDGHSGSMARTQQAAQANITLQEQIEAIHKAKGLVPEDDTKEKIGPSKPNEIPQQPPPP
SSATNIPSSAPPITSVPRPPTMPPPVRTTVVSAVPVMPRPPMASVVRLPPGSVIAPMPPIIHAPRINVVPMPPSAPPIMA
PRPPPMIVPTAFVPAPPVAPVPAPAPMPPVHPPPPMEDEPTSKKLKTEDSLMPEEEFLRRNKGPVSIKVQVPNMQDKTEW
KLNGQVLVFTLPLTDQVSVIKVKIHEATGMPAGKQKLQYEGIFIKDSNSLAYYNMANGAVIHLALKERGGRKK
;
7
2 'polypeptide(L)'
;MAGELADKKDRDASPSKEERKRSRTPDRERDRDRDRKSSPSKDRKRHRSRDRRRGGSRSRSRSRSKSAERERRHKERERD
KERDRNKKDRDRDKDGHRRDKDRKRSSLSPGRGKDFKSRKDRDSKKDEEDEHGDKKPKAQPLSLEELLAKKKAEEEAEAK
PKFLSKAEREAEALKRRQQEVEERQRMLEEERKKRKQFQDLGRKMLEDPQERERRERRERMERETNGNEDEEGRQKIREE
KDKSKELHAIKERYLGGIKKRRRTRHLNDRKFVFEWDASEDTSIDYNPLYKERHQVQLLGRGFIAGIDLKQQKREQSRFY
GDLMEKRRTLEEKEQEEARLRKLRKKEAKQRWDDRHWSQKKLDEMTDRDWRIFREDYSITTKGGKIPNPIRSWKDSSLPP
HILEVIDKCGYKEPTPIQRQAIPIGLQNRDIIGVAETGSGKTAAFLIPLLVWITTLPKIDRIEESDQGPYAIILAPTREL
AQQIEEETIKFGKPLGIRTVAVIGGISREDQGFRLRMGCEIVIATPGRLIDVLENRYLVLSRCTYVVLDEADRMIDMGFE
PDVQKILEHMPVSNQKPDTDEAEDPEKMLANFESGKHKYRQTVMFTATMPPAVERLARSYLRRPAVVYIGSAGKPHERVE
QKVFLMSESEKRKKLLAILEQGFDPPIIIFVNQKKGCDVLAKSLEKMGYNACTLHGGKGQEQREFALSNLKAGAKDILVA
TDVAGRGIDIQDVSMVVNYDMAKNIEDYIHRIGRTGRAGKSGVAITFLTKEDSAVFYELKQAILESPVSSCPPELANHPD
AQHKPGTILTKKRREETIFA
;
G
3 'polyribonucleotide'
;GUGCUCGCUUCGGCAGCACAUAUACUAAAAUUGGAACGAUACAGAGAAGAUUAGCAUGGCCCCUGCGCAAGGAUGACACG
CAAAUUCGUGAAGCGUUCCAUAUUUU
;
6
4 'polyribonucleotide'
;AUACUCUGGUUUCUCUUCAGAUCGCAUAAAUCUUUCGCCUUUUACUAAAGAUUUCCGUGGAGAGGAACAACUCUGAGUCU
UAACCCAAUUUUUUGAGGCCUUGCUUUGGCAAGGCUA
;
5
5 'polyribonucleotide'
;AGCUUUGCGCAGUGGCAGUAUCGUAGCCAAUGAGGUCUAUCCGAGGCGCGAUUAUUGCUAAUUGAAAACUUUUCCCAAUA
CCCCGCCGUGACGACUUGCAAUAUAGUCGGCACUGGCAAUUUUUGACAGUCUCUACGGAGACUG
;
4
6 'polypeptide(L)'
;MGSSKKHRGEKEAAGTTAAAGTGGATEQPPRHREHKKHKHRSGGSGGSGGERRKRSRERGGERGSGRRGAEAEARSSTHG
RERSQAEPSERRVKREKRDDGYEAAASSKTSSGDASSLSIEETNKLRAKLGLKPLEVNAIKKEAGTKEEPVTADVINPMA
LRQREELREKLAAAKEKRLLNQKLGKIKTLGEDDPWLDDTAAWIERSRQLQKEKDLAEKRAKLLEEMDQEFGVSTLVEEE
FGQRRQDLYSARDLQGLTVEHAIDSFREGETMILTLKDKGVLQEEEDVLVNVNLVDKERAEKNVELRKKKPDYLPYAEDE
SVDDLAQQKPRSILSKYDEELEGERPHSFRLEQGGTADGLRERELEEIRAKLRLQAQSLSTVGPRLASEYLTPEEMVTFK
KTKRRVKKIRKKEKEVVVRADDLLPLGDQTQDGDFGSRLRGRGRRRVSEVEEEKEPVPQPLPSDDTRVENMDISDEEEGG
APPPGSPQVLEEDEAELELQKQLEKGRRLRQLQQLQQLRDSGEKVVEIVKKLESRQRGWEEDEDPERKGAIVFNATSEFC
RTLGEIPTYGLAGNREEQEELMDFERDEERSANGGSESDGEENIGWSTVNLDEEKQQQDFSASSTTILDEEPIVNRGLAA
ALLLCQNKGLLETTVQKVARVKAPNKSLPSAVYCIEDKMAIDDKYSRREEYRGFTQDFKEKDGYKPDVKIEYVDETGRKL
TPKEAFRQLSHRFHGKGSGKMKTERRMKKLDEEALLKKMSSSDTPLGTVALLQEKQKAQKTPYIVLSGSGKSMNANTITK
;
S
7 'polypeptide(L)'
;MDTDLYDEFGNYIGPELDSDEDDDELGRETKDLDEMDDDDDDDDVGDHDDDHPGMEVVLHEDKKYYPTAEEVYGPEVETI
VQEEDTQPLTEPIIKPVKTKKFTLMEQTLPVTVYEMDFLADLMDNSELIRNVTLCGHLHHGKTCFVDCLIEQTHPEIRKR
YDQDLCYTDILFTEQERGVGIKSTPVTVVLPDTKGKSYLFNIMDTPGHVNFSDEVTAGLRISDGVVLFIDAAEGVMLNTE
RLIKHAVQERLAVTVCINKIDRLILELKLPPTDAYYKLRHIVDEVNGLISMYSTDENLILSPLLGNVCFSSSQYSICFTL
GSFAKIYADTFGDINYQEFAKRLWGDIYFNPKTRKFTKKAPTSSSQRSFVEFILEPLYKILAQVVGDVDTSLPRTLDELG
IHLTKEELKLNIRPLLRLVCKKFFGEFTGFVDMCVQHIPSPKVGAKPKIEHTYTGGVDSDLGEAMSDCDPDGPLMCHTTK
MYSTDDGVQFHAFGRVLSGTIHAGQPVKVLGENYTLEDEEDSQICTVGRLWISVARYHIEVNRVPAGNWVLIEGVDQPIV
KTATITEPRGNEEAQIFRPLKFNTTSVIKIAVEPVNPSELPKMLDGLRKVNKSYPSLTTKVEESGEHVILGTGELYLDCV
MHDLRKMYSEIDIKVADPVVTFCETVVETSSLKCFAETPNKKNKITMIAEPLEKGLAEDIENEVVQITWNRKKLGEFFQT
KYDWDLLAARSIWAFGPDATGPNILVDDTLPSEVDKALLGSVKDSIVQGFQWGTREGPLCDELIRNVKFKILDAVVAQEP
LHRGGGQIIPTARRVVYSAFLMATPRLMEPYYFVEVQAPADCVSAVYTVLARRRGHVTQDAPIPGSPLYTIKAFIPAIDS
FGFETDLRTHTQGQAFSLSVFHHWQIVPGDPLDKSIVIRPLEPQPAPHLAREFMIKTRRRKGLSEDVSISKFFDDPMLLE
LAKQDVVLNYPM
;
C
8 'polypeptide(L)'
;MSGRSKRESRGSTRGKRESESRGSSGRVKRERDREREPEAASSRGSPVRVKREFEPASAREAPASVVPFVRVKREREVDE
DSEPEREVRAKNGRVDSEDRRSRHCPYLDTINRSVLDFDFEKLCSISLSHINAYACLVCGKYFQGRGLKSHAYIHSVQFS
HHVFLNLHTLKFYCLPDNYEIIDSSLEDITYVLKPTFTKQQIANLDKQAKLSRAYDGTTYLPGIVGLNNIKANDYANAVL
QALSNVPPLRNYFLEEDNYKNIKRPPGDIMFLLVQRFGELMRKLWNPRNFKAHVSPHEMLQAVVLCSKKTFQITKQGDGV
DFLSWFLNALHSALGGTKKKKKTIVTDVFQGSMRIFTKKLPHPDLPAEEKEQLLHNDEYQETMVESTFMYLTLDLPTAPL
YKDEKEQLIIPQVPLFNILAKFNGITEKEYKTYKENFLKRFQLTKLPPYLIFCIKRFTKNNFFVEKNPTIVNFPITNVDL
REYLSEEVQAVHKNTTYDLIANIVHDGKPSEGSYRIHVLHHGTGKWYELQDLQVTDILPQMITLSEAYIQIWKRRDNDET
NQQGA
;
U
9 'polypeptide(L)'
;MAGVFPYRGPGNPVPGPLAPLPDYMSEEKLQEKARKWQQLQAKRYAEKRKFGFVDAQKEDMPPEHVRKIIRDHGDMTNRK
FRHDKRVYLGALKYMPHAVLKLLENMPMPWEQIRDVPVLYHITGAISFVNEIPWVIEPVYISQWGSMWIMMRREKRDRRH
FKRMRFPPFDDEEPPLDYADNILDVEPLEAIQLELDPEEDAPVLDWFYDHQPLRDSRKYVNGSTYQRWQFTLPMMSTLYR
LANQLLTDLVDDNYFYLFDLKAFFTSKALNMAIPGGPKFEPLVRDINLQDEDWNEFNDINKIIIRQPIRTEYKIAFPYLY
NNLPHHVHLTWYHTPNVVFIKTEDPDLPAFYFDPLINPISHRHSVKSQEPLPDDDEEFELPEFVEPFLKDTPLYTDNTAN
GIALLWAPRPFNLRSGRTRRALDIPLVKNWYREHCPAGQPVKVRVSYQKLLKYYVLNALKHRPPKAQKKRYLFRSFKATK
FFQSTKLDWVEVGLQVCRQGYNMLNLLIHRKNLNYLHLDYNFNLKPVKTLTTKERKKSRFGNAFHLCREVLRLTKLVVDS
HVQYRLGNVDAFQLADGLQYIFAHVGQLTGMYRYKYKLMRQIRMCKDLKHLIYYRFNTGPVGKGPGCGFWAAGWRVWLFF
MRGITPLLERWLGNLLARQFEGRHSKGVAKTVTKQRVESHFDLELRAAVMHDILDMMPEGIKQNKARTILQHLSEAWRCW
KANIPWKVPGLPTPIENMILRYVKAKADWWTNTAHYNRERIRRGATVDKTVCKKNLGRLTRLYLKAEQERQHNYLKDGPY
ITAEEAVAVYTTTVHWLESRRFSPIPFPPLSYKHDTKLLILALERLKEAYSVKSRLNQSQREELGLIEQAYDNPHEALSR
IKRHLLTQRAFKEVGIEFMDLYSHLVPVYDVEPLEKITDAYLDQYLWYEADKRRLFPPWIKPADTEPPPLLVYKWCQGIN
NLQDVWETSEGECNVMLESRFEKMYEKIDLTLLNRLLRLIVDHNIADYMTAKNNVVINYKDMNHTNSYGIIRGLQFASFI
VQYYGLVMDLLVLGLHRASEMAGPPQMPNDFLSFQDIATEAAHPIRLFCRYIDRIHIFFRFTADEARDLIQRYLTEHPDP
NNENIVGYNNKKCWPRDARMRLMKHDVNLGRAVFWDIKNRLPRSVTTVQWENSFVSVYSKDNPNLLFNMCGFECRILPKC
RTSYEEFTHKDGVWNLQNEVTKERTAQCFLRVDDESMQRFHNRVRQILMASGSTTFTKIVNKWNTALIGLMTYFREAVVN
TQELLDLLVKCENKIQTRIKIGLNSKMPSRFPPVVFYTPKELGGLGMLSMGHVLIPQSDLRWSKQTDVGITHFRSGMSHE
EDQLIPNLYRYIQPWESEFIDSQRVWAEYALKRQEAIAQNRRLTLEDLEDSWDRGIPRINTLFQKDRHTLAYDKGWRVRT
DFKQYQVLKQNPFWWTHQRHDGKLWNLNNYRTDMIQALGGVEGILEHTLFKGTYFPTWEGLFWEKASGFEESMKWKKLTN
AQRSGLNQIPNRRFTLWWSPTINRANVYVGFQVQLDLTGIFMHGKIPTLKISLIQIFRAHLWQKIHESIVMDLCQVFDQE
LDALEIETVQKETIHPRKSYKMNSSCADILLFASYKWNVSRPSLLADSKDVMDSTTTQKYWIDIQLRWGDYDSHDIERYA
RAKFLDYTTDNMSIYPSPTGVLIAIDLAYNLHSAYGNWFPGSKPLIQQAMAKIMKANPALYVLRERIRKGLQLYSSEPTE
PYLSSQNYGELFSNQIIWFVDDTNVYRVTIHKTFEGNLTTKPINGAIFIFNPRTGQLFLKIIHTSVWAGQKRLGQLAKWK
TAEEVAALIRSLPVEEQPKQIIVTRKGMLDPLEVHLLDFPNIVIKGSELQLPFQACLKVEKFGDLILKATEPQMVLFNLY
DDWLKTISSYTAFSRLILILRALHVNNDRAKVILKPDKTTITEPHHIWPTLTDEEWIKVEVQLKDLILADYGKKNNVNVA
SLTQSEIRDIILGMEISAPSQQRQQIAEIEKQTKEQSQLTATQTRTVNKHGDEIITSTTSNYETQTFSSKTEWRVRAISA
ANLHLRTNHIYVSSDDIKETGYTYILPKNVLKKFICISDLRAQIAGYLYGVSPPDNPQVKEIRCIVMVPQWGTHQTVHLP
GQLPQHEYLKEMEPLGWIHTQPNESPQLSPQDVTTHAKIMADNPSWDGEKTIIITCSFTPGSCTLTAYKLTPSGYEWGRQ
NTDKGNNPKGYLPSHYERVQMLLSDRFLGFFMVPAQSSWNYNFMGVRHDPNMKYELQLANPKEFYHEVHRPSHFLNFALL
QEGEVYSADREDLYA
;
A
10 'polypeptide(L)'
;MAGAGPAPGLPGAGGPVVPGPGAGIPGKSGEERLKEMEAEMALFEQEVLGAPVPGIPTAVPAVPTVPTVPTVEAMQVPAA
PVIRPIIATNTYQQVQQTLEARAAAAATVVPPMVGGPPFVGPVGFGPGDRSHLDSPEAREAMFLRRAAVAPQRAPILRPA
FVPHVLQRADSALSSAAAGPRPMALRPPHQALVGPPLPGPPGPPMMLPPMARAPGPPLGSMAALRPPLEEPAAPRELGLG
LGLGLKEKEEAVVAAAAGLEEASAAVAVGAGGAPAGPAVIGPSLPLALAMPLPEPEPLPLPLEVVRGLLPPLRIPELLSL
RPRPRPPRPEPPPGLMALEVPEPLGEDKKKGKPEKLKRCIRTAAGSSWEDPSLLEWDADDFRIFCGDLGNEVNDDILARA
FSRFPSFLKAKVIRDKRTGKTKGYGFVSFKDPSDYVRAMREMNGKYVGSRPIKLRKSMWKDRNLDVVRKKQKEKKKLGLR
;
R
11 'polypeptide(L)'
;MNKKKKPFLGMPAPLGYVPGLGRGATGFTTRSDIGPARDANDPVDDRHAPPGKRTVGDQMKKNQAADDDDEDLNDTNYDE
FNGYAGSLFSSGPYEKDDEEADAIYAALDKRMDERRKERREQREKEEIEKYRMERPKIQQQFSDLKRKLAEVTEEEWLSI
PEVGDARNKRQRNPRYEKLTPVPDSFFAKHLQTGENHTSVDPRQTQFGGLNTPYPGGLNTPYPGGMTPGLMTPGTGELDM
RKIGQARNTLMDMRLSQVSDSVSGQTVVDPKGYLTDLNSMIPTHGGDINDIKKARLLLKSVRETNPHHPPAWIASARLEE
VTGKLQVARNLIMKGTEMCPKSEDVWLEAARLQPGDTAKAVVAQAVRHLPQSVRIYIRAAELETDIRAKKRVLRKALEHV
PNSVRLWKAAVELEEPEDARIMLSRAVECCPTSVELWLALARLETYENARKVLNKARENIPTDRHIWITAAKLEEANGNT
QMVEKIIDRAITSLRANGVEINREQWIQDAEECDRAGSVATCQAVMRAVIGIGIEEEDRKHTWMEDADSCVAHNALECAR
AIYAYALQVFPSKKSVWLRAAYFEKNHGTRESLEALLQRAVAHCPKAEVLWLMGAKSKWLAGDVPAARSILALAFQANPN
SEEIWLAAVKLESENDEYERARRLLAKARSSAPTARVFMKSVKLEWVQDNIRAAQDLCEEALRHYEDFPKLWMMKGQIEE
QKEMMEKAREAYNQGLKKCPHSTPLWLLLSRLEEKIGQLTRARAILEKSRLKNPKNPGLWLESVRLEYRAGLKNIANTLM
AKALQECPNSGILWSEAIFLEARPQRRTKSVDALKKCEHDPHVLLAVAKLFWSQRKITKAREWFHRTVKIDSDLGDAWAF
FYKFELQHGTEEQQEEVRKRCESAEPRHGELWCAVSKDIANWQKKIGDILRLVAGRIKNTF
;
N
12 'polypeptide(L)'
;MSLADELLADLEEAAEEEEGGSYGEEEEEPAIEDVQEETQLDLSGDSVKTIAKLWDSKMFAEIMMKIEEYISKQAKASEV
MGPVEAAPEYRVIVDANNLTVEIENELNIIHKFIRDKYSKRFPELESLVPNALDYIRTVKELGNSLDKCKNNENLQQILT
NATIMVVSVTASTTQGQQLSEEELERLEEACDMALELNASKHRIYEYVESRMSFIAPNLSIIIGASTAAKIMGVAGGLTN
LSKMPACNIMLLGAQRKTLSGFSSTSVLPHTGYIYHSDIVQSLPPDLRRKAARLVAAKCTLAARVDSFHESTEGKVGYEL
KDEIERKFDKWQEPPPVKQVKPLPAPLDGQRKKRGGRRYRKMKERLGLTEIRKQANRMSFGEIEEDAYQEDLGFSLGHLG
KSGSGRVRQTQVNEATKARISKTLQRTLQKQSVVYGGKSTIRDRSSGTASSVAFTPLQGLEIVNPQAAEKKVAEANQKYF
SSMAEFLKVKGEKSGLMST
;
L
13 'polypeptide(L)'
;MALSKRELDELKPWIEKTVKRVLGFSEPTVVTAALNCVGKGMDKKKAADHLKPFLDDSTLRFVDKLFEAVEEGRSSRHSK
SSSDRSRKRELKEVFGDDSEISKESSGVKKRRIPRFEEVEEEPEVIPGPPSESPGMLTKLQIKQMMEAATRQIEERKKQL
SFISPPTPQPKTPSSSQPERLPIGNTIQPSQAATFMNDAIEKARKAAELQARIQAQLALKPGLIGNANMVGLANLHAMGI
APPKVELKDQTKPTPLILDEQGRTVDATGKEIELTHRMPTLKANIRAVKREQFKQQLKEKPSEDMESNTFFDPRVSIAPS
QRQRRTFKFHDKGKFEKIAQRLRTKAQLEKLQAEISQAARKTGIHTSTRLALIAPKKELKEGDIPEIEWWDSYIIPNGFD
LTEENPKREDYFGITNLVEHPAQLNPPVDNDTPVTLGVYLTKKEQKKLRRQTRREAQKELQEKVRLGLMPPPEPKVRISN
LMRVLGTEAVQDPTKVEAHVRAQMAKRQKAHEEANAARKLTAEQRKVKKIKKLKEDISQGVHISVYRVRNLSNPAKKFKI
EANAGQLYLTGVVVLHKDVNVVVVEGGPKAQKKFKRLMLHRIKWDEQTSNTKGDDDEESDEEAVKKTNKCVLVWEGTAKD
RSFGEMKFKQCPTENMAREHFKKHGAEHYWDLALSESVLESTD
;
J
14 'polypeptide(L)'
;MSYMLPHLHNGWQVDQAILSEEDRVVVIRFGHDWDPTCMKMDEVLYSIAEKVKNFAVIYLVDITEVPDFNKMYELYDPCT
VMFFFRNKHIMIDLGTGNNNKINWAMEDKQEMVDIIETVYRGARKGRGLVVSPKDYSTKYRY
;
D
15 'polypeptide(L)'
;MGRSRSRSPRRERRRSRSTSRERERRRRERSRSRERDRRRSRSRSPHRRRSRSPRRHRSTSPSPSRLKERRDEEKKETKE
TKSKERQITEEDLEGKTEEEIEMMKLMGFASFDSTKGKKVDGSVNAYAINVSQKRKYRQYMNRKGGFNRPLDFIA
;
X
#
# COMPACT_ATOMS: atom_id res chain seq x y z
N ASP A 461 -24.45 -40.14 29.84
CA ASP A 461 -23.98 -38.88 30.43
C ASP A 461 -23.39 -37.96 29.36
N ILE A 462 -22.36 -38.45 28.66
CA ILE A 462 -21.76 -37.67 27.59
C ILE A 462 -22.73 -37.52 26.43
N GLU A 463 -23.47 -38.58 26.11
CA GLU A 463 -24.43 -38.52 25.02
C GLU A 463 -25.55 -37.53 25.30
N SER A 464 -25.94 -37.40 26.57
CA SER A 464 -26.98 -36.44 26.92
C SER A 464 -26.57 -35.02 26.58
N SER A 465 -25.30 -34.67 26.83
CA SER A 465 -24.78 -33.37 26.44
C SER A 465 -24.54 -33.24 24.95
N LEU A 466 -24.15 -34.34 24.29
CA LEU A 466 -23.94 -34.30 22.85
C LEU A 466 -25.23 -34.02 22.11
N LYS A 467 -26.33 -34.65 22.54
CA LYS A 467 -27.62 -34.39 21.91
C LYS A 467 -28.07 -32.94 22.13
N GLN A 468 -27.83 -32.39 23.32
CA GLN A 468 -28.16 -30.99 23.57
C GLN A 468 -27.33 -30.06 22.68
N LEU A 469 -26.04 -30.36 22.53
CA LEU A 469 -25.18 -29.53 21.70
C LEU A 469 -25.59 -29.60 20.23
N ALA A 470 -25.87 -30.80 19.73
CA ALA A 470 -26.25 -30.96 18.33
C ALA A 470 -27.59 -30.27 18.04
N GLU A 471 -28.55 -30.40 18.96
CA GLU A 471 -29.84 -29.75 18.76
C GLU A 471 -29.71 -28.24 18.74
N ARG A 472 -28.83 -27.68 19.57
CA ARG A 472 -28.65 -26.24 19.66
C ARG A 472 -27.65 -25.71 18.65
N ARG A 473 -27.07 -26.56 17.81
CA ARG A 473 -26.13 -26.11 16.79
C ARG A 473 -26.36 -26.86 15.48
N ASP B 242 1.64 30.98 -5.89
CA ASP B 242 0.89 30.23 -6.88
C ASP B 242 1.82 29.57 -7.89
N LYS B 243 2.89 30.28 -8.27
CA LYS B 243 3.88 29.70 -9.16
C LYS B 243 4.59 28.53 -8.49
N SER B 244 4.93 28.67 -7.22
CA SER B 244 5.48 27.54 -6.47
C SER B 244 4.47 26.41 -6.37
N LYS B 245 3.18 26.76 -6.26
CA LYS B 245 2.14 25.74 -6.31
C LYS B 245 2.13 25.01 -7.65
N GLU B 246 2.36 25.77 -8.71
CA GLU B 246 2.37 25.19 -10.06
C GLU B 246 3.57 24.30 -10.32
N LEU B 247 4.77 24.81 -10.05
CA LEU B 247 5.97 24.03 -10.28
C LEU B 247 5.88 22.79 -9.41
N HIS B 248 5.35 22.93 -8.21
CA HIS B 248 5.17 21.78 -7.35
C HIS B 248 4.27 20.78 -8.02
N ALA B 249 3.20 21.27 -8.63
CA ALA B 249 2.26 20.40 -9.30
C ALA B 249 2.96 19.61 -10.39
N ILE B 250 3.80 20.28 -11.16
CA ILE B 250 4.52 19.59 -12.21
C ILE B 250 5.32 18.46 -11.60
N LYS B 251 6.10 18.79 -10.57
CA LYS B 251 6.94 17.77 -9.95
C LYS B 251 6.13 16.62 -9.39
N GLU B 252 5.06 16.91 -8.65
CA GLU B 252 4.32 15.84 -8.02
C GLU B 252 3.76 14.85 -9.03
N ARG B 253 3.25 15.35 -10.16
CA ARG B 253 2.70 14.48 -11.18
C ARG B 253 3.77 13.61 -11.83
N TYR B 254 4.91 14.20 -12.17
CA TYR B 254 5.95 13.45 -12.87
C TYR B 254 6.90 12.75 -11.92
N LEU B 255 6.67 12.89 -10.62
CA LEU B 255 7.55 12.27 -9.62
C LEU B 255 6.75 11.62 -8.50
N ARG B 270 -16.58 7.31 18.09
CA ARG B 270 -15.74 8.36 17.55
C ARG B 270 -16.33 9.73 17.86
N LYS B 271 -16.49 10.56 16.84
CA LYS B 271 -17.08 11.88 17.04
C LYS B 271 -18.16 12.17 16.01
N PHE B 272 -19.34 12.55 16.47
CA PHE B 272 -20.40 12.91 15.54
C PHE B 272 -20.16 14.30 15.02
N VAL B 273 -19.54 14.41 13.84
CA VAL B 273 -19.22 15.72 13.28
C VAL B 273 -20.35 16.24 12.42
N PHE B 274 -21.09 17.22 12.92
CA PHE B 274 -22.22 17.76 12.18
C PHE B 274 -21.81 18.58 10.97
N GLU B 275 -20.71 19.31 11.08
CA GLU B 275 -20.28 20.16 9.97
C GLU B 275 -18.99 19.66 9.33
N TRP B 276 -18.92 19.70 8.01
CA TRP B 276 -17.74 19.22 7.31
C TRP B 276 -16.48 19.99 7.68
N ASP B 277 -15.33 19.38 7.49
CA ASP B 277 -14.06 20.03 7.78
C ASP B 277 -13.58 20.82 6.57
N ALA B 278 -12.93 21.96 6.84
CA ALA B 278 -12.48 22.84 5.77
C ALA B 278 -11.38 22.22 4.92
N SER B 279 -10.69 21.19 5.41
CA SER B 279 -9.69 20.52 4.59
C SER B 279 -10.31 19.71 3.46
N GLU B 280 -11.59 19.37 3.57
CA GLU B 280 -12.30 18.66 2.51
C GLU B 280 -12.61 19.56 1.33
N ASP B 281 -12.24 20.84 1.39
CA ASP B 281 -12.50 21.75 0.30
C ASP B 281 -11.64 21.41 -0.92
N THR B 282 -12.21 21.65 -2.09
CA THR B 282 -11.52 21.54 -3.36
C THR B 282 -11.53 22.94 -3.98
N SER B 283 -11.13 23.04 -5.25
CA SER B 283 -11.05 24.30 -6.00
C SER B 283 -9.96 25.22 -5.48
N ILE B 284 -8.97 24.68 -4.77
CA ILE B 284 -7.81 25.45 -4.34
C ILE B 284 -6.79 25.37 -5.47
N ASP B 285 -6.96 26.25 -6.47
CA ASP B 285 -6.17 26.22 -7.68
C ASP B 285 -5.04 27.24 -7.61
N TYR B 286 -4.05 27.05 -8.48
CA TYR B 286 -2.97 27.99 -8.67
C TYR B 286 -3.07 28.74 -9.99
N ASN B 287 -3.70 28.14 -10.99
CA ASN B 287 -3.84 28.77 -12.29
C ASN B 287 -4.79 29.95 -12.18
N PRO B 288 -4.40 31.15 -12.63
CA PRO B 288 -5.35 32.27 -12.63
C PRO B 288 -6.58 32.02 -13.47
N LEU B 289 -6.45 31.24 -14.55
CA LEU B 289 -7.60 30.90 -15.39
C LEU B 289 -8.65 30.08 -14.65
N TYR B 290 -8.28 29.42 -13.55
CA TYR B 290 -9.21 28.58 -12.82
C TYR B 290 -9.64 29.15 -11.47
N LYS B 291 -8.82 30.02 -10.86
CA LYS B 291 -9.25 30.67 -9.63
C LYS B 291 -10.33 31.70 -9.92
N GLU B 292 -10.01 32.70 -10.73
CA GLU B 292 -10.98 33.72 -11.14
C GLU B 292 -11.56 33.29 -12.48
N ARG B 293 -12.70 32.60 -12.41
CA ARG B 293 -13.35 32.06 -13.59
C ARG B 293 -14.37 33.06 -14.10
N HIS B 294 -14.29 33.40 -15.39
CA HIS B 294 -15.18 34.39 -15.98
C HIS B 294 -16.62 33.91 -15.93
N GLN B 295 -17.45 34.56 -15.12
CA GLN B 295 -18.83 34.14 -14.94
C GLN B 295 -19.61 34.24 -16.26
N VAL B 296 -20.80 33.66 -16.25
CA VAL B 296 -21.67 33.68 -17.43
C VAL B 296 -22.44 34.99 -17.47
N GLN B 297 -22.38 35.67 -18.61
CA GLN B 297 -23.22 36.83 -18.88
C GLN B 297 -24.17 36.41 -20.00
N LEU B 298 -25.35 35.93 -19.62
CA LEU B 298 -26.28 35.38 -20.59
C LEU B 298 -26.89 36.49 -21.41
N LEU B 299 -26.07 37.12 -22.26
CA LEU B 299 -26.46 38.28 -23.08
C LEU B 299 -26.97 39.43 -22.24
N GLY B 300 -26.60 39.47 -20.95
CA GLY B 300 -27.08 40.50 -20.06
C GLY B 300 -28.53 40.37 -19.67
N ARG B 301 -29.18 39.25 -19.99
CA ARG B 301 -30.60 39.08 -19.73
C ARG B 301 -30.93 37.83 -18.93
N GLY B 302 -29.96 36.94 -18.71
CA GLY B 302 -30.16 35.77 -17.90
C GLY B 302 -29.48 35.92 -16.56
N PHE B 303 -30.10 35.38 -15.52
CA PHE B 303 -29.62 35.55 -14.16
C PHE B 303 -29.56 34.20 -13.46
N ILE B 304 -28.57 34.06 -12.57
CA ILE B 304 -28.45 32.85 -11.77
C ILE B 304 -29.64 32.73 -10.84
N ALA B 305 -30.13 31.52 -10.65
CA ALA B 305 -31.31 31.29 -9.83
C ALA B 305 -31.05 31.59 -8.37
N GLY B 306 -32.10 31.96 -7.66
CA GLY B 306 -32.04 32.20 -6.23
C GLY B 306 -31.57 33.58 -5.80
N ILE B 307 -30.45 34.04 -6.37
CA ILE B 307 -29.89 35.33 -5.98
C ILE B 307 -30.87 36.45 -6.31
N ASP B 308 -30.78 37.53 -5.54
CA ASP B 308 -31.64 38.69 -5.77
C ASP B 308 -31.39 39.26 -7.16
N LEU B 309 -32.49 39.54 -7.88
CA LEU B 309 -32.36 40.05 -9.24
C LEU B 309 -31.71 41.42 -9.26
N LYS B 310 -32.05 42.29 -8.31
CA LYS B 310 -31.46 43.62 -8.27
C LYS B 310 -29.97 43.56 -8.00
N GLN B 311 -29.54 42.68 -7.09
CA GLN B 311 -28.12 42.52 -6.82
C GLN B 311 -27.39 42.04 -8.07
N GLN B 312 -27.97 41.07 -8.79
CA GLN B 312 -27.36 40.57 -10.00
C GLN B 312 -27.26 41.67 -11.05
N LYS B 313 -28.30 42.50 -11.17
CA LYS B 313 -28.27 43.60 -12.11
C LYS B 313 -27.18 44.61 -11.74
N ARG B 314 -27.03 44.90 -10.45
CA ARG B 314 -26.03 45.87 -10.03
C ARG B 314 -24.61 45.34 -10.25
N GLU B 315 -24.36 44.09 -9.90
CA GLU B 315 -23.01 43.54 -9.92
C GLU B 315 -22.63 42.92 -11.27
N GLN B 316 -23.51 42.98 -12.27
CA GLN B 316 -23.17 42.41 -13.56
C GLN B 316 -22.11 43.26 -14.26
N SER B 317 -21.47 42.66 -15.27
CA SER B 317 -20.29 43.25 -15.89
C SER B 317 -20.59 44.53 -16.66
N ARG B 318 -21.86 44.79 -17.01
CA ARG B 318 -22.27 46.01 -17.71
C ARG B 318 -21.64 46.14 -19.09
N PHE B 319 -21.09 45.04 -19.62
CA PHE B 319 -20.56 45.05 -20.99
C PHE B 319 -21.70 45.19 -21.99
N TYR B 320 -22.78 44.43 -21.79
CA TYR B 320 -23.87 44.44 -22.76
C TYR B 320 -24.66 45.74 -22.69
N GLY B 321 -24.70 46.39 -21.53
CA GLY B 321 -25.30 47.72 -21.48
C GLY B 321 -24.56 48.71 -22.36
N ASP B 322 -23.23 48.66 -22.32
CA ASP B 322 -22.43 49.47 -23.24
C ASP B 322 -22.70 49.08 -24.68
N LEU B 323 -22.82 47.78 -24.95
CA LEU B 323 -23.07 47.34 -26.32
C LEU B 323 -24.39 47.89 -26.85
N MET B 324 -25.44 47.86 -26.02
CA MET B 324 -26.72 48.42 -26.44
C MET B 324 -26.64 49.93 -26.61
N GLU B 325 -26.04 50.63 -25.65
CA GLU B 325 -25.94 52.08 -25.77
C GLU B 325 -25.10 52.51 -26.97
N LYS B 326 -24.24 51.63 -27.46
CA LYS B 326 -23.48 51.92 -28.67
C LYS B 326 -24.22 51.54 -29.95
N ARG B 327 -24.98 50.45 -29.93
CA ARG B 327 -25.62 49.95 -31.14
C ARG B 327 -27.06 50.42 -31.33
N ARG B 328 -27.78 50.65 -30.23
CA ARG B 328 -29.19 51.02 -30.35
C ARG B 328 -29.36 52.35 -31.08
N THR B 329 -30.35 52.40 -31.95
CA THR B 329 -30.70 53.65 -32.61
C THR B 329 -31.43 54.58 -31.63
N LEU B 330 -31.68 55.81 -32.07
CA LEU B 330 -32.33 56.78 -31.21
C LEU B 330 -33.73 56.31 -30.82
N GLU B 331 -34.49 55.79 -31.78
CA GLU B 331 -35.84 55.31 -31.48
C GLU B 331 -35.78 54.13 -30.50
N GLU B 332 -34.84 53.21 -30.69
CA GLU B 332 -34.68 52.11 -29.75
C GLU B 332 -34.31 52.60 -28.36
N LYS B 333 -33.45 53.63 -28.30
CA LYS B 333 -33.11 54.22 -27.00
C LYS B 333 -34.34 54.81 -26.33
N GLU B 334 -35.18 55.51 -27.09
CA GLU B 334 -36.40 56.06 -26.52
C GLU B 334 -37.33 54.96 -26.03
N GLN B 335 -37.46 53.88 -26.81
CA GLN B 335 -38.32 52.76 -26.40
C GLN B 335 -37.83 52.15 -25.10
N GLU B 336 -36.52 51.88 -25.00
CA GLU B 336 -35.98 51.29 -23.79
C GLU B 336 -36.11 52.25 -22.61
N GLU B 337 -35.91 53.55 -22.84
CA GLU B 337 -36.05 54.53 -21.78
C GLU B 337 -37.48 54.56 -21.26
N ALA B 338 -38.46 54.51 -22.16
CA ALA B 338 -39.86 54.50 -21.73
C ALA B 338 -40.19 53.25 -20.94
N ARG B 339 -39.73 52.09 -21.41
CA ARG B 339 -39.98 50.85 -20.69
C ARG B 339 -39.35 50.88 -19.31
N LEU B 340 -38.11 51.37 -19.22
CA LEU B 340 -37.44 51.48 -17.92
C LEU B 340 -38.17 52.48 -17.02
N ARG B 341 -38.67 53.58 -17.59
CA ARG B 341 -39.44 54.53 -16.81
C ARG B 341 -40.66 53.87 -16.18
N LYS B 342 -41.41 53.12 -16.99
CA LYS B 342 -42.61 52.47 -16.47
C LYS B 342 -42.26 51.43 -15.41
N LEU B 343 -41.22 50.62 -15.68
CA LEU B 343 -40.84 49.59 -14.72
C LEU B 343 -40.35 50.19 -13.41
N ARG B 344 -39.56 51.27 -13.49
CA ARG B 344 -39.09 51.93 -12.29
C ARG B 344 -40.23 52.61 -11.55
N LYS B 345 -41.24 53.11 -12.27
CA LYS B 345 -42.41 53.66 -11.61
C LYS B 345 -43.14 52.58 -10.81
N LYS B 346 -43.31 51.40 -11.41
CA LYS B 346 -43.94 50.31 -10.69
C LYS B 346 -43.11 49.88 -9.48
N GLU B 347 -41.79 49.79 -9.65
CA GLU B 347 -40.92 49.41 -8.54
C GLU B 347 -40.96 50.44 -7.42
N ALA B 348 -40.99 51.72 -7.76
CA ALA B 348 -41.08 52.77 -6.75
C ALA B 348 -42.41 52.73 -6.04
N LYS B 349 -43.50 52.44 -6.77
CA LYS B 349 -44.79 52.27 -6.12
C LYS B 349 -44.76 51.10 -5.13
N GLN B 350 -44.14 49.99 -5.52
CA GLN B 350 -44.03 48.85 -4.61
C GLN B 350 -43.19 49.20 -3.39
N ARG B 351 -42.08 49.91 -3.59
CA ARG B 351 -41.24 50.31 -2.46
C ARG B 351 -41.98 51.25 -1.52
N TRP B 352 -42.74 52.19 -2.08
CA TRP B 352 -43.53 53.09 -1.25
C TRP B 352 -44.59 52.32 -0.46
N ASP B 353 -45.21 51.32 -1.08
CA ASP B 353 -46.15 50.49 -0.36
C ASP B 353 -45.47 49.69 0.74
N ASP B 354 -44.26 49.20 0.47
CA ASP B 354 -43.52 48.36 1.42
C ASP B 354 -42.51 49.25 2.15
N ARG B 355 -42.97 49.90 3.21
CA ARG B 355 -42.13 50.77 4.02
C ARG B 355 -42.22 50.37 5.48
N HIS B 356 -41.14 50.60 6.21
CA HIS B 356 -41.10 50.27 7.63
C HIS B 356 -41.91 51.26 8.44
N LYS F 701 10.75 39.84 70.02
CA LYS F 701 10.38 38.79 70.97
C LYS F 701 10.85 39.13 72.37
N ASP F 702 10.47 38.29 73.34
CA ASP F 702 10.87 38.52 74.73
C ASP F 702 12.39 38.45 74.88
N GLY F 703 13.01 37.47 74.24
CA GLY F 703 14.46 37.33 74.28
C GLY F 703 14.91 36.25 75.25
N TYR F 704 15.22 35.07 74.73
CA TYR F 704 15.64 33.94 75.56
C TYR F 704 16.18 32.86 74.64
N LYS F 705 16.77 31.84 75.25
CA LYS F 705 17.28 30.66 74.55
C LYS F 705 16.68 29.42 75.20
N PRO F 706 15.43 29.10 74.88
CA PRO F 706 14.75 27.97 75.53
C PRO F 706 15.48 26.66 75.25
N ASP F 707 15.78 25.92 76.32
CA ASP F 707 16.46 24.64 76.21
C ASP F 707 15.41 23.54 76.03
N VAL F 708 14.88 23.46 74.81
CA VAL F 708 13.85 22.48 74.48
C VAL F 708 14.54 21.13 74.36
N LYS F 709 14.47 20.32 75.41
CA LYS F 709 15.06 18.99 75.44
C LYS F 709 13.93 17.96 75.57
N ILE F 710 13.88 17.04 74.62
CA ILE F 710 12.87 15.98 74.61
C ILE F 710 13.60 14.65 74.68
N GLU F 711 13.25 13.84 75.68
CA GLU F 711 13.87 12.54 75.87
C GLU F 711 12.80 11.51 76.21
N TYR F 712 13.09 10.25 75.91
CA TYR F 712 12.18 9.14 76.18
C TYR F 712 12.71 8.37 77.38
N VAL F 713 11.88 8.24 78.42
CA VAL F 713 12.24 7.53 79.64
C VAL F 713 11.09 6.60 80.01
N ASP F 714 11.38 5.69 80.95
CA ASP F 714 10.40 4.71 81.41
C ASP F 714 10.18 4.89 82.91
N GLU F 715 9.30 4.06 83.46
CA GLU F 715 9.04 4.10 84.90
C GLU F 715 10.28 3.71 85.71
N THR F 716 11.19 2.93 85.14
CA THR F 716 12.44 2.59 85.81
C THR F 716 13.47 3.71 85.72
N GLY F 717 13.21 4.75 84.93
CA GLY F 717 14.12 5.86 84.81
C GLY F 717 15.18 5.71 83.74
N ARG F 718 15.29 4.54 83.11
CA ARG F 718 16.29 4.32 82.09
C ARG F 718 15.83 4.93 80.76
N LYS F 719 16.79 5.52 80.04
CA LYS F 719 16.50 6.06 78.72
C LYS F 719 16.12 4.93 77.77
N LEU F 720 15.11 5.18 76.94
CA LEU F 720 14.56 4.16 76.06
C LEU F 720 15.04 4.38 74.63
N THR F 721 15.33 3.27 73.95
CA THR F 721 15.65 3.33 72.53
C THR F 721 14.40 3.77 71.75
N PRO F 722 14.58 4.39 70.59
CA PRO F 722 13.40 4.85 69.82
C PRO F 722 12.44 3.72 69.49
N LYS F 723 12.94 2.53 69.20
CA LYS F 723 12.07 1.39 68.97
C LYS F 723 11.28 1.05 70.24
N GLU F 724 11.95 1.06 71.39
CA GLU F 724 11.27 0.77 72.65
C GLU F 724 10.23 1.85 72.98
N ALA F 725 10.58 3.12 72.75
CA ALA F 725 9.64 4.20 73.01
C ALA F 725 8.42 4.08 72.10
N PHE F 726 8.64 3.77 70.82
CA PHE F 726 7.53 3.59 69.90
C PHE F 726 6.66 2.40 70.30
N ARG F 727 7.29 1.31 70.76
CA ARG F 727 6.53 0.16 71.23
C ARG F 727 5.67 0.53 72.43
N GLN F 728 6.24 1.28 73.37
CA GLN F 728 5.46 1.71 74.54
C GLN F 728 4.30 2.61 74.12
N LEU F 729 4.56 3.55 73.20
CA LEU F 729 3.49 4.43 72.75
C LEU F 729 2.39 3.65 72.05
N SER F 730 2.75 2.70 71.20
CA SER F 730 1.76 1.90 70.50
C SER F 730 0.97 1.03 71.47
N HIS F 731 1.64 0.47 72.48
CA HIS F 731 0.94 -0.36 73.46
C HIS F 731 -0.05 0.49 74.27
N ARG F 732 0.34 1.72 74.61
CA ARG F 732 -0.57 2.58 75.37
C ARG F 732 -1.72 3.07 74.50
N PHE F 733 -1.46 3.31 73.21
CA PHE F 733 -2.52 3.81 72.33
C PHE F 733 -3.51 2.72 71.98
N HIS F 734 -3.03 1.49 71.72
CA HIS F 734 -3.92 0.40 71.37
C HIS F 734 -4.75 -0.08 72.55
N GLY F 735 -4.36 0.29 73.78
CA GLY F 735 -5.10 -0.11 74.96
C GLY F 735 -4.81 -1.50 75.46
N LYS F 736 -3.91 -2.25 74.81
CA LYS F 736 -3.57 -3.60 75.21
C LYS F 736 -2.05 -3.72 75.26
N GLY F 737 -1.54 -4.29 76.34
CA GLY F 737 -0.11 -4.50 76.50
C GLY F 737 0.33 -5.84 75.95
N SER F 738 1.59 -6.17 76.23
CA SER F 738 2.17 -7.42 75.78
C SER F 738 1.62 -8.59 76.60
N GLY F 739 1.84 -9.79 76.08
CA GLY F 739 1.37 -10.99 76.75
C GLY F 739 2.24 -11.37 77.92
N LYS F 740 1.79 -12.42 78.64
CA LYS F 740 2.53 -12.89 79.82
C LYS F 740 3.91 -13.40 79.44
N MET F 741 4.00 -14.16 78.34
CA MET F 741 5.30 -14.70 77.92
C MET F 741 6.24 -13.58 77.51
N LYS F 742 5.75 -12.60 76.76
CA LYS F 742 6.59 -11.46 76.37
C LYS F 742 7.03 -10.66 77.59
N THR F 743 6.12 -10.46 78.55
CA THR F 743 6.48 -9.74 79.76
C THR F 743 7.55 -10.48 80.55
N GLU F 744 7.41 -11.81 80.66
CA GLU F 744 8.41 -12.60 81.37
C GLU F 744 9.76 -12.55 80.66
N ARG F 745 9.76 -12.63 79.32
CA ARG F 745 11.00 -12.53 78.58
C ARG F 745 11.66 -11.18 78.77
N ARG F 746 10.87 -10.10 78.75
CA ARG F 746 11.41 -8.76 78.95
C ARG F 746 11.98 -8.61 80.37
N MET F 747 11.27 -9.15 81.37
CA MET F 747 11.76 -9.07 82.74
C MET F 747 13.06 -9.85 82.90
N LYS F 748 13.15 -11.05 82.30
CA LYS F 748 14.37 -11.83 82.37
C LYS F 748 15.51 -11.12 81.66
N LYS F 749 15.25 -10.49 80.51
CA LYS F 749 16.28 -9.74 79.82
C LYS F 749 16.75 -8.56 80.65
N LEU F 750 15.83 -7.86 81.30
CA LEU F 750 16.21 -6.73 82.15
C LEU F 750 17.05 -7.20 83.34
N ASP F 751 16.67 -8.32 83.95
CA ASP F 751 17.45 -8.86 85.06
C ASP F 751 18.84 -9.27 84.61
N GLU F 752 18.94 -9.89 83.44
CA GLU F 752 20.25 -10.27 82.90
C GLU F 752 21.10 -9.04 82.61
N GLU F 753 20.49 -8.00 82.05
CA GLU F 753 21.24 -6.77 81.78
C GLU F 753 21.72 -6.12 83.07
N ALA F 754 20.87 -6.11 84.11
CA ALA F 754 21.28 -5.55 85.38
C ALA F 754 22.42 -6.36 86.00
N LEU F 755 22.35 -7.69 85.90
CA LEU F 755 23.43 -8.52 86.43
C LEU F 755 24.73 -8.28 85.67
N LEU F 756 24.65 -8.18 84.34
CA LEU F 756 25.85 -7.97 83.53
C LEU F 756 26.47 -6.60 83.80
N LYS F 757 25.64 -5.57 83.96
CA LYS F 757 26.14 -4.22 84.20
C LYS F 757 26.67 -4.02 85.60
N LYS F 758 26.41 -4.96 86.52
CA LYS F 758 26.88 -4.83 87.89
C LYS F 758 28.34 -5.21 88.07
N MET F 759 28.94 -5.89 87.09
CA MET F 759 30.33 -6.30 87.19
C MET F 759 31.18 -5.64 86.10
N MET G 105 -28.44 -11.19 -53.03
CA MET G 105 -28.66 -12.46 -52.33
C MET G 105 -29.98 -12.44 -51.56
N GLU G 106 -30.16 -13.43 -50.69
CA GLU G 106 -31.37 -13.56 -49.88
C GLU G 106 -30.98 -13.58 -48.42
N GLN G 107 -31.45 -12.59 -47.66
CA GLN G 107 -31.13 -12.47 -46.25
C GLN G 107 -32.16 -11.57 -45.60
N THR G 108 -32.12 -11.52 -44.26
CA THR G 108 -33.05 -10.68 -43.51
C THR G 108 -32.58 -9.23 -43.54
N LEU G 109 -33.51 -8.33 -43.88
CA LEU G 109 -33.23 -6.91 -44.00
C LEU G 109 -34.40 -6.12 -43.45
N PRO G 110 -34.16 -4.90 -42.97
CA PRO G 110 -35.25 -4.11 -42.40
C PRO G 110 -36.23 -3.64 -43.47
N VAL G 111 -37.45 -3.37 -43.02
CA VAL G 111 -38.51 -2.92 -43.93
C VAL G 111 -38.15 -1.55 -44.49
N THR G 112 -38.24 -1.41 -45.81
CA THR G 112 -37.93 -0.18 -46.49
C THR G 112 -38.99 0.12 -47.54
N VAL G 113 -39.08 1.39 -47.93
CA VAL G 113 -40.10 1.82 -48.87
C VAL G 113 -39.90 1.13 -50.22
N TYR G 114 -38.67 1.12 -50.71
CA TYR G 114 -38.36 0.47 -51.98
C TYR G 114 -38.13 -1.03 -51.75
N GLU G 115 -37.57 -1.71 -52.75
CA GLU G 115 -37.26 -3.12 -52.64
C GLU G 115 -35.80 -3.34 -52.99
N MET G 116 -35.20 -4.35 -52.34
CA MET G 116 -33.78 -4.63 -52.54
C MET G 116 -33.48 -4.98 -53.99
N ASP G 117 -34.40 -5.65 -54.68
CA ASP G 117 -34.19 -5.94 -56.09
C ASP G 117 -34.09 -4.67 -56.91
N PHE G 118 -34.92 -3.68 -56.60
CA PHE G 118 -34.81 -2.39 -57.28
C PHE G 118 -33.48 -1.73 -56.99
N LEU G 119 -33.01 -1.82 -55.74
CA LEU G 119 -31.72 -1.24 -55.40
C LEU G 119 -30.59 -1.90 -56.19
N ALA G 120 -30.65 -3.23 -56.32
CA ALA G 120 -29.63 -3.92 -57.10
C ALA G 120 -29.74 -3.57 -58.58
N ASP G 121 -30.96 -3.37 -59.08
CA ASP G 121 -31.14 -3.01 -60.48
C ASP G 121 -30.59 -1.61 -60.76
N LEU G 122 -30.74 -0.68 -59.83
CA LEU G 122 -30.21 0.66 -60.01
C LEU G 122 -28.69 0.65 -60.08
N MET G 123 -28.04 -0.31 -59.42
CA MET G 123 -26.58 -0.35 -59.40
C MET G 123 -26.02 -0.64 -60.79
N ASP G 124 -26.72 -1.45 -61.59
CA ASP G 124 -26.23 -1.77 -62.92
C ASP G 124 -26.18 -0.53 -63.81
N ASN G 125 -27.18 0.33 -63.72
CA ASN G 125 -27.23 1.54 -64.53
C ASN G 125 -26.38 2.62 -63.85
N SER G 126 -25.27 2.98 -64.48
CA SER G 126 -24.36 3.97 -63.92
C SER G 126 -24.80 5.40 -64.19
N GLU G 127 -25.87 5.61 -64.95
CA GLU G 127 -26.40 6.95 -65.16
C GLU G 127 -27.34 7.41 -64.06
N LEU G 128 -27.75 6.50 -63.17
CA LEU G 128 -28.68 6.82 -62.09
C LEU G 128 -28.03 6.67 -60.72
N ILE G 129 -26.71 6.77 -60.66
CA ILE G 129 -25.95 6.64 -59.43
C ILE G 129 -25.33 7.98 -59.10
N ARG G 130 -25.37 8.36 -57.82
CA ARG G 130 -24.76 9.60 -57.35
C ARG G 130 -23.87 9.28 -56.16
N ASN G 131 -22.56 9.49 -56.32
CA ASN G 131 -21.60 9.32 -55.24
C ASN G 131 -21.40 10.67 -54.56
N VAL G 132 -21.92 10.80 -53.35
CA VAL G 132 -22.04 12.07 -52.66
C VAL G 132 -21.34 11.98 -51.31
N THR G 133 -20.56 13.00 -50.98
CA THR G 133 -19.94 13.12 -49.66
C THR G 133 -20.58 14.30 -48.94
N LEU G 134 -21.23 14.03 -47.80
CA LEU G 134 -21.84 15.08 -47.00
C LEU G 134 -20.79 15.56 -46.00
N CYS G 135 -20.11 16.65 -46.35
CA CYS G 135 -19.07 17.20 -45.49
C CYS G 135 -19.53 18.53 -44.92
N GLY G 136 -18.74 19.05 -43.99
CA GLY G 136 -19.06 20.33 -43.38
C GLY G 136 -18.29 20.51 -42.08
N HIS G 137 -18.73 21.48 -41.29
CA HIS G 137 -18.13 21.80 -40.01
C HIS G 137 -18.75 20.94 -38.91
N LEU G 138 -18.11 20.96 -37.76
CA LEU G 138 -18.58 20.18 -36.62
C LEU G 138 -20.01 20.55 -36.23
N HIS G 139 -20.84 19.53 -36.03
CA HIS G 139 -22.20 19.71 -35.52
C HIS G 139 -23.03 20.65 -36.38
N HIS G 140 -22.88 20.54 -37.69
CA HIS G 140 -23.68 21.33 -38.62
C HIS G 140 -24.87 20.57 -39.20
N GLY G 141 -25.12 19.35 -38.73
CA GLY G 141 -26.34 18.64 -39.07
C GLY G 141 -26.23 17.56 -40.13
N LYS G 142 -25.02 17.19 -40.55
CA LYS G 142 -24.89 16.17 -41.60
C LYS G 142 -25.48 14.85 -41.15
N THR G 143 -25.11 14.39 -39.95
CA THR G 143 -25.60 13.11 -39.46
C THR G 143 -27.11 13.13 -39.26
N CYS G 144 -27.64 14.24 -38.75
CA CYS G 144 -29.09 14.35 -38.60
C CYS G 144 -29.79 14.38 -39.96
N PHE G 145 -29.16 14.97 -40.97
CA PHE G 145 -29.72 14.95 -42.31
C PHE G 145 -29.77 13.53 -42.87
N VAL G 146 -28.69 12.77 -42.68
CA VAL G 146 -28.69 11.38 -43.12
C VAL G 146 -29.75 10.59 -42.37
N ASP G 147 -29.92 10.89 -41.08
CA ASP G 147 -30.97 10.23 -40.31
C ASP G 147 -32.35 10.56 -40.85
N CYS G 148 -32.57 11.81 -41.26
CA CYS G 148 -33.85 12.17 -41.86
C CYS G 148 -34.09 11.40 -43.15
N LEU G 149 -33.05 11.27 -43.99
CA LEU G 149 -33.19 10.49 -45.21
C LEU G 149 -33.52 9.04 -44.89
N ILE G 150 -32.85 8.46 -43.90
CA ILE G 150 -33.09 7.08 -43.53
C ILE G 150 -34.52 6.89 -43.03
N GLU G 151 -34.99 7.83 -42.20
CA GLU G 151 -36.37 7.77 -41.74
C GLU G 151 -37.34 7.84 -42.91
N GLN G 152 -37.03 8.68 -43.90
CA GLN G 152 -37.87 8.77 -45.08
C GLN G 152 -37.93 7.45 -45.84
N THR G 153 -36.78 6.78 -45.99
CA THR G 153 -36.72 5.56 -46.77
C THR G 153 -36.92 4.29 -45.94
N HIS G 154 -37.06 4.40 -44.62
CA HIS G 154 -37.28 3.24 -43.75
C HIS G 154 -38.46 3.52 -42.85
N PRO G 155 -39.65 3.00 -43.16
CA PRO G 155 -40.83 3.31 -42.35
C PRO G 155 -40.72 2.85 -40.90
N GLU G 156 -40.01 1.75 -40.63
CA GLU G 156 -39.95 1.22 -39.28
C GLU G 156 -38.99 1.97 -38.37
N ILE G 157 -38.12 2.81 -38.92
CA ILE G 157 -37.11 3.51 -38.15
C ILE G 157 -37.63 4.92 -37.89
N ARG G 158 -37.77 5.28 -36.61
CA ARG G 158 -38.32 6.57 -36.22
C ARG G 158 -37.44 7.23 -35.17
N LYS G 159 -37.27 8.54 -35.32
CA LYS G 159 -36.44 9.31 -34.39
C LYS G 159 -37.17 9.53 -33.07
N ARG G 160 -36.44 9.37 -31.97
CA ARG G 160 -37.02 9.53 -30.64
C ARG G 160 -37.45 10.96 -30.40
N TYR G 161 -38.51 11.12 -29.59
CA TYR G 161 -39.04 12.45 -29.33
C TYR G 161 -38.04 13.33 -28.60
N ASP G 162 -37.20 12.73 -27.76
CA ASP G 162 -36.22 13.49 -26.98
C ASP G 162 -34.81 13.43 -27.53
N GLN G 163 -34.35 12.26 -27.95
CA GLN G 163 -32.98 12.06 -28.41
C GLN G 163 -32.96 12.04 -29.93
N ASP G 164 -32.10 12.86 -30.52
CA ASP G 164 -31.94 12.90 -31.97
C ASP G 164 -31.25 11.61 -32.40
N LEU G 165 -32.04 10.67 -32.93
CA LEU G 165 -31.48 9.41 -33.39
C LEU G 165 -30.47 9.64 -34.50
N CYS G 166 -29.38 8.90 -34.45
CA CYS G 166 -28.30 9.01 -35.43
C CYS G 166 -28.09 7.63 -36.04
N TYR G 167 -28.58 7.43 -37.26
CA TYR G 167 -28.38 6.13 -37.92
C TYR G 167 -26.92 5.90 -38.22
N THR G 168 -26.23 6.91 -38.76
CA THR G 168 -24.79 6.87 -38.82
C THR G 168 -24.22 7.17 -37.43
N ASP G 169 -22.89 7.28 -37.33
CA ASP G 169 -22.21 7.40 -36.05
C ASP G 169 -22.57 6.22 -35.14
N ILE G 170 -22.22 5.03 -35.62
CA ILE G 170 -22.59 3.79 -34.93
C ILE G 170 -21.61 3.40 -33.84
N LEU G 171 -20.41 3.97 -33.82
CA LEU G 171 -19.42 3.59 -32.82
C LEU G 171 -19.85 3.99 -31.42
N PHE G 172 -19.39 3.23 -30.44
CA PHE G 172 -19.68 3.56 -29.05
C PHE G 172 -19.04 4.90 -28.67
N THR G 173 -17.80 5.13 -29.11
CA THR G 173 -17.14 6.40 -28.82
C THR G 173 -17.86 7.56 -29.49
N GLU G 174 -18.36 7.35 -30.71
CA GLU G 174 -19.16 8.39 -31.36
C GLU G 174 -20.43 8.69 -30.59
N GLN G 175 -21.10 7.65 -30.09
CA GLN G 175 -22.32 7.86 -29.33
C GLN G 175 -22.05 8.61 -28.02
N GLU G 176 -20.97 8.24 -27.32
CA GLU G 176 -20.69 8.89 -26.04
C GLU G 176 -20.21 10.32 -26.24
N ARG G 177 -19.28 10.53 -27.15
CA ARG G 177 -18.77 11.87 -27.40
C ARG G 177 -19.84 12.77 -28.00
N GLY G 178 -20.66 12.23 -28.90
CA GLY G 178 -21.56 13.03 -29.70
C GLY G 178 -20.92 13.65 -30.92
N VAL G 179 -19.68 13.30 -31.22
CA VAL G 179 -18.93 13.86 -32.34
C VAL G 179 -18.64 12.75 -33.33
N GLY G 180 -19.00 12.98 -34.59
CA GLY G 180 -18.66 12.01 -35.62
C GLY G 180 -17.16 11.82 -35.72
N ILE G 181 -16.73 10.56 -35.81
CA ILE G 181 -15.32 10.21 -35.80
C ILE G 181 -14.90 9.51 -37.09
N LYS G 182 -15.74 8.62 -37.61
CA LYS G 182 -15.43 7.90 -38.83
C LYS G 182 -16.52 8.10 -39.87
N SER G 183 -16.12 8.08 -41.13
CA SER G 183 -17.07 8.23 -42.23
C SER G 183 -17.98 7.01 -42.30
N THR G 184 -19.28 7.25 -42.45
CA THR G 184 -20.24 6.18 -42.55
C THR G 184 -20.85 6.17 -43.95
N PRO G 185 -20.71 5.09 -44.71
CA PRO G 185 -21.37 5.02 -46.01
C PRO G 185 -22.80 4.54 -45.89
N VAL G 186 -23.65 5.11 -46.73
CA VAL G 186 -25.08 4.80 -46.75
C VAL G 186 -25.53 4.77 -48.21
N THR G 187 -26.08 3.66 -48.65
CA THR G 187 -26.58 3.51 -50.01
C THR G 187 -28.10 3.41 -49.95
N VAL G 188 -28.79 4.38 -50.56
CA VAL G 188 -30.24 4.44 -50.52
C VAL G 188 -30.78 4.68 -51.93
N VAL G 189 -32.09 4.58 -52.06
CA VAL G 189 -32.81 4.89 -53.29
C VAL G 189 -33.76 6.03 -52.96
N LEU G 190 -33.50 7.20 -53.52
CA LEU G 190 -34.24 8.40 -53.17
C LEU G 190 -35.06 8.89 -54.35
N PRO G 191 -36.33 9.24 -54.15
CA PRO G 191 -37.13 9.75 -55.26
C PRO G 191 -36.81 11.21 -55.56
N ASP G 192 -36.79 11.55 -56.84
CA ASP G 192 -36.54 12.91 -57.27
C ASP G 192 -37.81 13.74 -57.18
N THR G 193 -37.76 14.95 -57.71
CA THR G 193 -38.95 15.79 -57.72
C THR G 193 -39.99 15.20 -58.67
N LYS G 194 -39.55 14.79 -59.86
CA LYS G 194 -40.47 14.19 -60.82
C LYS G 194 -40.92 12.79 -60.41
N GLY G 195 -40.31 12.21 -59.38
CA GLY G 195 -40.64 10.86 -58.96
C GLY G 195 -39.66 9.80 -59.43
N LYS G 196 -38.63 10.16 -60.18
CA LYS G 196 -37.66 9.20 -60.65
C LYS G 196 -36.69 8.85 -59.54
N SER G 197 -36.63 7.57 -59.19
CA SER G 197 -35.78 7.12 -58.09
C SER G 197 -34.34 7.02 -58.56
N TYR G 198 -33.44 7.60 -57.76
CA TYR G 198 -32.01 7.56 -58.04
C TYR G 198 -31.28 6.80 -56.93
N LEU G 199 -30.22 6.12 -57.31
CA LEU G 199 -29.35 5.46 -56.34
C LEU G 199 -28.34 6.44 -55.79
N PHE G 200 -28.29 6.56 -54.47
CA PHE G 200 -27.45 7.56 -53.81
C PHE G 200 -26.47 6.85 -52.88
N ASN G 201 -25.18 7.07 -53.11
CA ASN G 201 -24.12 6.63 -52.23
C ASN G 201 -23.62 7.85 -51.47
N ILE G 202 -23.96 7.92 -50.18
CA ILE G 202 -23.69 9.09 -49.35
C ILE G 202 -22.63 8.68 -48.31
N MET G 203 -21.53 9.40 -48.30
CA MET G 203 -20.46 9.15 -47.33
C MET G 203 -20.53 10.24 -46.27
N ASP G 204 -21.25 9.97 -45.18
CA ASP G 204 -21.35 10.92 -44.08
C ASP G 204 -20.00 11.04 -43.40
N THR G 205 -19.33 12.17 -43.60
CA THR G 205 -18.01 12.39 -43.04
C THR G 205 -18.11 13.13 -41.71
N PRO G 206 -17.12 12.96 -40.83
CA PRO G 206 -17.13 13.72 -39.56
C PRO G 206 -16.89 15.20 -39.81
N GLY G 207 -17.46 16.01 -38.93
CA GLY G 207 -17.34 17.45 -39.05
C GLY G 207 -16.15 18.03 -38.31
N HIS G 208 -15.59 17.28 -37.37
CA HIS G 208 -14.46 17.78 -36.59
C HIS G 208 -13.23 17.93 -37.48
N VAL G 209 -12.44 18.97 -37.22
CA VAL G 209 -11.30 19.25 -38.07
C VAL G 209 -10.19 18.22 -37.86
N ASN G 210 -10.05 17.70 -36.65
CA ASN G 210 -9.01 16.71 -36.37
C ASN G 210 -9.17 15.48 -37.25
N PHE G 211 -10.41 15.10 -37.56
CA PHE G 211 -10.70 13.96 -38.42
C PHE G 211 -10.86 14.36 -39.88
N SER G 212 -10.25 15.47 -40.30
CA SER G 212 -10.36 15.90 -41.69
C SER G 212 -9.83 14.83 -42.64
N ASP G 213 -8.83 14.07 -42.22
CA ASP G 213 -8.32 12.97 -43.03
C ASP G 213 -9.43 12.02 -43.43
N GLU G 214 -10.36 11.75 -42.50
CA GLU G 214 -11.50 10.90 -42.81
C GLU G 214 -12.26 11.44 -44.02
N VAL G 215 -12.51 12.74 -44.04
CA VAL G 215 -13.21 13.35 -45.16
C VAL G 215 -12.44 13.11 -46.46
N THR G 216 -11.12 13.19 -46.40
CA THR G 216 -10.32 12.90 -47.58
C THR G 216 -10.59 11.49 -48.09
N ALA G 217 -10.69 10.52 -47.17
CA ALA G 217 -11.02 9.16 -47.57
C ALA G 217 -12.37 9.09 -48.24
N GLY G 218 -13.30 9.96 -47.83
CA GLY G 218 -14.60 10.04 -48.47
C GLY G 218 -14.65 10.89 -49.72
N LEU G 219 -13.56 11.61 -50.01
CA LEU G 219 -13.51 12.43 -51.21
C LEU G 219 -12.87 11.74 -52.39
N ARG G 220 -12.10 10.68 -52.14
CA ARG G 220 -11.48 9.93 -53.22
C ARG G 220 -12.48 9.04 -53.95
N ILE G 221 -13.48 8.53 -53.24
CA ILE G 221 -14.44 7.61 -53.81
C ILE G 221 -15.80 8.28 -54.03
N SER G 222 -15.82 9.61 -54.19
CA SER G 222 -17.05 10.34 -54.42
C SER G 222 -16.87 11.27 -55.61
N ASP G 223 -17.98 11.57 -56.28
CA ASP G 223 -17.97 12.51 -57.40
C ASP G 223 -18.52 13.88 -57.02
N GLY G 224 -19.34 13.96 -55.97
CA GLY G 224 -19.91 15.23 -55.58
C GLY G 224 -19.76 15.46 -54.09
N VAL G 225 -19.75 16.73 -53.72
CA VAL G 225 -19.61 17.18 -52.35
C VAL G 225 -20.83 18.02 -52.01
N VAL G 226 -21.46 17.72 -50.89
CA VAL G 226 -22.51 18.57 -50.33
C VAL G 226 -21.97 19.13 -49.03
N LEU G 227 -21.76 20.44 -49.00
CA LEU G 227 -21.20 21.11 -47.84
C LEU G 227 -22.34 21.66 -47.00
N PHE G 228 -22.41 21.22 -45.74
CA PHE G 228 -23.46 21.65 -44.84
C PHE G 228 -22.97 22.84 -44.03
N ILE G 229 -23.71 23.95 -44.09
CA ILE G 229 -23.34 25.18 -43.41
C ILE G 229 -24.46 25.56 -42.47
N ASP G 230 -24.11 25.83 -41.21
CA ASP G 230 -25.10 26.27 -40.24
C ASP G 230 -25.63 27.63 -40.63
N ALA G 231 -26.97 27.78 -40.63
CA ALA G 231 -27.57 29.05 -40.98
C ALA G 231 -27.31 30.13 -39.94
N ALA G 232 -26.98 29.73 -38.70
CA ALA G 232 -26.67 30.69 -37.66
C ALA G 232 -25.18 30.97 -37.58
N GLU G 233 -24.36 29.93 -37.48
CA GLU G 233 -22.92 30.13 -37.37
C GLU G 233 -22.32 30.61 -38.70
N GLY G 234 -22.87 30.14 -39.82
CA GLY G 234 -22.33 30.52 -41.10
C GLY G 234 -21.10 29.73 -41.48
N VAL G 235 -20.23 30.36 -42.27
CA VAL G 235 -19.01 29.70 -42.74
C VAL G 235 -17.99 29.69 -41.61
N MET G 236 -17.51 28.50 -41.27
CA MET G 236 -16.52 28.29 -40.22
C MET G 236 -15.21 27.79 -40.83
N LEU G 237 -14.26 27.43 -39.97
CA LEU G 237 -12.94 27.04 -40.44
C LEU G 237 -12.99 25.75 -41.26
N ASN G 238 -13.70 24.74 -40.76
CA ASN G 238 -13.73 23.47 -41.46
C ASN G 238 -14.46 23.59 -42.79
N THR G 239 -15.46 24.46 -42.88
CA THR G 239 -16.13 24.67 -44.17
C THR G 239 -15.15 25.23 -45.20
N GLU G 240 -14.33 26.20 -44.81
CA GLU G 240 -13.33 26.74 -45.73
C GLU G 240 -12.32 25.67 -46.12
N ARG G 241 -11.84 24.91 -45.14
CA ARG G 241 -10.84 23.88 -45.43
C ARG G 241 -11.42 22.82 -46.38
N LEU G 242 -12.66 22.41 -46.14
CA LEU G 242 -13.28 21.40 -46.98
C LEU G 242 -13.61 21.94 -48.37
N ILE G 243 -13.97 23.21 -48.48
CA ILE G 243 -14.15 23.80 -49.80
C ILE G 243 -12.84 23.78 -50.57
N LYS G 244 -11.75 24.19 -49.93
CA LYS G 244 -10.46 24.18 -50.61
C LYS G 244 -10.09 22.77 -51.03
N HIS G 245 -10.27 21.80 -50.13
CA HIS G 245 -9.88 20.43 -50.43
C HIS G 245 -10.75 19.83 -51.53
N ALA G 246 -12.05 20.12 -51.52
CA ALA G 246 -12.95 19.57 -52.53
C ALA G 246 -12.68 20.16 -53.90
N VAL G 247 -12.59 21.49 -53.99
CA VAL G 247 -12.33 22.10 -55.29
C VAL G 247 -10.92 21.81 -55.76
N GLN G 248 -10.01 21.45 -54.85
CA GLN G 248 -8.68 21.03 -55.26
C GLN G 248 -8.64 19.56 -55.69
N GLU G 249 -9.64 18.77 -55.31
CA GLU G 249 -9.74 17.38 -55.73
C GLU G 249 -10.58 17.22 -56.98
N ARG G 250 -10.98 18.33 -57.62
CA ARG G 250 -11.77 18.32 -58.84
C ARG G 250 -13.12 17.62 -58.62
N LEU G 251 -13.90 18.16 -57.69
CA LEU G 251 -15.21 17.62 -57.35
C LEU G 251 -16.27 18.71 -57.52
N ALA G 252 -17.46 18.29 -57.95
CA ALA G 252 -18.60 19.19 -57.97
C ALA G 252 -19.01 19.53 -56.55
N VAL G 253 -19.46 20.77 -56.35
CA VAL G 253 -19.76 21.27 -55.01
C VAL G 253 -21.18 21.84 -54.99
N THR G 254 -21.96 21.43 -53.99
CA THR G 254 -23.25 22.02 -53.69
C THR G 254 -23.29 22.33 -52.20
N VAL G 255 -24.24 23.18 -51.80
CA VAL G 255 -24.32 23.66 -50.43
C VAL G 255 -25.70 23.38 -49.88
N CYS G 256 -25.75 22.87 -48.65
CA CYS G 256 -26.98 22.73 -47.90
C CYS G 256 -26.88 23.65 -46.68
N ILE G 257 -27.72 24.69 -46.64
CA ILE G 257 -27.74 25.64 -45.53
C ILE G 257 -28.66 25.04 -44.48
N ASN G 258 -28.06 24.28 -43.57
CA ASN G 258 -28.81 23.56 -42.54
C ASN G 258 -29.16 24.49 -41.38
N LYS G 259 -30.10 24.03 -40.56
CA LYS G 259 -30.53 24.73 -39.35
C LYS G 259 -31.03 26.14 -39.64
N ILE G 260 -31.88 26.26 -40.66
CA ILE G 260 -32.56 27.53 -40.89
C ILE G 260 -33.51 27.87 -39.76
N ASP G 261 -33.98 26.86 -39.03
CA ASP G 261 -34.88 27.10 -37.90
C ASP G 261 -34.21 27.93 -36.82
N ARG G 262 -32.88 27.88 -36.72
CA ARG G 262 -32.17 28.74 -35.78
C ARG G 262 -32.37 30.21 -36.11
N LEU G 263 -32.57 30.54 -37.38
CA LEU G 263 -32.88 31.91 -37.75
C LEU G 263 -34.27 32.32 -37.28
N ILE G 264 -35.13 31.37 -36.95
CA ILE G 264 -36.52 31.64 -36.62
C ILE G 264 -36.79 31.44 -35.13
N LEU G 265 -36.21 30.38 -34.54
CA LEU G 265 -36.50 30.03 -33.16
C LEU G 265 -35.38 30.39 -32.20
N GLU G 266 -34.21 30.77 -32.69
CA GLU G 266 -33.10 31.18 -31.83
C GLU G 266 -32.77 32.66 -32.00
N LEU G 267 -32.42 33.09 -33.20
CA LEU G 267 -32.10 34.49 -33.42
C LEU G 267 -33.35 35.35 -33.51
N LYS G 268 -34.48 34.75 -33.92
CA LYS G 268 -35.74 35.47 -34.11
C LYS G 268 -35.56 36.65 -35.07
N LEU G 269 -34.75 36.44 -36.10
CA LEU G 269 -34.51 37.48 -37.08
C LEU G 269 -35.79 37.78 -37.87
N PRO G 270 -35.95 39.01 -38.35
CA PRO G 270 -37.02 39.29 -39.30
C PRO G 270 -36.77 38.54 -40.60
N PRO G 271 -37.82 38.19 -41.34
CA PRO G 271 -37.63 37.38 -42.55
C PRO G 271 -36.68 38.01 -43.56
N THR G 272 -36.73 39.34 -43.73
CA THR G 272 -35.78 40.00 -44.61
C THR G 272 -34.36 39.86 -44.09
N ASP G 273 -34.17 39.95 -42.77
CA ASP G 273 -32.85 39.78 -42.20
C ASP G 273 -32.36 38.34 -42.34
N ALA G 274 -33.27 37.37 -42.23
CA ALA G 274 -32.89 35.98 -42.49
C ALA G 274 -32.47 35.80 -43.94
N TYR G 275 -33.18 36.42 -44.87
CA TYR G 275 -32.77 36.38 -46.27
C TYR G 275 -31.40 37.00 -46.45
N TYR G 276 -31.14 38.12 -45.77
CA TYR G 276 -29.83 38.75 -45.85
C TYR G 276 -28.75 37.84 -45.32
N LYS G 277 -29.01 37.15 -44.22
CA LYS G 277 -28.03 36.22 -43.66
C LYS G 277 -27.74 35.08 -44.63
N LEU G 278 -28.78 34.50 -45.22
CA LEU G 278 -28.58 33.42 -46.18
C LEU G 278 -27.80 33.91 -47.40
N ARG G 279 -28.15 35.09 -47.90
CA ARG G 279 -27.45 35.64 -49.06
C ARG G 279 -25.98 35.90 -48.73
N HIS G 280 -25.71 36.39 -47.52
CA HIS G 280 -24.32 36.62 -47.12
C HIS G 280 -23.56 35.31 -47.04
N ILE G 281 -24.19 34.26 -46.51
CA ILE G 281 -23.52 32.95 -46.45
C ILE G 281 -23.19 32.47 -47.85
N VAL G 282 -24.17 32.57 -48.77
CA VAL G 282 -23.94 32.11 -50.13
C VAL G 282 -22.84 32.90 -50.80
N ASP G 283 -22.82 34.23 -50.60
CA ASP G 283 -21.79 35.07 -51.18
C ASP G 283 -20.41 34.72 -50.64
N GLU G 284 -20.32 34.46 -49.33
CA GLU G 284 -19.04 34.10 -48.74
C GLU G 284 -18.54 32.77 -49.28
N VAL G 285 -19.44 31.80 -49.44
CA VAL G 285 -19.05 30.51 -50.03
C VAL G 285 -18.57 30.70 -51.46
N ASN G 286 -19.27 31.53 -52.23
CA ASN G 286 -18.88 31.80 -53.60
C ASN G 286 -17.50 32.46 -53.66
N GLY G 287 -17.25 33.40 -52.75
CA GLY G 287 -15.94 34.04 -52.70
C GLY G 287 -14.84 33.04 -52.37
N LEU G 288 -15.09 32.16 -51.40
CA LEU G 288 -14.10 31.13 -51.08
C LEU G 288 -13.83 30.23 -52.27
N ILE G 289 -14.88 29.82 -52.97
CA ILE G 289 -14.71 28.93 -54.13
C ILE G 289 -13.89 29.63 -55.20
N SER G 290 -14.22 30.89 -55.49
CA SER G 290 -13.49 31.63 -56.51
C SER G 290 -12.04 31.85 -56.10
N MET G 291 -11.78 31.99 -54.80
CA MET G 291 -10.40 32.17 -54.34
C MET G 291 -9.61 30.89 -54.48
N TYR G 292 -10.23 29.74 -54.20
CA TYR G 292 -9.53 28.46 -54.30
C TYR G 292 -9.63 27.82 -55.67
N SER G 293 -10.44 28.36 -56.58
CA SER G 293 -10.60 27.80 -57.92
C SER G 293 -10.47 28.90 -58.95
N THR G 294 -9.54 28.72 -59.89
CA THR G 294 -9.36 29.72 -60.95
C THR G 294 -10.60 29.83 -61.82
N ASP G 295 -11.21 28.70 -62.16
CA ASP G 295 -12.39 28.71 -63.00
C ASP G 295 -13.58 29.31 -62.27
N GLU G 296 -14.37 30.13 -62.99
CA GLU G 296 -15.57 30.73 -62.45
C GLU G 296 -16.84 30.07 -62.98
N ASN G 297 -16.74 28.86 -63.54
CA ASN G 297 -17.92 28.18 -64.03
C ASN G 297 -18.82 27.69 -62.89
N LEU G 298 -18.23 27.28 -61.78
CA LEU G 298 -19.00 26.69 -60.68
C LEU G 298 -19.47 27.73 -59.66
N ILE G 299 -20.16 28.77 -60.15
CA ILE G 299 -20.81 29.72 -59.27
C ILE G 299 -21.96 29.04 -58.55
N LEU G 300 -22.03 29.21 -57.24
CA LEU G 300 -23.06 28.58 -56.42
C LEU G 300 -24.11 29.62 -56.05
N SER G 301 -25.37 29.33 -56.38
CA SER G 301 -26.47 30.20 -56.06
C SER G 301 -27.74 29.37 -56.04
N PRO G 302 -28.67 29.65 -55.13
CA PRO G 302 -29.91 28.85 -55.08
C PRO G 302 -30.75 28.97 -56.33
N LEU G 303 -30.53 29.99 -57.16
CA LEU G 303 -31.23 30.08 -58.43
C LEU G 303 -30.86 28.92 -59.34
N LEU G 304 -29.58 28.54 -59.37
CA LEU G 304 -29.12 27.42 -60.18
C LEU G 304 -29.49 26.08 -59.57
N GLY G 305 -30.07 26.05 -58.38
CA GLY G 305 -30.34 24.81 -57.69
C GLY G 305 -29.17 24.24 -56.93
N ASN G 306 -28.03 24.94 -56.90
CA ASN G 306 -26.86 24.46 -56.19
C ASN G 306 -27.03 24.51 -54.68
N VAL G 307 -28.02 25.25 -54.18
CA VAL G 307 -28.16 25.53 -52.76
C VAL G 307 -29.52 25.06 -52.29
N CYS G 308 -29.53 24.30 -51.20
CA CYS G 308 -30.75 23.82 -50.57
C CYS G 308 -30.79 24.31 -49.13
N PHE G 309 -31.97 24.67 -48.66
CA PHE G 309 -32.16 25.17 -47.30
C PHE G 309 -32.82 24.08 -46.48
N SER G 310 -32.22 23.77 -45.33
CA SER G 310 -32.62 22.60 -44.59
C SER G 310 -32.59 22.88 -43.09
N SER G 311 -33.39 22.08 -42.38
CA SER G 311 -33.42 22.02 -40.92
C SER G 311 -33.64 20.56 -40.58
N SER G 312 -32.54 19.82 -40.41
CA SER G 312 -32.61 18.39 -40.16
C SER G 312 -33.27 18.08 -38.81
N GLN G 313 -33.24 19.02 -37.87
CA GLN G 313 -33.94 18.81 -36.60
C GLN G 313 -35.44 18.68 -36.81
N TYR G 314 -36.01 19.54 -37.65
CA TYR G 314 -37.44 19.55 -37.92
C TYR G 314 -37.79 19.04 -39.30
N SER G 315 -36.82 18.47 -40.02
CA SER G 315 -37.04 17.84 -41.31
C SER G 315 -37.59 18.83 -42.34
N ILE G 316 -37.10 20.06 -42.28
CA ILE G 316 -37.49 21.09 -43.26
C ILE G 316 -36.43 21.15 -44.34
N CYS G 317 -36.56 20.34 -45.39
CA CYS G 317 -35.60 20.36 -46.48
C CYS G 317 -36.30 20.83 -47.74
N PHE G 318 -35.77 21.87 -48.37
CA PHE G 318 -36.37 22.36 -49.60
C PHE G 318 -35.34 23.11 -50.41
N THR G 319 -35.50 23.03 -51.73
CA THR G 319 -34.84 23.94 -52.65
C THR G 319 -35.91 24.79 -53.31
N LEU G 320 -35.48 25.72 -54.15
CA LEU G 320 -36.42 26.57 -54.86
C LEU G 320 -37.33 25.74 -55.76
N GLY G 321 -36.76 24.77 -56.46
CA GLY G 321 -37.57 23.93 -57.33
C GLY G 321 -38.59 23.11 -56.56
N SER G 322 -38.17 22.51 -55.44
CA SER G 322 -39.08 21.67 -54.67
C SER G 322 -40.23 22.48 -54.08
N PHE G 323 -39.92 23.67 -53.55
CA PHE G 323 -40.97 24.45 -52.91
C PHE G 323 -41.88 25.08 -53.96
N ALA G 324 -41.32 25.43 -55.12
CA ALA G 324 -42.15 25.84 -56.24
C ALA G 324 -43.05 24.70 -56.69
N LYS G 325 -42.56 23.46 -56.64
CA LYS G 325 -43.44 22.33 -56.94
C LYS G 325 -44.53 22.17 -55.89
N ILE G 326 -44.23 22.50 -54.64
CA ILE G 326 -45.27 22.52 -53.62
C ILE G 326 -46.37 23.52 -54.00
N TYR G 327 -45.94 24.70 -54.46
CA TYR G 327 -46.92 25.67 -54.97
C TYR G 327 -47.68 25.12 -56.16
N ALA G 328 -47.00 24.42 -57.07
CA ALA G 328 -47.66 23.84 -58.23
C ALA G 328 -48.69 22.80 -57.82
N ASP G 329 -48.39 22.02 -56.78
CA ASP G 329 -49.34 21.02 -56.29
C ASP G 329 -50.55 21.68 -55.66
N THR G 330 -50.34 22.74 -54.87
CA THR G 330 -51.49 23.39 -54.27
C THR G 330 -52.27 24.26 -55.27
N PHE G 331 -51.58 24.79 -56.28
CA PHE G 331 -52.23 25.53 -57.36
C PHE G 331 -51.68 24.98 -58.68
N GLY G 332 -52.50 24.22 -59.39
CA GLY G 332 -51.99 23.44 -60.52
C GLY G 332 -51.46 24.28 -61.67
N ASP G 333 -52.04 25.45 -61.90
CA ASP G 333 -51.79 26.19 -63.13
C ASP G 333 -50.38 26.76 -63.23
N ILE G 334 -49.59 26.77 -62.16
CA ILE G 334 -48.28 27.39 -62.18
C ILE G 334 -47.22 26.37 -62.53
N ASN G 335 -46.27 26.77 -63.37
CA ASN G 335 -45.13 25.94 -63.73
C ASN G 335 -44.02 26.18 -62.72
N TYR G 336 -43.49 25.09 -62.14
CA TYR G 336 -42.63 25.24 -60.98
C TYR G 336 -41.22 25.71 -61.35
N GLN G 337 -40.72 25.36 -62.54
CA GLN G 337 -39.34 25.71 -62.87
C GLN G 337 -39.17 27.22 -63.01
N GLU G 338 -40.06 27.87 -63.78
CA GLU G 338 -39.96 29.32 -63.94
C GLU G 338 -40.19 30.03 -62.62
N PHE G 339 -41.14 29.55 -61.82
CA PHE G 339 -41.39 30.15 -60.52
C PHE G 339 -40.16 30.05 -59.63
N ALA G 340 -39.50 28.89 -59.62
CA ALA G 340 -38.26 28.73 -58.86
C ALA G 340 -37.18 29.66 -59.38
N LYS G 341 -37.14 29.87 -60.70
CA LYS G 341 -36.21 30.85 -61.24
C LYS G 341 -36.49 32.25 -60.71
N ARG G 342 -37.76 32.58 -60.52
CA ARG G 342 -38.15 33.91 -60.07
C ARG G 342 -38.16 34.07 -58.55
N LEU G 343 -37.95 32.99 -57.79
CA LEU G 343 -38.14 33.07 -56.35
C LEU G 343 -37.01 33.77 -55.60
N TRP G 344 -35.78 33.75 -56.13
CA TRP G 344 -34.63 34.23 -55.38
C TRP G 344 -33.95 35.39 -56.10
N GLY G 345 -33.26 36.23 -55.32
CA GLY G 345 -32.34 37.21 -55.87
C GLY G 345 -32.84 38.63 -56.03
N ASP G 346 -33.46 39.17 -54.98
CA ASP G 346 -33.92 40.56 -54.96
C ASP G 346 -34.87 40.87 -56.11
N ILE G 347 -35.72 39.93 -56.47
CA ILE G 347 -36.74 40.13 -57.49
C ILE G 347 -38.08 40.26 -56.77
N TYR G 348 -38.70 41.43 -56.89
CA TYR G 348 -39.93 41.69 -56.17
C TYR G 348 -41.14 41.26 -56.99
N PHE G 349 -42.26 41.08 -56.30
CA PHE G 349 -43.49 40.58 -56.89
C PHE G 349 -44.57 41.66 -56.84
N ASN G 350 -45.22 41.89 -57.98
CA ASN G 350 -46.33 42.82 -58.06
C ASN G 350 -47.62 42.03 -58.19
N PRO G 351 -48.49 42.03 -57.18
CA PRO G 351 -49.76 41.31 -57.29
C PRO G 351 -50.82 42.05 -58.09
N LYS G 352 -50.62 43.35 -58.35
CA LYS G 352 -51.52 44.04 -59.27
C LYS G 352 -51.37 43.52 -60.68
N THR G 353 -50.14 43.31 -61.13
CA THR G 353 -49.86 42.73 -62.44
C THR G 353 -49.47 41.26 -62.36
N ARG G 354 -49.37 40.70 -61.16
CA ARG G 354 -48.98 39.31 -60.96
C ARG G 354 -47.66 38.99 -61.67
N LYS G 355 -46.72 39.93 -61.58
CA LYS G 355 -45.49 39.80 -62.34
C LYS G 355 -44.28 40.10 -61.47
N PHE G 356 -43.15 39.49 -61.81
CA PHE G 356 -41.92 39.62 -61.04
C PHE G 356 -41.00 40.62 -61.75
N THR G 357 -40.58 41.64 -61.00
CA THR G 357 -39.77 42.72 -61.55
C THR G 357 -38.63 43.04 -60.58
N LYS G 358 -37.47 43.39 -61.15
CA LYS G 358 -36.33 43.78 -60.32
C LYS G 358 -36.58 45.08 -59.56
N LYS G 359 -37.53 45.90 -60.00
CA LYS G 359 -37.84 47.16 -59.34
C LYS G 359 -38.85 46.90 -58.23
N ALA G 360 -38.56 47.43 -57.05
CA ALA G 360 -39.41 47.17 -55.88
C ALA G 360 -40.62 48.08 -55.91
N PRO G 361 -41.84 47.53 -55.95
CA PRO G 361 -43.04 48.37 -55.86
C PRO G 361 -43.38 48.68 -54.41
N THR G 362 -43.98 49.86 -54.22
CA THR G 362 -44.53 50.31 -52.94
C THR G 362 -43.41 50.61 -51.94
N SER G 363 -42.17 50.32 -52.34
CA SER G 363 -40.98 50.62 -51.54
C SER G 363 -40.99 49.90 -50.19
N SER G 364 -41.99 49.04 -49.96
CA SER G 364 -42.09 48.28 -48.73
C SER G 364 -42.34 46.80 -48.94
N SER G 365 -42.59 46.36 -50.17
CA SER G 365 -42.80 44.96 -50.44
C SER G 365 -41.48 44.19 -50.32
N GLN G 366 -41.57 42.97 -49.83
CA GLN G 366 -40.41 42.11 -49.65
C GLN G 366 -40.06 41.38 -50.94
N ARG G 367 -38.90 40.74 -50.95
CA ARG G 367 -38.44 40.01 -52.12
C ARG G 367 -39.35 38.80 -52.38
N SER G 368 -39.11 38.16 -53.52
CA SER G 368 -39.86 36.94 -53.82
C SER G 368 -39.56 35.84 -52.81
N PHE G 369 -38.28 35.69 -52.44
CA PHE G 369 -37.90 34.69 -51.45
C PHE G 369 -38.58 34.94 -50.11
N VAL G 370 -38.59 36.20 -49.68
CA VAL G 370 -39.18 36.53 -48.38
C VAL G 370 -40.69 36.37 -48.41
N GLU G 371 -41.34 36.82 -49.50
CA GLU G 371 -42.79 36.79 -49.55
C GLU G 371 -43.32 35.38 -49.72
N PHE G 372 -42.70 34.58 -50.59
CA PHE G 372 -43.23 33.27 -50.94
C PHE G 372 -42.63 32.12 -50.15
N ILE G 373 -41.39 32.24 -49.69
CA ILE G 373 -40.72 31.11 -49.07
C ILE G 373 -40.53 31.37 -47.58
N LEU G 374 -39.82 32.45 -47.24
CA LEU G 374 -39.43 32.66 -45.85
C LEU G 374 -40.62 32.98 -44.96
N GLU G 375 -41.49 33.88 -45.40
CA GLU G 375 -42.62 34.29 -44.56
C GLU G 375 -43.59 33.15 -44.28
N PRO G 376 -43.96 32.32 -45.26
CA PRO G 376 -44.78 31.15 -44.91
C PRO G 376 -44.12 30.23 -43.91
N LEU G 377 -42.80 30.04 -44.02
CA LEU G 377 -42.08 29.21 -43.06
C LEU G 377 -42.12 29.81 -41.67
N TYR G 378 -41.92 31.13 -41.57
CA TYR G 378 -42.03 31.81 -40.29
C TYR G 378 -43.42 31.66 -39.71
N LYS G 379 -44.45 31.81 -40.55
CA LYS G 379 -45.82 31.68 -40.07
C LYS G 379 -46.10 30.29 -39.56
N ILE G 380 -45.64 29.27 -40.29
CA ILE G 380 -45.83 27.89 -39.84
C ILE G 380 -45.16 27.66 -38.49
N LEU G 381 -43.89 28.05 -38.39
CA LEU G 381 -43.13 27.80 -37.16
C LEU G 381 -43.74 28.57 -35.99
N ALA G 382 -44.12 29.83 -36.20
CA ALA G 382 -44.69 30.63 -35.13
C ALA G 382 -46.05 30.11 -34.70
N GLN G 383 -46.87 29.66 -35.65
CA GLN G 383 -48.16 29.08 -35.30
C GLN G 383 -47.99 27.82 -34.47
N VAL G 384 -47.00 26.98 -34.83
CA VAL G 384 -46.80 25.75 -34.08
C VAL G 384 -46.26 26.05 -32.69
N VAL G 385 -45.27 26.96 -32.60
CA VAL G 385 -44.62 27.19 -31.32
C VAL G 385 -45.36 28.21 -30.45
N GLY G 386 -46.16 29.08 -31.04
CA GLY G 386 -46.81 30.12 -30.25
C GLY G 386 -48.31 29.96 -30.10
N ASP G 387 -49.00 29.59 -31.16
CA ASP G 387 -50.44 29.55 -31.21
C ASP G 387 -50.95 28.15 -31.48
N VAL G 388 -50.36 27.15 -30.84
CA VAL G 388 -50.73 25.76 -31.12
C VAL G 388 -52.19 25.51 -30.73
N ASP G 389 -52.51 25.65 -29.44
CA ASP G 389 -53.82 25.26 -28.94
C ASP G 389 -54.93 26.16 -29.46
N THR G 390 -54.62 27.42 -29.75
CA THR G 390 -55.65 28.37 -30.13
C THR G 390 -55.82 28.50 -31.64
N SER G 391 -54.74 28.35 -32.42
CA SER G 391 -54.82 28.66 -33.84
C SER G 391 -54.03 27.69 -34.70
N LEU G 392 -53.71 26.50 -34.20
CA LEU G 392 -53.00 25.57 -35.08
C LEU G 392 -53.92 24.87 -36.07
N PRO G 393 -55.12 24.43 -35.67
CA PRO G 393 -55.98 23.72 -36.65
C PRO G 393 -56.30 24.54 -37.89
N ARG G 394 -56.51 25.85 -37.78
CA ARG G 394 -56.86 26.63 -38.96
C ARG G 394 -55.71 26.67 -39.95
N THR G 395 -54.50 26.95 -39.48
CA THR G 395 -53.35 26.96 -40.38
C THR G 395 -53.05 25.58 -40.93
N LEU G 396 -53.29 24.53 -40.14
CA LEU G 396 -53.10 23.18 -40.63
C LEU G 396 -54.08 22.86 -41.75
N ASP G 397 -55.34 23.30 -41.60
CA ASP G 397 -56.32 23.12 -42.67
C ASP G 397 -55.94 23.92 -43.91
N GLU G 398 -55.44 25.14 -43.72
CA GLU G 398 -55.07 25.96 -44.86
C GLU G 398 -53.93 25.34 -45.66
N LEU G 399 -53.05 24.60 -45.00
CA LEU G 399 -51.94 23.92 -45.65
C LEU G 399 -52.31 22.52 -46.12
N GLY G 400 -53.52 22.05 -45.83
CA GLY G 400 -53.92 20.71 -46.21
C GLY G 400 -53.36 19.61 -45.33
N ILE G 401 -52.75 19.96 -44.21
CA ILE G 401 -52.19 18.98 -43.29
C ILE G 401 -53.23 18.65 -42.23
N HIS G 402 -53.54 17.37 -42.09
CA HIS G 402 -54.49 16.90 -41.09
C HIS G 402 -53.74 16.03 -40.09
N LEU G 403 -53.83 16.40 -38.81
CA LEU G 403 -53.15 15.68 -37.75
C LEU G 403 -54.18 15.10 -36.78
N THR G 404 -53.90 13.90 -36.29
CA THR G 404 -54.78 13.23 -35.36
C THR G 404 -54.72 13.91 -33.99
N LYS G 405 -55.68 13.56 -33.14
CA LYS G 405 -55.70 14.10 -31.78
C LYS G 405 -54.45 13.68 -31.01
N GLU G 406 -54.04 12.42 -31.17
CA GLU G 406 -52.83 11.96 -30.49
C GLU G 406 -51.59 12.62 -31.06
N GLU G 407 -51.61 13.00 -32.33
CA GLU G 407 -50.46 13.70 -32.92
C GLU G 407 -50.39 15.15 -32.49
N LEU G 408 -51.54 15.80 -32.27
CA LEU G 408 -51.55 17.18 -31.81
C LEU G 408 -51.20 17.33 -30.34
N LYS G 409 -51.17 16.23 -29.58
CA LYS G 409 -50.81 16.28 -28.17
C LYS G 409 -49.31 16.22 -27.93
N LEU G 410 -48.51 16.12 -28.98
CA LEU G 410 -47.07 16.02 -28.84
C LEU G 410 -46.49 17.34 -28.33
N ASN G 411 -45.24 17.28 -27.86
CA ASN G 411 -44.53 18.49 -27.48
C ASN G 411 -44.22 19.32 -28.73
N ILE G 412 -43.71 20.53 -28.49
CA ILE G 412 -43.58 21.50 -29.59
C ILE G 412 -42.57 21.03 -30.62
N ARG G 413 -41.42 20.51 -30.18
CA ARG G 413 -40.42 20.05 -31.13
C ARG G 413 -40.90 18.85 -31.95
N PRO G 414 -41.44 17.78 -31.35
CA PRO G 414 -42.00 16.71 -32.19
C PRO G 414 -43.13 17.16 -33.08
N LEU G 415 -43.94 18.11 -32.61
CA LEU G 415 -45.04 18.61 -33.43
C LEU G 415 -44.51 19.38 -34.64
N LEU G 416 -43.47 20.19 -34.44
CA LEU G 416 -42.82 20.85 -35.56
C LEU G 416 -42.27 19.84 -36.55
N ARG G 417 -41.59 18.81 -36.05
CA ARG G 417 -41.04 17.82 -36.96
C ARG G 417 -42.14 17.14 -37.76
N LEU G 418 -43.23 16.76 -37.10
CA LEU G 418 -44.33 16.10 -37.80
C LEU G 418 -44.98 17.02 -38.83
N VAL G 419 -45.24 18.27 -38.45
CA VAL G 419 -45.90 19.20 -39.35
C VAL G 419 -45.04 19.46 -40.58
N CYS G 420 -43.73 19.64 -40.37
CA CYS G 420 -42.87 19.92 -41.51
C CYS G 420 -42.61 18.69 -42.35
N LYS G 421 -42.65 17.50 -41.77
CA LYS G 421 -42.60 16.28 -42.57
C LYS G 421 -43.84 16.16 -43.45
N LYS G 422 -45.01 16.46 -42.88
CA LYS G 422 -46.24 16.39 -43.66
C LYS G 422 -46.28 17.46 -44.75
N PHE G 423 -45.73 18.64 -44.47
CA PHE G 423 -45.79 19.73 -45.43
C PHE G 423 -44.79 19.53 -46.57
N PHE G 424 -43.50 19.50 -46.25
CA PHE G 424 -42.48 19.40 -47.28
C PHE G 424 -42.37 18.00 -47.86
N GLY G 425 -42.74 16.98 -47.10
CA GLY G 425 -42.66 15.62 -47.63
C GLY G 425 -41.23 15.14 -47.74
N GLU G 426 -40.96 14.41 -48.81
CA GLU G 426 -39.64 13.84 -49.01
C GLU G 426 -38.61 14.93 -49.33
N PHE G 427 -37.34 14.59 -49.14
CA PHE G 427 -36.24 15.51 -49.36
C PHE G 427 -35.87 15.57 -50.84
N THR G 428 -36.88 15.89 -51.65
CA THR G 428 -36.69 15.88 -53.10
C THR G 428 -35.81 17.02 -53.57
N GLY G 429 -35.75 18.13 -52.83
CA GLY G 429 -34.85 19.21 -53.19
C GLY G 429 -33.39 18.79 -53.14
N PHE G 430 -33.02 18.02 -52.12
CA PHE G 430 -31.67 17.49 -52.03
C PHE G 430 -31.37 16.60 -53.22
N VAL G 431 -32.33 15.77 -53.61
CA VAL G 431 -32.13 14.87 -54.74
C VAL G 431 -31.95 15.67 -56.03
N ASP G 432 -32.75 16.71 -56.22
CA ASP G 432 -32.55 17.53 -57.40
C ASP G 432 -31.16 18.11 -57.38
N MET G 433 -30.78 18.72 -56.26
CA MET G 433 -29.48 19.38 -56.17
C MET G 433 -28.35 18.41 -56.51
N CYS G 434 -28.43 17.18 -56.02
CA CYS G 434 -27.37 16.22 -56.25
C CYS G 434 -27.50 15.48 -57.59
N VAL G 435 -28.63 15.58 -58.27
CA VAL G 435 -28.77 14.96 -59.58
C VAL G 435 -28.37 15.91 -60.69
N GLN G 436 -28.80 17.17 -60.62
CA GLN G 436 -28.53 18.09 -61.71
C GLN G 436 -27.08 18.57 -61.72
N HIS G 437 -26.41 18.58 -60.57
CA HIS G 437 -25.11 19.21 -60.45
C HIS G 437 -23.97 18.26 -60.13
N ILE G 438 -24.25 17.11 -59.54
CA ILE G 438 -23.23 16.13 -59.17
C ILE G 438 -23.17 15.09 -60.29
N PRO G 439 -22.03 14.93 -60.96
CA PRO G 439 -21.96 13.98 -62.08
C PRO G 439 -22.18 12.55 -61.61
N SER G 440 -22.77 11.75 -62.50
CA SER G 440 -22.86 10.33 -62.29
C SER G 440 -21.49 9.70 -62.50
N PRO G 441 -21.28 8.47 -62.02
CA PRO G 441 -20.00 7.79 -62.28
C PRO G 441 -19.66 7.70 -63.75
N LYS G 442 -20.66 7.58 -64.62
CA LYS G 442 -20.42 7.63 -66.06
C LYS G 442 -19.86 8.98 -66.47
N VAL G 443 -20.52 10.06 -66.06
CA VAL G 443 -20.11 11.40 -66.47
C VAL G 443 -18.83 11.81 -65.76
N GLY G 444 -18.74 11.56 -64.46
CA GLY G 444 -17.65 12.04 -63.65
C GLY G 444 -16.43 11.14 -63.60
N ALA G 445 -16.39 10.07 -64.40
CA ALA G 445 -15.24 9.17 -64.36
C ALA G 445 -13.97 9.82 -64.88
N LYS G 446 -14.06 10.61 -65.95
CA LYS G 446 -12.88 11.17 -66.59
C LYS G 446 -12.09 12.09 -65.65
N PRO G 447 -12.71 13.04 -64.94
CA PRO G 447 -11.93 13.83 -63.99
C PRO G 447 -11.30 13.00 -62.88
N LYS G 448 -12.02 11.97 -62.40
CA LYS G 448 -11.49 11.13 -61.33
C LYS G 448 -10.25 10.38 -61.79
N ILE G 449 -10.26 9.85 -63.01
CA ILE G 449 -9.09 9.14 -63.51
C ILE G 449 -7.95 10.11 -63.77
N GLU G 450 -8.26 11.28 -64.32
CA GLU G 450 -7.21 12.26 -64.60
C GLU G 450 -6.56 12.77 -63.33
N HIS G 451 -7.30 12.78 -62.23
CA HIS G 451 -6.77 13.33 -60.98
C HIS G 451 -6.10 12.28 -60.10
N THR G 452 -6.69 11.09 -59.98
CA THR G 452 -6.21 10.10 -59.01
C THR G 452 -5.37 8.99 -59.62
N TYR G 453 -5.71 8.49 -60.80
CA TYR G 453 -4.96 7.39 -61.38
C TYR G 453 -3.56 7.84 -61.76
N THR G 454 -2.57 7.01 -61.42
CA THR G 454 -1.17 7.39 -61.64
C THR G 454 -0.80 7.37 -63.12
N GLY G 455 -1.36 6.43 -63.89
CA GLY G 455 -1.02 6.33 -65.29
C GLY G 455 -1.63 7.40 -66.17
N GLY G 456 -2.66 8.09 -65.68
CA GLY G 456 -3.31 9.14 -66.44
C GLY G 456 -4.34 8.61 -67.41
N VAL G 457 -5.18 9.53 -67.90
CA VAL G 457 -6.23 9.16 -68.84
C VAL G 457 -5.64 8.71 -70.16
N ASP G 458 -4.48 9.24 -70.54
CA ASP G 458 -3.87 8.91 -71.83
C ASP G 458 -3.53 7.43 -71.96
N SER G 459 -3.33 6.73 -70.84
CA SER G 459 -3.05 5.31 -70.89
C SER G 459 -4.27 4.54 -71.35
N ASP G 460 -4.02 3.33 -71.90
CA ASP G 460 -5.10 2.50 -72.39
C ASP G 460 -6.07 2.14 -71.28
N LEU G 461 -5.54 1.77 -70.11
CA LEU G 461 -6.42 1.43 -68.99
C LEU G 461 -7.15 2.66 -68.45
N GLY G 462 -6.52 3.83 -68.50
CA GLY G 462 -7.23 5.05 -68.16
C GLY G 462 -8.42 5.30 -69.07
N GLU G 463 -8.23 5.07 -70.38
CA GLU G 463 -9.34 5.17 -71.32
C GLU G 463 -10.42 4.13 -71.01
N ALA G 464 -10.00 2.93 -70.61
CA ALA G 464 -10.97 1.90 -70.26
C ALA G 464 -11.80 2.32 -69.05
N MET G 465 -11.15 2.91 -68.04
CA MET G 465 -11.87 3.36 -66.85
C MET G 465 -12.68 4.62 -67.07
N SER G 466 -12.35 5.41 -68.10
CA SER G 466 -13.12 6.62 -68.37
C SER G 466 -14.57 6.31 -68.69
N ASP G 467 -14.85 5.11 -69.19
CA ASP G 467 -16.21 4.73 -69.54
C ASP G 467 -17.03 4.25 -68.36
N CYS G 468 -16.38 3.76 -67.30
CA CYS G 468 -17.08 3.21 -66.13
C CYS G 468 -18.04 2.10 -66.53
N ASP G 469 -17.60 1.25 -67.44
CA ASP G 469 -18.44 0.17 -67.95
C ASP G 469 -18.40 -1.03 -67.02
N PRO G 470 -19.55 -1.57 -66.62
CA PRO G 470 -19.54 -2.77 -65.76
C PRO G 470 -18.83 -3.96 -66.38
N ASP G 471 -18.86 -4.10 -67.69
CA ASP G 471 -18.22 -5.23 -68.37
C ASP G 471 -16.86 -4.80 -68.92
N GLY G 472 -15.92 -4.59 -68.00
CA GLY G 472 -14.58 -4.22 -68.36
C GLY G 472 -13.56 -4.88 -67.43
N PRO G 473 -12.33 -4.38 -67.46
CA PRO G 473 -11.33 -4.88 -66.51
C PRO G 473 -11.60 -4.34 -65.11
N LEU G 474 -11.35 -5.17 -64.10
CA LEU G 474 -11.63 -4.78 -62.74
C LEU G 474 -10.58 -3.79 -62.25
N MET G 475 -11.03 -2.62 -61.79
CA MET G 475 -10.15 -1.60 -61.25
C MET G 475 -10.76 -0.96 -60.01
N CYS G 476 -11.22 -1.78 -59.07
CA CYS G 476 -11.76 -1.26 -57.83
C CYS G 476 -10.68 -0.55 -57.03
N HIS G 477 -11.08 0.45 -56.24
CA HIS G 477 -10.16 1.28 -55.49
C HIS G 477 -10.78 1.56 -54.13
N THR G 478 -10.23 0.94 -53.08
CA THR G 478 -10.76 1.08 -51.73
C THR G 478 -9.88 2.02 -50.91
N THR G 479 -10.52 2.94 -50.21
CA THR G 479 -9.83 3.91 -49.39
C THR G 479 -10.15 3.84 -47.91
N LYS G 480 -11.14 3.04 -47.50
CA LYS G 480 -11.44 2.91 -46.09
C LYS G 480 -11.24 1.47 -45.65
N MET G 481 -11.06 1.28 -44.34
CA MET G 481 -10.91 -0.05 -43.75
C MET G 481 -11.81 -0.10 -42.52
N TYR G 482 -12.92 -0.82 -42.62
CA TYR G 482 -13.91 -0.87 -41.55
C TYR G 482 -13.74 -2.15 -40.75
N SER G 483 -13.57 -2.01 -39.45
CA SER G 483 -13.39 -3.15 -38.56
C SER G 483 -14.75 -3.72 -38.19
N THR G 484 -14.80 -5.04 -38.04
CA THR G 484 -16.01 -5.69 -37.58
C THR G 484 -16.24 -5.41 -36.10
N ASP G 485 -17.40 -5.83 -35.61
CA ASP G 485 -17.72 -5.63 -34.20
C ASP G 485 -16.74 -6.37 -33.31
N ASP G 486 -16.35 -7.59 -33.68
CA ASP G 486 -15.35 -8.32 -32.91
C ASP G 486 -13.96 -7.72 -33.02
N GLY G 487 -13.69 -6.97 -34.09
CA GLY G 487 -12.41 -6.30 -34.25
C GLY G 487 -11.29 -7.16 -34.79
N VAL G 488 -11.58 -8.37 -35.25
CA VAL G 488 -10.52 -9.24 -35.73
C VAL G 488 -10.25 -9.00 -37.22
N GLN G 489 -11.30 -8.97 -38.03
CA GLN G 489 -11.17 -8.84 -39.47
C GLN G 489 -11.63 -7.48 -39.94
N PHE G 490 -11.06 -7.04 -41.07
CA PHE G 490 -11.34 -5.73 -41.65
C PHE G 490 -11.91 -5.89 -43.06
N HIS G 491 -12.85 -5.03 -43.40
CA HIS G 491 -13.46 -4.99 -44.72
C HIS G 491 -12.95 -3.74 -45.43
N ALA G 492 -12.43 -3.92 -46.64
CA ALA G 492 -11.90 -2.80 -47.40
C ALA G 492 -13.01 -2.15 -48.20
N PHE G 493 -13.26 -0.86 -47.94
CA PHE G 493 -14.38 -0.15 -48.52
C PHE G 493 -13.90 0.80 -49.60
N GLY G 494 -14.54 0.75 -50.76
CA GLY G 494 -14.20 1.65 -51.84
C GLY G 494 -15.11 1.45 -53.02
N ARG G 495 -14.95 2.32 -54.01
CA ARG G 495 -15.79 2.28 -55.20
C ARG G 495 -15.14 1.44 -56.29
N VAL G 496 -15.98 0.87 -57.15
CA VAL G 496 -15.53 0.08 -58.28
C VAL G 496 -15.50 0.99 -59.51
N LEU G 497 -14.31 1.18 -60.07
CA LEU G 497 -14.15 2.13 -61.17
C LEU G 497 -14.35 1.49 -62.53
N SER G 498 -14.11 0.19 -62.64
CA SER G 498 -14.32 -0.52 -63.91
C SER G 498 -14.48 -1.99 -63.61
N GLY G 499 -15.03 -2.71 -64.59
CA GLY G 499 -15.25 -4.12 -64.39
C GLY G 499 -16.34 -4.35 -63.36
N THR G 500 -16.32 -5.56 -62.80
CA THR G 500 -17.28 -5.94 -61.78
C THR G 500 -16.62 -6.89 -60.80
N ILE G 501 -16.74 -6.59 -59.52
CA ILE G 501 -16.19 -7.45 -58.47
C ILE G 501 -17.22 -8.51 -58.11
N HIS G 502 -16.78 -9.75 -58.02
CA HIS G 502 -17.64 -10.88 -57.70
C HIS G 502 -17.19 -11.52 -56.40
N ALA G 503 -18.15 -12.02 -55.62
CA ALA G 503 -17.82 -12.73 -54.40
C ALA G 503 -17.15 -14.06 -54.73
N GLY G 504 -16.15 -14.42 -53.94
CA GLY G 504 -15.40 -15.63 -54.21
C GLY G 504 -14.60 -15.59 -55.49
N GLN G 505 -13.92 -14.48 -55.77
CA GLN G 505 -13.20 -14.28 -57.00
C GLN G 505 -11.74 -13.97 -56.71
N PRO G 506 -10.79 -14.63 -57.38
CA PRO G 506 -9.38 -14.25 -57.20
C PRO G 506 -9.13 -12.83 -57.67
N VAL G 507 -8.27 -12.13 -56.93
CA VAL G 507 -8.05 -10.69 -57.12
C VAL G 507 -6.59 -10.39 -56.84
N LYS G 508 -6.03 -9.46 -57.60
CA LYS G 508 -4.70 -8.93 -57.32
C LYS G 508 -4.87 -7.59 -56.63
N VAL G 509 -4.39 -7.48 -55.41
CA VAL G 509 -4.48 -6.26 -54.62
C VAL G 509 -3.11 -5.60 -54.65
N LEU G 510 -3.07 -4.34 -55.08
CA LEU G 510 -1.85 -3.57 -55.20
C LEU G 510 -1.75 -2.57 -54.06
N GLY G 511 -0.58 -2.54 -53.41
CA GLY G 511 -0.34 -1.62 -52.32
C GLY G 511 0.15 -0.27 -52.80
N GLU G 512 0.41 0.61 -51.84
CA GLU G 512 0.82 1.97 -52.17
C GLU G 512 2.21 2.03 -52.81
N ASN G 513 3.02 0.99 -52.64
CA ASN G 513 4.35 0.94 -53.24
C ASN G 513 4.39 0.10 -54.50
N TYR G 514 3.25 -0.38 -54.98
CA TYR G 514 3.25 -1.20 -56.19
C TYR G 514 3.56 -0.34 -57.40
N THR G 515 4.51 -0.80 -58.22
CA THR G 515 4.85 -0.15 -59.47
C THR G 515 5.02 -1.23 -60.53
N LEU G 516 5.07 -0.81 -61.78
CA LEU G 516 5.29 -1.77 -62.87
C LEU G 516 6.68 -2.37 -62.77
N GLU G 517 7.69 -1.56 -62.49
CA GLU G 517 9.06 -2.08 -62.39
C GLU G 517 9.24 -2.96 -61.16
N ASP G 518 8.58 -2.62 -60.05
CA ASP G 518 8.66 -3.40 -58.82
C ASP G 518 7.24 -3.77 -58.40
N GLU G 519 6.85 -5.02 -58.63
CA GLU G 519 5.50 -5.49 -58.36
C GLU G 519 5.40 -6.26 -57.05
N GLU G 520 6.43 -6.21 -56.20
CA GLU G 520 6.42 -7.04 -55.00
C GLU G 520 5.29 -6.66 -54.04
N ASP G 521 4.88 -5.39 -54.03
CA ASP G 521 3.82 -4.95 -53.12
C ASP G 521 2.45 -5.22 -53.74
N SER G 522 2.24 -6.49 -54.10
CA SER G 522 0.98 -6.95 -54.65
C SER G 522 0.73 -8.36 -54.17
N GLN G 523 -0.54 -8.67 -53.89
CA GLN G 523 -0.88 -9.97 -53.34
C GLN G 523 -2.15 -10.51 -53.98
N ILE G 524 -2.15 -11.80 -54.28
CA ILE G 524 -3.33 -12.46 -54.82
C ILE G 524 -4.17 -12.94 -53.65
N CYS G 525 -5.37 -12.40 -53.53
CA CYS G 525 -6.29 -12.73 -52.45
C CYS G 525 -7.65 -13.11 -53.02
N THR G 526 -8.37 -13.95 -52.29
CA THR G 526 -9.70 -14.39 -52.69
C THR G 526 -10.73 -13.56 -51.94
N VAL G 527 -11.57 -12.83 -52.69
CA VAL G 527 -12.63 -12.06 -52.06
C VAL G 527 -13.60 -13.00 -51.36
N GLY G 528 -13.95 -12.66 -50.13
CA GLY G 528 -14.84 -13.52 -49.36
C GLY G 528 -16.30 -13.21 -49.63
N ARG G 529 -16.72 -11.98 -49.36
CA ARG G 529 -18.10 -11.57 -49.54
C ARG G 529 -18.13 -10.12 -49.98
N LEU G 530 -19.29 -9.69 -50.48
CA LEU G 530 -19.51 -8.32 -50.90
C LEU G 530 -20.77 -7.80 -50.24
N TRP G 531 -20.68 -6.61 -49.65
CA TRP G 531 -21.82 -5.96 -49.01
C TRP G 531 -22.02 -4.57 -49.59
N ILE G 532 -23.28 -4.24 -49.87
CA ILE G 532 -23.69 -2.85 -50.01
C ILE G 532 -23.84 -2.28 -48.61
N SER G 533 -23.14 -1.18 -48.35
CA SER G 533 -22.92 -0.70 -46.98
C SER G 533 -23.94 0.38 -46.65
N VAL G 534 -25.03 -0.04 -46.01
CA VAL G 534 -25.92 0.91 -45.34
C VAL G 534 -25.35 1.08 -43.94
N ALA G 535 -25.79 2.10 -43.21
CA ALA G 535 -25.17 2.47 -41.94
C ALA G 535 -25.20 1.34 -40.91
N ARG G 536 -26.39 0.95 -40.46
CA ARG G 536 -26.52 -0.03 -39.39
C ARG G 536 -26.77 -1.45 -39.86
N TYR G 537 -26.93 -1.66 -41.17
CA TYR G 537 -27.07 -3.00 -41.72
C TYR G 537 -26.37 -3.04 -43.07
N HIS G 538 -26.00 -4.24 -43.49
CA HIS G 538 -25.29 -4.44 -44.74
C HIS G 538 -26.04 -5.43 -45.61
N ILE G 539 -26.22 -5.08 -46.88
CA ILE G 539 -26.96 -5.92 -47.81
C ILE G 539 -25.94 -6.77 -48.57
N GLU G 540 -25.87 -8.05 -48.23
CA GLU G 540 -24.96 -8.95 -48.91
C GLU G 540 -25.40 -9.14 -50.36
N VAL G 541 -24.47 -8.95 -51.30
CA VAL G 541 -24.77 -9.07 -52.71
C VAL G 541 -23.72 -9.95 -53.37
N ASN G 542 -24.10 -10.56 -54.49
CA ASN G 542 -23.18 -11.46 -55.18
C ASN G 542 -22.13 -10.70 -55.96
N ARG G 543 -22.50 -9.56 -56.55
CA ARG G 543 -21.59 -8.79 -57.37
C ARG G 543 -21.93 -7.32 -57.26
N VAL G 544 -20.96 -6.48 -57.62
CA VAL G 544 -21.12 -5.03 -57.60
C VAL G 544 -20.56 -4.48 -58.91
N PRO G 545 -21.38 -3.87 -59.75
CA PRO G 545 -20.86 -3.33 -61.02
C PRO G 545 -20.04 -2.08 -60.80
N ALA G 546 -19.46 -1.59 -61.89
CA ALA G 546 -18.63 -0.40 -61.82
C ALA G 546 -19.45 0.82 -61.44
N GLY G 547 -18.84 1.72 -60.69
CA GLY G 547 -19.51 2.94 -60.26
C GLY G 547 -20.25 2.85 -58.95
N ASN G 548 -19.96 1.84 -58.12
CA ASN G 548 -20.65 1.66 -56.86
C ASN G 548 -19.66 1.39 -55.74
N TRP G 549 -20.09 1.67 -54.52
CA TRP G 549 -19.29 1.42 -53.33
C TRP G 549 -19.51 0.02 -52.81
N VAL G 550 -18.46 -0.60 -52.30
CA VAL G 550 -18.47 -2.00 -51.91
C VAL G 550 -17.54 -2.21 -50.72
N LEU G 551 -17.92 -3.13 -49.84
CA LEU G 551 -17.11 -3.61 -48.73
C LEU G 551 -16.52 -4.97 -49.11
N ILE G 552 -15.38 -4.94 -49.80
CA ILE G 552 -14.70 -6.18 -50.14
C ILE G 552 -14.19 -6.85 -48.88
N GLU G 553 -14.34 -8.17 -48.83
CA GLU G 553 -13.89 -8.97 -47.70
C GLU G 553 -12.74 -9.87 -48.14
N GLY G 554 -11.79 -10.08 -47.22
CA GLY G 554 -10.68 -10.97 -47.47
C GLY G 554 -9.50 -10.35 -48.17
N VAL G 555 -9.55 -9.05 -48.49
CA VAL G 555 -8.45 -8.36 -49.12
C VAL G 555 -7.75 -7.42 -48.15
N ASP G 556 -8.08 -7.49 -46.87
CA ASP G 556 -7.52 -6.55 -45.89
C ASP G 556 -6.07 -6.87 -45.54
N GLN G 557 -5.63 -8.12 -45.76
CA GLN G 557 -4.30 -8.52 -45.32
C GLN G 557 -3.17 -7.73 -45.98
N PRO G 558 -3.11 -7.57 -47.30
CA PRO G 558 -1.96 -6.91 -47.91
C PRO G 558 -2.03 -5.40 -47.97
N ILE G 559 -2.99 -4.76 -47.31
CA ILE G 559 -3.17 -3.32 -47.41
C ILE G 559 -3.24 -2.71 -46.02
N VAL G 560 -2.62 -1.55 -45.86
CA VAL G 560 -2.64 -0.78 -44.63
C VAL G 560 -3.55 0.42 -44.75
N LYS G 561 -3.32 1.27 -45.76
CA LYS G 561 -4.10 2.48 -45.95
C LYS G 561 -4.91 2.45 -47.25
N THR G 562 -4.25 2.27 -48.39
CA THR G 562 -4.88 2.40 -49.69
C THR G 562 -4.63 1.14 -50.50
N ALA G 563 -5.63 0.77 -51.31
CA ALA G 563 -5.57 -0.45 -52.10
C ALA G 563 -5.93 -0.15 -53.55
N THR G 564 -5.45 -1.01 -54.44
CA THR G 564 -5.85 -1.02 -55.85
C THR G 564 -6.24 -2.45 -56.19
N ILE G 565 -7.55 -2.72 -56.17
CA ILE G 565 -8.06 -4.04 -56.52
C ILE G 565 -8.17 -4.18 -58.03
N THR G 566 -7.60 -5.25 -58.57
CA THR G 566 -7.69 -5.53 -60.00
C THR G 566 -7.80 -7.03 -60.19
N GLU G 567 -7.91 -7.44 -61.45
CA GLU G 567 -8.04 -8.87 -61.65
C GLU G 567 -6.70 -9.49 -62.04
N PRO G 568 -6.42 -10.70 -61.56
CA PRO G 568 -5.14 -11.35 -61.91
C PRO G 568 -5.15 -11.91 -63.32
N ARG G 569 -3.96 -12.24 -63.80
CA ARG G 569 -3.77 -12.74 -65.16
C ARG G 569 -4.35 -11.77 -66.19
N GLY G 570 -4.13 -10.48 -65.96
CA GLY G 570 -4.64 -9.46 -66.84
C GLY G 570 -4.27 -8.10 -66.27
N ASN G 571 -4.48 -7.07 -67.09
CA ASN G 571 -4.12 -5.71 -66.72
C ASN G 571 -2.64 -5.63 -66.33
N GLU G 572 -1.77 -6.18 -67.20
CA GLU G 572 -0.35 -6.20 -66.94
C GLU G 572 0.26 -4.80 -66.88
N GLU G 573 -0.44 -3.79 -67.38
CA GLU G 573 0.00 -2.41 -67.30
C GLU G 573 -0.78 -1.61 -66.27
N ALA G 574 -1.56 -2.27 -65.42
CA ALA G 574 -2.33 -1.58 -64.40
C ALA G 574 -1.41 -0.96 -63.36
N GLN G 575 -1.71 0.27 -62.97
CA GLN G 575 -0.99 0.98 -61.93
C GLN G 575 -1.94 1.32 -60.79
N ILE G 576 -1.37 1.86 -59.72
CA ILE G 576 -2.12 2.16 -58.51
C ILE G 576 -2.72 3.55 -58.62
N PHE G 577 -3.71 3.82 -57.77
CA PHE G 577 -4.21 5.17 -57.61
C PHE G 577 -3.33 5.93 -56.63
N ARG G 578 -3.26 7.24 -56.81
CA ARG G 578 -2.41 8.04 -55.95
C ARG G 578 -2.87 7.93 -54.50
N PRO G 579 -1.93 7.81 -53.55
CA PRO G 579 -2.33 7.73 -52.14
C PRO G 579 -3.00 9.01 -51.69
N LEU G 580 -3.86 8.88 -50.68
CA LEU G 580 -4.66 10.00 -50.21
C LEU G 580 -3.80 11.18 -49.79
N LYS G 581 -3.89 12.29 -50.52
CA LYS G 581 -3.30 13.54 -50.06
C LYS G 581 -4.20 14.12 -48.99
N PHE G 582 -3.61 14.47 -47.85
CA PHE G 582 -4.40 14.82 -46.68
C PHE G 582 -4.48 16.32 -46.48
N ASN G 583 -5.62 16.76 -45.94
CA ASN G 583 -5.87 18.19 -45.78
C ASN G 583 -4.87 18.82 -44.83
N THR G 584 -4.56 18.15 -43.73
CA THR G 584 -3.66 18.65 -42.70
C THR G 584 -2.49 17.69 -42.55
N THR G 585 -1.60 18.00 -41.61
CA THR G 585 -0.42 17.19 -41.34
C THR G 585 -0.50 16.65 -39.92
N SER G 586 -0.23 15.36 -39.77
CA SER G 586 -0.24 14.74 -38.45
C SER G 586 1.02 15.12 -37.69
N VAL G 587 0.85 15.74 -36.52
CA VAL G 587 1.94 16.38 -35.79
C VAL G 587 2.08 15.82 -34.38
N ILE G 588 0.97 15.73 -33.64
CA ILE G 588 1.04 15.37 -32.24
C ILE G 588 1.58 13.95 -32.10
N LYS G 589 2.69 13.81 -31.39
CA LYS G 589 3.42 12.55 -31.29
C LYS G 589 3.31 12.01 -29.88
N ILE G 590 2.87 10.76 -29.73
CA ILE G 590 2.75 10.13 -28.43
C ILE G 590 3.45 8.78 -28.46
N ALA G 591 4.18 8.49 -27.38
CA ALA G 591 4.80 7.19 -27.20
C ALA G 591 3.85 6.27 -26.45
N VAL G 592 3.83 5.01 -26.86
CA VAL G 592 2.88 4.02 -26.37
C VAL G 592 3.63 2.75 -26.00
N GLU G 593 3.38 2.23 -24.82
CA GLU G 593 3.98 0.99 -24.36
C GLU G 593 2.95 0.18 -23.60
N PRO G 594 3.17 -1.12 -23.43
CA PRO G 594 2.23 -1.91 -22.62
C PRO G 594 2.59 -1.83 -21.15
N VAL G 595 1.55 -1.95 -20.30
CA VAL G 595 1.76 -2.02 -18.86
C VAL G 595 2.57 -3.27 -18.51
N ASN G 596 2.17 -4.41 -19.07
CA ASN G 596 2.91 -5.66 -18.90
C ASN G 596 3.61 -6.00 -20.20
N PRO G 597 4.95 -5.94 -20.27
CA PRO G 597 5.63 -6.25 -21.53
C PRO G 597 5.38 -7.66 -22.03
N SER G 598 4.95 -8.58 -21.17
CA SER G 598 4.66 -9.94 -21.61
C SER G 598 3.59 -9.97 -22.67
N GLU G 599 2.62 -9.03 -22.62
CA GLU G 599 1.59 -8.91 -23.64
C GLU G 599 1.92 -7.83 -24.66
N LEU G 600 3.21 -7.64 -24.95
CA LEU G 600 3.60 -6.72 -26.00
C LEU G 600 3.00 -7.08 -27.37
N PRO G 601 2.99 -8.35 -27.81
CA PRO G 601 2.47 -8.62 -29.17
C PRO G 601 1.05 -8.11 -29.40
N LYS G 602 0.17 -8.26 -28.40
CA LYS G 602 -1.21 -7.83 -28.57
C LYS G 602 -1.27 -6.36 -28.97
N MET G 603 -0.59 -5.50 -28.19
CA MET G 603 -0.54 -4.08 -28.54
C MET G 603 -0.03 -3.89 -29.96
N LEU G 604 1.02 -4.62 -30.33
CA LEU G 604 1.53 -4.53 -31.69
C LEU G 604 0.42 -4.80 -32.70
N ASP G 605 -0.30 -5.90 -32.50
CA ASP G 605 -1.45 -6.19 -33.35
C ASP G 605 -2.40 -5.00 -33.36
N GLY G 606 -2.72 -4.50 -32.17
CA GLY G 606 -3.60 -3.34 -32.09
C GLY G 606 -3.09 -2.17 -32.91
N LEU G 607 -1.77 -1.91 -32.83
CA LEU G 607 -1.20 -0.84 -33.63
C LEU G 607 -1.54 -1.04 -35.10
N ARG G 608 -1.26 -2.24 -35.63
CA ARG G 608 -1.60 -2.51 -37.01
C ARG G 608 -3.05 -2.15 -37.27
N LYS G 609 -3.95 -2.60 -36.39
CA LYS G 609 -5.37 -2.37 -36.62
C LYS G 609 -5.68 -0.88 -36.62
N VAL G 610 -5.11 -0.11 -35.69
CA VAL G 610 -5.42 1.32 -35.72
C VAL G 610 -4.81 1.94 -36.97
N ASN G 611 -3.65 1.44 -37.40
CA ASN G 611 -3.07 1.96 -38.64
C ASN G 611 -4.00 1.73 -39.81
N LYS G 612 -4.86 0.71 -39.74
CA LYS G 612 -5.83 0.48 -40.80
C LYS G 612 -7.08 1.33 -40.61
N SER G 613 -7.46 1.60 -39.36
CA SER G 613 -8.72 2.29 -39.10
C SER G 613 -8.62 3.78 -39.38
N TYR G 614 -7.46 4.39 -39.15
CA TYR G 614 -7.31 5.82 -39.29
C TYR G 614 -6.40 6.13 -40.48
N PRO G 615 -6.93 6.76 -41.53
CA PRO G 615 -6.14 6.92 -42.77
C PRO G 615 -4.86 7.72 -42.59
N SER G 616 -4.83 8.72 -41.72
CA SER G 616 -3.66 9.56 -41.57
C SER G 616 -2.77 9.14 -40.41
N LEU G 617 -3.15 8.12 -39.66
CA LEU G 617 -2.34 7.69 -38.53
C LEU G 617 -1.00 7.15 -38.99
N THR G 618 0.04 7.44 -38.23
CA THR G 618 1.39 6.97 -38.52
C THR G 618 1.94 6.33 -37.25
N THR G 619 2.13 5.02 -37.28
CA THR G 619 2.71 4.28 -36.17
C THR G 619 4.04 3.70 -36.61
N LYS G 620 5.08 3.97 -35.83
CA LYS G 620 6.42 3.46 -36.13
C LYS G 620 7.12 3.10 -34.84
N VAL G 621 8.37 2.66 -34.95
CA VAL G 621 9.23 2.40 -33.81
C VAL G 621 10.54 3.13 -34.02
N GLU G 622 10.95 3.94 -33.05
CA GLU G 622 12.16 4.72 -33.17
C GLU G 622 13.39 3.87 -32.85
N GLU G 623 14.56 4.51 -32.86
CA GLU G 623 15.80 3.79 -32.58
C GLU G 623 15.86 3.25 -31.16
N SER G 624 15.13 3.86 -30.22
CA SER G 624 15.13 3.44 -28.83
C SER G 624 14.08 2.38 -28.53
N GLY G 625 13.48 1.78 -29.56
CA GLY G 625 12.45 0.79 -29.33
C GLY G 625 11.16 1.36 -28.78
N GLU G 626 10.89 2.63 -29.04
CA GLU G 626 9.71 3.31 -28.52
C GLU G 626 8.66 3.38 -29.61
N HIS G 627 7.46 2.87 -29.33
CA HIS G 627 6.38 2.87 -30.30
C HIS G 627 5.74 4.25 -30.36
N VAL G 628 5.65 4.79 -31.56
CA VAL G 628 5.28 6.19 -31.80
C VAL G 628 4.01 6.24 -32.61
N ILE G 629 3.03 7.02 -32.15
CA ILE G 629 1.80 7.27 -32.87
C ILE G 629 1.70 8.77 -33.15
N LEU G 630 1.41 9.11 -34.40
CA LEU G 630 1.23 10.49 -34.83
C LEU G 630 -0.25 10.75 -35.09
N GLY G 631 -0.77 11.84 -34.52
CA GLY G 631 -2.14 12.22 -34.72
C GLY G 631 -2.25 13.70 -35.03
N THR G 632 -3.47 14.13 -35.32
CA THR G 632 -3.72 15.52 -35.69
C THR G 632 -4.18 16.39 -34.52
N GLY G 633 -4.43 15.80 -33.36
CA GLY G 633 -4.90 16.58 -32.23
C GLY G 633 -5.14 15.69 -31.04
N GLU G 634 -5.59 16.32 -29.95
CA GLU G 634 -5.80 15.58 -28.71
C GLU G 634 -7.07 14.74 -28.75
N LEU G 635 -8.13 15.25 -29.38
CA LEU G 635 -9.34 14.42 -29.53
C LEU G 635 -9.09 13.24 -30.46
N TYR G 636 -8.35 13.48 -31.55
CA TYR G 636 -8.03 12.42 -32.49
C TYR G 636 -7.24 11.32 -31.81
N LEU G 637 -6.22 11.69 -31.04
CA LEU G 637 -5.42 10.70 -30.34
C LEU G 637 -6.20 10.06 -29.19
N ASP G 638 -7.13 10.78 -28.58
CA ASP G 638 -7.99 10.18 -27.57
C ASP G 638 -8.84 9.07 -28.19
N CYS G 639 -9.44 9.33 -29.34
CA CYS G 639 -10.22 8.29 -30.02
C CYS G 639 -9.33 7.13 -30.46
N VAL G 640 -8.13 7.45 -30.97
CA VAL G 640 -7.21 6.40 -31.39
C VAL G 640 -6.85 5.50 -30.21
N MET G 641 -6.56 6.09 -29.05
CA MET G 641 -6.18 5.28 -27.90
C MET G 641 -7.37 4.53 -27.30
N HIS G 642 -8.57 5.09 -27.38
CA HIS G 642 -9.73 4.32 -26.95
C HIS G 642 -9.91 3.09 -27.82
N ASP G 643 -9.75 3.25 -29.13
CA ASP G 643 -9.81 2.10 -30.02
C ASP G 643 -8.70 1.11 -29.71
N LEU G 644 -7.50 1.60 -29.46
CA LEU G 644 -6.36 0.73 -29.18
C LEU G 644 -6.51 -0.01 -27.86
N ARG G 645 -7.25 0.55 -26.91
CA ARG G 645 -7.41 -0.08 -25.61
C ARG G 645 -8.62 -1.00 -25.53
N LYS G 646 -9.70 -0.69 -26.24
CA LYS G 646 -10.95 -1.44 -26.08
C LYS G 646 -11.31 -2.30 -27.28
N MET G 647 -11.11 -1.81 -28.51
CA MET G 647 -11.59 -2.55 -29.66
C MET G 647 -10.59 -3.59 -30.13
N TYR G 648 -9.31 -3.22 -30.26
CA TYR G 648 -8.33 -4.08 -30.91
C TYR G 648 -7.50 -4.88 -29.92
N SER G 649 -6.77 -4.20 -29.03
CA SER G 649 -5.99 -4.87 -28.01
C SER G 649 -6.58 -4.53 -26.64
N GLU G 650 -7.06 -5.56 -25.93
CA GLU G 650 -7.75 -5.38 -24.66
C GLU G 650 -6.79 -5.24 -23.49
N ILE G 651 -5.55 -4.87 -23.73
CA ILE G 651 -4.54 -4.82 -22.70
C ILE G 651 -4.43 -3.38 -22.17
N ASP G 652 -3.88 -3.25 -20.96
CA ASP G 652 -3.62 -1.94 -20.39
C ASP G 652 -2.37 -1.34 -21.01
N ILE G 653 -2.46 -0.08 -21.42
CA ILE G 653 -1.43 0.58 -22.19
C ILE G 653 -1.04 1.89 -21.53
N LYS G 654 0.26 2.13 -21.40
CA LYS G 654 0.73 3.37 -20.84
C LYS G 654 1.00 4.35 -21.97
N VAL G 655 0.53 5.58 -21.82
CA VAL G 655 0.74 6.59 -22.85
C VAL G 655 1.56 7.73 -22.32
N ALA G 656 2.63 8.08 -23.03
CA ALA G 656 3.46 9.19 -22.63
C ALA G 656 2.71 10.49 -22.87
N ASP G 657 3.18 11.58 -22.27
CA ASP G 657 2.55 12.87 -22.51
C ASP G 657 2.76 13.26 -23.97
N PRO G 658 1.87 14.09 -24.50
CA PRO G 658 1.97 14.40 -25.93
C PRO G 658 3.04 15.41 -26.30
N VAL G 659 3.83 15.13 -27.32
CA VAL G 659 4.83 16.08 -27.81
C VAL G 659 4.61 16.20 -29.31
N VAL G 660 5.14 17.27 -29.88
CA VAL G 660 4.98 17.53 -31.30
C VAL G 660 6.23 17.13 -32.04
N THR G 661 6.09 16.91 -33.35
CA THR G 661 7.23 16.61 -34.20
C THR G 661 7.78 17.91 -34.78
N PHE G 662 9.02 18.23 -34.43
CA PHE G 662 9.65 19.45 -34.87
C PHE G 662 10.28 19.26 -36.24
N CYS G 663 10.58 20.37 -36.90
CA CYS G 663 11.29 20.34 -38.17
C CYS G 663 12.65 21.00 -38.01
N GLU G 664 13.51 20.81 -39.00
CA GLU G 664 14.85 21.37 -38.98
C GLU G 664 15.06 22.25 -40.20
N THR G 665 15.84 23.32 -40.03
CA THR G 665 16.05 24.28 -41.10
C THR G 665 17.37 25.00 -40.88
N VAL G 666 17.72 25.86 -41.84
CA VAL G 666 18.88 26.75 -41.71
C VAL G 666 18.41 28.17 -41.99
N VAL G 667 19.15 29.13 -41.45
CA VAL G 667 18.81 30.54 -41.59
C VAL G 667 19.85 31.31 -42.40
N GLU G 668 21.03 30.75 -42.63
CA GLU G 668 22.05 31.42 -43.42
C GLU G 668 23.00 30.36 -43.95
N THR G 669 23.76 30.73 -44.99
CA THR G 669 24.51 29.76 -45.76
C THR G 669 25.59 29.09 -44.91
N SER G 670 26.11 27.99 -45.44
CA SER G 670 27.18 27.27 -44.76
C SER G 670 28.43 28.14 -44.70
N SER G 671 29.14 28.06 -43.56
CA SER G 671 30.33 28.88 -43.38
C SER G 671 31.41 28.51 -44.39
N LEU G 672 31.61 27.21 -44.59
CA LEU G 672 32.60 26.71 -45.55
C LEU G 672 31.97 25.60 -46.37
N LYS G 673 32.49 25.39 -47.57
CA LYS G 673 31.98 24.36 -48.45
C LYS G 673 32.28 22.99 -47.86
N CYS G 674 31.25 22.31 -47.38
CA CYS G 674 31.42 21.01 -46.76
C CYS G 674 31.67 19.95 -47.82
N PHE G 675 32.30 18.85 -47.43
CA PHE G 675 32.63 17.83 -48.40
C PHE G 675 32.70 16.46 -47.71
N ALA G 676 32.58 15.42 -48.52
CA ALA G 676 32.67 14.05 -48.02
C ALA G 676 33.09 13.14 -49.16
N GLU G 677 33.92 12.15 -48.83
CA GLU G 677 34.31 11.10 -49.77
C GLU G 677 33.64 9.79 -49.39
N THR G 678 33.60 8.88 -50.35
CA THR G 678 33.07 7.55 -50.11
C THR G 678 34.05 6.75 -49.25
N PRO G 679 33.58 5.68 -48.60
CA PRO G 679 34.50 4.78 -47.90
C PRO G 679 35.59 4.24 -48.80
N ASN G 680 35.40 4.25 -50.11
CA ASN G 680 36.44 3.89 -51.06
C ASN G 680 37.55 4.93 -51.13
N LYS G 681 37.40 6.07 -50.45
CA LYS G 681 38.26 7.23 -50.53
C LYS G 681 38.21 7.88 -51.90
N LYS G 682 37.20 7.58 -52.70
CA LYS G 682 36.95 8.22 -53.98
C LYS G 682 35.56 8.88 -53.95
N ASN G 683 35.19 9.47 -55.09
CA ASN G 683 33.88 10.09 -55.27
C ASN G 683 33.64 11.18 -54.22
N LYS G 684 34.46 12.22 -54.30
CA LYS G 684 34.33 13.36 -53.41
C LYS G 684 33.16 14.23 -53.84
N ILE G 685 32.29 14.58 -52.89
CA ILE G 685 31.16 15.46 -53.12
C ILE G 685 31.30 16.65 -52.19
N THR G 686 31.24 17.85 -52.77
CA THR G 686 31.36 19.10 -52.03
C THR G 686 30.08 19.90 -52.21
N MET G 687 29.41 20.20 -51.10
CA MET G 687 28.11 20.85 -51.09
C MET G 687 28.08 21.99 -50.07
N ILE G 688 27.11 22.88 -50.27
CA ILE G 688 26.76 23.93 -49.32
C ILE G 688 25.24 23.94 -49.19
N ALA G 689 24.75 24.51 -48.10
CA ALA G 689 23.32 24.60 -47.83
C ALA G 689 22.95 26.05 -47.56
N GLU G 690 21.82 26.47 -48.12
CA GLU G 690 21.30 27.82 -47.91
C GLU G 690 19.79 27.76 -47.76
N PRO G 691 19.20 28.73 -47.06
CA PRO G 691 17.75 28.76 -46.93
C PRO G 691 17.08 29.11 -48.25
N LEU G 692 15.84 28.64 -48.40
CA LEU G 692 15.05 28.97 -49.57
C LEU G 692 14.42 30.35 -49.43
N GLU G 693 13.91 30.86 -50.55
CA GLU G 693 13.21 32.13 -50.55
C GLU G 693 11.86 31.99 -49.86
N LYS G 694 11.29 33.14 -49.51
CA LYS G 694 10.00 33.16 -48.83
C LYS G 694 8.91 32.59 -49.72
N GLY G 695 8.20 31.57 -49.22
CA GLY G 695 7.09 30.98 -49.92
C GLY G 695 7.45 29.92 -50.94
N LEU G 696 8.75 29.71 -51.21
CA LEU G 696 9.14 28.68 -52.17
C LEU G 696 8.77 27.29 -51.66
N ALA G 697 9.02 27.01 -50.39
CA ALA G 697 8.63 25.72 -49.82
C ALA G 697 7.12 25.55 -49.85
N GLU G 698 6.38 26.64 -49.61
CA GLU G 698 4.93 26.58 -49.72
C GLU G 698 4.50 26.27 -51.15
N ASP G 699 5.19 26.86 -52.13
CA ASP G 699 4.90 26.55 -53.52
C ASP G 699 5.15 25.08 -53.83
N ILE G 700 6.26 24.54 -53.32
CA ILE G 700 6.56 23.13 -53.58
C ILE G 700 5.53 22.22 -52.92
N GLU G 701 5.16 22.51 -51.68
CA GLU G 701 4.20 21.66 -50.97
C GLU G 701 2.83 21.68 -51.63
N ASN G 702 2.38 22.86 -52.07
CA ASN G 702 1.04 23.02 -52.62
C ASN G 702 0.96 22.67 -54.10
N GLU G 703 1.90 21.87 -54.60
CA GLU G 703 1.93 21.37 -55.97
C GLU G 703 2.02 22.49 -57.01
N VAL G 704 2.39 23.71 -56.58
CA VAL G 704 2.56 24.80 -57.54
C VAL G 704 3.71 24.50 -58.48
N VAL G 705 4.72 23.79 -58.00
CA VAL G 705 5.81 23.30 -58.84
C VAL G 705 5.93 21.78 -58.64
N GLN G 706 6.20 21.08 -59.73
CA GLN G 706 6.37 19.64 -59.71
C GLN G 706 7.63 19.27 -60.46
N ILE G 707 8.39 18.31 -59.92
CA ILE G 707 9.56 17.83 -60.64
C ILE G 707 9.17 17.01 -61.86
N THR G 708 7.91 16.56 -61.93
CA THR G 708 7.45 15.82 -63.10
C THR G 708 7.35 16.71 -64.33
N TRP G 709 7.34 18.03 -64.16
CA TRP G 709 7.32 18.92 -65.31
C TRP G 709 8.63 18.82 -66.08
N ASN G 710 8.57 19.22 -67.35
CA ASN G 710 9.75 19.22 -68.18
C ASN G 710 10.74 20.28 -67.69
N ARG G 711 11.96 20.21 -68.22
CA ARG G 711 13.01 21.15 -67.82
C ARG G 711 12.65 22.58 -68.20
N LYS G 712 12.03 22.76 -69.37
CA LYS G 712 11.76 24.11 -69.87
C LYS G 712 10.82 24.87 -68.95
N LYS G 713 9.66 24.28 -68.63
CA LYS G 713 8.67 24.99 -67.83
C LYS G 713 9.14 25.20 -66.39
N LEU G 714 9.79 24.19 -65.82
CA LEU G 714 10.30 24.33 -64.46
C LEU G 714 11.37 25.43 -64.38
N GLY G 715 12.29 25.45 -65.34
CA GLY G 715 13.28 26.50 -65.38
C GLY G 715 12.67 27.87 -65.58
N GLU G 716 11.66 27.96 -66.46
CA GLU G 716 10.99 29.23 -66.68
C GLU G 716 10.31 29.72 -65.41
N PHE G 717 9.63 28.82 -64.70
CA PHE G 717 8.98 29.20 -63.45
C PHE G 717 10.00 29.69 -62.43
N PHE G 718 11.05 28.90 -62.21
CA PHE G 718 12.05 29.31 -61.22
C PHE G 718 12.81 30.56 -61.64
N GLN G 719 12.81 30.89 -62.93
CA GLN G 719 13.48 32.10 -63.38
C GLN G 719 12.58 33.33 -63.30
N THR G 720 11.27 33.16 -63.44
CA THR G 720 10.38 34.32 -63.43
C THR G 720 9.78 34.60 -62.05
N LYS G 721 9.35 33.57 -61.31
CA LYS G 721 8.72 33.81 -60.03
C LYS G 721 9.73 34.14 -58.94
N TYR G 722 10.90 33.50 -58.96
CA TYR G 722 11.90 33.68 -57.92
C TYR G 722 13.22 34.21 -58.46
N ASP G 723 13.27 34.59 -59.74
CA ASP G 723 14.41 35.29 -60.32
C ASP G 723 15.71 34.51 -60.17
N TRP G 724 15.64 33.20 -60.42
CA TRP G 724 16.84 32.39 -60.40
C TRP G 724 17.59 32.51 -61.74
N ASP G 725 18.89 32.23 -61.69
CA ASP G 725 19.68 32.17 -62.90
C ASP G 725 19.24 31.01 -63.77
N LEU G 726 19.44 31.15 -65.08
CA LEU G 726 19.04 30.10 -66.02
C LEU G 726 19.75 28.78 -65.70
N LEU G 727 21.05 28.85 -65.44
CA LEU G 727 21.78 27.66 -65.02
C LEU G 727 21.26 27.14 -63.69
N ALA G 728 20.96 28.03 -62.76
CA ALA G 728 20.39 27.61 -61.48
C ALA G 728 18.97 27.11 -61.62
N ALA G 729 18.21 27.65 -62.57
CA ALA G 729 16.85 27.20 -62.80
C ALA G 729 16.78 25.88 -63.57
N ARG G 730 17.86 25.50 -64.25
CA ARG G 730 17.88 24.24 -64.99
C ARG G 730 18.67 23.14 -64.30
N SER G 731 19.45 23.46 -63.28
CA SER G 731 20.27 22.46 -62.59
C SER G 731 19.55 21.81 -61.43
N ILE G 732 18.29 22.14 -61.17
CA ILE G 732 17.58 21.55 -60.05
C ILE G 732 17.38 20.06 -60.29
N TRP G 733 17.69 19.25 -59.28
CA TRP G 733 17.64 17.80 -59.39
C TRP G 733 16.37 17.20 -58.81
N ALA G 734 16.09 17.47 -57.53
CA ALA G 734 14.97 16.85 -56.84
C ALA G 734 14.38 17.83 -55.84
N PHE G 735 13.15 17.53 -55.42
CA PHE G 735 12.41 18.33 -54.46
C PHE G 735 12.31 17.57 -53.14
N GLY G 736 13.24 17.85 -52.23
CA GLY G 736 13.11 17.41 -50.86
C GLY G 736 13.12 15.90 -50.69
N PRO G 737 12.68 15.43 -49.53
CA PRO G 737 12.70 13.97 -49.28
C PRO G 737 11.73 13.19 -50.13
N ASP G 738 10.46 13.59 -50.16
CA ASP G 738 9.43 12.90 -50.93
C ASP G 738 9.17 13.67 -52.21
N ALA G 739 8.18 13.22 -52.96
CA ALA G 739 7.71 14.00 -54.11
C ALA G 739 7.17 15.33 -53.61
N THR G 740 7.58 16.41 -54.27
CA THR G 740 7.24 17.77 -53.86
C THR G 740 7.65 18.02 -52.41
N GLY G 741 8.89 17.67 -52.07
CA GLY G 741 9.42 17.90 -50.75
C GLY G 741 9.94 19.31 -50.60
N PRO G 742 9.84 19.87 -49.38
CA PRO G 742 10.16 21.29 -49.19
C PRO G 742 11.60 21.66 -49.52
N ASN G 743 12.51 20.70 -49.55
CA ASN G 743 13.91 21.00 -49.84
C ASN G 743 14.18 20.92 -51.34
N ILE G 744 15.33 21.43 -51.75
CA ILE G 744 15.73 21.47 -53.15
C ILE G 744 17.18 21.06 -53.27
N LEU G 745 17.48 20.20 -54.24
CA LEU G 745 18.83 19.78 -54.55
C LEU G 745 19.24 20.34 -55.91
N VAL G 746 20.33 21.10 -55.93
CA VAL G 746 20.87 21.68 -57.15
C VAL G 746 22.35 21.36 -57.23
N ASP G 747 22.88 21.31 -58.44
CA ASP G 747 24.32 21.14 -58.66
C ASP G 747 24.84 22.36 -59.39
N ASP G 748 25.80 23.05 -58.76
CA ASP G 748 26.45 24.20 -59.37
C ASP G 748 27.76 23.84 -60.05
N THR G 749 28.05 22.55 -60.18
CA THR G 749 29.29 22.10 -60.81
C THR G 749 29.31 22.54 -62.26
N LEU G 750 30.22 23.46 -62.59
CA LEU G 750 30.38 23.86 -63.97
C LEU G 750 30.89 22.68 -64.81
N PRO G 751 30.40 22.52 -66.03
CA PRO G 751 30.79 21.35 -66.84
C PRO G 751 32.30 21.26 -67.08
N SER G 752 33.02 22.37 -67.00
CA SER G 752 34.46 22.33 -67.23
C SER G 752 35.16 21.47 -66.18
N GLU G 753 34.75 21.58 -64.92
CA GLU G 753 35.40 20.85 -63.83
C GLU G 753 34.86 19.43 -63.66
N VAL G 754 33.56 19.24 -63.86
CA VAL G 754 32.90 17.96 -63.65
C VAL G 754 32.18 17.56 -64.93
N ASP G 755 32.36 16.32 -65.35
CA ASP G 755 31.63 15.81 -66.51
C ASP G 755 30.17 15.57 -66.14
N LYS G 756 29.27 16.20 -66.88
CA LYS G 756 27.84 16.06 -66.58
C LYS G 756 27.36 14.63 -66.83
N ALA G 757 27.89 13.98 -67.86
CA ALA G 757 27.51 12.60 -68.14
C ALA G 757 27.93 11.68 -66.99
N LEU G 758 29.15 11.86 -66.48
CA LEU G 758 29.61 11.06 -65.34
C LEU G 758 28.78 11.34 -64.10
N LEU G 759 28.45 12.61 -63.85
CA LEU G 759 27.65 12.95 -62.68
C LEU G 759 26.24 12.37 -62.79
N GLY G 760 25.69 12.30 -64.00
CA GLY G 760 24.39 11.71 -64.19
C GLY G 760 24.33 10.23 -63.86
N SER G 761 25.47 9.53 -63.96
CA SER G 761 25.52 8.14 -63.56
C SER G 761 25.26 7.98 -62.07
N VAL G 762 25.78 8.91 -61.26
CA VAL G 762 25.57 8.89 -59.82
C VAL G 762 24.44 9.82 -59.40
N LYS G 763 23.70 10.38 -60.37
CA LYS G 763 22.62 11.30 -60.03
C LYS G 763 21.54 10.60 -59.21
N ASP G 764 21.18 9.38 -59.58
CA ASP G 764 20.17 8.65 -58.81
C ASP G 764 20.63 8.40 -57.39
N SER G 765 21.89 7.97 -57.22
CA SER G 765 22.41 7.72 -55.88
C SER G 765 22.47 8.98 -55.05
N ILE G 766 22.92 10.09 -55.64
CA ILE G 766 23.01 11.35 -54.92
C ILE G 766 21.62 11.84 -54.54
N VAL G 767 20.65 11.69 -55.43
CA VAL G 767 19.28 12.10 -55.13
C VAL G 767 18.70 11.25 -54.01
N GLN G 768 18.98 9.94 -54.03
CA GLN G 768 18.52 9.08 -52.93
C GLN G 768 19.14 9.50 -51.61
N GLY G 769 20.44 9.80 -51.61
CA GLY G 769 21.07 10.26 -50.38
C GLY G 769 20.51 11.58 -49.89
N PHE G 770 20.27 12.51 -50.82
CA PHE G 770 19.64 13.78 -50.46
C PHE G 770 18.27 13.57 -49.84
N GLN G 771 17.44 12.73 -50.45
CA GLN G 771 16.10 12.50 -49.95
C GLN G 771 16.12 11.86 -48.58
N TRP G 772 17.00 10.86 -48.39
CA TRP G 772 17.11 10.21 -47.09
C TRP G 772 17.60 11.17 -46.02
N GLY G 773 18.61 11.98 -46.35
CA GLY G 773 19.11 12.94 -45.38
C GLY G 773 18.09 13.99 -45.00
N THR G 774 17.33 14.48 -45.98
CA THR G 774 16.28 15.44 -45.66
C THR G 774 15.15 14.80 -44.89
N ARG G 775 14.89 13.51 -45.11
CA ARG G 775 13.86 12.83 -44.33
C ARG G 775 14.30 12.63 -42.89
N GLU G 776 15.59 12.38 -42.67
CA GLU G 776 16.08 12.10 -41.32
C GLU G 776 16.55 13.37 -40.62
N GLY G 777 17.56 14.04 -41.15
CA GLY G 777 18.05 15.25 -40.55
C GLY G 777 18.97 14.99 -39.36
N PRO G 778 19.98 15.84 -39.18
CA PRO G 778 21.02 15.58 -38.18
C PRO G 778 20.78 16.15 -36.79
N LEU G 779 19.87 17.11 -36.62
CA LEU G 779 19.68 17.72 -35.30
C LEU G 779 19.04 16.75 -34.32
N CYS G 780 17.81 16.32 -34.62
CA CYS G 780 17.09 15.41 -33.73
C CYS G 780 16.35 14.34 -34.53
N ASP G 781 16.89 13.96 -35.69
CA ASP G 781 16.25 13.01 -36.60
C ASP G 781 14.84 13.46 -36.94
N GLU G 782 14.74 14.62 -37.57
CA GLU G 782 13.47 15.22 -37.95
C GLU G 782 13.59 15.81 -39.34
N LEU G 783 12.43 16.01 -39.98
CA LEU G 783 12.41 16.45 -41.37
C LEU G 783 13.12 17.78 -41.55
N ILE G 784 14.03 17.82 -42.52
CA ILE G 784 14.69 19.07 -42.89
C ILE G 784 13.77 19.84 -43.81
N ARG G 785 13.53 21.11 -43.48
CA ARG G 785 12.53 21.91 -44.17
C ARG G 785 13.13 23.22 -44.65
N ASN G 786 12.75 23.61 -45.87
CA ASN G 786 13.10 24.92 -46.43
C ASN G 786 14.61 25.15 -46.44
N VAL G 787 15.33 24.22 -47.07
CA VAL G 787 16.77 24.30 -47.21
C VAL G 787 17.13 24.01 -48.66
N LYS G 788 18.00 24.84 -49.23
CA LYS G 788 18.48 24.65 -50.60
C LYS G 788 19.88 24.08 -50.55
N PHE G 789 20.06 22.91 -51.18
CA PHE G 789 21.35 22.24 -51.20
C PHE G 789 21.98 22.40 -52.57
N LYS G 790 23.19 22.95 -52.60
CA LYS G 790 23.91 23.19 -53.84
C LYS G 790 25.13 22.28 -53.88
N ILE G 791 25.25 21.50 -54.95
CA ILE G 791 26.41 20.63 -55.15
C ILE G 791 27.49 21.47 -55.81
N LEU G 792 28.48 21.91 -55.03
CA LEU G 792 29.52 22.76 -55.57
C LEU G 792 30.51 21.97 -56.43
N ASP G 793 30.87 20.77 -56.00
CA ASP G 793 31.86 19.98 -56.71
C ASP G 793 31.51 18.51 -56.57
N ALA G 794 31.94 17.71 -57.56
CA ALA G 794 31.66 16.28 -57.53
C ALA G 794 32.73 15.56 -58.34
N VAL G 795 33.63 14.88 -57.64
CA VAL G 795 34.51 13.90 -58.28
C VAL G 795 33.77 12.57 -58.34
N VAL G 796 33.90 11.87 -59.47
CA VAL G 796 33.21 10.60 -59.67
C VAL G 796 34.21 9.59 -60.21
N ALA G 797 34.25 8.41 -59.59
CA ALA G 797 35.09 7.33 -60.10
C ALA G 797 34.56 6.84 -61.45
N GLN G 798 35.48 6.59 -62.38
CA GLN G 798 35.06 6.20 -63.72
C GLN G 798 34.48 4.78 -63.75
N GLU G 799 35.07 3.87 -62.99
CA GLU G 799 34.60 2.49 -63.02
C GLU G 799 33.28 2.36 -62.26
N PRO G 800 32.30 1.65 -62.84
CA PRO G 800 30.99 1.54 -62.19
C PRO G 800 31.01 0.84 -60.85
N LEU G 801 31.91 -0.13 -60.63
CA LEU G 801 31.88 -0.92 -59.41
C LEU G 801 32.38 -0.17 -58.18
N HIS G 802 33.15 0.90 -58.36
CA HIS G 802 33.63 1.70 -57.23
C HIS G 802 32.69 2.83 -56.85
N ARG G 803 31.60 3.01 -57.58
CA ARG G 803 30.58 4.00 -57.27
C ARG G 803 29.22 3.32 -57.17
N GLY G 804 28.22 4.12 -56.81
CA GLY G 804 26.85 3.64 -56.75
C GLY G 804 26.58 2.73 -55.57
N GLY G 805 25.31 2.50 -55.28
CA GLY G 805 24.96 1.58 -54.20
C GLY G 805 25.27 2.16 -52.85
N GLY G 806 25.83 1.34 -51.97
CA GLY G 806 26.11 1.71 -50.61
C GLY G 806 27.30 2.61 -50.40
N GLN G 807 27.93 3.06 -51.47
CA GLN G 807 29.08 3.96 -51.36
C GLN G 807 28.66 5.43 -51.39
N ILE G 808 27.75 5.80 -52.28
CA ILE G 808 27.46 7.21 -52.53
C ILE G 808 26.23 7.68 -51.78
N ILE G 809 25.30 6.77 -51.47
CA ILE G 809 24.13 7.16 -50.68
C ILE G 809 24.52 7.61 -49.27
N PRO G 810 25.28 6.83 -48.48
CA PRO G 810 25.70 7.34 -47.18
C PRO G 810 26.63 8.54 -47.28
N THR G 811 27.47 8.61 -48.31
CA THR G 811 28.32 9.78 -48.49
C THR G 811 27.49 11.03 -48.74
N ALA G 812 26.45 10.90 -49.56
CA ALA G 812 25.56 12.03 -49.83
C ALA G 812 24.83 12.45 -48.56
N ARG G 813 24.37 11.48 -47.77
CA ARG G 813 23.72 11.83 -46.52
C ARG G 813 24.70 12.55 -45.58
N ARG G 814 25.94 12.07 -45.52
CA ARG G 814 26.93 12.69 -44.65
C ARG G 814 27.22 14.13 -45.08
N VAL G 815 27.40 14.35 -46.38
CA VAL G 815 27.71 15.69 -46.86
C VAL G 815 26.50 16.62 -46.69
N VAL G 816 25.28 16.09 -46.86
CA VAL G 816 24.08 16.88 -46.59
C VAL G 816 24.03 17.27 -45.13
N TYR G 817 24.34 16.33 -44.23
CA TYR G 817 24.34 16.63 -42.81
C TYR G 817 25.37 17.70 -42.48
N SER G 818 26.57 17.59 -43.04
CA SER G 818 27.62 18.57 -42.76
C SER G 818 27.22 19.95 -43.29
N ALA G 819 26.66 20.02 -44.50
CA ALA G 819 26.24 21.30 -45.04
C ALA G 819 25.12 21.91 -44.20
N PHE G 820 24.20 21.08 -43.73
CA PHE G 820 23.12 21.58 -42.88
C PHE G 820 23.65 22.09 -41.55
N LEU G 821 24.62 21.38 -40.98
CA LEU G 821 25.11 21.74 -39.64
C LEU G 821 25.99 23.00 -39.68
N MET G 822 26.87 23.11 -40.68
CA MET G 822 27.72 24.29 -40.76
C MET G 822 26.90 25.55 -40.98
N ALA G 823 25.90 25.48 -41.86
CA ALA G 823 24.89 26.53 -41.90
C ALA G 823 24.15 26.58 -40.58
N THR G 824 23.82 27.79 -40.13
CA THR G 824 23.23 27.98 -38.80
C THR G 824 21.91 27.22 -38.70
N PRO G 825 21.85 26.14 -37.91
CA PRO G 825 20.62 25.35 -37.85
C PRO G 825 19.61 25.92 -36.87
N ARG G 826 18.35 25.62 -37.15
CA ARG G 826 17.24 26.08 -36.33
C ARG G 826 16.14 25.02 -36.36
N LEU G 827 15.29 25.06 -35.34
CA LEU G 827 14.14 24.18 -35.25
C LEU G 827 12.86 24.94 -35.58
N MET G 828 11.93 24.24 -36.22
CA MET G 828 10.60 24.76 -36.48
C MET G 828 9.59 24.03 -35.60
N GLU G 829 8.93 24.80 -34.73
CA GLU G 829 7.71 24.35 -34.10
C GLU G 829 6.59 24.32 -35.12
N PRO G 830 5.62 23.42 -34.94
CA PRO G 830 4.37 23.52 -35.72
C PRO G 830 3.41 24.47 -35.04
N TYR G 831 2.91 25.45 -35.79
CA TYR G 831 1.94 26.40 -35.29
C TYR G 831 0.56 26.05 -35.85
N TYR G 832 -0.39 25.83 -34.94
CA TYR G 832 -1.77 25.57 -35.26
C TYR G 832 -2.54 26.87 -35.42
N PHE G 833 -3.54 26.83 -36.29
CA PHE G 833 -4.52 27.91 -36.42
C PHE G 833 -5.75 27.54 -35.62
N VAL G 834 -6.21 28.47 -34.79
CA VAL G 834 -7.32 28.23 -33.87
C VAL G 834 -8.43 29.21 -34.18
N GLU G 835 -9.66 28.69 -34.31
CA GLU G 835 -10.84 29.52 -34.45
C GLU G 835 -11.73 29.31 -33.24
N VAL G 836 -12.05 30.39 -32.53
CA VAL G 836 -12.85 30.33 -31.32
C VAL G 836 -14.18 31.01 -31.60
N GLN G 837 -15.27 30.29 -31.40
CA GLN G 837 -16.62 30.83 -31.53
C GLN G 837 -17.07 31.20 -30.13
N ALA G 838 -16.93 32.47 -29.76
CA ALA G 838 -17.17 32.86 -28.38
C ALA G 838 -18.15 34.01 -28.32
N PRO G 839 -18.89 34.14 -27.21
CA PRO G 839 -19.77 35.30 -27.05
C PRO G 839 -18.97 36.59 -27.04
N ALA G 840 -19.69 37.70 -27.18
CA ALA G 840 -19.03 39.01 -27.29
C ALA G 840 -18.23 39.33 -26.04
N ASP G 841 -18.79 39.05 -24.86
CA ASP G 841 -18.10 39.34 -23.61
C ASP G 841 -16.85 38.50 -23.46
N CYS G 842 -16.91 37.21 -23.81
CA CYS G 842 -15.82 36.28 -23.56
C CYS G 842 -14.59 36.55 -24.42
N VAL G 843 -14.71 37.39 -25.45
CA VAL G 843 -13.60 37.59 -26.39
C VAL G 843 -12.35 38.01 -25.63
N SER G 844 -12.49 39.01 -24.75
CA SER G 844 -11.36 39.47 -23.95
C SER G 844 -10.74 38.30 -23.18
N ALA G 845 -11.58 37.51 -22.52
CA ALA G 845 -11.08 36.38 -21.75
C ALA G 845 -10.27 35.43 -22.64
N VAL G 846 -10.70 35.27 -23.89
CA VAL G 846 -9.98 34.40 -24.81
C VAL G 846 -8.53 34.84 -24.93
N TYR G 847 -8.31 36.15 -25.09
CA TYR G 847 -6.95 36.67 -25.17
C TYR G 847 -6.13 36.20 -23.98
N THR G 848 -6.72 36.28 -22.78
CA THR G 848 -6.02 35.87 -21.57
C THR G 848 -5.47 34.46 -21.71
N VAL G 849 -6.31 33.54 -22.19
CA VAL G 849 -5.85 32.16 -22.36
C VAL G 849 -4.68 32.12 -23.33
N LEU G 850 -4.84 32.77 -24.48
CA LEU G 850 -3.76 32.78 -25.46
C LEU G 850 -2.56 33.58 -24.97
N ALA G 851 -2.72 34.35 -23.90
CA ALA G 851 -1.56 35.01 -23.31
C ALA G 851 -0.64 33.99 -22.64
N ARG G 852 -1.21 32.93 -22.09
CA ARG G 852 -0.41 31.99 -21.30
C ARG G 852 0.21 30.89 -22.14
N ARG G 853 -0.12 30.80 -23.44
CA ARG G 853 0.33 29.71 -24.29
C ARG G 853 1.00 30.23 -25.55
N ARG G 854 1.62 31.40 -25.48
CA ARG G 854 2.33 31.99 -26.62
C ARG G 854 1.41 32.18 -27.82
N GLY G 855 0.14 32.47 -27.56
CA GLY G 855 -0.86 32.60 -28.60
C GLY G 855 -0.95 34.02 -29.10
N HIS G 856 -0.95 34.16 -30.42
CA HIS G 856 -1.08 35.46 -31.09
C HIS G 856 -2.44 35.53 -31.77
N VAL G 857 -3.25 36.50 -31.35
CA VAL G 857 -4.59 36.67 -31.92
C VAL G 857 -4.46 37.51 -33.19
N THR G 858 -4.93 36.96 -34.30
CA THR G 858 -4.83 37.65 -35.58
C THR G 858 -6.05 38.53 -35.85
N GLN G 859 -7.24 38.06 -35.48
CA GLN G 859 -8.46 38.79 -35.78
C GLN G 859 -9.53 38.38 -34.76
N ASP G 860 -10.48 39.29 -34.52
CA ASP G 860 -11.57 39.03 -33.60
C ASP G 860 -12.88 39.55 -34.17
N ALA G 861 -13.12 39.30 -35.45
CA ALA G 861 -14.30 39.82 -36.12
C ALA G 861 -15.56 39.13 -35.60
N PRO G 862 -16.69 39.84 -35.55
CA PRO G 862 -17.95 39.22 -35.17
C PRO G 862 -18.52 38.39 -36.31
N ILE G 863 -19.52 37.58 -35.97
CA ILE G 863 -20.25 36.78 -36.94
C ILE G 863 -21.45 37.60 -37.40
N PRO G 864 -21.52 38.01 -38.66
CA PRO G 864 -22.67 38.79 -39.13
C PRO G 864 -23.97 38.02 -38.94
N GLY G 865 -24.96 38.69 -38.38
CA GLY G 865 -26.24 38.07 -38.13
C GLY G 865 -26.27 37.16 -36.92
N SER G 866 -25.19 37.07 -36.15
CA SER G 866 -25.11 36.23 -34.97
C SER G 866 -24.48 36.99 -33.82
N PRO G 867 -24.89 36.72 -32.60
CA PRO G 867 -24.35 37.45 -31.44
C PRO G 867 -22.98 36.99 -30.98
N LEU G 868 -22.25 36.21 -31.78
CA LEU G 868 -20.96 35.68 -31.37
C LEU G 868 -19.84 36.29 -32.22
N TYR G 869 -18.61 35.98 -31.82
CA TYR G 869 -17.40 36.46 -32.47
C TYR G 869 -16.51 35.26 -32.79
N THR G 870 -15.73 35.39 -33.85
CA THR G 870 -14.77 34.36 -34.25
C THR G 870 -13.37 34.92 -34.01
N ILE G 871 -12.77 34.52 -32.90
CA ILE G 871 -11.40 34.92 -32.57
C ILE G 871 -10.45 33.93 -33.23
N LYS G 872 -9.64 34.42 -34.16
CA LYS G 872 -8.65 33.59 -34.82
C LYS G 872 -7.28 33.83 -34.19
N ALA G 873 -6.51 32.75 -34.06
CA ALA G 873 -5.24 32.82 -33.35
C ALA G 873 -4.27 31.82 -33.94
N PHE G 874 -2.99 32.02 -33.63
CA PHE G 874 -1.91 31.15 -34.10
C PHE G 874 -1.15 30.66 -32.87
N ILE G 875 -1.48 29.46 -32.40
CA ILE G 875 -0.90 28.97 -31.15
C ILE G 875 0.11 27.88 -31.47
N PRO G 876 1.25 27.83 -30.76
CA PRO G 876 2.17 26.71 -30.97
C PRO G 876 1.50 25.39 -30.63
N ALA G 877 1.76 24.37 -31.44
CA ALA G 877 1.16 23.06 -31.21
C ALA G 877 1.66 22.46 -29.90
N ILE G 878 2.95 22.63 -29.59
CA ILE G 878 3.51 22.10 -28.36
C ILE G 878 2.85 22.74 -27.14
N ASP G 879 2.35 23.97 -27.28
CA ASP G 879 1.66 24.65 -26.20
C ASP G 879 0.14 24.50 -26.28
N SER G 880 -0.37 23.78 -27.28
CA SER G 880 -1.80 23.68 -27.50
C SER G 880 -2.46 22.59 -26.67
N PHE G 881 -1.69 21.78 -25.94
CA PHE G 881 -2.26 20.68 -25.18
C PHE G 881 -3.05 21.22 -23.99
N GLY G 882 -4.34 20.94 -23.96
CA GLY G 882 -5.21 21.46 -22.93
C GLY G 882 -5.70 22.87 -23.17
N PHE G 883 -5.28 23.51 -24.26
CA PHE G 883 -5.75 24.87 -24.54
C PHE G 883 -7.25 24.89 -24.77
N GLU G 884 -7.78 23.90 -25.48
CA GLU G 884 -9.22 23.80 -25.67
C GLU G 884 -9.94 23.64 -24.33
N THR G 885 -9.42 22.77 -23.46
CA THR G 885 -9.99 22.59 -22.14
C THR G 885 -9.85 23.85 -21.28
N ASP G 886 -8.67 24.49 -21.33
CA ASP G 886 -8.48 25.71 -20.57
C ASP G 886 -9.47 26.79 -21.00
N LEU G 887 -9.63 26.97 -22.30
CA LEU G 887 -10.53 28.00 -22.80
C LEU G 887 -11.97 27.71 -22.43
N ARG G 888 -12.40 26.44 -22.55
CA ARG G 888 -13.79 26.14 -22.23
C ARG G 888 -14.05 26.22 -20.74
N THR G 889 -13.08 25.86 -19.90
CA THR G 889 -13.29 25.91 -18.46
C THR G 889 -13.26 27.34 -17.95
N HIS G 890 -12.34 28.16 -18.47
CA HIS G 890 -12.22 29.54 -18.02
C HIS G 890 -13.45 30.35 -18.38
N THR G 891 -14.07 30.08 -19.51
CA THR G 891 -15.23 30.84 -19.98
C THR G 891 -16.54 30.14 -19.66
N GLN G 892 -16.54 29.22 -18.70
CA GLN G 892 -17.74 28.49 -18.29
C GLN G 892 -18.36 27.71 -19.44
N GLY G 893 -17.55 27.28 -20.40
CA GLY G 893 -18.02 26.50 -21.52
C GLY G 893 -18.62 27.30 -22.65
N GLN G 894 -18.70 28.63 -22.53
CA GLN G 894 -19.32 29.43 -23.57
C GLN G 894 -18.44 29.63 -24.80
N ALA G 895 -17.13 29.43 -24.66
CA ALA G 895 -16.20 29.59 -25.77
C ALA G 895 -15.70 28.22 -26.21
N PHE G 896 -15.75 27.95 -27.52
CA PHE G 896 -15.29 26.70 -28.09
C PHE G 896 -14.27 26.99 -29.17
N SER G 897 -13.23 26.16 -29.24
CA SER G 897 -12.12 26.37 -30.16
C SER G 897 -11.81 25.09 -30.92
N LEU G 898 -11.39 25.26 -32.17
CA LEU G 898 -10.91 24.16 -33.00
C LEU G 898 -9.54 24.53 -33.54
N SER G 899 -8.55 23.68 -33.31
CA SER G 899 -7.18 23.91 -33.73
C SER G 899 -6.80 22.96 -34.85
N VAL G 900 -6.18 23.50 -35.88
CA VAL G 900 -5.71 22.71 -37.02
C VAL G 900 -4.32 23.20 -37.40
N PHE G 901 -3.50 22.29 -37.90
CA PHE G 901 -2.14 22.65 -38.27
C PHE G 901 -2.14 23.74 -39.33
N HIS G 902 -1.31 24.76 -39.11
CA HIS G 902 -1.21 25.85 -40.08
C HIS G 902 0.15 25.94 -40.73
N HIS G 903 1.24 26.05 -39.97
CA HIS G 903 2.54 26.23 -40.61
C HIS G 903 3.65 25.80 -39.67
N TRP G 904 4.88 26.04 -40.11
CA TRP G 904 6.08 25.78 -39.32
C TRP G 904 6.77 27.12 -39.05
N GLN G 905 7.05 27.41 -37.78
CA GLN G 905 7.69 28.66 -37.41
C GLN G 905 8.92 28.36 -36.56
N ILE G 906 10.01 29.10 -36.82
CA ILE G 906 11.27 28.81 -36.18
C ILE G 906 11.16 29.02 -34.67
N VAL G 907 11.65 28.04 -33.91
CA VAL G 907 11.68 28.15 -32.44
C VAL G 907 12.65 29.27 -32.06
N PRO G 908 12.31 30.10 -31.07
CA PRO G 908 13.16 31.26 -30.76
C PRO G 908 14.61 30.93 -30.43
N GLY G 909 14.85 29.81 -29.73
CA GLY G 909 16.19 29.51 -29.27
C GLY G 909 17.11 29.02 -30.37
N ASP G 910 18.35 28.76 -29.99
CA ASP G 910 19.36 28.21 -30.89
C ASP G 910 19.67 26.77 -30.47
N PRO G 911 19.36 25.78 -31.30
CA PRO G 911 19.56 24.38 -30.87
C PRO G 911 21.00 24.02 -30.54
N LEU G 912 21.97 24.59 -31.27
CA LEU G 912 23.37 24.24 -31.05
C LEU G 912 24.02 25.27 -30.11
N ASP G 913 23.57 25.23 -28.86
CA ASP G 913 24.06 26.12 -27.80
C ASP G 913 24.34 25.27 -26.57
N LYS G 914 25.58 24.79 -26.46
CA LYS G 914 25.95 23.96 -25.32
C LYS G 914 26.04 24.73 -24.01
N SER G 915 26.01 26.07 -24.07
CA SER G 915 26.12 26.86 -22.84
C SER G 915 24.84 26.84 -22.03
N ILE G 916 23.71 26.50 -22.66
CA ILE G 916 22.42 26.53 -21.97
C ILE G 916 22.34 25.37 -20.99
N VAL G 917 21.97 25.67 -19.74
CA VAL G 917 21.71 24.66 -18.72
C VAL G 917 20.21 24.45 -18.63
N ILE G 918 19.80 23.19 -18.64
CA ILE G 918 18.39 22.83 -18.65
C ILE G 918 18.13 21.87 -17.50
N ARG G 919 17.32 22.31 -16.54
CA ARG G 919 16.92 21.43 -15.45
C ARG G 919 16.00 20.34 -15.98
N PRO G 920 16.06 19.14 -15.39
CA PRO G 920 15.31 18.01 -15.97
C PRO G 920 13.81 18.23 -16.09
N LEU G 921 13.19 18.87 -15.10
CA LEU G 921 11.74 19.06 -15.08
C LEU G 921 11.43 20.52 -14.75
N GLU G 922 11.47 21.38 -15.78
CA GLU G 922 11.18 22.80 -15.63
C GLU G 922 10.75 23.36 -16.97
N PRO G 923 9.69 24.16 -17.03
CA PRO G 923 9.35 24.84 -18.29
C PRO G 923 10.38 25.89 -18.64
N GLN G 924 11.19 25.62 -19.66
CA GLN G 924 12.29 26.51 -19.99
C GLN G 924 11.78 27.84 -20.54
N PRO G 925 12.51 28.92 -20.31
CA PRO G 925 12.15 30.20 -20.92
C PRO G 925 12.36 30.18 -22.43
N ALA G 926 11.70 31.13 -23.09
CA ALA G 926 11.74 31.19 -24.56
C ALA G 926 13.15 31.27 -25.14
N PRO G 927 14.07 32.12 -24.65
CA PRO G 927 15.33 32.34 -25.38
C PRO G 927 16.15 31.08 -25.63
N HIS G 928 15.83 29.95 -24.99
CA HIS G 928 16.55 28.72 -25.31
C HIS G 928 15.60 27.53 -25.44
N LEU G 929 14.34 27.76 -25.79
CA LEU G 929 13.39 26.67 -25.96
C LEU G 929 13.88 25.65 -26.96
N ALA G 930 14.47 26.12 -28.07
CA ALA G 930 15.00 25.20 -29.07
C ALA G 930 16.05 24.29 -28.46
N ARG G 931 16.92 24.84 -27.61
CA ARG G 931 17.92 24.00 -26.95
C ARG G 931 17.25 22.91 -26.12
N GLU G 932 16.11 23.21 -25.51
CA GLU G 932 15.37 22.18 -24.80
C GLU G 932 14.73 21.20 -25.78
N PHE G 933 14.25 21.71 -26.91
CA PHE G 933 13.52 20.88 -27.85
C PHE G 933 14.43 19.96 -28.65
N MET G 934 15.72 20.27 -28.74
CA MET G 934 16.63 19.45 -29.53
C MET G 934 17.19 18.29 -28.72
N ILE G 935 17.70 18.54 -27.52
CA ILE G 935 18.33 17.48 -26.75
C ILE G 935 17.28 16.48 -26.26
N LYS G 936 16.16 16.97 -25.73
CA LYS G 936 15.15 16.06 -25.19
C LYS G 936 14.59 15.15 -26.27
N THR G 937 14.27 15.71 -27.44
CA THR G 937 13.90 14.88 -28.57
C THR G 937 15.02 13.91 -28.93
N ARG G 938 16.27 14.39 -28.89
CA ARG G 938 17.40 13.51 -29.13
C ARG G 938 17.43 12.36 -28.14
N ARG G 939 16.98 12.60 -26.91
CA ARG G 939 16.88 11.51 -25.95
C ARG G 939 15.69 10.61 -26.23
N ARG G 940 14.59 11.18 -26.74
CA ARG G 940 13.43 10.36 -27.07
C ARG G 940 13.71 9.46 -28.26
N LYS G 941 14.43 9.97 -29.27
CA LYS G 941 14.76 9.16 -30.43
C LYS G 941 15.75 8.06 -30.08
N GLY G 942 16.60 8.28 -29.08
CA GLY G 942 17.63 7.32 -28.72
C GLY G 942 19.01 7.64 -29.26
N LEU G 943 19.21 8.83 -29.82
CA LEU G 943 20.52 9.21 -30.36
C LEU G 943 21.42 9.65 -29.22
N SER G 944 22.58 10.22 -29.56
CA SER G 944 23.54 10.63 -28.55
C SER G 944 23.01 11.83 -27.76
N GLU G 945 23.77 12.20 -26.73
CA GLU G 945 23.36 13.32 -25.87
C GLU G 945 23.31 14.63 -26.65
N ASP G 946 24.32 14.88 -27.49
CA ASP G 946 24.39 16.09 -28.28
C ASP G 946 25.13 15.81 -29.57
N VAL G 947 24.90 16.67 -30.56
CA VAL G 947 25.49 16.54 -31.89
C VAL G 947 26.54 17.64 -32.07
N SER G 948 27.67 17.26 -32.63
CA SER G 948 28.75 18.20 -32.93
C SER G 948 28.74 18.59 -34.40
N ILE G 949 29.16 19.82 -34.68
CA ILE G 949 29.14 20.34 -36.04
C ILE G 949 30.08 19.57 -36.96
N SER G 950 31.15 19.00 -36.43
CA SER G 950 32.11 18.24 -37.22
C SER G 950 31.96 16.74 -37.05
N LYS G 951 30.79 16.28 -36.58
CA LYS G 951 30.59 14.85 -36.36
C LYS G 951 30.64 14.07 -37.67
N PHE G 952 30.04 14.60 -38.73
CA PHE G 952 29.96 13.90 -40.01
C PHE G 952 31.06 14.33 -40.98
N PHE G 953 32.00 15.15 -40.53
CA PHE G 953 33.09 15.59 -41.38
C PHE G 953 34.14 14.49 -41.53
N ASP G 954 35.18 14.78 -42.31
CA ASP G 954 36.25 13.84 -42.57
C ASP G 954 37.55 14.18 -41.87
N ASP G 955 37.81 15.47 -41.60
CA ASP G 955 39.01 15.84 -40.86
C ASP G 955 39.04 15.22 -39.46
N PRO G 956 37.98 15.27 -38.65
CA PRO G 956 38.08 14.58 -37.36
C PRO G 956 37.62 13.14 -37.43
N ARG H 100 24.00 -11.15 -63.50
CA ARG H 100 25.41 -11.51 -63.42
C ARG H 100 25.96 -11.32 -62.01
N ARG H 101 25.38 -10.36 -61.28
CA ARG H 101 25.83 -10.09 -59.92
C ARG H 101 25.56 -11.27 -58.98
N SER H 102 24.57 -12.10 -59.31
CA SER H 102 24.30 -13.27 -58.51
C SER H 102 25.48 -14.25 -58.58
N ARG H 103 25.53 -15.15 -57.60
CA ARG H 103 26.57 -16.17 -57.45
C ARG H 103 27.95 -15.57 -57.16
N HIS H 104 28.05 -14.25 -57.01
CA HIS H 104 29.33 -13.62 -56.74
C HIS H 104 29.22 -12.46 -55.77
N CYS H 105 28.19 -12.42 -54.94
CA CYS H 105 28.00 -11.30 -54.02
C CYS H 105 29.08 -11.33 -52.94
N PRO H 106 29.90 -10.30 -52.80
CA PRO H 106 30.97 -10.32 -51.79
C PRO H 106 30.46 -10.27 -50.36
N TYR H 107 29.24 -9.83 -50.12
CA TYR H 107 28.74 -9.60 -48.78
C TYR H 107 28.18 -10.86 -48.11
N LEU H 108 28.53 -12.04 -48.62
CA LEU H 108 28.05 -13.28 -47.99
C LEU H 108 28.81 -13.60 -46.72
N ASP H 109 30.11 -13.29 -46.66
CA ASP H 109 30.87 -13.53 -45.45
C ASP H 109 30.41 -12.64 -44.30
N THR H 110 29.73 -11.53 -44.62
CA THR H 110 29.18 -10.66 -43.59
C THR H 110 28.08 -11.36 -42.78
N ILE H 111 27.44 -12.37 -43.36
CA ILE H 111 26.38 -13.09 -42.66
C ILE H 111 26.95 -13.81 -41.45
N ASN H 112 26.31 -13.64 -40.31
CA ASN H 112 26.63 -14.39 -39.11
C ASN H 112 25.37 -15.08 -38.61
N ARG H 113 25.44 -16.40 -38.46
CA ARG H 113 24.29 -17.19 -38.04
C ARG H 113 24.07 -17.13 -36.54
N SER H 114 24.98 -16.51 -35.79
CA SER H 114 24.85 -16.44 -34.34
C SER H 114 23.68 -15.57 -33.90
N VAL H 115 23.28 -14.61 -34.73
CA VAL H 115 22.22 -13.67 -34.38
C VAL H 115 20.92 -13.95 -35.10
N LEU H 116 20.88 -14.97 -35.97
CA LEU H 116 19.69 -15.27 -36.76
C LEU H 116 18.73 -16.08 -35.91
N ASP H 117 17.82 -15.39 -35.23
CA ASP H 117 16.77 -16.03 -34.45
C ASP H 117 15.46 -15.90 -35.21
N PHE H 118 14.95 -17.03 -35.70
CA PHE H 118 13.72 -17.06 -36.50
C PHE H 118 12.55 -17.63 -35.74
N ASP H 119 12.58 -17.60 -34.42
CA ASP H 119 11.56 -18.22 -33.59
C ASP H 119 10.43 -17.29 -33.20
N PHE H 120 10.42 -16.06 -33.73
CA PHE H 120 9.48 -15.05 -33.27
C PHE H 120 8.64 -14.53 -34.44
N GLU H 121 7.81 -13.53 -34.14
CA GLU H 121 6.90 -12.97 -35.13
C GLU H 121 7.67 -12.34 -36.29
N LYS H 122 7.15 -12.51 -37.49
CA LYS H 122 7.79 -11.98 -38.70
C LYS H 122 7.13 -10.67 -39.11
N LEU H 123 7.52 -9.62 -38.42
CA LEU H 123 7.05 -8.27 -38.69
C LEU H 123 8.22 -7.31 -38.74
N CYS H 124 8.09 -6.26 -39.54
CA CYS H 124 9.13 -5.25 -39.62
C CYS H 124 9.34 -4.58 -38.28
N SER H 125 10.61 -4.44 -37.89
CA SER H 125 10.93 -3.84 -36.59
C SER H 125 10.60 -2.35 -36.53
N ILE H 126 10.41 -1.70 -37.67
CA ILE H 126 10.16 -0.27 -37.72
C ILE H 126 8.70 0.05 -37.99
N SER H 127 8.07 -0.67 -38.92
CA SER H 127 6.73 -0.32 -39.38
C SER H 127 5.65 -1.29 -38.89
N LEU H 128 6.02 -2.33 -38.16
CA LEU H 128 5.08 -3.34 -37.65
C LEU H 128 4.32 -4.06 -38.75
N SER H 129 4.86 -4.10 -39.97
CA SER H 129 4.12 -4.62 -41.12
C SER H 129 4.58 -6.03 -41.45
N HIS H 130 3.61 -6.95 -41.52
CA HIS H 130 3.91 -8.32 -41.93
C HIS H 130 4.23 -8.42 -43.41
N ILE H 131 3.85 -7.44 -44.20
CA ILE H 131 3.97 -7.51 -45.65
C ILE H 131 5.43 -7.31 -46.04
N ASN H 132 5.96 -8.21 -46.87
CA ASN H 132 7.32 -8.12 -47.39
C ASN H 132 8.34 -7.99 -46.27
N ALA H 133 8.23 -8.88 -45.29
CA ALA H 133 9.17 -8.90 -44.18
C ALA H 133 10.49 -9.50 -44.64
N TYR H 134 11.57 -8.73 -44.53
CA TYR H 134 12.91 -9.15 -44.92
C TYR H 134 13.78 -9.22 -43.68
N ALA H 135 14.42 -10.36 -43.47
CA ALA H 135 15.36 -10.51 -42.36
C ALA H 135 16.75 -10.10 -42.83
N CYS H 136 17.38 -9.21 -42.07
CA CYS H 136 18.76 -8.82 -42.36
C CYS H 136 19.69 -9.87 -41.79
N LEU H 137 20.54 -10.44 -42.64
CA LEU H 137 21.39 -11.54 -42.22
C LEU H 137 22.65 -11.10 -41.49
N VAL H 138 22.85 -9.80 -41.34
CA VAL H 138 24.00 -9.32 -40.58
C VAL H 138 23.65 -9.06 -39.11
N CYS H 139 22.44 -8.58 -38.83
CA CYS H 139 22.02 -8.29 -37.47
C CYS H 139 20.77 -9.05 -37.03
N GLY H 140 20.09 -9.74 -37.94
CA GLY H 140 18.95 -10.54 -37.57
C GLY H 140 17.66 -9.78 -37.35
N LYS H 141 17.61 -8.50 -37.67
CA LYS H 141 16.40 -7.72 -37.46
C LYS H 141 15.52 -7.74 -38.71
N TYR H 142 14.21 -7.82 -38.48
CA TYR H 142 13.25 -7.87 -39.57
C TYR H 142 12.81 -6.47 -39.93
N PHE H 143 12.88 -6.15 -41.23
CA PHE H 143 12.44 -4.88 -41.77
C PHE H 143 11.40 -5.15 -42.85
N GLN H 144 10.91 -4.08 -43.48
CA GLN H 144 9.86 -4.20 -44.48
C GLN H 144 10.40 -3.84 -45.85
N GLY H 145 9.89 -4.52 -46.87
CA GLY H 145 10.04 -4.07 -48.23
C GLY H 145 11.42 -4.34 -48.80
N ARG H 146 11.52 -4.09 -50.11
CA ARG H 146 12.74 -4.31 -50.87
C ARG H 146 13.06 -3.18 -51.82
N GLY H 147 12.11 -2.29 -52.09
CA GLY H 147 12.28 -1.24 -53.08
C GLY H 147 13.24 -0.15 -52.62
N LEU H 148 13.13 1.00 -53.29
CA LEU H 148 14.07 2.09 -53.10
C LEU H 148 13.82 2.86 -51.80
N LYS H 149 12.58 2.94 -51.35
CA LYS H 149 12.23 3.78 -50.21
C LYS H 149 11.65 2.94 -49.06
N SER H 150 12.00 1.67 -48.99
CA SER H 150 11.54 0.78 -47.94
C SER H 150 12.50 0.85 -46.75
N HIS H 151 11.99 0.40 -45.60
CA HIS H 151 12.79 0.42 -44.38
C HIS H 151 14.03 -0.46 -44.52
N ALA H 152 13.90 -1.60 -45.21
CA ALA H 152 15.03 -2.49 -45.39
C ALA H 152 16.13 -1.83 -46.22
N TYR H 153 15.76 -1.11 -47.27
CA TYR H 153 16.75 -0.41 -48.10
C TYR H 153 17.46 0.67 -47.29
N ILE H 154 16.71 1.44 -46.50
CA ILE H 154 17.32 2.47 -45.66
C ILE H 154 18.26 1.85 -44.65
N HIS H 155 17.84 0.74 -44.04
CA HIS H 155 18.71 0.06 -43.07
C HIS H 155 19.97 -0.45 -43.75
N SER H 156 19.84 -0.97 -44.98
CA SER H 156 21.00 -1.47 -45.71
C SER H 156 22.00 -0.34 -45.98
N VAL H 157 21.50 0.81 -46.44
CA VAL H 157 22.41 1.92 -46.73
C VAL H 157 22.87 2.66 -45.48
N GLN H 158 22.23 2.40 -44.35
CA GLN H 158 22.59 3.07 -43.11
C GLN H 158 23.56 2.25 -42.28
N PHE H 159 23.21 1.01 -41.99
CA PHE H 159 24.06 0.17 -41.15
C PHE H 159 25.03 -0.65 -41.97
N SER H 160 25.04 -0.48 -43.29
CA SER H 160 25.97 -1.20 -44.16
C SER H 160 25.73 -2.70 -44.21
N HIS H 161 24.55 -3.15 -43.81
CA HIS H 161 24.23 -4.56 -43.91
C HIS H 161 23.72 -4.80 -45.31
N HIS H 162 24.46 -5.54 -46.12
CA HIS H 162 24.08 -5.71 -47.52
C HIS H 162 23.60 -7.10 -47.90
N VAL H 163 22.97 -7.81 -46.98
CA VAL H 163 22.42 -9.11 -47.32
C VAL H 163 21.07 -9.28 -46.66
N PHE H 164 20.06 -9.68 -47.43
CA PHE H 164 18.71 -9.78 -46.88
C PHE H 164 18.00 -11.03 -47.39
N LEU H 165 17.11 -11.57 -46.58
CA LEU H 165 16.38 -12.78 -46.97
C LEU H 165 14.89 -12.53 -46.82
N ASN H 166 14.13 -12.83 -47.87
CA ASN H 166 12.68 -12.66 -47.82
C ASN H 166 12.07 -13.73 -46.91
N LEU H 167 11.39 -13.30 -45.85
CA LEU H 167 10.84 -14.24 -44.89
C LEU H 167 9.69 -15.06 -45.45
N HIS H 168 9.11 -14.64 -46.57
CA HIS H 168 8.00 -15.36 -47.18
C HIS H 168 8.37 -16.02 -48.49
N THR H 169 9.32 -15.45 -49.23
CA THR H 169 9.74 -16.02 -50.51
C THR H 169 10.97 -16.91 -50.37
N LEU H 170 11.68 -16.82 -49.26
CA LEU H 170 12.89 -17.62 -49.02
C LEU H 170 13.95 -17.36 -50.09
N LYS H 171 14.07 -16.11 -50.52
CA LYS H 171 15.06 -15.69 -51.49
C LYS H 171 15.95 -14.63 -50.88
N PHE H 172 17.25 -14.73 -51.11
CA PHE H 172 18.20 -13.76 -50.59
C PHE H 172 18.43 -12.65 -51.60
N TYR H 173 18.65 -11.44 -51.08
CA TYR H 173 18.88 -10.28 -51.93
C TYR H 173 19.98 -9.41 -51.36
N CYS H 174 20.64 -8.67 -52.24
CA CYS H 174 21.53 -7.57 -51.84
C CYS H 174 20.80 -6.29 -52.23
N LEU H 175 20.45 -5.48 -51.22
CA LEU H 175 19.52 -4.38 -51.44
C LEU H 175 20.15 -3.13 -52.07
N PRO H 176 21.31 -2.65 -51.63
CA PRO H 176 21.84 -1.40 -52.23
C PRO H 176 21.96 -1.47 -53.74
N ASP H 177 22.33 -2.63 -54.28
CA ASP H 177 22.22 -2.88 -55.71
C ASP H 177 20.99 -3.67 -56.07
N ASN H 178 20.33 -4.30 -55.09
CA ASN H 178 19.05 -4.96 -55.26
C ASN H 178 19.11 -6.04 -56.34
N TYR H 179 19.91 -7.07 -56.09
CA TYR H 179 19.96 -8.24 -56.96
C TYR H 179 19.90 -9.51 -56.12
N GLU H 180 19.34 -10.56 -56.71
CA GLU H 180 19.16 -11.81 -55.99
C GLU H 180 20.50 -12.49 -55.73
N ILE H 181 20.54 -13.28 -54.66
CA ILE H 181 21.71 -14.03 -54.23
C ILE H 181 21.39 -15.50 -54.41
N ILE H 182 22.22 -16.19 -55.18
CA ILE H 182 22.02 -17.61 -55.46
C ILE H 182 23.30 -18.34 -55.03
N ASP H 183 23.26 -18.94 -53.84
CA ASP H 183 24.36 -19.75 -53.35
C ASP H 183 23.79 -20.85 -52.46
N SER H 184 24.19 -22.08 -52.73
CA SER H 184 23.68 -23.21 -51.95
C SER H 184 24.19 -23.21 -50.52
N SER H 185 25.33 -22.56 -50.26
CA SER H 185 25.86 -22.52 -48.91
C SER H 185 24.93 -21.78 -47.94
N LEU H 186 24.08 -20.91 -48.45
CA LEU H 186 23.08 -20.23 -47.63
C LEU H 186 21.84 -21.06 -47.39
N GLU H 187 21.71 -22.20 -48.07
CA GLU H 187 20.49 -23.01 -48.00
C GLU H 187 20.13 -23.36 -46.56
N ASP H 188 21.12 -23.69 -45.75
CA ASP H 188 20.86 -24.05 -44.36
C ASP H 188 20.06 -22.98 -43.65
N ILE H 189 20.38 -21.71 -43.90
CA ILE H 189 19.64 -20.61 -43.28
C ILE H 189 18.16 -20.74 -43.58
N THR H 190 17.82 -20.95 -44.85
CA THR H 190 16.42 -21.14 -45.22
C THR H 190 15.83 -22.33 -44.48
N TYR H 191 16.58 -23.43 -44.38
CA TYR H 191 16.09 -24.60 -43.67
C TYR H 191 15.82 -24.28 -42.21
N VAL H 192 16.59 -23.36 -41.62
CA VAL H 192 16.32 -22.95 -40.25
C VAL H 192 15.02 -22.13 -40.21
N LEU H 193 14.81 -21.28 -41.22
CA LEU H 193 13.61 -20.45 -41.23
C LEU H 193 12.36 -21.28 -41.51
N LYS H 194 12.41 -22.14 -42.52
CA LYS H 194 11.27 -22.97 -42.92
C LYS H 194 11.74 -24.41 -43.05
N PRO H 195 11.75 -25.17 -41.94
CA PRO H 195 12.15 -26.58 -42.02
C PRO H 195 11.12 -27.39 -42.79
N THR H 196 11.60 -28.15 -43.77
CA THR H 196 10.76 -29.00 -44.60
C THR H 196 11.21 -30.44 -44.50
N PHE H 197 10.27 -31.35 -44.25
CA PHE H 197 10.57 -32.76 -44.05
C PHE H 197 9.98 -33.56 -45.21
N THR H 198 10.84 -34.20 -45.98
CA THR H 198 10.37 -35.11 -47.01
C THR H 198 9.79 -36.37 -46.38
N LYS H 199 9.00 -37.10 -47.17
CA LYS H 199 8.34 -38.30 -46.64
C LYS H 199 9.36 -39.34 -46.21
N GLN H 200 10.42 -39.53 -46.99
CA GLN H 200 11.47 -40.45 -46.58
C GLN H 200 12.18 -39.96 -45.32
N GLN H 201 12.40 -38.65 -45.21
CA GLN H 201 12.98 -38.10 -43.98
C GLN H 201 12.04 -38.31 -42.80
N ILE H 202 10.74 -38.12 -43.00
CA ILE H 202 9.78 -38.35 -41.93
C ILE H 202 9.82 -39.81 -41.49
N ALA H 203 9.87 -40.74 -42.44
CA ALA H 203 9.90 -42.16 -42.10
C ALA H 203 11.19 -42.51 -41.37
N ASN H 204 12.33 -41.96 -41.81
CA ASN H 204 13.62 -42.25 -41.21
C ASN H 204 13.87 -41.47 -39.92
N LEU H 205 12.99 -40.53 -39.58
CA LEU H 205 13.21 -39.70 -38.40
C LEU H 205 13.38 -40.54 -37.14
N ASP H 206 12.47 -41.48 -36.90
CA ASP H 206 12.54 -42.27 -35.67
C ASP H 206 13.74 -43.19 -35.66
N LYS H 207 14.28 -43.55 -36.82
CA LYS H 207 15.46 -44.40 -36.90
C LYS H 207 16.72 -43.56 -37.09
N GLN H 208 17.01 -42.73 -36.09
CA GLN H 208 18.14 -41.79 -36.16
C GLN H 208 18.98 -41.97 -34.89
N ALA H 209 20.23 -42.40 -35.06
CA ALA H 209 21.12 -42.60 -33.92
C ALA H 209 22.25 -41.58 -33.86
N LYS H 210 22.69 -41.08 -35.01
CA LYS H 210 23.82 -40.15 -35.03
C LYS H 210 23.40 -38.79 -34.45
N LEU H 211 24.29 -38.21 -33.66
CA LEU H 211 24.04 -36.90 -33.08
C LEU H 211 24.07 -35.82 -34.16
N SER H 212 23.30 -34.76 -33.94
CA SER H 212 23.22 -33.64 -34.87
C SER H 212 23.95 -32.45 -34.27
N ARG H 213 24.79 -31.82 -35.07
CA ARG H 213 25.54 -30.64 -34.64
C ARG H 213 24.80 -29.38 -35.01
N ALA H 214 24.63 -28.48 -34.03
CA ALA H 214 24.11 -27.16 -34.32
C ALA H 214 25.20 -26.30 -34.95
N TYR H 215 24.87 -25.07 -35.32
CA TYR H 215 25.87 -24.19 -35.90
C TYR H 215 27.01 -23.94 -34.92
N ASP H 216 26.66 -23.63 -33.67
CA ASP H 216 27.65 -23.68 -32.61
C ASP H 216 27.92 -25.13 -32.22
N GLY H 217 29.08 -25.36 -31.60
CA GLY H 217 29.48 -26.72 -31.31
C GLY H 217 28.67 -27.35 -30.20
N THR H 218 27.37 -27.55 -30.44
CA THR H 218 26.45 -28.09 -29.45
C THR H 218 25.68 -29.24 -30.10
N THR H 219 26.19 -30.45 -29.94
CA THR H 219 25.53 -31.62 -30.49
C THR H 219 24.20 -31.87 -29.77
N TYR H 220 23.18 -32.23 -30.55
CA TYR H 220 21.86 -32.47 -29.99
C TYR H 220 21.15 -33.53 -30.82
N LEU H 221 20.15 -34.15 -30.20
CA LEU H 221 19.32 -35.14 -30.87
C LEU H 221 18.02 -34.48 -31.31
N PRO H 222 17.68 -34.48 -32.60
CA PRO H 222 16.45 -33.83 -33.03
C PRO H 222 15.24 -34.42 -32.31
N GLY H 223 14.32 -33.54 -31.93
CA GLY H 223 13.19 -33.90 -31.09
C GLY H 223 13.50 -33.76 -29.63
N ILE H 224 14.74 -34.10 -29.25
CA ILE H 224 15.21 -33.86 -27.88
C ILE H 224 15.83 -32.47 -27.88
N VAL H 225 14.97 -31.47 -27.77
CA VAL H 225 15.38 -30.08 -27.83
C VAL H 225 14.66 -29.31 -26.73
N GLY H 226 15.43 -28.57 -25.93
CA GLY H 226 14.84 -27.81 -24.84
C GLY H 226 14.02 -26.64 -25.34
N LEU H 227 12.99 -26.31 -24.56
CA LEU H 227 12.12 -25.17 -24.85
C LEU H 227 12.40 -24.06 -23.84
N ASN H 228 12.56 -22.84 -24.34
CA ASN H 228 12.83 -21.71 -23.47
C ASN H 228 11.67 -21.49 -22.50
N ASN H 229 12.02 -21.09 -21.28
CA ASN H 229 11.04 -20.89 -20.23
C ASN H 229 10.76 -19.38 -20.15
N ILE H 230 9.72 -18.95 -20.86
CA ILE H 230 9.29 -17.55 -20.84
C ILE H 230 8.48 -17.35 -19.57
N LYS H 231 9.11 -16.79 -18.54
CA LYS H 231 8.49 -16.60 -17.22
C LYS H 231 8.10 -17.98 -16.70
N ALA H 232 6.84 -18.24 -16.38
CA ALA H 232 6.40 -19.53 -15.84
C ALA H 232 5.54 -20.23 -16.88
N ASN H 233 6.18 -20.97 -17.78
CA ASN H 233 5.49 -21.77 -18.78
C ASN H 233 6.05 -23.18 -18.88
N ASP H 234 6.66 -23.68 -17.81
CA ASP H 234 7.28 -25.00 -17.85
C ASP H 234 6.24 -26.10 -18.06
N TYR H 235 5.03 -25.92 -17.53
CA TYR H 235 3.98 -26.89 -17.75
C TYR H 235 3.66 -27.02 -19.24
N ALA H 236 3.58 -25.89 -19.94
CA ALA H 236 3.30 -25.92 -21.36
C ALA H 236 4.44 -26.55 -22.14
N ASN H 237 5.68 -26.28 -21.75
CA ASN H 237 6.81 -26.93 -22.40
C ASN H 237 6.78 -28.43 -22.21
N ALA H 238 6.46 -28.88 -20.99
CA ALA H 238 6.36 -30.32 -20.75
C ALA H 238 5.26 -30.95 -21.58
N VAL H 239 4.09 -30.30 -21.64
CA VAL H 239 2.99 -30.86 -22.41
C VAL H 239 3.32 -30.89 -23.90
N LEU H 240 3.96 -29.84 -24.41
CA LEU H 240 4.32 -29.80 -25.82
C LEU H 240 5.37 -30.86 -26.15
N GLN H 241 6.33 -31.08 -25.26
CA GLN H 241 7.29 -32.14 -25.48
C GLN H 241 6.64 -33.52 -25.40
N ALA H 242 5.62 -33.67 -24.55
CA ALA H 242 4.89 -34.93 -24.49
C ALA H 242 4.12 -35.18 -25.79
N LEU H 243 3.46 -34.14 -26.32
CA LEU H 243 2.76 -34.30 -27.59
C LEU H 243 3.73 -34.47 -28.74
N SER H 244 4.88 -33.80 -28.70
CA SER H 244 5.97 -34.16 -29.59
C SER H 244 6.52 -35.53 -29.18
N ASN H 245 7.42 -36.05 -30.00
CA ASN H 245 8.02 -37.37 -29.78
C ASN H 245 6.96 -38.47 -29.89
N VAL H 246 5.72 -38.08 -30.23
CA VAL H 246 4.67 -39.03 -30.58
C VAL H 246 4.70 -39.20 -32.10
N PRO H 247 5.11 -40.36 -32.62
CA PRO H 247 5.42 -40.48 -34.05
C PRO H 247 4.27 -40.05 -34.95
N PRO H 248 3.02 -40.53 -34.75
CA PRO H 248 1.97 -40.19 -35.71
C PRO H 248 1.60 -38.71 -35.70
N LEU H 249 1.35 -38.14 -34.52
CA LEU H 249 0.98 -36.73 -34.45
C LEU H 249 2.11 -35.83 -34.93
N ARG H 250 3.34 -36.14 -34.53
CA ARG H 250 4.48 -35.36 -35.00
C ARG H 250 4.61 -35.45 -36.51
N ASN H 251 4.45 -36.65 -37.08
CA ASN H 251 4.56 -36.79 -38.52
C ASN H 251 3.45 -36.02 -39.23
N TYR H 252 2.25 -36.02 -38.67
CA TYR H 252 1.15 -35.26 -39.25
C TYR H 252 1.47 -33.77 -39.26
N PHE H 253 2.03 -33.26 -38.18
CA PHE H 253 2.32 -31.83 -38.10
C PHE H 253 3.63 -31.42 -38.75
N LEU H 254 4.48 -32.38 -39.13
CA LEU H 254 5.74 -32.04 -39.77
C LEU H 254 5.57 -31.64 -41.24
N GLU H 255 4.44 -31.99 -41.85
CA GLU H 255 4.14 -31.61 -43.22
C GLU H 255 3.08 -30.53 -43.21
N GLU H 256 3.41 -29.37 -43.79
CA GLU H 256 2.48 -28.26 -43.81
C GLU H 256 1.27 -28.55 -44.67
N ASP H 257 1.43 -29.36 -45.72
CA ASP H 257 0.34 -29.64 -46.64
C ASP H 257 -0.77 -30.48 -46.00
N ASN H 258 -0.48 -31.20 -44.91
CA ASN H 258 -1.48 -32.04 -44.29
C ASN H 258 -2.63 -31.25 -43.68
N TYR H 259 -2.38 -29.99 -43.31
CA TYR H 259 -3.39 -29.18 -42.64
C TYR H 259 -3.58 -27.79 -43.24
N LYS H 260 -2.76 -27.39 -44.22
CA LYS H 260 -2.88 -26.04 -44.76
C LYS H 260 -4.16 -25.89 -45.57
N ASN H 261 -4.55 -26.92 -46.32
CA ASN H 261 -5.64 -26.80 -47.27
C ASN H 261 -7.02 -26.99 -46.65
N ILE H 262 -7.11 -27.30 -45.36
CA ILE H 262 -8.42 -27.47 -44.74
C ILE H 262 -9.04 -26.11 -44.49
N LYS H 263 -10.36 -26.03 -44.67
CA LYS H 263 -11.08 -24.77 -44.63
C LYS H 263 -11.19 -24.26 -43.19
N ARG H 264 -11.29 -22.94 -43.06
CA ARG H 264 -11.49 -22.29 -41.78
C ARG H 264 -12.63 -21.29 -41.87
N PRO H 265 -13.33 -21.06 -40.76
CA PRO H 265 -14.29 -19.96 -40.71
C PRO H 265 -13.59 -18.62 -40.84
N PRO H 266 -14.27 -17.59 -41.32
CA PRO H 266 -13.61 -16.29 -41.52
C PRO H 266 -13.07 -15.69 -40.23
N GLY H 267 -13.94 -15.55 -39.23
CA GLY H 267 -13.52 -15.00 -37.95
C GLY H 267 -13.13 -16.07 -36.94
N ASP H 268 -12.28 -17.00 -37.36
CA ASP H 268 -11.85 -18.11 -36.51
C ASP H 268 -10.39 -17.92 -36.14
N ILE H 269 -10.10 -17.98 -34.83
CA ILE H 269 -8.73 -17.85 -34.33
C ILE H 269 -8.15 -19.17 -33.86
N MET H 270 -8.96 -20.24 -33.80
CA MET H 270 -8.46 -21.51 -33.28
C MET H 270 -7.39 -22.09 -34.18
N PHE H 271 -7.45 -21.85 -35.48
CA PHE H 271 -6.48 -22.43 -36.40
C PHE H 271 -5.07 -21.93 -36.14
N LEU H 272 -4.91 -20.77 -35.51
CA LEU H 272 -3.59 -20.31 -35.13
C LEU H 272 -2.90 -21.32 -34.23
N LEU H 273 -3.68 -22.08 -33.45
CA LEU H 273 -3.09 -23.14 -32.64
C LEU H 273 -2.48 -24.22 -33.51
N VAL H 274 -3.15 -24.57 -34.61
CA VAL H 274 -2.71 -25.70 -35.43
C VAL H 274 -1.40 -25.38 -36.13
N GLN H 275 -1.44 -24.39 -37.02
CA GLN H 275 -0.29 -24.12 -37.88
C GLN H 275 0.97 -23.85 -37.07
N ARG H 276 0.86 -22.94 -36.10
CA ARG H 276 2.02 -22.65 -35.25
C ARG H 276 2.52 -23.91 -34.57
N PHE H 277 1.61 -24.75 -34.06
CA PHE H 277 2.04 -26.02 -33.47
C PHE H 277 2.84 -26.82 -34.47
N GLY H 278 2.34 -26.96 -35.69
CA GLY H 278 3.12 -27.62 -36.72
C GLY H 278 4.46 -26.94 -36.92
N GLU H 279 4.43 -25.60 -37.01
CA GLU H 279 5.69 -24.85 -37.09
C GLU H 279 6.61 -25.24 -35.96
N LEU H 280 6.07 -25.28 -34.73
CA LEU H 280 6.87 -25.65 -33.58
C LEU H 280 7.53 -27.01 -33.80
N MET H 281 6.75 -27.98 -34.28
CA MET H 281 7.31 -29.30 -34.54
C MET H 281 8.48 -29.21 -35.49
N ARG H 282 8.32 -28.47 -36.59
CA ARG H 282 9.39 -28.38 -37.56
C ARG H 282 10.61 -27.69 -36.98
N LYS H 283 10.41 -26.84 -35.97
CA LYS H 283 11.56 -26.25 -35.29
C LYS H 283 12.21 -27.25 -34.34
N LEU H 284 11.41 -28.10 -33.70
CA LEU H 284 11.97 -29.04 -32.73
C LEU H 284 12.76 -30.15 -33.41
N TRP H 285 12.21 -30.71 -34.49
CA TRP H 285 12.81 -31.86 -35.16
C TRP H 285 13.73 -31.46 -36.30
N ASN H 286 14.21 -30.22 -36.31
CA ASN H 286 15.11 -29.79 -37.37
C ASN H 286 16.44 -30.50 -37.22
N PRO H 287 16.86 -31.31 -38.20
CA PRO H 287 18.18 -31.96 -38.08
C PRO H 287 19.33 -30.99 -38.04
N ARG H 288 19.23 -29.85 -38.74
CA ARG H 288 20.27 -28.84 -38.77
C ARG H 288 19.67 -27.52 -38.27
N ASN H 289 20.00 -27.16 -37.04
CA ASN H 289 19.47 -25.96 -36.41
C ASN H 289 20.63 -25.11 -35.93
N PHE H 290 20.41 -23.79 -35.87
CA PHE H 290 21.47 -22.88 -35.45
C PHE H 290 21.71 -22.98 -33.95
N LYS H 291 20.71 -23.37 -33.17
CA LYS H 291 20.84 -23.49 -31.74
C LYS H 291 20.17 -24.77 -31.28
N ALA H 292 20.60 -25.28 -30.13
CA ALA H 292 20.05 -26.52 -29.59
C ALA H 292 18.81 -26.30 -28.75
N HIS H 293 18.10 -25.19 -28.93
CA HIS H 293 16.89 -24.91 -28.18
C HIS H 293 15.93 -24.13 -29.05
N VAL H 294 14.65 -24.19 -28.69
CA VAL H 294 13.57 -23.57 -29.47
C VAL H 294 12.73 -22.72 -28.53
N SER H 295 12.42 -21.50 -28.97
CA SER H 295 11.57 -20.60 -28.19
C SER H 295 10.11 -20.91 -28.45
N PRO H 296 9.31 -21.23 -27.44
CA PRO H 296 7.89 -21.51 -27.67
C PRO H 296 7.03 -20.26 -27.63
N HIS H 297 7.64 -19.09 -27.79
CA HIS H 297 6.93 -17.84 -27.55
C HIS H 297 5.73 -17.69 -28.47
N GLU H 298 5.89 -17.98 -29.76
CA GLU H 298 4.78 -17.83 -30.69
C GLU H 298 3.65 -18.80 -30.37
N MET H 299 4.00 -20.06 -30.07
CA MET H 299 2.99 -21.05 -29.73
C MET H 299 2.26 -20.67 -28.45
N LEU H 300 2.97 -20.17 -27.45
CA LEU H 300 2.34 -19.79 -26.20
C LEU H 300 1.47 -18.55 -26.38
N GLN H 301 1.89 -17.61 -27.23
CA GLN H 301 1.03 -16.46 -27.52
C GLN H 301 -0.25 -16.91 -28.20
N ALA H 302 -0.15 -17.85 -29.13
CA ALA H 302 -1.35 -18.41 -29.76
C ALA H 302 -2.23 -19.10 -28.73
N VAL H 303 -1.61 -19.83 -27.79
CA VAL H 303 -2.38 -20.52 -26.75
C VAL H 303 -3.13 -19.51 -25.89
N VAL H 304 -2.45 -18.43 -25.49
CA VAL H 304 -3.08 -17.42 -24.64
C VAL H 304 -4.22 -16.74 -25.38
N LEU H 305 -4.00 -16.38 -26.66
CA LEU H 305 -5.04 -15.72 -27.42
C LEU H 305 -6.24 -16.63 -27.63
N CYS H 306 -6.01 -17.91 -27.91
CA CYS H 306 -7.09 -18.82 -28.21
C CYS H 306 -7.87 -19.24 -26.96
N SER H 307 -7.22 -19.24 -25.80
CA SER H 307 -7.85 -19.69 -24.56
C SER H 307 -8.55 -18.57 -23.80
N LYS H 308 -8.55 -17.35 -24.34
CA LYS H 308 -9.20 -16.20 -23.72
C LYS H 308 -8.63 -15.95 -22.32
N LYS H 309 -7.33 -15.62 -22.30
CA LYS H 309 -6.58 -15.25 -21.10
C LYS H 309 -6.44 -16.39 -20.10
N THR H 310 -6.71 -17.62 -20.52
CA THR H 310 -6.46 -18.81 -19.70
C THR H 310 -5.18 -19.46 -20.18
N PHE H 311 -4.46 -20.08 -19.24
CA PHE H 311 -3.15 -20.67 -19.51
C PHE H 311 -2.17 -19.60 -20.02
N GLN H 312 -1.92 -18.62 -19.17
CA GLN H 312 -1.05 -17.51 -19.51
C GLN H 312 0.41 -17.97 -19.56
N ILE H 313 1.26 -17.11 -20.11
CA ILE H 313 2.69 -17.37 -20.11
C ILE H 313 3.32 -16.95 -18.79
N THR H 314 2.82 -15.88 -18.18
CA THR H 314 3.40 -15.39 -16.93
C THR H 314 3.05 -16.31 -15.77
N LYS H 315 1.80 -16.75 -15.68
CA LYS H 315 1.33 -17.59 -14.59
C LYS H 315 1.17 -19.02 -15.10
N GLN H 316 1.87 -19.96 -14.47
CA GLN H 316 1.82 -21.35 -14.90
C GLN H 316 0.50 -21.99 -14.49
N GLY H 317 0.02 -22.89 -15.34
CA GLY H 317 -1.22 -23.60 -15.11
C GLY H 317 -1.00 -25.11 -14.98
N ASP H 318 -2.10 -25.80 -14.71
CA ASP H 318 -2.05 -27.25 -14.54
C ASP H 318 -1.68 -27.92 -15.85
N GLY H 319 -0.79 -28.91 -15.77
CA GLY H 319 -0.42 -29.66 -16.96
C GLY H 319 -1.57 -30.47 -17.53
N VAL H 320 -2.35 -31.10 -16.66
CA VAL H 320 -3.47 -31.91 -17.12
C VAL H 320 -4.52 -31.05 -17.81
N ASP H 321 -4.88 -29.93 -17.18
CA ASP H 321 -5.90 -29.05 -17.76
C ASP H 321 -5.43 -28.47 -19.08
N PHE H 322 -4.17 -28.04 -19.15
CA PHE H 322 -3.65 -27.49 -20.40
C PHE H 322 -3.61 -28.56 -21.48
N LEU H 323 -3.20 -29.78 -21.14
CA LEU H 323 -3.18 -30.85 -22.13
C LEU H 323 -4.58 -31.16 -22.65
N SER H 324 -5.56 -31.20 -21.74
CA SER H 324 -6.94 -31.45 -22.16
C SER H 324 -7.42 -30.35 -23.10
N TRP H 325 -7.21 -29.09 -22.72
CA TRP H 325 -7.66 -27.99 -23.55
C TRP H 325 -6.95 -27.99 -24.90
N PHE H 326 -5.65 -28.27 -24.90
CA PHE H 326 -4.89 -28.25 -26.14
C PHE H 326 -5.32 -29.36 -27.08
N LEU H 327 -5.53 -30.57 -26.56
CA LEU H 327 -6.00 -31.65 -27.41
C LEU H 327 -7.38 -31.37 -27.96
N ASN H 328 -8.28 -30.86 -27.11
CA ASN H 328 -9.62 -30.53 -27.60
C ASN H 328 -9.58 -29.43 -28.65
N ALA H 329 -8.74 -28.43 -28.45
CA ALA H 329 -8.65 -27.32 -29.41
C ALA H 329 -8.02 -27.78 -30.72
N LEU H 330 -7.03 -28.66 -30.65
CA LEU H 330 -6.46 -29.21 -31.88
C LEU H 330 -7.48 -30.06 -32.62
N HIS H 331 -8.27 -30.85 -31.90
CA HIS H 331 -9.30 -31.65 -32.54
C HIS H 331 -10.37 -30.77 -33.18
N SER H 332 -10.77 -29.71 -32.50
CA SER H 332 -11.81 -28.84 -33.04
C SER H 332 -11.32 -28.02 -34.22
N ALA H 333 -10.08 -27.50 -34.13
CA ALA H 333 -9.57 -26.65 -35.19
C ALA H 333 -9.23 -27.44 -36.45
N LEU H 334 -8.83 -28.69 -36.30
CA LEU H 334 -8.53 -29.52 -37.47
C LEU H 334 -9.78 -30.01 -38.17
N GLY H 335 -10.95 -29.85 -37.58
CA GLY H 335 -12.20 -30.11 -38.28
C GLY H 335 -12.64 -28.88 -39.06
N GLY H 336 -12.46 -28.91 -40.37
CA GLY H 336 -12.68 -27.74 -41.19
C GLY H 336 -14.13 -27.36 -41.38
N THR H 337 -14.54 -26.25 -40.76
CA THR H 337 -15.90 -25.70 -40.89
C THR H 337 -16.99 -26.71 -40.51
N LYS H 338 -16.60 -27.78 -39.81
CA LYS H 338 -17.51 -28.82 -39.38
C LYS H 338 -16.76 -29.73 -38.42
N LYS H 339 -17.51 -30.58 -37.71
CA LYS H 339 -16.91 -31.50 -36.76
C LYS H 339 -16.50 -32.75 -37.51
N LYS H 340 -15.26 -32.76 -38.00
CA LYS H 340 -14.69 -33.96 -38.59
C LYS H 340 -14.55 -35.03 -37.52
N LYS H 341 -15.29 -36.13 -37.68
CA LYS H 341 -15.34 -37.13 -36.62
C LYS H 341 -14.00 -37.80 -36.40
N LYS H 342 -13.14 -37.83 -37.42
CA LYS H 342 -11.84 -38.49 -37.35
C LYS H 342 -10.75 -37.50 -37.72
N THR H 343 -10.11 -36.91 -36.72
CA THR H 343 -8.94 -36.07 -36.91
C THR H 343 -7.69 -36.84 -36.48
N ILE H 344 -6.52 -36.24 -36.70
CA ILE H 344 -5.29 -36.89 -36.28
C ILE H 344 -5.25 -37.02 -34.76
N VAL H 345 -5.76 -36.02 -34.04
CA VAL H 345 -5.79 -36.09 -32.58
C VAL H 345 -6.65 -37.27 -32.12
N THR H 346 -7.83 -37.42 -32.72
CA THR H 346 -8.69 -38.54 -32.38
C THR H 346 -8.07 -39.86 -32.84
N ASP H 347 -7.46 -39.87 -34.03
CA ASP H 347 -6.88 -41.10 -34.55
C ASP H 347 -5.72 -41.59 -33.68
N VAL H 348 -5.02 -40.68 -33.01
CA VAL H 348 -3.83 -41.04 -32.25
C VAL H 348 -4.15 -41.27 -30.78
N PHE H 349 -4.85 -40.34 -30.14
CA PHE H 349 -4.97 -40.38 -28.69
C PHE H 349 -6.34 -40.82 -28.21
N GLN H 350 -7.39 -40.65 -29.00
CA GLN H 350 -8.75 -40.92 -28.52
C GLN H 350 -9.04 -42.42 -28.58
N GLY H 351 -9.67 -42.92 -27.51
CA GLY H 351 -10.17 -44.27 -27.48
C GLY H 351 -11.62 -44.29 -27.03
N SER H 352 -12.20 -45.48 -27.05
CA SER H 352 -13.59 -45.67 -26.66
C SER H 352 -13.66 -46.42 -25.34
N MET H 353 -14.44 -45.90 -24.40
CA MET H 353 -14.59 -46.51 -23.09
C MET H 353 -16.07 -46.60 -22.75
N ARG H 354 -16.43 -47.68 -22.06
CA ARG H 354 -17.83 -47.98 -21.74
C ARG H 354 -18.07 -47.63 -20.27
N ILE H 355 -18.88 -46.59 -20.06
CA ILE H 355 -19.24 -46.18 -18.70
C ILE H 355 -20.47 -46.97 -18.27
N PHE H 356 -20.36 -47.67 -17.15
CA PHE H 356 -21.47 -48.40 -16.56
C PHE H 356 -21.92 -47.60 -15.33
N THR H 357 -22.80 -46.63 -15.55
CA THR H 357 -23.29 -45.78 -14.48
C THR H 357 -24.44 -46.47 -13.77
N LYS H 358 -24.26 -46.75 -12.48
CA LYS H 358 -25.27 -47.40 -11.65
C LYS H 358 -25.70 -46.40 -10.58
N LYS H 359 -26.91 -45.88 -10.73
CA LYS H 359 -27.45 -44.96 -9.73
C LYS H 359 -27.69 -45.70 -8.42
N LEU H 360 -27.63 -44.97 -7.32
CA LEU H 360 -27.76 -45.58 -6.01
C LEU H 360 -28.84 -44.89 -5.19
N PRO H 361 -29.56 -45.63 -4.38
CA PRO H 361 -30.51 -45.00 -3.45
C PRO H 361 -29.77 -44.22 -2.38
N HIS H 362 -30.49 -43.28 -1.78
CA HIS H 362 -29.91 -42.49 -0.69
C HIS H 362 -29.58 -43.42 0.48
N PRO H 363 -28.37 -43.33 1.05
CA PRO H 363 -27.99 -44.26 2.11
C PRO H 363 -28.85 -44.15 3.36
N ASP H 364 -29.49 -43.01 3.58
CA ASP H 364 -30.33 -42.81 4.77
C ASP H 364 -31.76 -43.27 4.53
N LEU H 365 -31.91 -44.51 4.09
CA LEU H 365 -33.20 -45.13 3.83
C LEU H 365 -33.25 -46.52 4.45
N PRO H 366 -34.44 -47.01 4.78
CA PRO H 366 -34.55 -48.37 5.28
C PRO H 366 -34.14 -49.40 4.23
N ALA H 367 -33.67 -50.55 4.71
CA ALA H 367 -33.19 -51.59 3.81
C ALA H 367 -34.30 -52.09 2.89
N GLU H 368 -35.53 -52.16 3.40
CA GLU H 368 -36.65 -52.61 2.57
C GLU H 368 -36.88 -51.64 1.42
N GLU H 369 -36.88 -50.34 1.71
CA GLU H 369 -37.01 -49.36 0.62
C GLU H 369 -35.77 -49.35 -0.26
N LYS H 370 -34.60 -49.62 0.31
CA LYS H 370 -33.38 -49.68 -0.48
C LYS H 370 -33.45 -50.79 -1.53
N GLU H 371 -33.95 -51.97 -1.14
CA GLU H 371 -34.10 -53.05 -2.10
C GLU H 371 -35.30 -52.85 -3.01
N GLN H 372 -36.33 -52.14 -2.53
CA GLN H 372 -37.48 -51.84 -3.39
C GLN H 372 -37.10 -50.88 -4.51
N LEU H 373 -36.18 -49.96 -4.24
CA LEU H 373 -35.68 -49.07 -5.29
C LEU H 373 -34.85 -49.81 -6.34
N LEU H 374 -34.41 -51.03 -6.05
CA LEU H 374 -33.71 -51.83 -7.05
C LEU H 374 -34.62 -52.24 -8.19
N HIS H 375 -35.93 -52.22 -7.99
CA HIS H 375 -36.90 -52.52 -9.04
C HIS H 375 -37.39 -51.28 -9.76
N ASN H 376 -36.85 -50.11 -9.44
CA ASN H 376 -37.25 -48.86 -10.08
C ASN H 376 -36.72 -48.73 -11.51
N ASP H 377 -35.79 -49.59 -11.93
CA ASP H 377 -35.15 -49.55 -13.24
C ASP H 377 -34.39 -48.25 -13.48
N GLU H 378 -34.18 -47.44 -12.44
CA GLU H 378 -33.39 -46.22 -12.53
C GLU H 378 -32.02 -46.35 -11.87
N TYR H 379 -31.90 -47.22 -10.87
CA TYR H 379 -30.67 -47.37 -10.10
C TYR H 379 -29.84 -48.56 -10.58
N GLN H 380 -29.86 -48.84 -11.88
CA GLN H 380 -29.16 -49.98 -12.45
C GLN H 380 -28.12 -49.48 -13.45
N GLU H 381 -27.34 -50.40 -13.99
CA GLU H 381 -26.28 -50.04 -14.93
C GLU H 381 -26.87 -49.49 -16.21
N THR H 382 -26.25 -48.43 -16.73
CA THR H 382 -26.68 -47.78 -17.95
C THR H 382 -25.59 -47.89 -19.00
N MET H 383 -25.92 -47.47 -20.22
CA MET H 383 -25.04 -47.56 -21.38
C MET H 383 -24.69 -46.15 -21.80
N VAL H 384 -23.63 -45.60 -21.20
CA VAL H 384 -23.22 -44.22 -21.44
C VAL H 384 -21.85 -44.27 -22.08
N GLU H 385 -21.60 -45.32 -22.87
CA GLU H 385 -20.31 -45.50 -23.52
C GLU H 385 -19.95 -44.28 -24.36
N SER H 386 -18.74 -43.77 -24.16
CA SER H 386 -18.30 -42.55 -24.80
C SER H 386 -16.85 -42.71 -25.22
N THR H 387 -16.23 -41.60 -25.61
CA THR H 387 -14.84 -41.58 -26.03
C THR H 387 -14.01 -40.82 -25.00
N PHE H 388 -12.91 -41.43 -24.58
CA PHE H 388 -11.96 -40.81 -23.67
C PHE H 388 -10.72 -40.39 -24.45
N MET H 389 -10.29 -39.15 -24.26
CA MET H 389 -9.04 -38.70 -24.83
C MET H 389 -7.86 -39.05 -23.95
N TYR H 390 -8.08 -39.15 -22.64
CA TYR H 390 -7.07 -39.53 -21.68
C TYR H 390 -7.75 -40.26 -20.53
N LEU H 391 -6.96 -41.03 -19.79
CA LEU H 391 -7.44 -41.77 -18.63
C LEU H 391 -7.03 -41.04 -17.36
N THR H 392 -8.01 -40.68 -16.54
CA THR H 392 -7.76 -39.99 -15.28
C THR H 392 -7.65 -41.03 -14.18
N LEU H 393 -6.43 -41.32 -13.75
CA LEU H 393 -6.19 -42.29 -12.69
C LEU H 393 -6.15 -41.58 -11.36
N ASP H 394 -6.93 -42.08 -10.39
CA ASP H 394 -7.02 -41.47 -9.08
C ASP H 394 -6.16 -42.26 -8.09
N LEU H 395 -5.14 -41.60 -7.56
CA LEU H 395 -4.29 -42.23 -6.57
C LEU H 395 -5.04 -42.44 -5.26
N PRO H 396 -4.73 -43.50 -4.52
CA PRO H 396 -5.27 -43.63 -3.18
C PRO H 396 -4.73 -42.55 -2.27
N THR H 397 -5.52 -42.20 -1.26
CA THR H 397 -5.13 -41.13 -0.35
C THR H 397 -3.84 -41.51 0.38
N ALA H 398 -3.12 -40.46 0.81
CA ALA H 398 -1.86 -40.67 1.51
C ALA H 398 -2.12 -41.46 2.80
N PRO H 399 -1.18 -42.33 3.19
CA PRO H 399 -1.45 -43.23 4.32
C PRO H 399 -1.44 -42.51 5.66
N LEU H 400 -1.33 -41.19 5.64
CA LEU H 400 -1.32 -40.38 6.86
C LEU H 400 -0.19 -40.81 7.77
N TYR H 401 -0.49 -41.66 8.76
CA TYR H 401 0.55 -42.23 9.60
C TYR H 401 1.46 -43.13 8.77
N LYS H 402 2.76 -43.00 9.00
CA LYS H 402 3.71 -43.87 8.33
C LYS H 402 3.55 -45.31 8.82
N ASP H 403 3.81 -46.26 7.93
CA ASP H 403 3.74 -47.67 8.31
C ASP H 403 4.88 -48.02 9.25
N GLU H 404 4.61 -48.97 10.15
CA GLU H 404 5.61 -49.36 11.14
C GLU H 404 6.83 -50.03 10.50
N LYS H 405 6.72 -50.45 9.25
CA LYS H 405 7.83 -51.10 8.58
C LYS H 405 8.97 -50.12 8.32
N GLU H 406 10.11 -50.67 7.93
CA GLU H 406 11.30 -49.86 7.68
C GLU H 406 11.18 -49.01 6.42
N GLN H 407 10.14 -49.21 5.61
CA GLN H 407 9.95 -48.47 4.37
C GLN H 407 9.88 -46.97 4.61
N LEU H 408 10.10 -46.18 3.56
CA LEU H 408 10.04 -44.74 3.67
C LEU H 408 8.61 -44.28 3.94
N ILE H 409 8.48 -43.05 4.43
CA ILE H 409 7.17 -42.47 4.66
C ILE H 409 6.42 -42.24 3.36
N ILE H 410 7.14 -42.21 2.24
CA ILE H 410 6.53 -41.99 0.93
C ILE H 410 5.75 -43.23 0.52
N PRO H 411 4.45 -43.11 0.26
CA PRO H 411 3.67 -44.29 -0.15
C PRO H 411 4.07 -44.78 -1.53
N GLN H 412 3.82 -46.07 -1.75
CA GLN H 412 4.15 -46.72 -3.02
C GLN H 412 2.95 -47.54 -3.45
N VAL H 413 2.50 -47.35 -4.68
CA VAL H 413 1.35 -48.07 -5.22
C VAL H 413 1.68 -48.57 -6.62
N PRO H 414 1.41 -49.83 -6.94
CA PRO H 414 1.71 -50.33 -8.29
C PRO H 414 0.79 -49.70 -9.33
N LEU H 415 1.27 -49.72 -10.57
CA LEU H 415 0.49 -49.17 -11.68
C LEU H 415 -0.82 -49.92 -11.87
N PHE H 416 -0.81 -51.24 -11.72
CA PHE H 416 -2.02 -52.02 -11.92
C PHE H 416 -3.06 -51.74 -10.84
N ASN H 417 -2.65 -51.24 -9.67
CA ASN H 417 -3.61 -50.94 -8.62
C ASN H 417 -4.40 -49.68 -8.93
N ILE H 418 -3.75 -48.64 -9.43
CA ILE H 418 -4.51 -47.46 -9.87
C ILE H 418 -5.26 -47.76 -11.16
N LEU H 419 -4.70 -48.63 -12.01
CA LEU H 419 -5.41 -49.09 -13.20
C LEU H 419 -6.34 -50.23 -12.85
N ALA H 420 -7.17 -50.04 -11.83
CA ALA H 420 -8.16 -51.03 -11.43
C ALA H 420 -9.58 -50.51 -11.49
N LYS H 421 -9.78 -49.20 -11.56
CA LYS H 421 -11.11 -48.65 -11.76
C LYS H 421 -11.67 -49.00 -13.13
N PHE H 422 -10.80 -49.30 -14.10
CA PHE H 422 -11.21 -49.64 -15.45
C PHE H 422 -11.17 -51.14 -15.73
N ASN H 423 -11.01 -51.96 -14.69
CA ASN H 423 -11.04 -53.40 -14.90
C ASN H 423 -12.45 -53.86 -15.28
N GLY H 424 -13.48 -53.26 -14.70
CA GLY H 424 -14.85 -53.59 -15.05
C GLY H 424 -15.73 -53.90 -13.86
N ILE H 425 -15.14 -54.49 -12.81
CA ILE H 425 -15.94 -54.93 -11.66
C ILE H 425 -15.75 -53.94 -10.51
N THR H 426 -14.65 -53.20 -10.51
CA THR H 426 -14.42 -52.20 -9.47
C THR H 426 -15.45 -51.09 -9.57
N GLU H 427 -16.05 -50.74 -8.43
CA GLU H 427 -17.14 -49.78 -8.37
C GLU H 427 -16.70 -48.59 -7.52
N LYS H 428 -16.24 -47.53 -8.16
CA LYS H 428 -15.89 -46.31 -7.46
C LYS H 428 -17.14 -45.47 -7.23
N GLU H 429 -17.34 -45.05 -5.98
CA GLU H 429 -18.51 -44.25 -5.64
C GLU H 429 -18.41 -42.87 -6.27
N TYR H 430 -19.53 -42.40 -6.82
CA TYR H 430 -19.66 -41.04 -7.34
C TYR H 430 -20.88 -40.41 -6.70
N LYS H 431 -20.68 -39.28 -6.02
CA LYS H 431 -21.74 -38.63 -5.27
C LYS H 431 -21.75 -37.14 -5.59
N THR H 432 -22.71 -36.72 -6.40
CA THR H 432 -22.98 -35.31 -6.62
C THR H 432 -23.91 -34.81 -5.51
N TYR H 433 -24.45 -33.60 -5.67
CA TYR H 433 -25.31 -33.03 -4.64
C TYR H 433 -26.60 -33.83 -4.52
N LYS H 434 -26.80 -34.44 -3.34
CA LYS H 434 -28.02 -35.19 -3.03
C LYS H 434 -28.29 -36.29 -4.05
N GLU H 435 -27.24 -36.99 -4.46
CA GLU H 435 -27.38 -38.10 -5.38
C GLU H 435 -26.14 -38.98 -5.29
N ASN H 436 -26.33 -40.28 -5.51
CA ASN H 436 -25.26 -41.27 -5.42
C ASN H 436 -25.18 -42.06 -6.72
N PHE H 437 -23.98 -42.52 -7.04
CA PHE H 437 -23.74 -43.30 -8.25
C PHE H 437 -22.68 -44.36 -7.97
N LEU H 438 -22.51 -45.26 -8.94
CA LEU H 438 -21.41 -46.22 -8.93
C LEU H 438 -20.94 -46.35 -10.38
N LYS H 439 -19.97 -45.52 -10.75
CA LYS H 439 -19.49 -45.46 -12.13
C LYS H 439 -18.49 -46.58 -12.37
N ARG H 440 -18.96 -47.67 -12.98
CA ARG H 440 -18.07 -48.71 -13.45
C ARG H 440 -17.55 -48.35 -14.83
N PHE H 441 -16.27 -48.63 -15.06
CA PHE H 441 -15.62 -48.28 -16.31
C PHE H 441 -15.06 -49.53 -16.97
N GLN H 442 -15.20 -49.59 -18.29
CA GLN H 442 -14.71 -50.73 -19.08
C GLN H 442 -14.24 -50.19 -20.42
N LEU H 443 -12.95 -50.35 -20.70
CA LEU H 443 -12.41 -49.90 -21.97
C LEU H 443 -12.92 -50.78 -23.10
N THR H 444 -13.25 -50.16 -24.23
CA THR H 444 -13.73 -50.88 -25.40
C THR H 444 -12.86 -50.71 -26.64
N LYS H 445 -12.09 -49.62 -26.73
CA LYS H 445 -11.16 -49.42 -27.83
C LYS H 445 -9.91 -48.73 -27.29
N LEU H 446 -8.76 -49.39 -27.44
CA LEU H 446 -7.51 -48.85 -26.95
C LEU H 446 -6.88 -47.97 -28.02
N PRO H 447 -6.63 -46.70 -27.76
CA PRO H 447 -6.00 -45.83 -28.76
C PRO H 447 -4.57 -46.25 -29.00
N PRO H 448 -4.02 -45.91 -30.17
CA PRO H 448 -2.61 -46.26 -30.42
C PRO H 448 -1.66 -45.67 -29.41
N TYR H 449 -1.95 -44.48 -28.89
CA TYR H 449 -1.12 -43.83 -27.87
C TYR H 449 -2.01 -43.47 -26.70
N LEU H 450 -1.77 -44.13 -25.56
CA LEU H 450 -2.63 -44.01 -24.39
C LEU H 450 -2.10 -42.91 -23.47
N ILE H 451 -3.02 -42.11 -22.96
CA ILE H 451 -2.68 -40.98 -22.08
C ILE H 451 -3.26 -41.26 -20.70
N PHE H 452 -2.38 -41.28 -19.70
CA PHE H 452 -2.78 -41.41 -18.30
C PHE H 452 -2.62 -40.05 -17.64
N CYS H 453 -3.68 -39.57 -16.99
CA CYS H 453 -3.65 -38.32 -16.26
C CYS H 453 -3.81 -38.65 -14.78
N ILE H 454 -2.69 -38.91 -14.11
CA ILE H 454 -2.71 -39.25 -12.70
C ILE H 454 -3.10 -38.04 -11.89
N LYS H 455 -4.06 -38.22 -10.98
CA LYS H 455 -4.60 -37.11 -10.20
C LYS H 455 -3.77 -36.92 -8.95
N ARG H 456 -2.97 -35.85 -8.92
CA ARG H 456 -2.13 -35.52 -7.78
C ARG H 456 -2.74 -34.43 -6.91
N PHE H 457 -3.01 -33.27 -7.49
CA PHE H 457 -3.47 -32.11 -6.72
C PHE H 457 -4.96 -32.25 -6.44
N THR H 458 -5.31 -32.30 -5.16
CA THR H 458 -6.70 -32.34 -4.73
C THR H 458 -6.97 -31.21 -3.75
N LYS H 459 -8.11 -30.56 -3.91
CA LYS H 459 -8.50 -29.44 -3.05
C LYS H 459 -9.22 -29.99 -1.83
N ASN H 460 -8.58 -29.90 -0.67
CA ASN H 460 -9.21 -30.29 0.58
C ASN H 460 -10.04 -29.11 1.11
N ASN H 461 -10.45 -29.20 2.37
CA ASN H 461 -11.31 -28.17 2.94
C ASN H 461 -10.63 -26.82 3.06
N PHE H 462 -9.30 -26.76 3.04
CA PHE H 462 -8.62 -25.51 3.32
C PHE H 462 -7.61 -25.11 2.24
N PHE H 463 -6.91 -26.07 1.66
CA PHE H 463 -5.90 -25.76 0.65
C PHE H 463 -5.86 -26.89 -0.38
N VAL H 464 -4.83 -26.89 -1.20
CA VAL H 464 -4.64 -27.91 -2.23
C VAL H 464 -3.44 -28.76 -1.82
N GLU H 465 -3.64 -30.07 -1.75
CA GLU H 465 -2.60 -31.01 -1.37
C GLU H 465 -2.18 -31.84 -2.59
N LYS H 466 -0.88 -31.96 -2.78
CA LYS H 466 -0.33 -32.80 -3.85
C LYS H 466 -0.04 -34.18 -3.30
N ASN H 467 -0.63 -35.19 -3.92
CA ASN H 467 -0.48 -36.56 -3.42
C ASN H 467 0.94 -37.03 -3.66
N PRO H 468 1.68 -37.43 -2.62
CA PRO H 468 3.07 -37.88 -2.79
C PRO H 468 3.21 -39.34 -3.16
N THR H 469 2.12 -40.04 -3.47
CA THR H 469 2.19 -41.46 -3.79
C THR H 469 3.06 -41.70 -5.01
N ILE H 470 3.90 -42.73 -4.93
CA ILE H 470 4.80 -43.09 -6.02
C ILE H 470 4.17 -44.25 -6.77
N VAL H 471 4.02 -44.08 -8.09
CA VAL H 471 3.44 -45.13 -8.93
C VAL H 471 4.54 -46.07 -9.37
N ASN H 472 4.41 -47.35 -9.04
CA ASN H 472 5.36 -48.37 -9.45
C ASN H 472 4.91 -48.94 -10.77
N PHE H 473 5.49 -48.47 -11.86
CA PHE H 473 5.10 -48.94 -13.18
C PHE H 473 6.30 -49.44 -13.96
N PRO H 474 6.14 -50.51 -14.74
CA PRO H 474 7.19 -50.89 -15.69
C PRO H 474 7.21 -49.92 -16.86
N ILE H 475 8.36 -49.87 -17.53
CA ILE H 475 8.58 -48.94 -18.64
C ILE H 475 8.80 -49.64 -19.96
N THR H 476 8.64 -50.97 -20.03
CA THR H 476 8.88 -51.69 -21.26
C THR H 476 7.83 -52.74 -21.60
N ASN H 477 6.87 -53.02 -20.71
CA ASN H 477 5.87 -54.04 -21.00
C ASN H 477 4.68 -53.84 -20.06
N VAL H 478 3.54 -53.44 -20.62
CA VAL H 478 2.29 -53.39 -19.88
C VAL H 478 1.20 -54.00 -20.75
N ASP H 479 0.53 -55.03 -20.22
CA ASP H 479 -0.51 -55.75 -20.94
C ASP H 479 -1.86 -55.34 -20.37
N LEU H 480 -2.70 -54.74 -21.21
CA LEU H 480 -4.03 -54.29 -20.81
C LEU H 480 -5.13 -55.25 -21.25
N ARG H 481 -4.76 -56.45 -21.70
CA ARG H 481 -5.74 -57.41 -22.21
C ARG H 481 -6.78 -57.75 -21.15
N GLU H 482 -6.41 -57.67 -19.87
CA GLU H 482 -7.33 -58.00 -18.79
C GLU H 482 -8.31 -56.88 -18.48
N TYR H 483 -8.13 -55.70 -19.06
CA TYR H 483 -9.04 -54.58 -18.85
C TYR H 483 -10.02 -54.41 -20.00
N LEU H 484 -10.06 -55.34 -20.94
CA LEU H 484 -10.93 -55.27 -22.10
C LEU H 484 -11.93 -56.42 -22.08
N SER H 485 -13.12 -56.16 -22.62
CA SER H 485 -14.14 -57.20 -22.69
C SER H 485 -13.71 -58.29 -23.65
N GLU H 486 -14.24 -59.49 -23.43
CA GLU H 486 -13.83 -60.64 -24.23
C GLU H 486 -14.14 -60.45 -25.71
N GLU H 487 -15.32 -59.92 -26.02
CA GLU H 487 -15.62 -59.57 -27.40
C GLU H 487 -14.74 -58.43 -27.90
N VAL H 488 -14.13 -57.68 -27.00
CA VAL H 488 -13.29 -56.53 -27.33
C VAL H 488 -11.84 -56.98 -27.45
N GLN H 489 -11.43 -57.91 -26.58
CA GLN H 489 -10.07 -58.42 -26.61
C GLN H 489 -9.72 -59.04 -27.96
N ALA H 490 -10.70 -59.63 -28.65
CA ALA H 490 -10.42 -60.26 -29.94
C ALA H 490 -10.10 -59.23 -31.00
N VAL H 491 -10.66 -58.02 -30.89
CA VAL H 491 -10.47 -57.03 -31.94
C VAL H 491 -9.03 -56.52 -31.97
N HIS H 492 -8.46 -56.22 -30.81
CA HIS H 492 -7.11 -55.66 -30.73
C HIS H 492 -6.10 -56.80 -30.64
N LYS H 493 -5.27 -56.93 -31.67
CA LYS H 493 -4.20 -57.92 -31.64
C LYS H 493 -3.11 -57.52 -30.65
N ASN H 494 -2.83 -56.23 -30.54
CA ASN H 494 -1.75 -55.72 -29.70
C ASN H 494 -2.32 -54.95 -28.52
N THR H 495 -1.82 -55.25 -27.32
CA THR H 495 -2.13 -54.49 -26.13
C THR H 495 -0.90 -54.22 -25.28
N THR H 496 0.30 -54.47 -25.79
CA THR H 496 1.53 -54.25 -25.05
C THR H 496 1.98 -52.81 -25.24
N TYR H 497 1.94 -52.03 -24.15
CA TYR H 497 2.25 -50.62 -24.18
C TYR H 497 3.63 -50.35 -23.59
N ASP H 498 4.38 -49.47 -24.25
CA ASP H 498 5.65 -48.99 -23.75
C ASP H 498 5.52 -47.51 -23.40
N LEU H 499 5.97 -47.15 -22.20
CA LEU H 499 5.96 -45.74 -21.80
C LEU H 499 6.95 -44.98 -22.66
N ILE H 500 6.49 -43.86 -23.24
CA ILE H 500 7.35 -43.06 -24.09
C ILE H 500 7.48 -41.65 -23.52
N ALA H 501 6.47 -41.20 -22.79
CA ALA H 501 6.54 -39.86 -22.20
C ALA H 501 6.02 -39.88 -20.77
N ASN H 502 6.66 -39.09 -19.91
CA ASN H 502 6.31 -39.07 -18.49
C ASN H 502 6.51 -37.65 -17.96
N ILE H 503 5.42 -36.90 -17.85
CA ILE H 503 5.44 -35.58 -17.25
C ILE H 503 5.36 -35.72 -15.74
N VAL H 504 6.33 -35.12 -15.04
CA VAL H 504 6.46 -35.22 -13.60
C VAL H 504 6.45 -33.81 -13.02
N HIS H 505 5.64 -33.62 -11.97
CA HIS H 505 5.55 -32.36 -11.25
C HIS H 505 6.32 -32.45 -9.94
N ASP H 506 7.16 -31.46 -9.68
CA ASP H 506 8.00 -31.43 -8.49
C ASP H 506 7.65 -30.20 -7.65
N GLY H 507 7.78 -30.33 -6.34
CA GLY H 507 7.59 -29.22 -5.44
C GLY H 507 6.18 -29.07 -4.95
N LYS H 508 5.96 -27.96 -4.25
CA LYS H 508 4.65 -27.66 -3.68
C LYS H 508 3.64 -27.39 -4.79
N PRO H 509 2.35 -27.54 -4.49
CA PRO H 509 1.34 -27.28 -5.53
C PRO H 509 1.38 -25.87 -6.10
N SER H 510 1.77 -24.88 -5.31
CA SER H 510 1.81 -23.51 -5.81
C SER H 510 3.09 -23.24 -6.61
N GLU H 511 4.25 -23.37 -5.96
CA GLU H 511 5.52 -23.14 -6.65
C GLU H 511 6.10 -24.43 -7.24
N GLY H 512 5.27 -25.14 -8.00
CA GLY H 512 5.71 -26.36 -8.62
C GLY H 512 6.45 -26.15 -9.92
N SER H 513 7.21 -27.17 -10.31
CA SER H 513 7.93 -27.18 -11.58
C SER H 513 7.60 -28.45 -12.33
N TYR H 514 7.70 -28.39 -13.66
CA TYR H 514 7.36 -29.50 -14.53
C TYR H 514 8.58 -29.95 -15.29
N ARG H 515 8.85 -31.26 -15.26
CA ARG H 515 9.88 -31.84 -16.11
C ARG H 515 9.29 -33.04 -16.84
N ILE H 516 9.99 -33.52 -17.85
CA ILE H 516 9.47 -34.60 -18.66
C ILE H 516 10.56 -35.62 -18.93
N HIS H 517 10.20 -36.89 -18.87
CA HIS H 517 11.07 -37.98 -19.31
C HIS H 517 10.56 -38.48 -20.65
N VAL H 518 11.39 -38.37 -21.67
CA VAL H 518 11.02 -38.76 -23.03
C VAL H 518 11.95 -39.87 -23.48
N LEU H 519 11.38 -40.87 -24.16
CA LEU H 519 12.14 -41.97 -24.71
C LEU H 519 12.54 -41.63 -26.13
N HIS H 520 13.83 -41.49 -26.39
CA HIS H 520 14.31 -41.19 -27.73
C HIS H 520 14.39 -42.47 -28.54
N HIS H 521 13.54 -42.59 -29.56
CA HIS H 521 13.55 -43.76 -30.42
C HIS H 521 14.81 -43.76 -31.29
N GLY H 522 15.00 -44.84 -32.01
CA GLY H 522 16.24 -45.04 -32.75
C GLY H 522 17.33 -45.51 -31.80
N THR H 523 17.67 -44.66 -30.84
CA THR H 523 18.45 -45.07 -29.69
C THR H 523 17.51 -45.64 -28.64
N GLY H 524 18.05 -45.93 -27.47
CA GLY H 524 17.23 -46.42 -26.37
C GLY H 524 17.32 -45.52 -25.17
N LYS H 525 18.06 -44.43 -25.31
CA LYS H 525 18.33 -43.54 -24.19
C LYS H 525 17.04 -42.84 -23.75
N TRP H 526 16.96 -42.54 -22.46
CA TRP H 526 15.88 -41.76 -21.89
C TRP H 526 16.41 -40.40 -21.46
N TYR H 527 15.73 -39.34 -21.86
CA TYR H 527 16.20 -37.99 -21.58
C TYR H 527 15.18 -37.23 -20.76
N GLU H 528 15.65 -36.55 -19.73
CA GLU H 528 14.83 -35.69 -18.91
C GLU H 528 15.03 -34.25 -19.37
N LEU H 529 13.94 -33.62 -19.79
CA LEU H 529 13.95 -32.24 -20.25
C LEU H 529 13.21 -31.38 -19.25
N GLN H 530 13.86 -30.31 -18.82
CA GLN H 530 13.25 -29.28 -17.96
C GLN H 530 13.71 -27.94 -18.51
N ASP H 531 12.82 -27.27 -19.24
CA ASP H 531 13.15 -26.01 -19.92
C ASP H 531 14.32 -26.23 -20.89
N LEU H 532 15.47 -25.65 -20.60
CA LEU H 532 16.65 -25.77 -21.45
C LEU H 532 17.61 -26.85 -20.97
N GLN H 533 17.25 -27.59 -19.91
CA GLN H 533 18.13 -28.60 -19.33
C GLN H 533 17.75 -29.97 -19.87
N VAL H 534 18.70 -30.62 -20.55
CA VAL H 534 18.51 -31.94 -21.12
C VAL H 534 19.53 -32.86 -20.45
N THR H 535 19.06 -33.75 -19.59
CA THR H 535 19.91 -34.72 -18.91
C THR H 535 19.62 -36.12 -19.42
N ASP H 536 20.61 -37.00 -19.30
CA ASP H 536 20.46 -38.40 -19.68
C ASP H 536 20.07 -39.18 -18.44
N ILE H 537 18.79 -39.50 -18.31
CA ILE H 537 18.29 -40.18 -17.13
C ILE H 537 18.41 -41.69 -17.34
N LEU H 538 18.63 -42.41 -16.24
CA LEU H 538 18.69 -43.85 -16.32
C LEU H 538 17.28 -44.43 -16.43
N PRO H 539 17.11 -45.52 -17.18
CA PRO H 539 15.76 -46.09 -17.35
C PRO H 539 15.11 -46.52 -16.04
N GLN H 540 15.91 -46.93 -15.06
CA GLN H 540 15.36 -47.43 -13.81
C GLN H 540 14.78 -46.33 -12.93
N MET H 541 15.33 -45.11 -13.00
CA MET H 541 14.98 -44.06 -12.07
C MET H 541 13.67 -43.35 -12.40
N ILE H 542 13.08 -43.62 -13.57
CA ILE H 542 11.86 -42.94 -13.97
C ILE H 542 10.70 -43.28 -13.04
N THR H 543 10.58 -44.54 -12.63
CA THR H 543 9.47 -44.96 -11.79
C THR H 543 9.50 -44.33 -10.40
N LEU H 544 10.66 -43.83 -9.96
CA LEU H 544 10.78 -43.28 -8.62
C LEU H 544 10.07 -41.94 -8.47
N SER H 545 10.02 -41.13 -9.51
CA SER H 545 9.45 -39.80 -9.43
C SER H 545 7.93 -39.84 -9.47
N GLU H 546 7.31 -38.77 -8.97
CA GLU H 546 5.86 -38.67 -8.94
C GLU H 546 5.32 -38.44 -10.34
N ALA H 547 4.92 -39.51 -11.03
CA ALA H 547 4.40 -39.38 -12.38
C ALA H 547 3.09 -38.60 -12.36
N TYR H 548 2.98 -37.60 -13.24
CA TYR H 548 1.77 -36.81 -13.38
C TYR H 548 0.97 -37.17 -14.63
N ILE H 549 1.63 -37.14 -15.78
CA ILE H 549 0.98 -37.50 -17.04
C ILE H 549 1.87 -38.52 -17.75
N GLN H 550 1.25 -39.48 -18.42
CA GLN H 550 2.01 -40.53 -19.08
C GLN H 550 1.47 -40.79 -20.48
N ILE H 551 2.38 -41.01 -21.41
CA ILE H 551 2.05 -41.34 -22.80
C ILE H 551 2.70 -42.68 -23.11
N TRP H 552 1.89 -43.65 -23.52
CA TRP H 552 2.31 -45.01 -23.81
C TRP H 552 2.02 -45.35 -25.27
N LYS H 553 2.91 -46.14 -25.88
CA LYS H 553 2.81 -46.55 -27.27
C LYS H 553 2.40 -48.01 -27.35
N ARG H 554 1.41 -48.31 -28.19
CA ARG H 554 0.81 -49.64 -28.25
C ARG H 554 1.63 -50.65 -29.03
N ARG H 555 2.58 -50.20 -29.86
CA ARG H 555 3.35 -51.08 -30.75
C ARG H 555 2.45 -51.84 -31.74
N LYS I 58 -66.22 -0.33 0.34
CA LYS I 58 -66.60 0.54 1.44
C LYS I 58 -66.75 1.98 0.99
N GLU I 59 -67.22 2.83 1.90
CA GLU I 59 -67.40 4.24 1.63
C GLU I 59 -66.92 5.05 2.83
N ASP I 60 -66.59 6.32 2.57
CA ASP I 60 -66.09 7.19 3.62
C ASP I 60 -67.15 7.42 4.68
N MET I 61 -66.74 7.46 5.95
CA MET I 61 -67.57 7.64 7.12
C MET I 61 -67.42 9.06 7.67
N PRO I 62 -68.37 9.53 8.46
CA PRO I 62 -68.26 10.87 9.05
C PRO I 62 -67.00 10.98 9.90
N PRO I 63 -66.34 12.13 9.86
CA PRO I 63 -65.11 12.30 10.65
C PRO I 63 -65.32 12.24 12.15
N GLU I 64 -66.56 12.40 12.62
CA GLU I 64 -66.80 12.36 14.06
C GLU I 64 -66.64 10.94 14.62
N HIS I 65 -66.78 9.92 13.78
CA HIS I 65 -66.66 8.54 14.24
C HIS I 65 -65.25 8.24 14.72
N VAL I 66 -64.25 8.55 13.89
CA VAL I 66 -62.86 8.35 14.28
C VAL I 66 -62.51 9.27 15.44
N ARG I 67 -63.08 10.47 15.47
CA ARG I 67 -62.85 11.39 16.58
C ARG I 67 -63.28 10.76 17.89
N LYS I 68 -64.50 10.20 17.93
CA LYS I 68 -65.00 9.57 19.15
C LYS I 68 -64.18 8.34 19.50
N ILE I 69 -63.78 7.55 18.50
CA ILE I 69 -62.99 6.35 18.77
C ILE I 69 -61.66 6.71 19.42
N ILE I 70 -60.94 7.67 18.84
CA ILE I 70 -59.65 8.05 19.41
C ILE I 70 -59.83 8.85 20.69
N ARG I 71 -61.02 9.39 20.94
CA ARG I 71 -61.28 10.02 22.23
C ARG I 71 -61.46 9.00 23.33
N ASP I 72 -62.16 7.90 23.04
CA ASP I 72 -62.42 6.87 24.05
C ASP I 72 -61.20 6.01 24.35
N HIS I 73 -60.20 5.99 23.48
CA HIS I 73 -59.00 5.19 23.72
C HIS I 73 -57.74 6.00 23.48
N ASP I 84 -59.58 -8.31 23.51
CA ASP I 84 -58.88 -8.76 22.31
C ASP I 84 -57.76 -7.78 21.93
N LYS I 85 -56.68 -7.81 22.71
CA LYS I 85 -55.54 -6.94 22.45
C LYS I 85 -54.76 -7.34 21.21
N ARG I 86 -55.03 -8.52 20.64
CA ARG I 86 -54.26 -8.96 19.49
C ARG I 86 -54.47 -8.06 18.29
N VAL I 87 -55.71 -7.63 18.05
CA VAL I 87 -56.00 -6.76 16.92
C VAL I 87 -55.25 -5.44 17.07
N TYR I 88 -55.31 -4.86 18.27
CA TYR I 88 -54.63 -3.59 18.55
C TYR I 88 -53.12 -3.72 18.36
N LEU I 89 -52.54 -4.80 18.91
CA LEU I 89 -51.09 -5.00 18.78
C LEU I 89 -50.68 -5.22 17.33
N GLY I 90 -51.46 -6.00 16.58
CA GLY I 90 -51.13 -6.21 15.18
C GLY I 90 -51.24 -4.94 14.36
N ALA I 91 -52.23 -4.09 14.68
CA ALA I 91 -52.35 -2.81 14.00
C ALA I 91 -51.16 -1.91 14.33
N LEU I 92 -50.65 -1.99 15.56
CA LEU I 92 -49.53 -1.13 15.95
C LEU I 92 -48.26 -1.39 15.14
N LYS I 93 -48.18 -2.52 14.44
CA LYS I 93 -46.94 -2.89 13.76
C LYS I 93 -46.57 -1.91 12.65
N TYR I 94 -47.56 -1.40 11.92
CA TYR I 94 -47.34 -0.58 10.73
C TYR I 94 -47.20 0.91 11.05
N MET I 95 -46.74 1.25 12.26
CA MET I 95 -46.64 2.65 12.64
C MET I 95 -45.68 3.47 11.79
N PRO I 96 -44.49 2.99 11.42
CA PRO I 96 -43.62 3.82 10.55
C PRO I 96 -44.27 4.21 9.23
N HIS I 97 -45.12 3.35 8.64
CA HIS I 97 -45.89 3.81 7.49
C HIS I 97 -46.82 4.96 7.85
N ALA I 98 -47.45 4.90 9.04
CA ALA I 98 -48.29 6.02 9.45
C ALA I 98 -47.49 7.31 9.52
N VAL I 99 -46.29 7.23 10.12
CA VAL I 99 -45.43 8.41 10.21
C VAL I 99 -45.04 8.90 8.83
N LEU I 100 -44.63 7.99 7.95
CA LEU I 100 -44.16 8.40 6.63
C LEU I 100 -45.29 9.02 5.80
N LYS I 101 -46.49 8.44 5.86
CA LYS I 101 -47.60 8.98 5.09
C LYS I 101 -48.10 10.29 5.67
N LEU I 102 -48.04 10.46 6.99
CA LEU I 102 -48.36 11.75 7.58
C LEU I 102 -47.36 12.82 7.14
N LEU I 103 -46.07 12.48 7.14
CA LEU I 103 -45.06 13.49 6.84
C LEU I 103 -45.00 13.82 5.35
N GLU I 104 -45.26 12.83 4.49
CA GLU I 104 -45.21 13.10 3.05
C GLU I 104 -46.42 13.87 2.54
N ASN I 105 -47.54 13.80 3.26
CA ASN I 105 -48.73 14.59 2.92
C ASN I 105 -48.73 15.92 3.63
N MET I 106 -47.56 16.44 3.97
CA MET I 106 -47.44 17.64 4.76
C MET I 106 -47.94 18.85 3.98
N PRO I 107 -48.77 19.70 4.57
CA PRO I 107 -49.32 20.83 3.80
C PRO I 107 -48.24 21.79 3.36
N MET I 108 -48.44 22.36 2.19
CA MET I 108 -47.53 23.33 1.61
C MET I 108 -47.73 24.70 2.25
N PRO I 109 -46.74 25.58 2.17
CA PRO I 109 -46.87 26.89 2.83
C PRO I 109 -48.02 27.73 2.32
N TRP I 110 -48.49 27.50 1.10
CA TRP I 110 -49.58 28.27 0.54
C TRP I 110 -50.96 27.69 0.88
N GLU I 111 -51.02 26.62 1.65
CA GLU I 111 -52.27 26.00 2.06
C GLU I 111 -52.49 26.23 3.54
N GLN I 112 -53.71 26.64 3.89
CA GLN I 112 -54.08 26.78 5.29
C GLN I 112 -54.63 25.47 5.85
N ILE I 113 -55.58 24.85 5.14
CA ILE I 113 -56.15 23.58 5.52
C ILE I 113 -56.01 22.62 4.34
N ARG I 114 -55.54 21.40 4.62
CA ARG I 114 -55.40 20.37 3.59
C ARG I 114 -56.12 19.13 4.09
N ASP I 115 -57.39 18.96 3.69
CA ASP I 115 -58.12 17.75 4.02
C ASP I 115 -57.55 16.57 3.23
N VAL I 116 -57.42 15.43 3.88
CA VAL I 116 -56.81 14.25 3.28
C VAL I 116 -57.69 13.03 3.54
N PRO I 117 -57.67 12.04 2.65
CA PRO I 117 -58.34 10.77 2.96
C PRO I 117 -57.52 9.97 3.95
N VAL I 118 -58.19 9.42 4.95
CA VAL I 118 -57.53 8.79 6.08
C VAL I 118 -58.12 7.39 6.28
N LEU I 119 -57.25 6.40 6.37
CA LEU I 119 -57.63 5.03 6.68
C LEU I 119 -57.25 4.77 8.13
N TYR I 120 -58.24 4.70 9.01
CA TYR I 120 -58.01 4.58 10.43
C TYR I 120 -58.47 3.22 10.94
N HIS I 121 -57.72 2.68 11.89
CA HIS I 121 -58.10 1.43 12.54
C HIS I 121 -59.39 1.62 13.33
N ILE I 122 -60.20 0.57 13.35
CA ILE I 122 -61.49 0.65 14.04
C ILE I 122 -61.29 0.86 15.54
N THR I 123 -60.16 0.42 16.08
CA THR I 123 -59.84 0.59 17.48
C THR I 123 -59.03 1.85 17.76
N GLY I 124 -58.72 2.63 16.74
CA GLY I 124 -57.94 3.84 16.92
C GLY I 124 -56.47 3.62 17.17
N ALA I 125 -55.97 2.39 16.97
CA ALA I 125 -54.58 2.11 17.24
C ALA I 125 -53.65 2.78 16.24
N ILE I 126 -54.16 3.12 15.06
CA ILE I 126 -53.33 3.66 14.00
C ILE I 126 -54.22 4.37 13.00
N SER I 127 -53.64 5.28 12.23
CA SER I 127 -54.37 5.99 11.18
C SER I 127 -53.38 6.47 10.14
N PHE I 128 -53.55 5.98 8.91
CA PHE I 128 -52.68 6.33 7.79
C PHE I 128 -53.34 7.42 6.95
N VAL I 129 -52.53 8.34 6.43
CA VAL I 129 -53.00 9.27 5.41
C VAL I 129 -52.94 8.53 4.08
N ASN I 130 -54.10 8.21 3.52
CA ASN I 130 -54.16 7.28 2.40
C ASN I 130 -53.50 7.83 1.14
N GLU I 131 -53.71 9.11 0.85
CA GLU I 131 -53.34 9.63 -0.45
C GLU I 131 -51.82 9.81 -0.56
N ILE I 132 -51.39 10.16 -1.77
CA ILE I 132 -49.99 10.39 -2.11
C ILE I 132 -49.87 11.83 -2.60
N PRO I 133 -48.80 12.56 -2.27
CA PRO I 133 -48.70 13.95 -2.71
C PRO I 133 -48.39 14.09 -4.19
N TRP I 134 -49.41 14.00 -5.03
CA TRP I 134 -49.23 14.18 -6.47
C TRP I 134 -49.35 15.66 -6.80
N VAL I 135 -48.30 16.22 -7.39
CA VAL I 135 -48.27 17.63 -7.77
C VAL I 135 -47.68 17.75 -9.17
N ILE I 136 -48.25 18.64 -9.97
CA ILE I 136 -47.71 18.91 -11.30
C ILE I 136 -46.40 19.65 -11.16
N GLU I 137 -45.36 19.15 -11.84
CA GLU I 137 -44.01 19.68 -11.64
C GLU I 137 -43.89 21.16 -11.98
N PRO I 138 -44.34 21.66 -13.14
CA PRO I 138 -44.23 23.10 -13.38
C PRO I 138 -45.03 23.94 -12.40
N VAL I 139 -46.24 23.50 -12.06
CA VAL I 139 -47.05 24.26 -11.10
C VAL I 139 -46.40 24.26 -9.73
N TYR I 140 -45.87 23.11 -9.31
CA TYR I 140 -45.20 23.03 -8.01
C TYR I 140 -43.98 23.94 -7.97
N ILE I 141 -43.17 23.92 -9.03
CA ILE I 141 -41.97 24.75 -9.05
C ILE I 141 -42.34 26.22 -9.09
N SER I 142 -43.38 26.59 -9.83
CA SER I 142 -43.81 27.99 -9.87
C SER I 142 -44.34 28.43 -8.52
N GLN I 143 -45.12 27.57 -7.85
CA GLN I 143 -45.62 27.90 -6.52
C GLN I 143 -44.47 28.11 -5.55
N TRP I 144 -43.44 27.26 -5.63
CA TRP I 144 -42.33 27.41 -4.69
C TRP I 144 -41.45 28.60 -5.07
N GLY I 145 -41.41 28.99 -6.34
CA GLY I 145 -40.74 30.24 -6.69
C GLY I 145 -41.47 31.45 -6.14
N SER I 146 -42.79 31.44 -6.21
CA SER I 146 -43.58 32.51 -5.60
C SER I 146 -43.37 32.52 -4.09
N MET I 147 -43.28 31.34 -3.48
CA MET I 147 -42.95 31.26 -2.06
C MET I 147 -41.58 31.87 -1.79
N TRP I 148 -40.61 31.60 -2.66
CA TRP I 148 -39.28 32.18 -2.53
C TRP I 148 -39.35 33.70 -2.53
N ILE I 149 -40.08 34.27 -3.48
CA ILE I 149 -40.21 35.72 -3.57
C ILE I 149 -40.87 36.28 -2.30
N MET I 150 -41.96 35.66 -1.86
CA MET I 150 -42.67 36.15 -0.70
C MET I 150 -41.83 36.03 0.57
N MET I 151 -41.09 34.93 0.72
CA MET I 151 -40.24 34.76 1.88
C MET I 151 -39.15 35.83 1.92
N ARG I 152 -38.53 36.10 0.77
CA ARG I 152 -37.50 37.13 0.74
C ARG I 152 -38.09 38.50 1.07
N ARG I 153 -39.27 38.81 0.53
CA ARG I 153 -39.90 40.09 0.82
C ARG I 153 -40.23 40.21 2.30
N GLU I 154 -40.75 39.14 2.91
CA GLU I 154 -41.12 39.20 4.32
C GLU I 154 -39.89 39.31 5.21
N LYS I 155 -38.81 38.58 4.89
CA LYS I 155 -37.61 38.69 5.70
C LYS I 155 -36.96 40.06 5.56
N ARG I 156 -37.03 40.67 4.38
CA ARG I 156 -36.56 42.05 4.25
C ARG I 156 -37.44 43.00 5.04
N ASP I 157 -38.74 42.75 5.07
CA ASP I 157 -39.66 43.61 5.81
C ASP I 157 -39.43 43.51 7.30
N ARG I 158 -39.45 42.28 7.83
CA ARG I 158 -39.40 42.06 9.28
C ARG I 158 -37.94 41.96 9.72
N ARG I 159 -37.46 43.03 10.37
CA ARG I 159 -36.11 43.02 10.90
C ARG I 159 -36.01 42.15 12.15
N HIS I 160 -37.09 42.05 12.92
CA HIS I 160 -37.13 41.32 14.17
C HIS I 160 -37.93 40.02 14.04
N PHE I 161 -37.72 39.29 12.96
CA PHE I 161 -38.41 38.02 12.79
C PHE I 161 -38.14 37.15 14.00
N LYS I 162 -39.19 36.60 14.58
CA LYS I 162 -39.04 35.74 15.73
C LYS I 162 -39.35 34.29 15.42
N ARG I 163 -38.36 33.42 15.50
CA ARG I 163 -38.60 32.00 15.27
C ARG I 163 -39.42 31.45 16.41
N MET I 164 -40.34 30.55 16.10
CA MET I 164 -41.19 29.99 17.13
C MET I 164 -40.37 29.08 18.04
N ARG I 165 -40.86 28.88 19.26
CA ARG I 165 -40.11 28.08 20.22
C ARG I 165 -39.73 26.76 19.59
N PHE I 166 -38.46 26.42 19.64
CA PHE I 166 -37.99 25.19 19.00
C PHE I 166 -38.73 23.95 19.47
N PRO I 167 -38.95 23.82 20.79
CA PRO I 167 -39.76 22.68 21.23
C PRO I 167 -41.18 23.15 21.49
N PRO I 168 -42.02 23.14 20.45
CA PRO I 168 -43.37 23.66 20.64
C PRO I 168 -44.09 22.94 21.76
N PHE I 169 -44.78 23.65 22.62
CA PHE I 169 -45.57 23.02 23.69
C PHE I 169 -44.68 22.43 24.79
N ASP I 170 -45.27 22.13 25.93
CA ASP I 170 -44.50 21.64 27.07
C ASP I 170 -43.92 20.26 26.81
N ASP I 171 -42.87 19.91 27.56
CA ASP I 171 -42.26 18.61 27.40
C ASP I 171 -43.28 17.54 27.69
N GLU I 172 -44.11 17.77 28.70
CA GLU I 172 -45.13 16.79 29.06
C GLU I 172 -46.52 17.41 28.98
N GLU I 173 -46.71 18.39 28.11
CA GLU I 173 -48.02 18.96 27.93
C GLU I 173 -48.91 17.93 27.25
N PRO I 174 -50.10 17.69 27.80
CA PRO I 174 -51.02 16.77 27.14
C PRO I 174 -51.34 17.28 25.74
N PRO I 175 -51.46 16.37 24.77
CA PRO I 175 -51.70 16.79 23.38
C PRO I 175 -53.02 17.55 23.24
N LEU I 176 -53.08 18.50 22.31
CA LEU I 176 -54.29 19.29 22.14
C LEU I 176 -55.39 18.51 21.45
N ASP I 177 -56.62 18.67 21.93
CA ASP I 177 -57.76 18.00 21.28
C ASP I 177 -58.21 18.84 20.10
N TYR I 178 -58.21 18.25 18.90
CA TYR I 178 -58.51 19.01 17.69
C TYR I 178 -59.90 19.60 17.73
N ALA I 179 -60.88 18.84 18.23
CA ALA I 179 -62.25 19.32 18.30
C ALA I 179 -62.45 20.42 19.33
N ASP I 180 -61.45 20.69 20.17
CA ASP I 180 -61.62 21.68 21.23
C ASP I 180 -61.05 23.05 20.85
N ASN I 181 -59.80 23.09 20.36
CA ASN I 181 -59.13 24.37 20.16
C ASN I 181 -58.53 24.54 18.77
N ILE I 182 -58.79 23.62 17.83
CA ILE I 182 -58.28 23.77 16.47
C ILE I 182 -59.44 23.72 15.49
N LEU I 183 -60.53 23.06 15.89
CA LEU I 183 -61.64 22.84 14.96
C LEU I 183 -62.33 24.14 14.60
N ASP I 184 -62.61 24.99 15.58
CA ASP I 184 -63.34 26.22 15.36
C ASP I 184 -62.45 27.43 15.09
N VAL I 185 -61.14 27.26 15.14
CA VAL I 185 -60.22 28.37 14.89
C VAL I 185 -59.87 28.41 13.40
N GLU I 186 -60.13 29.55 12.78
CA GLU I 186 -59.79 29.69 11.37
C GLU I 186 -58.35 30.19 11.21
N PRO I 187 -57.66 29.74 10.17
CA PRO I 187 -56.26 30.15 9.98
C PRO I 187 -56.14 31.65 9.77
N LEU I 188 -55.01 32.21 10.22
CA LEU I 188 -54.79 33.64 10.09
C LEU I 188 -54.68 34.04 8.62
N GLU I 189 -53.81 33.37 7.87
CA GLU I 189 -53.53 33.71 6.49
C GLU I 189 -52.58 32.65 5.94
N ALA I 190 -52.40 32.67 4.62
CA ALA I 190 -51.43 31.83 3.95
C ALA I 190 -50.33 32.71 3.37
N ILE I 191 -49.34 32.07 2.77
CA ILE I 191 -48.16 32.75 2.28
C ILE I 191 -48.33 33.04 0.78
N GLN I 192 -49.58 32.96 0.32
CA GLN I 192 -49.87 33.12 -1.10
C GLN I 192 -49.38 34.46 -1.62
N LEU I 193 -48.67 34.42 -2.75
CA LEU I 193 -48.24 35.64 -3.42
C LEU I 193 -49.41 36.29 -4.15
N GLU I 194 -49.45 37.62 -4.11
CA GLU I 194 -50.49 38.34 -4.83
C GLU I 194 -50.19 38.33 -6.32
N LEU I 195 -51.16 37.92 -7.12
CA LEU I 195 -50.98 37.75 -8.56
C LEU I 195 -51.67 38.87 -9.31
N ASP I 196 -50.95 39.51 -10.22
CA ASP I 196 -51.53 40.58 -11.01
C ASP I 196 -52.45 40.00 -12.08
N PRO I 197 -53.72 40.41 -12.12
CA PRO I 197 -54.66 39.79 -13.08
C PRO I 197 -54.32 40.02 -14.54
N GLU I 198 -53.53 41.05 -14.87
CA GLU I 198 -53.26 41.35 -16.27
C GLU I 198 -52.30 40.34 -16.89
N GLU I 199 -51.32 39.86 -16.12
CA GLU I 199 -50.33 38.93 -16.63
C GLU I 199 -50.54 37.49 -16.17
N ASP I 200 -51.04 37.29 -14.95
CA ASP I 200 -51.30 35.96 -14.43
C ASP I 200 -52.76 35.55 -14.61
N ALA I 201 -53.39 36.01 -15.69
CA ALA I 201 -54.81 35.69 -15.92
C ALA I 201 -55.07 34.19 -16.04
N PRO I 202 -54.30 33.41 -16.81
CA PRO I 202 -54.65 31.98 -16.95
C PRO I 202 -54.41 31.15 -15.69
N VAL I 203 -53.64 31.64 -14.73
CA VAL I 203 -53.27 30.83 -13.58
C VAL I 203 -53.83 31.35 -12.25
N LEU I 204 -54.33 32.58 -12.19
CA LEU I 204 -54.77 33.12 -10.91
C LEU I 204 -55.99 32.38 -10.36
N ASP I 205 -56.69 31.62 -11.19
CA ASP I 205 -57.89 30.93 -10.72
C ASP I 205 -57.55 29.73 -9.85
N TRP I 206 -56.42 29.09 -10.10
CA TRP I 206 -56.10 27.82 -9.43
C TRP I 206 -54.66 27.71 -8.97
N PHE I 207 -53.89 28.80 -8.97
CA PHE I 207 -52.47 28.69 -8.66
C PHE I 207 -52.21 28.28 -7.22
N TYR I 208 -53.19 28.43 -6.33
CA TYR I 208 -52.99 28.19 -4.90
C TYR I 208 -54.09 27.31 -4.34
N ASP I 209 -54.36 26.19 -5.03
CA ASP I 209 -55.30 25.20 -4.56
C ASP I 209 -54.55 23.98 -4.03
N HIS I 210 -55.29 23.14 -3.30
CA HIS I 210 -54.70 21.90 -2.78
C HIS I 210 -54.24 21.01 -3.92
N GLN I 211 -55.05 20.91 -4.97
CA GLN I 211 -54.65 20.29 -6.23
C GLN I 211 -55.27 21.12 -7.35
N PRO I 212 -54.45 21.87 -8.11
CA PRO I 212 -54.98 22.97 -8.93
C PRO I 212 -56.15 22.62 -9.83
N LEU I 213 -55.96 21.67 -10.74
CA LEU I 213 -56.97 21.37 -11.75
C LEU I 213 -57.47 19.94 -11.64
N ARG I 214 -57.62 19.45 -10.41
CA ARG I 214 -58.02 18.05 -10.22
C ARG I 214 -59.42 17.78 -10.76
N ASP I 215 -60.33 18.74 -10.62
CA ASP I 215 -61.71 18.56 -11.03
C ASP I 215 -61.98 19.02 -12.46
N SER I 216 -60.97 19.47 -13.20
CA SER I 216 -61.14 19.91 -14.57
C SER I 216 -60.72 18.80 -15.52
N ARG I 217 -61.64 18.40 -16.40
CA ARG I 217 -61.36 17.27 -17.29
C ARG I 217 -60.41 17.64 -18.41
N LYS I 218 -60.34 18.92 -18.78
CA LYS I 218 -59.55 19.31 -19.94
C LYS I 218 -58.05 19.28 -19.64
N TYR I 219 -57.66 19.68 -18.43
CA TYR I 219 -56.24 19.86 -18.13
C TYR I 219 -55.59 18.65 -17.50
N VAL I 220 -56.34 17.86 -16.72
CA VAL I 220 -55.82 16.64 -16.11
C VAL I 220 -56.65 15.47 -16.60
N ASN I 221 -56.09 14.27 -16.45
CA ASN I 221 -56.80 13.07 -16.86
C ASN I 221 -58.07 12.88 -16.03
N GLY I 222 -57.98 13.11 -14.72
CA GLY I 222 -59.15 12.92 -13.87
C GLY I 222 -58.80 13.02 -12.40
N SER I 223 -59.64 12.41 -11.57
CA SER I 223 -59.45 12.48 -10.13
C SER I 223 -58.15 11.82 -9.69
N THR I 224 -57.66 10.83 -10.43
CA THR I 224 -56.40 10.20 -10.06
C THR I 224 -55.23 11.18 -10.15
N TYR I 225 -55.38 12.26 -10.91
CA TYR I 225 -54.40 13.35 -10.97
C TYR I 225 -53.03 12.82 -11.38
N GLN I 226 -53.00 12.07 -12.48
CA GLN I 226 -51.77 11.40 -12.93
C GLN I 226 -51.19 11.99 -14.20
N ARG I 227 -52.01 12.55 -15.08
CA ARG I 227 -51.54 13.18 -16.31
C ARG I 227 -52.04 14.61 -16.37
N TRP I 228 -51.23 15.50 -16.93
CA TRP I 228 -51.59 16.90 -17.08
C TRP I 228 -51.23 17.37 -18.48
N GLN I 229 -52.08 18.23 -19.04
CA GLN I 229 -51.78 18.92 -20.28
C GLN I 229 -52.15 20.39 -20.12
N PHE I 230 -51.23 21.27 -20.53
CA PHE I 230 -51.42 22.71 -20.39
C PHE I 230 -51.33 23.39 -21.75
N THR I 231 -52.06 24.49 -21.86
CA THR I 231 -51.96 25.40 -22.99
C THR I 231 -50.77 26.31 -22.80
N LEU I 232 -50.14 26.70 -23.92
CA LEU I 232 -48.87 27.41 -23.84
C LEU I 232 -48.90 28.70 -23.04
N PRO I 233 -49.95 29.54 -23.09
CA PRO I 233 -49.98 30.70 -22.18
C PRO I 233 -49.86 30.34 -20.71
N MET I 234 -50.51 29.27 -20.25
CA MET I 234 -50.37 28.89 -18.85
C MET I 234 -48.94 28.49 -18.54
N MET I 235 -48.29 27.75 -19.43
CA MET I 235 -46.92 27.35 -19.17
C MET I 235 -45.97 28.55 -19.21
N SER I 236 -46.27 29.54 -20.06
CA SER I 236 -45.46 30.77 -20.07
C SER I 236 -45.61 31.52 -18.76
N THR I 237 -46.83 31.63 -18.24
CA THR I 237 -47.02 32.30 -16.96
C THR I 237 -46.32 31.55 -15.83
N LEU I 238 -46.40 30.22 -15.86
CA LEU I 238 -45.72 29.41 -14.84
C LEU I 238 -44.21 29.58 -14.92
N TYR I 239 -43.66 29.62 -16.15
CA TYR I 239 -42.23 29.83 -16.33
C TYR I 239 -41.81 31.20 -15.83
N ARG I 240 -42.66 32.22 -16.05
CA ARG I 240 -42.37 33.54 -15.53
C ARG I 240 -42.39 33.56 -14.00
N LEU I 241 -43.36 32.86 -13.40
CA LEU I 241 -43.47 32.86 -11.95
C LEU I 241 -42.36 32.06 -11.27
N ALA I 242 -41.71 31.15 -12.00
CA ALA I 242 -40.63 30.33 -11.46
C ALA I 242 -39.26 30.76 -11.97
N ASN I 243 -39.12 32.00 -12.41
CA ASN I 243 -37.84 32.45 -12.95
C ASN I 243 -36.79 32.58 -11.86
N GLN I 244 -37.21 32.69 -10.60
CA GLN I 244 -36.26 32.81 -9.51
C GLN I 244 -35.56 31.49 -9.20
N LEU I 245 -36.15 30.36 -9.57
CA LEU I 245 -35.60 29.05 -9.27
C LEU I 245 -34.89 28.42 -10.46
N LEU I 246 -34.72 29.15 -11.56
CA LEU I 246 -34.09 28.63 -12.76
C LEU I 246 -32.94 29.54 -13.18
N THR I 247 -31.83 28.93 -13.59
CA THR I 247 -30.60 29.66 -13.90
C THR I 247 -30.65 30.31 -15.28
N ASP I 248 -31.69 30.02 -16.07
CA ASP I 248 -31.85 30.58 -17.42
C ASP I 248 -30.73 30.16 -18.34
N LEU I 249 -30.10 29.02 -18.08
CA LEU I 249 -29.17 28.43 -19.02
C LEU I 249 -29.92 27.82 -20.19
N VAL I 250 -29.35 27.95 -21.38
CA VAL I 250 -29.94 27.41 -22.59
C VAL I 250 -29.07 26.32 -23.20
N ASP I 251 -28.06 25.84 -22.48
CA ASP I 251 -27.12 24.85 -22.98
C ASP I 251 -26.63 23.98 -21.85
N ASP I 252 -26.06 22.83 -22.22
CA ASP I 252 -25.27 22.02 -21.31
C ASP I 252 -23.78 22.35 -21.42
N ASN I 253 -23.42 23.33 -22.24
CA ASN I 253 -22.03 23.79 -22.30
C ASN I 253 -21.59 24.40 -20.99
N TYR I 254 -22.53 24.91 -20.18
CA TYR I 254 -22.18 25.40 -18.86
C TYR I 254 -21.62 24.28 -17.98
N PHE I 255 -21.99 23.04 -18.26
CA PHE I 255 -21.57 21.88 -17.48
C PHE I 255 -20.42 21.14 -18.15
N TYR I 256 -19.50 21.86 -18.79
CA TYR I 256 -18.35 21.21 -19.39
C TYR I 256 -17.39 20.73 -18.31
N LEU I 257 -16.99 19.46 -18.41
CA LEU I 257 -16.15 18.82 -17.40
C LEU I 257 -16.70 19.00 -15.99
N PHE I 258 -18.02 19.15 -15.89
CA PHE I 258 -18.63 19.37 -14.59
C PHE I 258 -19.98 18.63 -14.49
N ASP I 259 -20.25 17.69 -15.40
CA ASP I 259 -21.50 16.96 -15.42
C ASP I 259 -21.31 15.58 -14.80
N LEU I 260 -22.34 14.74 -14.90
CA LEU I 260 -22.29 13.42 -14.27
C LEU I 260 -21.17 12.56 -14.84
N LYS I 261 -21.02 12.54 -16.16
CA LYS I 261 -19.99 11.71 -16.78
C LYS I 261 -18.60 12.20 -16.40
N ALA I 262 -18.40 13.51 -16.34
CA ALA I 262 -17.11 14.04 -15.91
C ALA I 262 -16.82 13.67 -14.46
N PHE I 263 -17.84 13.72 -13.60
CA PHE I 263 -17.65 13.31 -12.21
C PHE I 263 -17.32 11.84 -12.10
N PHE I 264 -17.97 10.99 -12.92
CA PHE I 264 -17.64 9.57 -12.93
C PHE I 264 -16.21 9.35 -13.38
N THR I 265 -15.78 10.06 -14.42
CA THR I 265 -14.41 9.93 -14.88
C THR I 265 -13.43 10.38 -13.80
N SER I 266 -13.74 11.46 -13.09
CA SER I 266 -12.88 11.92 -12.01
C SER I 266 -12.80 10.89 -10.89
N LYS I 267 -13.94 10.32 -10.51
CA LYS I 267 -13.95 9.34 -9.43
C LYS I 267 -13.17 8.09 -9.82
N ALA I 268 -13.35 7.61 -11.05
CA ALA I 268 -12.68 6.40 -11.48
C ALA I 268 -11.17 6.59 -11.57
N LEU I 269 -10.71 7.83 -11.77
CA LEU I 269 -9.30 8.15 -11.83
C LEU I 269 -8.75 8.63 -10.51
N ASN I 270 -9.55 8.61 -9.44
CA ASN I 270 -9.13 9.05 -8.11
C ASN I 270 -8.61 10.48 -8.14
N MET I 271 -9.31 11.34 -8.88
CA MET I 271 -8.96 12.75 -8.98
C MET I 271 -10.21 13.59 -8.79
N ALA I 272 -10.02 14.80 -8.27
CA ALA I 272 -11.12 15.68 -7.92
C ALA I 272 -11.11 16.90 -8.83
N ILE I 273 -12.25 17.16 -9.46
CA ILE I 273 -12.41 18.43 -10.18
C ILE I 273 -12.43 19.57 -9.17
N PRO I 274 -11.80 20.71 -9.45
CA PRO I 274 -11.85 21.84 -8.50
C PRO I 274 -13.24 22.13 -7.97
N GLY I 275 -14.20 22.37 -8.84
CA GLY I 275 -15.55 22.54 -8.36
C GLY I 275 -16.26 21.26 -7.99
N GLY I 276 -15.67 20.11 -8.28
CA GLY I 276 -16.32 18.84 -8.09
C GLY I 276 -15.97 18.18 -6.77
N PRO I 277 -16.64 17.08 -6.47
CA PRO I 277 -16.42 16.39 -5.19
C PRO I 277 -15.16 15.53 -5.24
N LYS I 278 -14.87 14.89 -4.10
CA LYS I 278 -13.72 14.01 -3.93
C LYS I 278 -14.18 12.69 -3.33
N PHE I 279 -13.64 11.60 -3.85
CA PHE I 279 -14.03 10.25 -3.45
C PHE I 279 -12.81 9.45 -3.03
N GLU I 280 -13.07 8.38 -2.28
CA GLU I 280 -12.02 7.41 -2.00
C GLU I 280 -11.62 6.70 -3.29
N PRO I 281 -10.37 6.25 -3.39
CA PRO I 281 -9.91 5.63 -4.65
C PRO I 281 -10.76 4.44 -5.04
N LEU I 282 -11.09 4.37 -6.34
CA LEU I 282 -11.86 3.24 -6.85
C LEU I 282 -11.02 1.97 -6.86
N VAL I 283 -9.73 2.09 -7.19
CA VAL I 283 -8.79 0.98 -7.16
C VAL I 283 -7.57 1.42 -6.36
N ARG I 284 -6.81 0.43 -5.90
CA ARG I 284 -5.61 0.72 -5.13
C ARG I 284 -4.59 1.45 -6.00
N ASP I 285 -4.08 2.57 -5.49
CA ASP I 285 -3.15 3.42 -6.22
C ASP I 285 -1.74 3.20 -5.70
N ILE I 286 -0.81 3.01 -6.64
CA ILE I 286 0.59 2.80 -6.32
C ILE I 286 1.31 4.14 -6.35
N ASN I 287 2.11 4.41 -5.32
CA ASN I 287 2.81 5.68 -5.25
C ASN I 287 3.74 5.86 -6.44
N LEU I 288 3.80 7.10 -6.94
CA LEU I 288 4.64 7.39 -8.10
C LEU I 288 6.13 7.24 -7.78
N GLN I 289 6.49 7.18 -6.49
CA GLN I 289 7.86 6.91 -6.10
C GLN I 289 8.21 5.43 -6.14
N ASP I 290 7.24 4.56 -6.44
CA ASP I 290 7.49 3.13 -6.52
C ASP I 290 8.02 2.70 -7.88
N GLU I 291 7.63 3.39 -8.95
CA GLU I 291 8.14 3.05 -10.27
C GLU I 291 9.64 3.31 -10.34
N ASP I 292 10.34 2.44 -11.05
CA ASP I 292 11.80 2.34 -10.98
C ASP I 292 12.50 3.01 -12.16
N TRP I 293 11.97 4.13 -12.63
CA TRP I 293 12.64 4.96 -13.64
C TRP I 293 12.91 4.15 -14.92
N ASN I 294 11.82 3.76 -15.56
CA ASN I 294 11.91 3.10 -16.85
C ASN I 294 12.28 4.11 -17.92
N GLU I 295 12.67 3.60 -19.10
CA GLU I 295 12.90 4.47 -20.25
C GLU I 295 11.62 5.18 -20.67
N PHE I 296 10.46 4.59 -20.39
CA PHE I 296 9.20 5.21 -20.78
C PHE I 296 8.93 6.48 -19.98
N ASN I 297 9.08 6.41 -18.66
CA ASN I 297 8.82 7.55 -17.79
C ASN I 297 10.08 8.29 -17.40
N ASP I 298 11.09 8.29 -18.27
CA ASP I 298 12.31 9.04 -18.03
C ASP I 298 12.01 10.53 -18.13
N ILE I 299 12.29 11.28 -17.05
CA ILE I 299 11.97 12.69 -17.04
C ILE I 299 12.95 13.51 -17.86
N ASN I 300 14.12 12.96 -18.18
CA ASN I 300 15.07 13.66 -19.04
C ASN I 300 14.58 13.79 -20.46
N LYS I 301 13.56 13.02 -20.86
CA LYS I 301 13.00 13.08 -22.19
C LYS I 301 11.72 13.89 -22.28
N ILE I 302 11.07 14.15 -21.16
CA ILE I 302 9.75 14.77 -21.16
C ILE I 302 9.89 16.28 -21.28
N ILE I 303 9.21 16.87 -22.26
CA ILE I 303 9.21 18.31 -22.47
C ILE I 303 7.99 18.89 -21.75
N ILE I 304 8.23 19.85 -20.88
CA ILE I 304 7.18 20.47 -20.08
C ILE I 304 6.97 21.89 -20.56
N ARG I 305 5.73 22.22 -20.93
CA ARG I 305 5.33 23.59 -21.24
C ARG I 305 4.29 24.10 -20.27
N GLN I 306 3.23 23.35 -20.05
CA GLN I 306 2.20 23.68 -19.07
C GLN I 306 1.93 22.46 -18.21
N PRO I 307 1.55 22.67 -16.95
CA PRO I 307 1.22 21.54 -16.08
C PRO I 307 -0.04 20.84 -16.56
N ILE I 308 0.07 19.52 -16.75
CA ILE I 308 -1.07 18.73 -17.20
C ILE I 308 -2.06 18.65 -16.04
N ARG I 309 -3.15 19.40 -16.14
CA ARG I 309 -4.11 19.51 -15.06
C ARG I 309 -5.02 18.30 -15.01
N THR I 310 -5.81 18.21 -13.94
CA THR I 310 -6.80 17.16 -13.82
C THR I 310 -7.89 17.31 -14.88
N GLU I 311 -8.19 18.54 -15.27
CA GLU I 311 -9.19 18.77 -16.30
C GLU I 311 -8.77 18.17 -17.64
N TYR I 312 -7.48 18.28 -17.97
CA TYR I 312 -7.01 17.69 -19.22
C TYR I 312 -7.22 16.18 -19.22
N LYS I 313 -6.90 15.54 -18.10
CA LYS I 313 -7.03 14.09 -18.00
C LYS I 313 -8.49 13.66 -18.01
N ILE I 314 -9.38 14.44 -17.41
CA ILE I 314 -10.79 14.08 -17.44
C ILE I 314 -11.37 14.28 -18.84
N ALA I 315 -10.97 15.35 -19.52
CA ALA I 315 -11.50 15.62 -20.86
C ALA I 315 -11.14 14.51 -21.83
N PHE I 316 -9.91 14.00 -21.75
CA PHE I 316 -9.42 12.96 -22.65
C PHE I 316 -8.85 11.83 -21.79
N PRO I 317 -9.72 11.02 -21.18
CA PRO I 317 -9.23 9.99 -20.26
C PRO I 317 -8.30 8.98 -20.88
N TYR I 318 -8.44 8.68 -22.16
CA TYR I 318 -7.63 7.64 -22.80
C TYR I 318 -6.31 8.18 -23.33
N LEU I 319 -6.06 9.48 -23.22
CA LEU I 319 -4.83 10.08 -23.70
C LEU I 319 -3.90 10.51 -22.57
N TYR I 320 -4.45 11.04 -21.48
CA TYR I 320 -3.64 11.57 -20.39
C TYR I 320 -3.63 10.66 -19.17
N ASN I 321 -4.14 9.44 -19.28
CA ASN I 321 -4.13 8.49 -18.18
C ASN I 321 -3.51 7.19 -18.65
N ASN I 322 -2.69 6.58 -17.79
CA ASN I 322 -2.04 5.32 -18.14
C ASN I 322 -2.89 4.10 -17.82
N LEU I 323 -3.97 4.26 -17.06
CA LEU I 323 -4.85 3.14 -16.71
C LEU I 323 -6.29 3.63 -16.63
N PRO I 324 -6.89 3.94 -17.78
CA PRO I 324 -8.29 4.40 -17.78
C PRO I 324 -9.24 3.22 -17.60
N HIS I 325 -9.84 3.12 -16.42
CA HIS I 325 -10.75 2.03 -16.11
C HIS I 325 -12.04 2.60 -15.56
N HIS I 326 -13.16 2.10 -16.08
CA HIS I 326 -14.49 2.56 -15.69
C HIS I 326 -14.64 4.07 -15.89
N VAL I 327 -14.04 4.58 -16.95
CA VAL I 327 -14.11 6.00 -17.29
C VAL I 327 -15.18 6.20 -18.35
N HIS I 328 -16.01 7.20 -18.16
CA HIS I 328 -17.07 7.52 -19.11
C HIS I 328 -16.66 8.73 -19.93
N LEU I 329 -16.72 8.59 -21.25
CA LEU I 329 -16.38 9.70 -22.14
C LEU I 329 -17.38 10.82 -21.98
N THR I 330 -16.88 12.01 -21.64
CA THR I 330 -17.75 13.17 -21.46
C THR I 330 -18.27 13.66 -22.81
N TRP I 331 -19.52 14.11 -22.81
CA TRP I 331 -20.13 14.67 -24.00
C TRP I 331 -19.32 15.87 -24.48
N TYR I 332 -19.05 15.91 -25.78
CA TYR I 332 -18.22 16.97 -26.35
C TYR I 332 -19.04 18.25 -26.49
N HIS I 333 -18.52 19.20 -27.26
CA HIS I 333 -19.19 20.48 -27.40
C HIS I 333 -20.52 20.32 -28.13
N THR I 334 -21.53 20.98 -27.61
CA THR I 334 -22.81 21.14 -28.29
C THR I 334 -22.85 22.51 -28.97
N PRO I 335 -23.59 22.66 -30.07
CA PRO I 335 -23.66 23.97 -30.71
C PRO I 335 -24.23 25.02 -29.77
N ASN I 336 -23.63 26.21 -29.81
CA ASN I 336 -24.02 27.29 -28.91
C ASN I 336 -25.43 27.75 -29.25
N VAL I 337 -26.37 27.56 -28.32
CA VAL I 337 -27.70 28.12 -28.49
C VAL I 337 -27.60 29.63 -28.38
N VAL I 338 -28.01 30.33 -29.43
CA VAL I 338 -27.86 31.78 -29.51
C VAL I 338 -29.23 32.43 -29.34
N PHE I 339 -30.11 31.77 -28.59
CA PHE I 339 -31.45 32.31 -28.36
C PHE I 339 -31.37 33.66 -27.68
N ILE I 340 -31.97 34.66 -28.32
CA ILE I 340 -31.97 36.03 -27.81
C ILE I 340 -33.22 36.24 -26.98
N LYS I 341 -33.06 36.45 -25.69
CA LYS I 341 -34.19 36.55 -24.79
C LYS I 341 -34.84 37.92 -24.93
N THR I 342 -36.16 37.94 -25.05
CA THR I 342 -36.87 39.20 -25.26
C THR I 342 -37.21 39.84 -23.93
N GLU I 343 -36.87 41.13 -23.79
CA GLU I 343 -37.17 41.89 -22.58
C GLU I 343 -38.40 42.77 -22.73
N ASP I 344 -38.62 43.37 -23.89
CA ASP I 344 -39.73 44.28 -24.09
C ASP I 344 -40.88 43.55 -24.77
N PRO I 345 -42.00 43.30 -24.09
CA PRO I 345 -43.13 42.64 -24.76
C PRO I 345 -43.71 43.44 -25.91
N ASP I 346 -43.57 44.77 -25.89
CA ASP I 346 -44.13 45.60 -26.95
C ASP I 346 -43.40 45.37 -28.27
N LEU I 347 -42.14 44.94 -28.23
CA LEU I 347 -41.38 44.72 -29.44
C LEU I 347 -41.96 43.55 -30.22
N PRO I 348 -41.81 43.54 -31.55
CA PRO I 348 -42.26 42.39 -32.33
C PRO I 348 -41.48 41.14 -31.95
N ALA I 349 -42.16 39.99 -32.08
CA ALA I 349 -41.51 38.72 -31.73
C ALA I 349 -40.30 38.46 -32.62
N PHE I 350 -40.42 38.74 -33.92
CA PHE I 350 -39.32 38.55 -34.86
C PHE I 350 -38.70 39.92 -35.12
N TYR I 351 -37.75 40.29 -34.27
CA TYR I 351 -37.17 41.62 -34.29
C TYR I 351 -35.65 41.52 -34.20
N PHE I 352 -34.97 42.39 -34.93
CA PHE I 352 -33.51 42.41 -34.96
C PHE I 352 -33.01 43.04 -33.67
N ASP I 353 -32.72 42.19 -32.68
CA ASP I 353 -32.24 42.67 -31.41
C ASP I 353 -30.83 43.26 -31.57
N PRO I 354 -30.48 44.30 -30.81
CA PRO I 354 -29.13 44.86 -30.91
C PRO I 354 -28.04 43.90 -30.51
N LEU I 355 -28.35 42.84 -29.74
CA LEU I 355 -27.35 41.84 -29.41
C LEU I 355 -26.80 41.18 -30.66
N ILE I 356 -27.67 40.88 -31.62
CA ILE I 356 -27.25 40.30 -32.88
C ILE I 356 -26.35 41.29 -33.61
N ASN I 357 -25.21 40.82 -34.09
CA ASN I 357 -24.32 41.67 -34.85
C ASN I 357 -25.01 42.09 -36.14
N PRO I 358 -25.11 43.38 -36.44
CA PRO I 358 -25.71 43.79 -37.71
C PRO I 358 -24.93 43.25 -38.89
N ILE I 359 -25.65 42.85 -39.92
CA ILE I 359 -25.06 42.22 -41.10
C ILE I 359 -24.72 43.30 -42.12
N SER I 360 -23.49 43.27 -42.61
CA SER I 360 -23.02 44.24 -43.59
C SER I 360 -23.51 43.82 -44.97
N HIS I 361 -24.55 44.49 -45.47
CA HIS I 361 -25.07 44.19 -46.79
C HIS I 361 -24.04 44.59 -47.85
N ARG I 362 -23.76 43.66 -48.77
CA ARG I 362 -22.78 43.88 -49.84
C ARG I 362 -21.43 44.30 -49.28
N GLU I 369 -25.78 37.58 -59.45
CA GLU I 369 -26.94 36.71 -59.44
C GLU I 369 -27.49 36.52 -60.84
N PRO I 370 -27.45 35.28 -61.35
CA PRO I 370 -28.01 35.00 -62.69
C PRO I 370 -29.53 35.06 -62.69
N LEU I 371 -30.07 36.26 -62.55
CA LEU I 371 -31.51 36.47 -62.48
C LEU I 371 -32.14 36.37 -63.86
N PRO I 372 -33.39 35.92 -63.95
CA PRO I 372 -34.11 35.95 -65.23
C PRO I 372 -34.45 37.38 -65.61
N ASP I 373 -34.57 37.61 -66.91
CA ASP I 373 -34.91 38.93 -67.42
C ASP I 373 -36.34 39.30 -67.06
N ASP I 374 -36.54 40.58 -66.72
CA ASP I 374 -37.85 41.05 -66.31
C ASP I 374 -38.83 41.08 -67.48
N ASP I 375 -38.33 41.28 -68.70
CA ASP I 375 -39.20 41.41 -69.87
C ASP I 375 -39.89 40.11 -70.24
N GLU I 376 -39.49 38.99 -69.65
CA GLU I 376 -40.07 37.70 -70.01
C GLU I 376 -41.53 37.63 -69.59
N GLU I 377 -42.25 36.65 -70.13
CA GLU I 377 -43.69 36.56 -70.04
C GLU I 377 -44.17 35.66 -68.90
N PHE I 378 -43.43 35.62 -67.79
CA PHE I 378 -43.87 34.83 -66.65
C PHE I 378 -45.04 35.51 -65.94
N GLU I 379 -46.15 34.80 -65.81
CA GLU I 379 -47.35 35.30 -65.18
C GLU I 379 -47.77 34.36 -64.06
N LEU I 380 -48.25 34.94 -62.97
CA LEU I 380 -48.72 34.12 -61.86
C LEU I 380 -50.24 34.08 -61.86
N PRO I 381 -50.85 32.90 -61.80
CA PRO I 381 -52.31 32.81 -61.81
C PRO I 381 -52.93 33.48 -60.59
N GLU I 382 -54.17 33.93 -60.76
CA GLU I 382 -54.86 34.64 -59.69
C GLU I 382 -55.15 33.73 -58.50
N PHE I 383 -55.17 32.41 -58.71
CA PHE I 383 -55.37 31.49 -57.59
C PHE I 383 -54.14 31.42 -56.70
N VAL I 384 -53.00 31.94 -57.16
CA VAL I 384 -51.76 31.78 -56.43
C VAL I 384 -51.53 32.98 -55.52
N GLU I 385 -51.21 32.70 -54.26
CA GLU I 385 -50.78 33.71 -53.30
C GLU I 385 -49.89 33.02 -52.28
N PRO I 386 -49.17 33.79 -51.46
CA PRO I 386 -48.38 33.16 -50.39
C PRO I 386 -49.21 32.18 -49.57
N PHE I 387 -48.55 31.15 -49.06
CA PHE I 387 -49.25 30.03 -48.44
C PHE I 387 -50.09 30.49 -47.25
N LEU I 388 -49.54 31.36 -46.41
CA LEU I 388 -50.28 31.83 -45.25
C LEU I 388 -50.30 33.36 -45.21
N LYS I 389 -50.68 33.97 -46.35
CA LYS I 389 -50.71 35.43 -46.42
C LYS I 389 -51.66 36.01 -45.40
N ASP I 390 -52.82 35.38 -45.20
CA ASP I 390 -53.77 35.86 -44.19
C ASP I 390 -53.22 35.69 -42.78
N THR I 391 -52.39 34.67 -42.57
CA THR I 391 -51.88 34.40 -41.23
C THR I 391 -50.88 35.47 -40.81
N PRO I 392 -51.06 36.10 -39.65
CA PRO I 392 -50.08 37.08 -39.18
C PRO I 392 -48.74 36.43 -38.88
N LEU I 393 -47.67 37.20 -39.09
CA LEU I 393 -46.32 36.67 -38.91
C LEU I 393 -46.07 36.28 -37.46
N TYR I 394 -46.55 37.08 -36.51
CA TYR I 394 -46.37 36.80 -35.10
C TYR I 394 -47.63 37.19 -34.34
N THR I 395 -47.79 36.59 -33.17
CA THR I 395 -48.93 36.84 -32.30
C THR I 395 -48.41 37.26 -30.93
N ASP I 396 -49.32 37.76 -30.08
CA ASP I 396 -48.93 38.25 -28.77
C ASP I 396 -48.23 37.18 -27.95
N ASN I 397 -48.55 35.91 -28.17
CA ASN I 397 -47.99 34.80 -27.41
C ASN I 397 -47.08 33.93 -28.27
N THR I 398 -46.33 34.57 -29.17
CA THR I 398 -45.34 33.87 -29.97
C THR I 398 -43.96 33.89 -29.32
N ALA I 399 -43.53 35.06 -28.84
CA ALA I 399 -42.28 35.15 -28.11
C ALA I 399 -42.30 34.30 -26.86
N ASN I 400 -43.47 34.20 -26.21
CA ASN I 400 -43.59 33.34 -25.04
C ASN I 400 -43.34 31.88 -25.40
N GLY I 401 -43.90 31.41 -26.51
CA GLY I 401 -43.64 30.05 -26.94
C GLY I 401 -42.19 29.81 -27.31
N ILE I 402 -41.59 30.77 -28.03
CA ILE I 402 -40.19 30.63 -28.41
C ILE I 402 -39.30 30.59 -27.17
N ALA I 403 -39.66 31.37 -26.15
CA ALA I 403 -38.95 31.28 -24.87
C ALA I 403 -39.16 29.92 -24.22
N LEU I 404 -40.39 29.41 -24.27
CA LEU I 404 -40.68 28.09 -23.69
C LEU I 404 -39.91 26.98 -24.39
N LEU I 405 -39.49 27.19 -25.64
CA LEU I 405 -38.66 26.19 -26.31
C LEU I 405 -37.37 25.93 -25.54
N TRP I 406 -36.77 26.98 -24.97
CA TRP I 406 -35.48 26.88 -24.31
C TRP I 406 -35.60 26.97 -22.80
N ALA I 407 -36.78 26.73 -22.25
CA ALA I 407 -36.98 26.70 -20.81
C ALA I 407 -36.33 25.46 -20.22
N PRO I 408 -36.12 25.43 -18.90
CA PRO I 408 -35.66 24.19 -18.25
C PRO I 408 -36.67 23.07 -18.45
N ARG I 409 -36.22 21.85 -18.15
CA ARG I 409 -36.95 20.64 -18.50
C ARG I 409 -38.41 20.62 -18.00
N PRO I 410 -38.72 20.97 -16.75
CA PRO I 410 -40.13 20.94 -16.33
C PRO I 410 -41.01 21.88 -17.12
N PHE I 411 -40.44 22.87 -17.80
CA PHE I 411 -41.20 23.84 -18.58
C PHE I 411 -41.06 23.69 -20.08
N ASN I 412 -40.11 22.89 -20.56
CA ASN I 412 -40.03 22.59 -21.98
C ASN I 412 -41.24 21.82 -22.49
N LEU I 413 -41.92 21.09 -21.63
CA LEU I 413 -43.04 20.25 -22.01
C LEU I 413 -44.34 21.05 -22.00
N ARG I 414 -45.36 20.48 -22.63
CA ARG I 414 -46.72 20.96 -22.48
C ARG I 414 -47.67 19.91 -21.94
N SER I 415 -47.32 18.63 -22.06
CA SER I 415 -48.06 17.53 -21.45
C SER I 415 -47.06 16.67 -20.70
N GLY I 416 -47.50 16.11 -19.57
CA GLY I 416 -46.61 15.31 -18.76
C GLY I 416 -47.36 14.50 -17.74
N ARG I 417 -46.59 13.81 -16.90
CA ARG I 417 -47.11 12.92 -15.88
C ARG I 417 -46.85 13.52 -14.51
N THR I 418 -47.86 13.49 -13.65
CA THR I 418 -47.74 14.08 -12.32
C THR I 418 -46.66 13.36 -11.51
N ARG I 419 -45.94 14.11 -10.70
CA ARG I 419 -44.88 13.59 -9.86
C ARG I 419 -45.22 13.79 -8.39
N ARG I 420 -44.56 12.98 -7.55
CA ARG I 420 -44.67 13.18 -6.12
C ARG I 420 -43.97 14.47 -5.70
N ALA I 421 -44.50 15.09 -4.65
CA ALA I 421 -43.84 16.26 -4.08
C ALA I 421 -42.45 15.91 -3.56
N LEU I 422 -42.27 14.68 -3.09
CA LEU I 422 -40.96 14.22 -2.68
C LEU I 422 -40.00 14.18 -3.87
N ASP I 423 -40.47 13.72 -5.02
CA ASP I 423 -39.62 13.45 -6.16
C ASP I 423 -39.15 14.70 -6.88
N ILE I 424 -39.63 15.89 -6.50
CA ILE I 424 -39.24 17.11 -7.17
C ILE I 424 -38.19 17.83 -6.34
N PRO I 425 -36.91 17.79 -6.74
CA PRO I 425 -35.88 18.56 -6.04
C PRO I 425 -35.86 20.00 -6.54
N LEU I 426 -36.33 20.92 -5.69
CA LEU I 426 -36.43 22.31 -6.11
C LEU I 426 -35.07 22.97 -6.29
N VAL I 427 -34.05 22.45 -5.61
CA VAL I 427 -32.75 23.11 -5.56
C VAL I 427 -31.65 22.21 -6.12
N LYS I 428 -32.02 21.14 -6.83
CA LYS I 428 -31.01 20.24 -7.38
C LYS I 428 -30.16 20.94 -8.44
N ASN I 429 -30.77 21.75 -9.30
CA ASN I 429 -30.00 22.48 -10.29
C ASN I 429 -29.14 23.57 -9.67
N TRP I 430 -29.42 23.96 -8.43
CA TRP I 430 -28.64 25.01 -7.78
C TRP I 430 -27.22 24.53 -7.46
N TYR I 431 -27.08 23.34 -6.89
CA TYR I 431 -25.76 22.81 -6.61
C TYR I 431 -25.20 21.98 -7.76
N ARG I 432 -26.01 21.69 -8.77
CA ARG I 432 -25.48 21.05 -9.97
C ARG I 432 -24.64 22.02 -10.78
N GLU I 433 -24.86 23.31 -10.61
CA GLU I 433 -24.08 24.33 -11.30
C GLU I 433 -22.85 24.69 -10.49
N HIS I 434 -22.00 25.53 -11.08
CA HIS I 434 -20.78 25.96 -10.39
C HIS I 434 -21.13 26.85 -9.20
N CYS I 435 -20.33 26.72 -8.15
CA CYS I 435 -20.51 27.58 -6.99
C CYS I 435 -20.23 29.03 -7.36
N PRO I 436 -20.99 29.99 -6.82
CA PRO I 436 -20.71 31.40 -7.10
C PRO I 436 -19.31 31.79 -6.67
N ALA I 437 -18.73 32.74 -7.40
CA ALA I 437 -17.31 33.05 -7.22
C ALA I 437 -17.01 33.55 -5.81
N GLY I 438 -17.81 34.47 -5.31
CA GLY I 438 -17.60 34.95 -3.96
C GLY I 438 -18.44 34.23 -2.94
N GLN I 439 -17.86 33.23 -2.27
CA GLN I 439 -18.57 32.44 -1.27
C GLN I 439 -17.59 32.01 -0.20
N PRO I 440 -18.03 31.87 1.05
CA PRO I 440 -17.15 31.39 2.10
C PRO I 440 -16.72 29.94 1.90
N VAL I 441 -15.82 29.46 2.76
CA VAL I 441 -15.29 28.11 2.58
C VAL I 441 -16.32 27.04 2.91
N LYS I 442 -17.21 27.30 3.87
CA LYS I 442 -18.13 26.25 4.31
C LYS I 442 -19.20 25.96 3.25
N VAL I 443 -19.68 27.00 2.57
CA VAL I 443 -20.71 26.78 1.55
C VAL I 443 -20.11 26.10 0.32
N ARG I 444 -18.84 26.38 0.00
CA ARG I 444 -18.20 25.67 -1.10
C ARG I 444 -18.07 24.18 -0.80
N VAL I 445 -17.70 23.84 0.42
CA VAL I 445 -17.63 22.43 0.80
C VAL I 445 -19.03 21.82 0.83
N SER I 446 -20.04 22.59 1.22
CA SER I 446 -21.41 22.08 1.16
C SER I 446 -21.80 21.76 -0.27
N TYR I 447 -21.46 22.64 -1.21
CA TYR I 447 -21.71 22.37 -2.63
C TYR I 447 -21.00 21.10 -3.07
N GLN I 448 -19.73 20.96 -2.68
CA GLN I 448 -18.96 19.79 -3.09
C GLN I 448 -19.55 18.50 -2.53
N LYS I 449 -19.99 18.52 -1.28
CA LYS I 449 -20.56 17.31 -0.68
C LYS I 449 -21.93 16.98 -1.25
N LEU I 450 -22.73 18.01 -1.55
CA LEU I 450 -23.98 17.76 -2.26
C LEU I 450 -23.74 17.12 -3.61
N LEU I 451 -22.73 17.61 -4.33
CA LEU I 451 -22.36 16.98 -5.60
C LEU I 451 -21.88 15.54 -5.38
N LYS I 452 -21.12 15.31 -4.31
CA LYS I 452 -20.65 13.96 -4.02
C LYS I 452 -21.81 13.01 -3.81
N TYR I 453 -22.80 13.40 -3.02
CA TYR I 453 -23.94 12.53 -2.77
C TYR I 453 -24.81 12.37 -4.02
N TYR I 454 -24.95 13.42 -4.82
CA TYR I 454 -25.67 13.31 -6.08
C TYR I 454 -25.00 12.31 -7.02
N VAL I 455 -23.67 12.38 -7.13
CA VAL I 455 -22.93 11.45 -7.97
C VAL I 455 -23.05 10.03 -7.42
N LEU I 456 -22.96 9.88 -6.09
CA LEU I 456 -23.07 8.55 -5.50
C LEU I 456 -24.44 7.94 -5.77
N ASN I 457 -25.49 8.75 -5.66
CA ASN I 457 -26.83 8.26 -5.99
C ASN I 457 -26.94 7.89 -7.46
N ALA I 458 -26.36 8.70 -8.34
CA ALA I 458 -26.47 8.43 -9.78
C ALA I 458 -25.60 7.26 -10.22
N LEU I 459 -24.59 6.88 -9.44
CA LEU I 459 -23.69 5.81 -9.83
C LEU I 459 -24.07 4.48 -9.21
N LYS I 460 -24.42 4.47 -7.93
CA LYS I 460 -24.87 3.26 -7.25
C LYS I 460 -26.28 2.88 -7.63
N HIS I 461 -26.87 3.59 -8.59
CA HIS I 461 -28.27 3.37 -8.96
C HIS I 461 -28.39 2.11 -9.80
N ARG I 462 -29.33 1.25 -9.43
CA ARG I 462 -29.68 0.06 -10.19
C ARG I 462 -31.13 0.16 -10.64
N PRO I 463 -31.45 -0.35 -11.84
CA PRO I 463 -32.82 -0.27 -12.31
C PRO I 463 -33.74 -1.05 -11.39
N PRO I 464 -34.97 -0.58 -11.18
CA PRO I 464 -35.88 -1.28 -10.27
C PRO I 464 -36.26 -2.65 -10.81
N LYS I 465 -36.51 -3.57 -9.88
CA LYS I 465 -36.77 -4.96 -10.22
C LYS I 465 -38.26 -5.20 -10.33
N ALA I 466 -38.62 -6.14 -11.21
CA ALA I 466 -40.02 -6.41 -11.49
C ALA I 466 -40.75 -6.92 -10.26
N GLN I 467 -41.95 -6.40 -10.02
CA GLN I 467 -42.76 -6.77 -8.87
C GLN I 467 -44.08 -7.37 -9.33
N LYS I 468 -44.95 -7.66 -8.37
CA LYS I 468 -46.31 -8.10 -8.63
C LYS I 468 -47.35 -7.04 -8.28
N LYS I 469 -46.91 -5.84 -7.91
CA LYS I 469 -47.78 -4.69 -7.68
C LYS I 469 -48.83 -4.98 -6.61
N ARG I 470 -48.33 -5.18 -5.39
CA ARG I 470 -49.17 -5.32 -4.21
C ARG I 470 -49.14 -4.02 -3.42
N TYR I 471 -50.33 -3.48 -3.13
CA TYR I 471 -50.46 -2.22 -2.43
C TYR I 471 -50.91 -2.46 -1.00
N LEU I 472 -50.17 -1.89 -0.05
CA LEU I 472 -50.42 -2.16 1.36
C LEU I 472 -51.76 -1.58 1.81
N PHE I 473 -52.05 -0.33 1.42
CA PHE I 473 -53.24 0.33 1.93
C PHE I 473 -54.51 -0.23 1.32
N ARG I 474 -54.45 -0.69 0.07
CA ARG I 474 -55.61 -1.37 -0.51
C ARG I 474 -55.92 -2.65 0.26
N SER I 475 -54.88 -3.40 0.63
CA SER I 475 -55.10 -4.59 1.46
C SER I 475 -55.67 -4.22 2.82
N PHE I 476 -55.16 -3.13 3.42
CA PHE I 476 -55.68 -2.69 4.71
C PHE I 476 -57.16 -2.34 4.61
N LYS I 477 -57.56 -1.64 3.55
CA LYS I 477 -58.95 -1.27 3.37
C LYS I 477 -59.84 -2.48 3.14
N ALA I 478 -59.29 -3.53 2.52
CA ALA I 478 -60.07 -4.73 2.26
C ALA I 478 -60.44 -5.50 3.51
N THR I 479 -59.73 -5.27 4.62
CA THR I 479 -60.02 -5.96 5.86
C THR I 479 -61.04 -5.18 6.68
N LYS I 480 -61.61 -5.84 7.68
CA LYS I 480 -62.63 -5.23 8.53
C LYS I 480 -62.05 -4.24 9.53
N PHE I 481 -60.75 -4.34 9.85
CA PHE I 481 -60.17 -3.56 10.92
C PHE I 481 -59.94 -2.10 10.56
N PHE I 482 -60.04 -1.73 9.28
CA PHE I 482 -59.78 -0.37 8.85
C PHE I 482 -61.04 0.23 8.22
N GLN I 483 -61.18 1.55 8.38
CA GLN I 483 -62.27 2.28 7.77
C GLN I 483 -61.76 3.61 7.25
N SER I 484 -62.41 4.11 6.20
CA SER I 484 -61.96 5.32 5.52
C SER I 484 -62.82 6.52 5.90
N THR I 485 -62.18 7.70 5.90
CA THR I 485 -62.86 8.96 6.16
C THR I 485 -62.04 10.08 5.56
N LYS I 486 -62.47 11.31 5.80
CA LYS I 486 -61.78 12.50 5.31
C LYS I 486 -61.50 13.40 6.51
N LEU I 487 -60.22 13.70 6.76
CA LEU I 487 -59.85 14.41 7.96
C LEU I 487 -58.83 15.50 7.65
N ASP I 488 -58.82 16.53 8.49
CA ASP I 488 -57.82 17.59 8.37
C ASP I 488 -56.43 17.05 8.67
N TRP I 489 -55.43 17.60 8.00
CA TRP I 489 -54.07 17.12 8.19
C TRP I 489 -53.58 17.38 9.61
N VAL I 490 -53.95 18.51 10.20
CA VAL I 490 -53.55 18.79 11.58
C VAL I 490 -54.20 17.80 12.54
N GLU I 491 -55.47 17.45 12.28
CA GLU I 491 -56.15 16.49 13.15
C GLU I 491 -55.47 15.13 13.12
N VAL I 492 -55.13 14.64 11.92
CA VAL I 492 -54.49 13.34 11.84
C VAL I 492 -53.07 13.41 12.37
N GLY I 493 -52.40 14.57 12.25
CA GLY I 493 -51.10 14.71 12.87
C GLY I 493 -51.18 14.57 14.38
N LEU I 494 -52.14 15.25 15.00
CA LEU I 494 -52.33 15.12 16.44
C LEU I 494 -52.71 13.70 16.82
N GLN I 495 -53.59 13.07 16.04
CA GLN I 495 -54.01 11.71 16.33
C GLN I 495 -52.85 10.73 16.22
N VAL I 496 -52.00 10.91 15.21
CA VAL I 496 -50.82 10.06 15.05
C VAL I 496 -49.86 10.26 16.21
N CYS I 497 -49.67 11.51 16.65
CA CYS I 497 -48.82 11.75 17.81
C CYS I 497 -49.36 11.05 19.05
N ARG I 498 -50.67 11.15 19.27
CA ARG I 498 -51.27 10.48 20.42
C ARG I 498 -51.13 8.97 20.33
N GLN I 499 -51.36 8.40 19.14
CA GLN I 499 -51.25 6.96 18.97
C GLN I 499 -49.81 6.49 19.17
N GLY I 500 -48.84 7.26 18.69
CA GLY I 500 -47.45 6.90 18.92
C GLY I 500 -47.09 6.94 20.39
N TYR I 501 -47.55 7.97 21.10
CA TYR I 501 -47.30 8.03 22.53
C TYR I 501 -47.94 6.85 23.25
N ASN I 502 -49.17 6.49 22.88
CA ASN I 502 -49.84 5.36 23.51
C ASN I 502 -49.13 4.05 23.22
N MET I 503 -48.68 3.85 21.98
CA MET I 503 -48.02 2.60 21.63
C MET I 503 -46.67 2.49 22.33
N LEU I 504 -45.94 3.60 22.44
CA LEU I 504 -44.70 3.57 23.19
C LEU I 504 -44.95 3.28 24.66
N ASN I 505 -46.03 3.84 25.23
CA ASN I 505 -46.38 3.53 26.60
C ASN I 505 -46.68 2.05 26.77
N LEU I 506 -47.42 1.46 25.84
CA LEU I 506 -47.70 0.03 25.91
C LEU I 506 -46.43 -0.80 25.84
N LEU I 507 -45.51 -0.42 24.94
CA LEU I 507 -44.25 -1.17 24.84
C LEU I 507 -43.42 -1.04 26.11
N ILE I 508 -43.39 0.15 26.71
CA ILE I 508 -42.65 0.33 27.95
C ILE I 508 -43.27 -0.46 29.08
N HIS I 509 -44.59 -0.39 29.22
CA HIS I 509 -45.27 -1.03 30.35
C HIS I 509 -45.29 -2.55 30.21
N ARG I 510 -45.23 -3.07 28.99
CA ARG I 510 -45.22 -4.52 28.82
C ARG I 510 -43.97 -5.14 29.43
N LYS I 511 -42.84 -4.45 29.40
CA LYS I 511 -41.64 -4.89 30.08
C LYS I 511 -41.65 -4.59 31.57
N ASN I 512 -42.73 -3.99 32.07
CA ASN I 512 -42.87 -3.64 33.49
C ASN I 512 -41.81 -2.64 33.93
N LEU I 513 -41.29 -1.85 32.99
CA LEU I 513 -40.27 -0.85 33.29
C LEU I 513 -40.94 0.45 33.73
N ASN I 514 -41.56 0.38 34.92
CA ASN I 514 -42.25 1.53 35.48
C ASN I 514 -41.30 2.62 35.97
N TYR I 515 -40.01 2.35 36.01
CA TYR I 515 -39.02 3.33 36.44
C TYR I 515 -38.57 4.25 35.32
N LEU I 516 -39.05 4.04 34.10
CA LEU I 516 -38.77 4.93 32.98
C LEU I 516 -40.06 5.61 32.56
N HIS I 517 -40.03 6.94 32.49
CA HIS I 517 -41.20 7.74 32.14
C HIS I 517 -40.94 8.44 30.81
N LEU I 518 -41.92 8.36 29.92
CA LEU I 518 -41.85 8.97 28.60
C LEU I 518 -42.85 10.13 28.54
N ASP I 519 -42.36 11.33 28.26
CA ASP I 519 -43.22 12.50 28.22
C ASP I 519 -43.91 12.59 26.85
N TYR I 520 -44.68 13.66 26.66
CA TYR I 520 -45.39 13.85 25.41
C TYR I 520 -44.49 14.35 24.30
N ASN I 521 -43.28 14.81 24.63
CA ASN I 521 -42.28 15.15 23.62
C ASN I 521 -41.36 13.97 23.31
N PHE I 522 -41.73 12.77 23.75
CA PHE I 522 -40.99 11.55 23.47
C PHE I 522 -39.57 11.59 24.01
N ASN I 523 -39.37 12.28 25.14
CA ASN I 523 -38.10 12.28 25.86
C ASN I 523 -38.22 11.30 27.01
N LEU I 524 -37.55 10.16 26.89
CA LEU I 524 -37.62 9.10 27.89
C LEU I 524 -36.56 9.36 28.96
N LYS I 525 -36.99 9.37 30.22
CA LYS I 525 -36.06 9.60 31.31
C LYS I 525 -36.36 8.68 32.48
N PRO I 526 -35.34 8.24 33.21
CA PRO I 526 -35.58 7.44 34.40
C PRO I 526 -36.11 8.30 35.55
N VAL I 527 -36.71 7.63 36.53
CA VAL I 527 -37.21 8.31 37.72
C VAL I 527 -36.41 8.00 38.96
N LYS I 528 -35.48 7.05 38.91
CA LYS I 528 -34.71 6.64 40.07
C LYS I 528 -33.40 6.02 39.59
N THR I 529 -32.50 5.76 40.53
CA THR I 529 -31.24 5.10 40.21
C THR I 529 -31.51 3.65 39.84
N LEU I 530 -30.99 3.23 38.69
CA LEU I 530 -31.31 1.92 38.15
C LEU I 530 -30.41 0.84 38.73
N THR I 531 -31.02 -0.28 39.13
CA THR I 531 -30.26 -1.46 39.50
C THR I 531 -29.69 -2.10 38.23
N THR I 532 -28.61 -2.86 38.41
CA THR I 532 -27.98 -3.52 37.26
C THR I 532 -28.99 -4.41 36.53
N LYS I 533 -29.82 -5.14 37.27
CA LYS I 533 -30.89 -5.91 36.65
C LYS I 533 -31.85 -4.99 35.90
N GLU I 534 -32.24 -3.89 36.52
CA GLU I 534 -33.11 -2.92 35.86
C GLU I 534 -32.41 -2.28 34.67
N ARG I 535 -31.12 -1.98 34.81
CA ARG I 535 -30.38 -1.37 33.70
C ARG I 535 -30.33 -2.31 32.49
N LYS I 536 -30.10 -3.60 32.73
CA LYS I 536 -30.14 -4.56 31.64
C LYS I 536 -31.55 -4.68 31.07
N LYS I 537 -32.57 -4.64 31.94
CA LYS I 537 -33.95 -4.69 31.46
C LYS I 537 -34.29 -3.46 30.64
N SER I 538 -33.63 -2.33 30.89
CA SER I 538 -33.91 -1.09 30.17
C SER I 538 -33.18 -1.00 28.83
N ARG I 539 -32.40 -2.00 28.47
CA ARG I 539 -31.71 -1.99 27.19
C ARG I 539 -32.70 -2.28 26.06
N PHE I 540 -33.33 -1.23 25.53
CA PHE I 540 -34.36 -1.40 24.52
C PHE I 540 -33.80 -1.63 23.12
N GLY I 541 -32.52 -1.36 22.91
CA GLY I 541 -31.92 -1.47 21.59
C GLY I 541 -32.06 -0.20 20.79
N ASN I 542 -31.36 -0.17 19.65
CA ASN I 542 -31.38 1.03 18.82
C ASN I 542 -32.72 1.21 18.10
N ALA I 543 -33.43 0.11 17.85
CA ALA I 543 -34.67 0.20 17.09
C ALA I 543 -35.73 1.00 17.84
N PHE I 544 -35.90 0.70 19.14
CA PHE I 544 -36.90 1.40 19.93
C PHE I 544 -36.59 2.88 20.04
N HIS I 545 -35.33 3.21 20.31
CA HIS I 545 -34.94 4.61 20.42
C HIS I 545 -35.10 5.33 19.09
N LEU I 546 -34.76 4.67 17.99
CA LEU I 546 -34.90 5.29 16.67
C LEU I 546 -36.38 5.57 16.38
N CYS I 547 -37.25 4.61 16.67
CA CYS I 547 -38.67 4.84 16.48
C CYS I 547 -39.18 5.97 17.37
N ARG I 548 -38.71 6.02 18.61
CA ARG I 548 -39.12 7.08 19.53
C ARG I 548 -38.69 8.45 19.02
N GLU I 549 -37.47 8.56 18.50
CA GLU I 549 -37.02 9.84 17.98
C GLU I 549 -37.74 10.21 16.69
N VAL I 550 -38.10 9.22 15.87
CA VAL I 550 -38.93 9.49 14.69
C VAL I 550 -40.27 10.07 15.12
N LEU I 551 -40.89 9.46 16.13
CA LEU I 551 -42.14 9.98 16.65
C LEU I 551 -41.96 11.36 17.27
N ARG I 552 -40.79 11.62 17.84
CA ARG I 552 -40.51 12.96 18.38
C ARG I 552 -40.43 13.99 17.27
N LEU I 553 -39.79 13.65 16.14
CA LEU I 553 -39.74 14.56 15.01
C LEU I 553 -41.14 14.82 14.45
N THR I 554 -41.94 13.76 14.34
CA THR I 554 -43.33 13.95 13.92
C THR I 554 -44.08 14.84 14.88
N LYS I 555 -43.85 14.66 16.18
CA LYS I 555 -44.47 15.51 17.19
C LYS I 555 -44.05 16.95 17.02
N LEU I 556 -42.77 17.19 16.72
CA LEU I 556 -42.29 18.55 16.50
C LEU I 556 -43.01 19.20 15.32
N VAL I 557 -43.07 18.49 14.19
CA VAL I 557 -43.68 19.06 13.00
C VAL I 557 -45.16 19.33 13.24
N VAL I 558 -45.87 18.36 13.81
CA VAL I 558 -47.30 18.52 14.05
C VAL I 558 -47.55 19.62 15.08
N ASP I 559 -46.68 19.75 16.08
CA ASP I 559 -46.85 20.78 17.09
C ASP I 559 -46.63 22.16 16.49
N SER I 560 -45.65 22.30 15.59
CA SER I 560 -45.50 23.58 14.89
C SER I 560 -46.74 23.90 14.07
N HIS I 561 -47.30 22.89 13.40
CA HIS I 561 -48.50 23.13 12.59
C HIS I 561 -49.70 23.51 13.47
N VAL I 562 -49.88 22.85 14.61
CA VAL I 562 -50.98 23.23 15.49
C VAL I 562 -50.74 24.60 16.10
N GLN I 563 -49.48 24.96 16.31
CA GLN I 563 -49.17 26.29 16.82
C GLN I 563 -49.56 27.35 15.81
N TYR I 564 -49.29 27.08 14.53
CA TYR I 564 -49.75 27.99 13.47
C TYR I 564 -51.27 28.03 13.39
N ARG I 565 -51.92 26.87 13.53
CA ARG I 565 -53.37 26.82 13.40
C ARG I 565 -54.07 27.55 14.54
N LEU I 566 -53.47 27.51 15.73
CA LEU I 566 -54.02 28.27 16.85
C LEU I 566 -53.98 29.77 16.58
N GLY I 567 -53.03 30.22 15.78
CA GLY I 567 -52.88 31.63 15.47
C GLY I 567 -51.79 32.33 16.24
N ASN I 568 -51.05 31.61 17.09
CA ASN I 568 -50.00 32.25 17.88
C ASN I 568 -48.88 32.79 16.99
N VAL I 569 -48.53 32.04 15.94
CA VAL I 569 -47.44 32.44 15.06
C VAL I 569 -47.98 32.63 13.66
N ASP I 570 -47.26 33.43 12.87
CA ASP I 570 -47.65 33.70 11.50
C ASP I 570 -47.26 32.53 10.59
N ALA I 571 -47.84 32.53 9.39
CA ALA I 571 -47.53 31.48 8.42
C ALA I 571 -46.07 31.52 8.01
N PHE I 572 -45.49 32.72 7.88
CA PHE I 572 -44.06 32.83 7.64
C PHE I 572 -43.27 32.22 8.78
N GLN I 573 -43.70 32.47 10.03
CA GLN I 573 -43.05 31.85 11.18
C GLN I 573 -43.19 30.34 11.12
N LEU I 574 -44.35 29.84 10.69
CA LEU I 574 -44.54 28.42 10.57
C LEU I 574 -43.57 27.81 9.56
N ALA I 575 -43.46 28.42 8.39
CA ALA I 575 -42.56 27.90 7.36
C ALA I 575 -41.11 27.96 7.82
N ASP I 576 -40.72 29.05 8.47
CA ASP I 576 -39.35 29.15 8.96
C ASP I 576 -39.09 28.11 10.05
N GLY I 577 -40.07 27.87 10.91
CA GLY I 577 -39.89 26.84 11.93
C GLY I 577 -39.76 25.46 11.33
N LEU I 578 -40.54 25.17 10.29
CA LEU I 578 -40.39 23.88 9.61
C LEU I 578 -39.02 23.76 8.97
N GLN I 579 -38.51 24.84 8.37
CA GLN I 579 -37.17 24.81 7.81
C GLN I 579 -36.13 24.55 8.90
N TYR I 580 -36.27 25.21 10.05
CA TYR I 580 -35.35 24.99 11.15
C TYR I 580 -35.41 23.56 11.66
N ILE I 581 -36.63 23.02 11.78
CA ILE I 581 -36.79 21.64 12.26
C ILE I 581 -36.10 20.68 11.31
N PHE I 582 -36.33 20.83 10.01
CA PHE I 582 -35.76 19.92 9.04
C PHE I 582 -34.27 20.16 8.81
N ALA I 583 -33.74 21.30 9.24
CA ALA I 583 -32.32 21.56 9.13
C ALA I 583 -31.55 21.30 10.42
N HIS I 584 -32.24 21.12 11.54
CA HIS I 584 -31.62 20.92 12.84
C HIS I 584 -32.20 19.70 13.54
N VAL I 585 -32.37 18.59 12.82
CA VAL I 585 -32.91 17.38 13.43
C VAL I 585 -31.95 16.85 14.49
N GLY I 586 -30.65 16.84 14.19
CA GLY I 586 -29.69 16.33 15.14
C GLY I 586 -29.69 17.11 16.45
N GLN I 587 -29.78 18.43 16.37
CA GLN I 587 -29.80 19.24 17.58
C GLN I 587 -31.12 19.08 18.31
N LEU I 588 -32.24 19.17 17.59
CA LEU I 588 -33.54 19.11 18.25
C LEU I 588 -33.90 17.70 18.69
N THR I 589 -33.36 16.68 18.02
CA THR I 589 -33.73 15.30 18.28
C THR I 589 -32.48 14.44 18.29
N GLY I 590 -32.36 13.58 19.29
CA GLY I 590 -31.20 12.72 19.43
C GLY I 590 -31.28 11.48 18.56
N MET I 591 -31.05 11.63 17.27
CA MET I 591 -31.17 10.53 16.31
C MET I 591 -29.85 9.87 15.97
N TYR I 592 -28.77 10.63 15.90
CA TYR I 592 -27.52 10.12 15.34
C TYR I 592 -26.92 9.00 16.18
N ARG I 593 -27.09 9.04 17.50
CA ARG I 593 -26.47 8.04 18.36
C ARG I 593 -27.01 6.65 18.07
N TYR I 594 -28.33 6.53 17.88
CA TYR I 594 -28.95 5.22 17.74
C TYR I 594 -28.71 4.63 16.35
N LYS I 595 -28.66 5.46 15.32
CA LYS I 595 -28.32 5.03 13.97
C LYS I 595 -27.22 5.95 13.45
N TYR I 596 -26.02 5.39 13.27
CA TYR I 596 -24.87 6.20 12.89
C TYR I 596 -25.03 6.73 11.46
N LYS I 597 -25.55 5.91 10.55
CA LYS I 597 -25.69 6.33 9.16
C LYS I 597 -26.56 7.58 9.03
N LEU I 598 -27.53 7.73 9.92
CA LEU I 598 -28.41 8.90 9.90
C LEU I 598 -27.61 10.20 9.91
N MET I 599 -26.44 10.20 10.56
CA MET I 599 -25.61 11.40 10.61
C MET I 599 -25.39 11.97 9.21
N ARG I 600 -25.13 11.10 8.24
CA ARG I 600 -24.95 11.55 6.86
C ARG I 600 -26.11 12.42 6.41
N GLN I 601 -27.35 11.93 6.59
CA GLN I 601 -28.52 12.70 6.22
C GLN I 601 -28.48 14.08 6.87
N ILE I 602 -28.12 14.13 8.15
CA ILE I 602 -28.06 15.40 8.87
C ILE I 602 -27.16 16.37 8.13
N ARG I 603 -25.97 15.92 7.75
CA ARG I 603 -25.05 16.80 7.05
C ARG I 603 -25.68 17.31 5.77
N MET I 604 -26.34 16.43 5.01
CA MET I 604 -27.12 16.83 3.85
C MET I 604 -27.97 18.05 4.17
N CYS I 605 -28.80 17.93 5.20
CA CYS I 605 -29.69 19.03 5.56
C CYS I 605 -28.89 20.30 5.78
N LYS I 606 -27.82 20.22 6.57
CA LYS I 606 -27.01 21.41 6.82
C LYS I 606 -26.44 21.93 5.52
N ASP I 607 -25.93 21.03 4.68
CA ASP I 607 -25.43 21.44 3.37
C ASP I 607 -26.51 22.16 2.60
N LEU I 608 -27.73 21.60 2.61
CA LEU I 608 -28.83 22.23 1.89
C LEU I 608 -29.10 23.61 2.46
N LYS I 609 -28.99 23.77 3.78
CA LYS I 609 -29.13 25.10 4.36
C LYS I 609 -28.09 26.04 3.77
N HIS I 610 -26.83 25.60 3.73
CA HIS I 610 -25.79 26.42 3.12
C HIS I 610 -26.09 26.70 1.66
N LEU I 611 -26.84 25.81 1.01
CA LEU I 611 -27.21 26.04 -0.38
C LEU I 611 -28.30 27.09 -0.49
N ILE I 612 -29.24 27.11 0.45
CA ILE I 612 -30.39 28.01 0.35
C ILE I 612 -30.09 29.37 0.96
N TYR I 613 -29.56 29.37 2.19
CA TYR I 613 -29.37 30.62 2.91
C TYR I 613 -28.53 31.61 2.12
N TYR I 614 -27.38 31.16 1.62
CA TYR I 614 -26.48 32.05 0.91
C TYR I 614 -27.02 32.48 -0.45
N ARG I 615 -28.10 31.86 -0.91
CA ARG I 615 -28.86 32.41 -2.02
C ARG I 615 -30.06 33.22 -1.56
N PHE I 616 -30.66 32.83 -0.43
CA PHE I 616 -31.80 33.56 0.10
C PHE I 616 -31.37 34.90 0.69
N ASN I 617 -30.17 34.95 1.26
CA ASN I 617 -29.69 36.11 1.99
C ASN I 617 -28.86 37.07 1.14
N THR I 618 -29.16 37.18 -0.15
CA THR I 618 -28.48 38.13 -1.01
C THR I 618 -29.31 39.40 -1.15
N GLY I 619 -28.64 40.49 -1.49
CA GLY I 619 -29.29 41.77 -1.66
C GLY I 619 -29.70 42.40 -0.36
N PRO I 620 -30.92 42.95 -0.33
CA PRO I 620 -31.40 43.62 0.90
C PRO I 620 -31.48 42.71 2.11
N VAL I 621 -31.73 41.42 1.91
CA VAL I 621 -31.87 40.49 3.03
C VAL I 621 -30.49 40.10 3.53
N GLY I 622 -30.27 40.22 4.83
CA GLY I 622 -29.05 39.78 5.47
C GLY I 622 -29.27 38.54 6.33
N LYS I 623 -28.27 38.26 7.16
CA LYS I 623 -28.38 37.13 8.06
C LYS I 623 -29.56 37.35 8.99
N GLY I 624 -30.34 36.32 9.20
CA GLY I 624 -31.50 36.40 10.05
C GLY I 624 -32.26 35.09 10.14
N PRO I 625 -33.18 35.02 11.10
CA PRO I 625 -33.95 33.79 11.30
C PRO I 625 -35.24 33.74 10.49
N GLY I 626 -35.35 34.52 9.42
CA GLY I 626 -36.58 34.63 8.68
C GLY I 626 -36.69 33.86 7.38
N CYS I 627 -35.76 32.93 7.10
CA CYS I 627 -35.75 32.22 5.83
C CYS I 627 -36.51 30.90 5.94
N GLY I 628 -37.67 30.83 5.28
CA GLY I 628 -38.43 29.59 5.24
C GLY I 628 -38.48 28.95 3.87
N PHE I 629 -37.72 27.87 3.69
CA PHE I 629 -37.72 27.10 2.45
C PHE I 629 -37.35 25.67 2.82
N TRP I 630 -38.37 24.85 3.07
CA TRP I 630 -38.17 23.56 3.70
C TRP I 630 -38.41 22.38 2.77
N ALA I 631 -38.28 22.58 1.45
CA ALA I 631 -38.47 21.47 0.54
C ALA I 631 -37.35 20.45 0.67
N ALA I 632 -36.09 20.92 0.74
CA ALA I 632 -34.94 20.02 0.66
C ALA I 632 -34.85 19.11 1.89
N GLY I 633 -34.91 19.70 3.08
CA GLY I 633 -34.78 18.89 4.29
C GLY I 633 -35.96 17.94 4.47
N TRP I 634 -37.17 18.42 4.16
CA TRP I 634 -38.35 17.56 4.22
C TRP I 634 -38.20 16.38 3.28
N ARG I 635 -37.70 16.64 2.06
CA ARG I 635 -37.41 15.56 1.12
C ARG I 635 -36.42 14.56 1.72
N VAL I 636 -35.32 15.07 2.29
CA VAL I 636 -34.27 14.19 2.80
C VAL I 636 -34.80 13.31 3.91
N TRP I 637 -35.56 13.89 4.84
CA TRP I 637 -36.04 13.09 5.96
C TRP I 637 -37.13 12.12 5.54
N LEU I 638 -37.95 12.47 4.54
CA LEU I 638 -38.88 11.50 4.00
C LEU I 638 -38.15 10.33 3.35
N PHE I 639 -37.06 10.63 2.64
CA PHE I 639 -36.30 9.56 2.00
C PHE I 639 -35.62 8.67 3.03
N PHE I 640 -35.19 9.24 4.16
CA PHE I 640 -34.68 8.43 5.25
C PHE I 640 -35.78 7.55 5.84
N MET I 641 -36.98 8.11 6.00
CA MET I 641 -38.10 7.35 6.54
C MET I 641 -38.46 6.18 5.64
N ARG I 642 -38.39 6.39 4.33
CA ARG I 642 -38.63 5.30 3.38
C ARG I 642 -37.71 4.12 3.67
N GLY I 643 -36.42 4.40 3.87
CA GLY I 643 -35.47 3.34 4.12
C GLY I 643 -35.69 2.65 5.46
N ILE I 644 -36.02 3.43 6.50
CA ILE I 644 -36.09 2.84 7.84
C ILE I 644 -37.46 2.29 8.20
N THR I 645 -38.48 2.49 7.38
CA THR I 645 -39.80 1.93 7.68
C THR I 645 -39.79 0.41 7.81
N PRO I 646 -39.23 -0.36 6.86
CA PRO I 646 -39.25 -1.82 7.02
C PRO I 646 -38.51 -2.30 8.26
N LEU I 647 -37.42 -1.65 8.64
CA LEU I 647 -36.67 -2.07 9.82
C LEU I 647 -37.51 -1.95 11.09
N LEU I 648 -38.14 -0.79 11.29
CA LEU I 648 -38.96 -0.61 12.47
C LEU I 648 -40.19 -1.51 12.42
N GLU I 649 -40.76 -1.74 11.24
CA GLU I 649 -41.89 -2.68 11.16
C GLU I 649 -41.47 -4.08 11.55
N ARG I 650 -40.30 -4.53 11.08
CA ARG I 650 -39.83 -5.86 11.44
C ARG I 650 -39.55 -5.95 12.93
N TRP I 651 -38.96 -4.90 13.50
CA TRP I 651 -38.70 -4.90 14.94
C TRP I 651 -40.01 -4.98 15.73
N LEU I 652 -41.02 -4.20 15.32
CA LEU I 652 -42.30 -4.22 16.03
C LEU I 652 -42.99 -5.57 15.86
N GLY I 653 -42.91 -6.17 14.67
CA GLY I 653 -43.50 -7.48 14.47
C GLY I 653 -42.85 -8.54 15.34
N ASN I 654 -41.51 -8.48 15.47
CA ASN I 654 -40.82 -9.41 16.35
C ASN I 654 -41.21 -9.15 17.81
N LEU I 655 -41.35 -7.89 18.20
CA LEU I 655 -41.64 -7.54 19.59
C LEU I 655 -43.09 -7.75 19.96
N LEU I 656 -43.99 -7.93 18.98
CA LEU I 656 -45.41 -8.12 19.25
C LEU I 656 -45.92 -9.46 18.72
N ALA I 657 -45.03 -10.41 18.48
CA ALA I 657 -45.43 -11.71 17.96
C ALA I 657 -46.16 -12.53 19.02
N ARG I 658 -46.96 -13.48 18.55
CA ARG I 658 -47.70 -14.41 19.40
C ARG I 658 -48.68 -13.70 20.33
N SER I 679 -10.65 -20.90 13.60
CA SER I 679 -10.83 -20.42 14.96
C SER I 679 -10.91 -21.60 15.94
N HIS I 680 -12.10 -22.19 16.05
CA HIS I 680 -12.34 -23.32 16.92
C HIS I 680 -12.97 -24.46 16.13
N PHE I 681 -12.44 -24.69 14.93
CA PHE I 681 -12.94 -25.79 14.09
C PHE I 681 -12.64 -27.14 14.70
N ASP I 682 -11.49 -27.29 15.37
CA ASP I 682 -11.11 -28.58 15.92
C ASP I 682 -12.07 -29.03 17.01
N LEU I 683 -12.47 -28.12 17.89
CA LEU I 683 -13.37 -28.49 18.98
C LEU I 683 -14.73 -28.93 18.45
N GLU I 684 -15.28 -28.19 17.49
CA GLU I 684 -16.56 -28.58 16.90
C GLU I 684 -16.44 -29.89 16.12
N LEU I 685 -15.31 -30.09 15.43
CA LEU I 685 -15.08 -31.34 14.71
C LEU I 685 -15.06 -32.52 15.68
N ARG I 686 -14.35 -32.36 16.79
CA ARG I 686 -14.28 -33.40 17.81
C ARG I 686 -15.64 -33.68 18.41
N ALA I 687 -16.40 -32.62 18.72
CA ALA I 687 -17.74 -32.81 19.29
C ALA I 687 -18.66 -33.52 18.31
N ALA I 688 -18.61 -33.14 17.03
CA ALA I 688 -19.47 -33.75 16.03
C ALA I 688 -19.12 -35.22 15.80
N VAL I 689 -17.83 -35.53 15.70
CA VAL I 689 -17.46 -36.92 15.52
C VAL I 689 -17.83 -37.74 16.76
N MET I 690 -17.71 -37.15 17.95
CA MET I 690 -18.13 -37.85 19.15
C MET I 690 -19.62 -38.13 19.15
N HIS I 691 -20.42 -37.13 18.76
CA HIS I 691 -21.86 -37.34 18.69
C HIS I 691 -22.22 -38.42 17.67
N ASP I 692 -21.57 -38.40 16.51
CA ASP I 692 -21.85 -39.39 15.48
C ASP I 692 -21.47 -40.79 15.94
N ILE I 693 -20.34 -40.93 16.63
CA ILE I 693 -19.93 -42.25 17.09
C ILE I 693 -20.83 -42.75 18.21
N LEU I 694 -21.20 -41.86 19.14
CA LEU I 694 -21.97 -42.30 20.30
C LEU I 694 -23.44 -42.50 19.98
N ASP I 695 -23.90 -41.96 18.85
CA ASP I 695 -25.24 -42.34 18.37
C ASP I 695 -25.25 -43.79 17.90
N MET I 696 -24.26 -44.16 17.10
CA MET I 696 -24.10 -45.55 16.66
C MET I 696 -23.37 -46.35 17.72
N MET I 697 -23.91 -46.36 18.94
CA MET I 697 -23.29 -46.99 20.10
C MET I 697 -24.33 -47.75 20.92
N PRO I 698 -24.08 -49.02 21.23
CA PRO I 698 -25.00 -49.74 22.13
C PRO I 698 -25.20 -49.01 23.45
N GLU I 699 -26.44 -48.96 23.93
CA GLU I 699 -26.77 -48.18 25.12
C GLU I 699 -26.08 -48.73 26.36
N GLY I 700 -26.04 -50.05 26.50
CA GLY I 700 -25.51 -50.66 27.71
C GLY I 700 -24.00 -50.70 27.81
N ILE I 701 -23.29 -50.33 26.73
CA ILE I 701 -21.83 -50.43 26.71
C ILE I 701 -21.16 -49.06 26.74
N LYS I 702 -21.87 -47.99 26.38
CA LYS I 702 -21.32 -46.65 26.21
C LYS I 702 -20.94 -45.96 27.52
N GLN I 703 -20.93 -46.64 28.66
CA GLN I 703 -20.60 -45.95 29.91
C GLN I 703 -19.14 -45.49 29.92
N ASN I 704 -18.21 -46.40 29.61
CA ASN I 704 -16.79 -46.08 29.60
C ASN I 704 -16.18 -46.11 28.20
N LYS I 705 -16.86 -46.73 27.23
CA LYS I 705 -16.30 -46.80 25.89
C LYS I 705 -16.20 -45.42 25.26
N ALA I 706 -17.06 -44.48 25.66
CA ALA I 706 -16.93 -43.11 25.18
C ALA I 706 -15.59 -42.51 25.62
N ARG I 707 -15.24 -42.68 26.89
CA ARG I 707 -13.95 -42.19 27.36
C ARG I 707 -12.80 -42.91 26.69
N THR I 708 -12.94 -44.22 26.48
CA THR I 708 -11.86 -44.97 25.82
C THR I 708 -11.64 -44.48 24.39
N ILE I 709 -12.72 -44.27 23.64
CA ILE I 709 -12.56 -43.82 22.27
C ILE I 709 -12.08 -42.37 22.23
N LEU I 710 -12.43 -41.56 23.23
CA LEU I 710 -11.88 -40.21 23.29
C LEU I 710 -10.37 -40.24 23.52
N GLN I 711 -9.93 -41.11 24.44
CA GLN I 711 -8.51 -41.30 24.65
C GLN I 711 -7.84 -41.79 23.37
N HIS I 712 -8.52 -42.65 22.62
CA HIS I 712 -7.98 -43.12 21.35
C HIS I 712 -7.87 -41.99 20.33
N LEU I 713 -8.86 -41.10 20.29
CA LEU I 713 -8.79 -39.95 19.40
C LEU I 713 -7.62 -39.05 19.75
N SER I 714 -7.43 -38.78 21.04
CA SER I 714 -6.31 -37.95 21.46
C SER I 714 -4.98 -38.62 21.11
N GLU I 715 -4.90 -39.93 21.31
CA GLU I 715 -3.67 -40.66 20.98
C GLU I 715 -3.40 -40.62 19.48
N ALA I 716 -4.44 -40.75 18.67
CA ALA I 716 -4.26 -40.70 17.22
C ALA I 716 -3.78 -39.32 16.78
N TRP I 717 -4.36 -38.26 17.35
CA TRP I 717 -3.91 -36.91 17.02
C TRP I 717 -2.46 -36.71 17.42
N ARG I 718 -2.09 -37.17 18.62
CA ARG I 718 -0.71 -37.06 19.07
C ARG I 718 0.23 -37.84 18.16
N CYS I 719 -0.18 -39.04 17.75
CA CYS I 719 0.67 -39.87 16.90
C CYS I 719 0.87 -39.22 15.54
N TRP I 720 -0.18 -38.61 14.97
CA TRP I 720 0.01 -37.89 13.72
C TRP I 720 0.94 -36.71 13.92
N LYS I 721 0.80 -36.01 15.05
CA LYS I 721 1.67 -34.86 15.32
C LYS I 721 3.13 -35.27 15.50
N ALA I 722 3.41 -36.56 15.67
CA ALA I 722 4.75 -37.03 15.96
C ALA I 722 5.35 -37.89 14.85
N ASN I 723 4.65 -38.06 13.72
CA ASN I 723 5.13 -38.90 12.61
C ASN I 723 5.46 -40.31 13.07
N ILE I 724 4.62 -40.86 13.94
CA ILE I 724 4.81 -42.22 14.42
C ILE I 724 3.62 -43.06 13.99
N PRO I 725 3.82 -44.35 13.68
CA PRO I 725 2.69 -45.20 13.28
C PRO I 725 1.64 -45.30 14.38
N TRP I 726 0.38 -45.34 13.97
CA TRP I 726 -0.75 -45.50 14.88
C TRP I 726 -1.63 -46.62 14.32
N LYS I 727 -1.63 -47.76 15.00
CA LYS I 727 -2.43 -48.90 14.54
C LYS I 727 -2.86 -49.68 15.78
N VAL I 728 -4.07 -49.38 16.28
CA VAL I 728 -4.64 -50.11 17.40
C VAL I 728 -5.10 -51.48 16.90
N PRO I 729 -4.62 -52.58 17.49
CA PRO I 729 -4.99 -53.89 16.95
C PRO I 729 -6.45 -54.25 17.20
N GLY I 730 -6.96 -54.01 18.40
CA GLY I 730 -8.32 -54.36 18.73
C GLY I 730 -9.38 -53.39 18.30
N LEU I 731 -8.99 -52.28 17.67
CA LEU I 731 -9.98 -51.31 17.23
C LEU I 731 -10.65 -51.77 15.95
N PRO I 732 -11.98 -51.86 15.91
CA PRO I 732 -12.65 -52.26 14.68
C PRO I 732 -12.42 -51.26 13.56
N THR I 733 -12.40 -51.77 12.33
CA THR I 733 -12.04 -50.96 11.17
C THR I 733 -13.01 -49.82 10.83
N PRO I 734 -14.33 -49.90 11.14
CA PRO I 734 -15.17 -48.72 10.86
C PRO I 734 -14.84 -47.55 11.78
N ILE I 735 -14.70 -47.84 13.08
CA ILE I 735 -14.31 -46.80 14.03
C ILE I 735 -12.90 -46.29 13.70
N GLU I 736 -12.01 -47.20 13.31
CA GLU I 736 -10.66 -46.79 12.93
C GLU I 736 -10.68 -45.87 11.72
N ASN I 737 -11.52 -46.18 10.73
CA ASN I 737 -11.60 -45.33 9.55
C ASN I 737 -12.22 -43.97 9.88
N MET I 738 -13.21 -43.94 10.77
CA MET I 738 -13.74 -42.65 11.22
C MET I 738 -12.68 -41.84 11.94
N ILE I 739 -11.87 -42.48 12.78
CA ILE I 739 -10.80 -41.76 13.47
C ILE I 739 -9.78 -41.25 12.47
N LEU I 740 -9.47 -42.06 11.45
CA LEU I 740 -8.53 -41.61 10.42
C LEU I 740 -9.06 -40.40 9.68
N ARG I 741 -10.34 -40.41 9.33
CA ARG I 741 -10.95 -39.25 8.66
C ARG I 741 -10.92 -38.02 9.55
N TYR I 742 -11.25 -38.19 10.84
CA TYR I 742 -11.23 -37.07 11.77
C TYR I 742 -9.82 -36.50 11.90
N VAL I 743 -8.82 -37.37 11.99
CA VAL I 743 -7.44 -36.91 12.11
C VAL I 743 -7.02 -36.19 10.83
N LYS I 744 -7.44 -36.69 9.68
CA LYS I 744 -7.11 -36.01 8.42
C LYS I 744 -7.71 -34.61 8.38
N ALA I 745 -8.99 -34.49 8.74
CA ALA I 745 -9.64 -33.18 8.70
C ALA I 745 -9.00 -32.22 9.70
N LYS I 746 -8.76 -32.70 10.93
CA LYS I 746 -8.14 -31.85 11.94
C LYS I 746 -6.71 -31.47 11.54
N ALA I 747 -5.99 -32.37 10.88
CA ALA I 747 -4.64 -32.06 10.44
C ALA I 747 -4.65 -31.01 9.34
N ASP I 748 -5.59 -31.10 8.41
CA ASP I 748 -5.71 -30.08 7.38
C ASP I 748 -6.00 -28.72 8.00
N TRP I 749 -6.96 -28.68 8.93
CA TRP I 749 -7.26 -27.42 9.61
C TRP I 749 -6.07 -26.91 10.40
N TRP I 750 -5.35 -27.82 11.08
CA TRP I 750 -4.20 -27.46 11.88
C TRP I 750 -3.11 -26.83 11.02
N THR I 751 -2.78 -27.47 9.90
CA THR I 751 -1.77 -26.93 9.01
C THR I 751 -2.19 -25.58 8.45
N ASN I 752 -3.44 -25.47 8.00
CA ASN I 752 -3.90 -24.22 7.40
C ASN I 752 -3.88 -23.08 8.42
N THR I 753 -4.35 -23.34 9.64
CA THR I 753 -4.38 -22.29 10.65
C THR I 753 -2.98 -21.95 11.13
N ALA I 754 -2.06 -22.91 11.15
CA ALA I 754 -0.68 -22.60 11.50
C ALA I 754 -0.06 -21.68 10.46
N HIS I 755 -0.28 -21.97 9.18
CA HIS I 755 0.26 -21.11 8.13
C HIS I 755 -0.38 -19.72 8.18
N TYR I 756 -1.69 -19.65 8.41
CA TYR I 756 -2.37 -18.37 8.49
C TYR I 756 -1.86 -17.54 9.66
N ASN I 757 -1.68 -18.18 10.81
CA ASN I 757 -1.18 -17.46 11.99
C ASN I 757 0.26 -17.00 11.77
N ARG I 758 1.09 -17.81 11.11
CA ARG I 758 2.44 -17.37 10.82
C ARG I 758 2.44 -16.16 9.88
N GLU I 759 1.58 -16.18 8.87
CA GLU I 759 1.48 -15.02 7.98
C GLU I 759 1.02 -13.79 8.75
N ARG I 760 0.04 -13.95 9.64
CA ARG I 760 -0.44 -12.82 10.43
C ARG I 760 0.66 -12.27 11.33
N ILE I 761 1.43 -13.14 11.97
CA ILE I 761 2.47 -12.69 12.88
C ILE I 761 3.60 -12.02 12.12
N ARG I 762 4.03 -12.63 11.01
CA ARG I 762 5.12 -12.07 10.22
C ARG I 762 4.72 -10.72 9.62
N ARG I 763 3.46 -10.58 9.22
CA ARG I 763 3.00 -9.31 8.68
C ARG I 763 3.09 -8.20 9.71
N GLY I 764 2.75 -8.50 10.97
CA GLY I 764 2.86 -7.53 12.02
C GLY I 764 1.62 -7.35 12.85
N ALA I 765 0.68 -8.29 12.74
CA ALA I 765 -0.57 -8.18 13.48
C ALA I 765 -0.33 -8.34 14.98
N THR I 766 -1.21 -7.72 15.76
CA THR I 766 -1.11 -7.79 17.22
C THR I 766 -1.50 -9.17 17.70
N VAL I 767 -0.59 -9.84 18.41
CA VAL I 767 -0.81 -11.19 18.92
C VAL I 767 -0.26 -11.27 20.34
N ASP I 768 -0.81 -12.19 21.13
CA ASP I 768 -0.37 -12.40 22.50
C ASP I 768 0.68 -13.52 22.55
N LYS I 769 1.12 -13.85 23.75
CA LYS I 769 2.18 -14.86 23.87
C LYS I 769 1.68 -16.25 23.48
N THR I 770 0.50 -16.62 23.94
CA THR I 770 0.00 -17.97 23.66
C THR I 770 -0.03 -18.26 22.18
N VAL I 771 -0.51 -17.30 21.39
CA VAL I 771 -0.60 -17.52 19.95
C VAL I 771 0.77 -17.78 19.35
N CYS I 772 1.74 -16.95 19.69
CA CYS I 772 3.07 -17.12 19.14
C CYS I 772 3.66 -18.45 19.58
N LYS I 773 3.48 -18.79 20.85
CA LYS I 773 4.02 -20.03 21.36
C LYS I 773 3.42 -21.20 20.60
N LYS I 774 2.10 -21.19 20.47
CA LYS I 774 1.42 -22.26 19.77
C LYS I 774 1.89 -22.33 18.33
N ASN I 775 1.97 -21.18 17.68
CA ASN I 775 2.36 -21.17 16.28
C ASN I 775 3.74 -21.75 16.15
N LEU I 776 4.65 -21.38 17.04
CA LEU I 776 6.01 -21.88 16.96
C LEU I 776 5.99 -23.39 17.07
N GLY I 777 5.19 -23.91 18.00
CA GLY I 777 5.10 -25.34 18.16
C GLY I 777 4.57 -26.00 16.91
N ARG I 778 3.49 -25.46 16.37
CA ARG I 778 2.92 -26.01 15.16
C ARG I 778 3.93 -25.96 14.04
N LEU I 779 4.56 -24.82 13.85
CA LEU I 779 5.53 -24.68 12.78
C LEU I 779 6.68 -25.63 12.97
N THR I 780 7.11 -25.80 14.21
CA THR I 780 8.19 -26.72 14.48
C THR I 780 7.82 -28.11 14.01
N ARG I 781 6.63 -28.57 14.40
CA ARG I 781 6.16 -29.88 13.96
C ARG I 781 6.08 -29.94 12.43
N LEU I 782 5.55 -28.90 11.80
CA LEU I 782 5.42 -28.90 10.34
C LEU I 782 6.79 -28.91 9.67
N TYR I 783 7.74 -28.13 10.19
CA TYR I 783 9.05 -28.06 9.58
C TYR I 783 9.82 -29.36 9.75
N LEU I 784 9.66 -30.03 10.90
CA LEU I 784 10.30 -31.34 11.02
C LEU I 784 9.62 -32.38 10.13
N LYS I 785 8.30 -32.29 9.94
CA LYS I 785 7.65 -33.15 8.96
C LYS I 785 8.25 -32.94 7.57
N ALA I 786 8.40 -31.68 7.17
CA ALA I 786 8.96 -31.37 5.87
C ALA I 786 10.42 -31.83 5.76
N GLU I 787 11.18 -31.68 6.84
CA GLU I 787 12.58 -32.11 6.83
C GLU I 787 12.70 -33.63 6.71
N GLN I 788 11.82 -34.36 7.41
CA GLN I 788 11.81 -35.81 7.26
C GLN I 788 11.44 -36.20 5.84
N GLU I 789 10.46 -35.52 5.25
CA GLU I 789 10.10 -35.78 3.87
C GLU I 789 11.26 -35.51 2.93
N ARG I 790 12.00 -34.42 3.17
CA ARG I 790 13.14 -34.08 2.34
C ARG I 790 14.24 -35.13 2.46
N GLN I 791 14.51 -35.59 3.68
CA GLN I 791 15.53 -36.62 3.87
C GLN I 791 15.13 -37.92 3.16
N HIS I 792 13.86 -38.31 3.27
CA HIS I 792 13.40 -39.51 2.60
C HIS I 792 13.45 -39.35 1.09
N ASN I 793 13.14 -38.15 0.59
CA ASN I 793 13.25 -37.91 -0.84
C ASN I 793 14.69 -38.00 -1.31
N TYR I 794 15.63 -37.51 -0.51
CA TYR I 794 17.04 -37.68 -0.85
C TYR I 794 17.43 -39.15 -0.89
N LEU I 795 16.95 -39.92 0.09
CA LEU I 795 17.25 -41.35 0.10
C LEU I 795 16.67 -42.07 -1.10
N LYS I 796 15.43 -41.71 -1.48
CA LYS I 796 14.78 -42.38 -2.60
C LYS I 796 15.38 -41.97 -3.93
N ASP I 797 15.39 -40.68 -4.23
CA ASP I 797 15.94 -40.14 -5.47
C ASP I 797 17.44 -40.14 -5.51
N GLY I 798 18.11 -40.77 -4.55
CA GLY I 798 19.55 -40.87 -4.56
C GLY I 798 20.21 -39.53 -4.37
N PRO I 799 21.54 -39.49 -4.51
CA PRO I 799 22.23 -38.20 -4.46
C PRO I 799 21.78 -37.30 -5.60
N TYR I 800 21.55 -36.03 -5.27
CA TYR I 800 21.12 -35.07 -6.28
C TYR I 800 22.27 -34.62 -7.18
N ILE I 801 23.50 -34.69 -6.68
CA ILE I 801 24.66 -34.36 -7.49
C ILE I 801 25.04 -35.58 -8.33
N THR I 802 25.24 -35.35 -9.63
CA THR I 802 25.62 -36.42 -10.52
C THR I 802 27.08 -36.81 -10.27
N ALA I 803 27.42 -38.04 -10.66
CA ALA I 803 28.77 -38.55 -10.42
C ALA I 803 29.81 -37.70 -11.14
N GLU I 804 29.59 -37.39 -12.41
CA GLU I 804 30.54 -36.56 -13.14
C GLU I 804 30.59 -35.15 -12.59
N GLU I 805 29.46 -34.62 -12.13
CA GLU I 805 29.46 -33.32 -11.46
C GLU I 805 30.33 -33.36 -10.21
N ALA I 806 30.20 -34.42 -9.41
CA ALA I 806 31.00 -34.55 -8.20
C ALA I 806 32.48 -34.67 -8.52
N VAL I 807 32.84 -35.45 -9.55
CA VAL I 807 34.26 -35.57 -9.87
C VAL I 807 34.81 -34.28 -10.46
N ALA I 808 33.98 -33.51 -11.16
CA ALA I 808 34.42 -32.19 -11.62
C ALA I 808 34.70 -31.27 -10.44
N VAL I 809 33.81 -31.27 -9.44
CA VAL I 809 34.05 -30.46 -8.24
C VAL I 809 35.32 -30.92 -7.54
N TYR I 810 35.51 -32.24 -7.44
CA TYR I 810 36.69 -32.77 -6.77
C TYR I 810 37.97 -32.38 -7.50
N THR I 811 37.97 -32.47 -8.83
CA THR I 811 39.14 -32.07 -9.60
C THR I 811 39.42 -30.59 -9.42
N THR I 812 38.38 -29.76 -9.40
CA THR I 812 38.57 -28.34 -9.15
C THR I 812 39.23 -28.10 -7.80
N THR I 813 38.73 -28.78 -6.76
CA THR I 813 39.28 -28.57 -5.42
C THR I 813 40.73 -29.06 -5.33
N VAL I 814 41.04 -30.22 -5.91
CA VAL I 814 42.40 -30.72 -5.82
C VAL I 814 43.35 -29.84 -6.61
N HIS I 815 42.91 -29.33 -7.76
CA HIS I 815 43.76 -28.41 -8.52
C HIS I 815 44.00 -27.13 -7.74
N TRP I 816 42.97 -26.61 -7.06
CA TRP I 816 43.16 -25.42 -6.23
C TRP I 816 44.17 -25.68 -5.12
N LEU I 817 43.98 -26.77 -4.37
CA LEU I 817 44.85 -27.03 -3.23
C LEU I 817 46.28 -27.33 -3.67
N GLU I 818 46.46 -28.04 -4.79
CA GLU I 818 47.80 -28.24 -5.32
C GLU I 818 48.42 -26.91 -5.75
N SER I 819 47.63 -26.05 -6.38
CA SER I 819 48.14 -24.73 -6.76
C SER I 819 48.54 -23.92 -5.54
N ARG I 820 47.83 -24.09 -4.42
CA ARG I 820 48.19 -23.41 -3.19
C ARG I 820 49.30 -24.09 -2.42
N ARG I 821 49.73 -25.28 -2.86
CA ARG I 821 50.73 -26.07 -2.14
C ARG I 821 50.30 -26.27 -0.68
N PHE I 822 49.03 -26.54 -0.50
CA PHE I 822 48.44 -26.64 0.84
C PHE I 822 48.80 -27.96 1.48
N SER I 823 49.48 -27.91 2.63
CA SER I 823 49.78 -29.14 3.35
C SER I 823 48.60 -29.50 4.24
N PRO I 824 48.09 -30.72 4.11
CA PRO I 824 46.90 -31.12 4.88
C PRO I 824 47.09 -31.05 6.39
N ILE I 825 46.03 -30.74 7.11
CA ILE I 825 46.11 -30.67 8.57
C ILE I 825 46.15 -32.07 9.17
N PRO I 826 47.20 -32.37 9.94
CA PRO I 826 47.35 -33.71 10.52
C PRO I 826 46.45 -33.95 11.70
N PHE I 827 46.30 -35.20 12.13
CA PHE I 827 45.49 -35.50 13.30
C PHE I 827 46.13 -34.86 14.51
N PRO I 828 45.31 -34.28 15.40
CA PRO I 828 45.87 -33.59 16.56
C PRO I 828 46.94 -34.45 17.20
N PRO I 829 48.21 -34.01 17.12
CA PRO I 829 49.30 -34.81 17.66
C PRO I 829 49.15 -35.03 19.15
N LEU I 830 49.56 -36.19 19.64
CA LEU I 830 49.45 -36.48 21.07
C LEU I 830 50.29 -35.50 21.89
N SER I 831 51.48 -35.19 21.41
CA SER I 831 52.32 -34.23 22.11
C SER I 831 52.13 -32.83 21.55
N TYR I 832 50.92 -32.53 21.10
CA TYR I 832 50.67 -31.23 20.50
C TYR I 832 51.10 -30.14 21.46
N LYS I 833 51.92 -29.22 20.98
CA LYS I 833 52.42 -28.15 21.83
C LYS I 833 51.32 -27.19 22.23
N HIS I 834 50.34 -27.02 21.37
CA HIS I 834 49.26 -26.06 21.63
C HIS I 834 47.95 -26.72 22.02
N ASP I 835 47.96 -28.03 22.28
CA ASP I 835 46.70 -28.73 22.56
C ASP I 835 46.02 -28.19 23.81
N THR I 836 46.81 -27.92 24.86
CA THR I 836 46.23 -27.41 26.09
C THR I 836 45.57 -26.05 25.88
N LYS I 837 46.22 -25.17 25.12
CA LYS I 837 45.65 -23.85 24.87
C LYS I 837 44.33 -23.96 24.10
N LEU I 838 44.29 -24.82 23.08
CA LEU I 838 43.06 -24.99 22.32
C LEU I 838 41.95 -25.58 23.18
N LEU I 839 42.29 -26.55 24.03
CA LEU I 839 41.29 -27.11 24.93
C LEU I 839 40.76 -26.08 25.90
N ILE I 840 41.64 -25.24 26.44
CA ILE I 840 41.21 -24.18 27.36
C ILE I 840 40.30 -23.20 26.64
N LEU I 841 40.66 -22.83 25.41
CA LEU I 841 39.81 -21.92 24.64
C LEU I 841 38.44 -22.53 24.37
N ALA I 842 38.41 -23.81 24.02
CA ALA I 842 37.13 -24.48 23.76
C ALA I 842 36.27 -24.53 25.02
N LEU I 843 36.89 -24.85 26.16
CA LEU I 843 36.13 -24.89 27.41
C LEU I 843 35.62 -23.50 27.80
N GLU I 844 36.45 -22.46 27.58
CA GLU I 844 36.01 -21.11 27.85
C GLU I 844 34.84 -20.70 26.97
N ARG I 845 34.90 -21.09 25.69
CA ARG I 845 33.79 -20.80 24.78
C ARG I 845 32.52 -21.53 25.22
N LEU I 846 32.64 -22.79 25.63
CA LEU I 846 31.48 -23.55 26.07
C LEU I 846 30.88 -22.96 27.34
N LYS I 847 31.72 -22.57 28.30
CA LYS I 847 31.22 -21.98 29.53
C LYS I 847 30.60 -20.62 29.29
N GLU I 848 31.15 -19.85 28.35
CA GLU I 848 30.60 -18.55 28.01
C GLU I 848 29.17 -18.68 27.50
N ALA I 849 28.88 -19.73 26.74
CA ALA I 849 27.55 -19.92 26.20
C ALA I 849 26.49 -20.09 27.28
N TYR I 850 26.87 -20.47 28.49
CA TYR I 850 25.94 -20.63 29.60
C TYR I 850 25.88 -19.33 30.39
N SER I 851 24.99 -18.44 29.98
CA SER I 851 24.75 -17.20 30.71
C SER I 851 24.13 -17.53 32.06
N VAL I 852 24.49 -16.76 33.08
CA VAL I 852 24.04 -17.06 34.44
C VAL I 852 22.56 -16.69 34.56
N LYS I 853 21.73 -17.72 34.73
CA LYS I 853 20.32 -17.54 35.06
C LYS I 853 19.95 -18.20 36.38
N SER I 854 20.84 -18.99 36.96
CA SER I 854 20.70 -19.71 38.23
C SER I 854 19.68 -20.84 38.16
N ARG I 855 18.97 -20.99 37.05
CA ARG I 855 17.96 -22.05 36.88
C ARG I 855 18.34 -22.85 35.63
N LEU I 856 19.10 -23.92 35.83
CA LEU I 856 19.57 -24.76 34.74
C LEU I 856 18.95 -26.14 34.85
N ASN I 857 18.70 -26.76 33.69
CA ASN I 857 18.18 -28.12 33.67
C ASN I 857 19.31 -29.11 33.94
N GLN I 858 18.97 -30.41 33.88
CA GLN I 858 19.97 -31.44 34.13
C GLN I 858 21.06 -31.41 33.06
N SER I 859 20.68 -31.17 31.80
CA SER I 859 21.67 -31.17 30.72
C SER I 859 22.69 -30.07 30.91
N GLN I 860 22.25 -28.87 31.28
CA GLN I 860 23.19 -27.75 31.43
C GLN I 860 24.14 -27.98 32.60
N ARG I 861 23.62 -28.44 33.73
CA ARG I 861 24.49 -28.70 34.88
C ARG I 861 25.45 -29.85 34.60
N GLU I 862 25.00 -30.86 33.85
CA GLU I 862 25.90 -31.94 33.47
C GLU I 862 27.00 -31.43 32.54
N GLU I 863 26.65 -30.55 31.60
CA GLU I 863 27.67 -29.98 30.73
C GLU I 863 28.67 -29.14 31.53
N LEU I 864 28.17 -28.39 32.52
CA LEU I 864 29.07 -27.62 33.37
C LEU I 864 30.00 -28.55 34.15
N GLY I 865 29.47 -29.66 34.66
CA GLY I 865 30.31 -30.60 35.39
C GLY I 865 31.39 -31.21 34.52
N LEU I 866 31.02 -31.63 33.31
CA LEU I 866 32.02 -32.13 32.37
C LEU I 866 33.05 -31.07 32.01
N ILE I 867 32.60 -29.82 31.82
CA ILE I 867 33.52 -28.74 31.46
C ILE I 867 34.53 -28.52 32.57
N GLU I 868 34.06 -28.44 33.82
CA GLU I 868 34.99 -28.19 34.92
C GLU I 868 35.90 -29.38 35.17
N GLN I 869 35.38 -30.60 34.98
CA GLN I 869 36.22 -31.79 35.12
C GLN I 869 37.31 -31.83 34.08
N ALA I 870 36.98 -31.49 32.83
CA ALA I 870 38.00 -31.43 31.78
C ALA I 870 39.00 -30.30 32.04
N TYR I 871 38.52 -29.18 32.58
CA TYR I 871 39.40 -28.07 32.89
C TYR I 871 40.39 -28.43 33.99
N ASP I 872 39.93 -29.21 34.98
CA ASP I 872 40.80 -29.61 36.08
C ASP I 872 41.94 -30.51 35.58
N ASN I 873 41.62 -31.46 34.70
CA ASN I 873 42.60 -32.42 34.19
C ASN I 873 42.58 -32.38 32.66
N PRO I 874 43.33 -31.47 32.05
CA PRO I 874 43.31 -31.36 30.59
C PRO I 874 43.78 -32.61 29.86
N HIS I 875 44.72 -33.36 30.42
CA HIS I 875 45.33 -34.44 29.66
C HIS I 875 44.39 -35.62 29.44
N GLU I 876 43.64 -36.01 30.48
CA GLU I 876 42.69 -37.10 30.30
C GLU I 876 41.58 -36.70 29.35
N ALA I 877 41.14 -35.44 29.42
CA ALA I 877 40.12 -34.96 28.48
C ALA I 877 40.65 -34.97 27.06
N LEU I 878 41.90 -34.56 26.86
CA LEU I 878 42.49 -34.59 25.52
C LEU I 878 42.59 -36.01 24.99
N SER I 879 42.99 -36.95 25.86
CA SER I 879 43.07 -38.35 25.44
C SER I 879 41.68 -38.88 25.05
N ARG I 880 40.66 -38.56 25.85
CA ARG I 880 39.31 -38.99 25.52
C ARG I 880 38.82 -38.38 24.21
N ILE I 881 39.14 -37.10 23.99
CA ILE I 881 38.73 -36.43 22.76
C ILE I 881 39.40 -37.08 21.56
N LYS I 882 40.69 -37.37 21.65
CA LYS I 882 41.38 -38.02 20.55
C LYS I 882 40.84 -39.42 20.31
N ARG I 883 40.49 -40.14 21.38
CA ARG I 883 39.88 -41.45 21.21
C ARG I 883 38.53 -41.35 20.49
N HIS I 884 37.73 -40.33 20.84
CA HIS I 884 36.47 -40.13 20.14
C HIS I 884 36.69 -39.81 18.67
N LEU I 885 37.69 -38.98 18.38
CA LEU I 885 37.98 -38.64 16.98
C LEU I 885 38.49 -39.84 16.21
N LEU I 886 39.17 -40.77 16.87
CA LEU I 886 39.74 -41.93 16.19
C LEU I 886 38.73 -43.06 16.01
N THR I 887 37.84 -43.27 16.97
CA THR I 887 36.99 -44.45 16.96
C THR I 887 35.50 -44.15 16.84
N GLN I 888 34.98 -43.16 17.56
CA GLN I 888 33.54 -42.97 17.64
C GLN I 888 32.98 -42.53 16.30
N ARG I 889 31.95 -43.24 15.83
CA ARG I 889 31.25 -42.87 14.60
C ARG I 889 29.74 -42.86 14.77
N ALA I 890 29.20 -43.39 15.85
CA ALA I 890 27.77 -43.34 16.15
C ALA I 890 27.56 -42.46 17.37
N PHE I 891 26.60 -41.54 17.27
CA PHE I 891 26.38 -40.53 18.30
C PHE I 891 24.92 -40.55 18.73
N LYS I 892 24.62 -39.77 19.77
CA LYS I 892 23.29 -39.72 20.33
C LYS I 892 22.41 -38.74 19.57
N GLU I 893 21.13 -38.70 19.96
CA GLU I 893 20.18 -37.82 19.31
C GLU I 893 20.52 -36.36 19.61
N VAL I 894 20.39 -35.51 18.60
CA VAL I 894 20.60 -34.08 18.75
C VAL I 894 19.23 -33.41 18.88
N GLY I 895 19.00 -32.75 20.02
CA GLY I 895 17.74 -32.06 20.20
C GLY I 895 17.65 -30.84 19.33
N ILE I 896 16.42 -30.47 18.96
CA ILE I 896 16.20 -29.33 18.08
C ILE I 896 15.16 -28.40 18.68
N GLU I 897 15.32 -27.12 18.39
CA GLU I 897 14.39 -26.08 18.82
C GLU I 897 14.43 -25.00 17.75
N PHE I 898 13.49 -24.07 17.80
CA PHE I 898 13.38 -23.04 16.77
C PHE I 898 13.34 -21.66 17.39
N MET I 899 14.41 -20.89 17.17
CA MET I 899 14.40 -19.46 17.42
C MET I 899 13.28 -18.81 16.64
N ASP I 900 12.32 -18.22 17.36
CA ASP I 900 11.11 -17.68 16.74
C ASP I 900 11.31 -16.20 16.42
N LEU I 901 12.20 -15.96 15.46
CA LEU I 901 12.23 -14.65 14.83
C LEU I 901 11.02 -14.54 13.91
N TYR I 902 10.22 -13.49 14.11
CA TYR I 902 8.93 -13.41 13.43
C TYR I 902 9.07 -13.36 11.92
N SER I 903 10.23 -12.98 11.40
CA SER I 903 10.45 -13.05 9.96
C SER I 903 10.68 -14.50 9.51
N HIS I 904 11.40 -15.28 10.29
CA HIS I 904 11.72 -16.66 9.91
C HIS I 904 12.22 -17.41 11.13
N LEU I 905 11.92 -18.70 11.18
CA LEU I 905 12.39 -19.57 12.25
C LEU I 905 13.84 -19.94 12.00
N VAL I 906 14.64 -20.02 13.05
CA VAL I 906 16.05 -20.36 12.96
C VAL I 906 16.28 -21.65 13.74
N PRO I 907 16.86 -22.68 13.14
CA PRO I 907 17.12 -23.92 13.88
C PRO I 907 18.18 -23.73 14.95
N VAL I 908 17.99 -24.40 16.08
CA VAL I 908 18.93 -24.41 17.20
C VAL I 908 19.10 -25.85 17.65
N TYR I 909 20.34 -26.30 17.77
CA TYR I 909 20.64 -27.70 18.03
C TYR I 909 21.33 -27.85 19.38
N ASP I 910 20.83 -28.79 20.17
CA ASP I 910 21.40 -29.12 21.48
C ASP I 910 22.08 -30.48 21.38
N VAL I 911 23.36 -30.52 21.76
CA VAL I 911 24.20 -31.69 21.58
C VAL I 911 24.61 -32.20 22.96
N GLU I 912 24.87 -33.51 23.04
CA GLU I 912 25.28 -34.11 24.29
C GLU I 912 26.60 -33.49 24.76
N PRO I 913 26.75 -33.21 26.06
CA PRO I 913 27.91 -32.42 26.51
C PRO I 913 29.27 -33.00 26.16
N LEU I 914 29.45 -34.32 26.24
CA LEU I 914 30.73 -34.90 25.86
C LEU I 914 31.00 -34.68 24.38
N GLU I 915 29.98 -34.91 23.56
CA GLU I 915 30.08 -34.62 22.13
C GLU I 915 30.32 -33.14 21.90
N LYS I 916 29.68 -32.28 22.71
CA LYS I 916 29.90 -30.85 22.59
C LYS I 916 31.36 -30.48 22.84
N ILE I 917 31.96 -31.07 23.89
CA ILE I 917 33.35 -30.77 24.20
C ILE I 917 34.26 -31.25 23.08
N THR I 918 34.02 -32.48 22.59
CA THR I 918 34.85 -32.99 21.51
C THR I 918 34.74 -32.12 20.26
N ASP I 919 33.51 -31.72 19.92
CA ASP I 919 33.30 -30.87 18.75
C ASP I 919 33.96 -29.51 18.92
N ALA I 920 33.88 -28.94 20.13
CA ALA I 920 34.50 -27.64 20.37
C ALA I 920 36.00 -27.71 20.23
N TYR I 921 36.63 -28.73 20.82
CA TYR I 921 38.07 -28.87 20.66
C TYR I 921 38.44 -29.09 19.21
N LEU I 922 37.67 -29.92 18.49
CA LEU I 922 37.97 -30.15 17.09
C LEU I 922 37.86 -28.87 16.28
N ASP I 923 36.83 -28.06 16.56
CA ASP I 923 36.64 -26.80 15.86
C ASP I 923 37.80 -25.85 16.11
N GLN I 924 38.22 -25.74 17.37
CA GLN I 924 39.35 -24.87 17.69
C GLN I 924 40.61 -25.33 16.98
N TYR I 925 40.89 -26.63 17.03
CA TYR I 925 42.09 -27.15 16.39
C TYR I 925 42.05 -26.93 14.89
N LEU I 926 40.89 -27.20 14.27
CA LEU I 926 40.74 -27.05 12.83
C LEU I 926 40.95 -25.61 12.41
N TRP I 927 40.32 -24.67 13.11
CA TRP I 927 40.46 -23.28 12.74
C TRP I 927 41.89 -22.80 12.92
N TYR I 928 42.54 -23.17 14.03
CA TYR I 928 43.91 -22.75 14.25
C TYR I 928 44.83 -23.29 13.18
N GLU I 929 44.69 -24.58 12.84
CA GLU I 929 45.57 -25.17 11.84
C GLU I 929 45.30 -24.62 10.45
N ALA I 930 44.03 -24.37 10.12
CA ALA I 930 43.71 -23.80 8.82
C ALA I 930 44.26 -22.40 8.67
N ASP I 931 44.11 -21.56 9.69
CA ASP I 931 44.68 -20.22 9.64
C ASP I 931 46.20 -20.25 9.69
N LYS I 932 46.79 -21.29 10.27
CA LYS I 932 48.24 -21.44 10.23
C LYS I 932 48.72 -21.74 8.82
N ARG I 933 47.96 -22.54 8.07
CA ARG I 933 48.31 -22.94 6.72
C ARG I 933 47.68 -22.08 5.64
N ARG I 934 46.91 -21.05 6.03
CA ARG I 934 46.24 -20.17 5.08
C ARG I 934 45.34 -20.95 4.13
N LEU I 935 44.51 -21.82 4.71
CA LEU I 935 43.57 -22.60 3.90
C LEU I 935 42.55 -21.69 3.23
N PHE I 936 41.91 -20.85 4.03
CA PHE I 936 40.84 -20.01 3.50
C PHE I 936 41.39 -18.76 2.85
N PRO I 937 41.07 -18.56 1.57
CA PRO I 937 41.55 -17.37 0.85
C PRO I 937 41.00 -16.11 1.49
N PRO I 938 41.61 -14.96 1.20
CA PRO I 938 41.19 -13.70 1.84
C PRO I 938 39.73 -13.34 1.63
N TRP I 939 39.17 -13.64 0.45
CA TRP I 939 37.79 -13.24 0.17
C TRP I 939 36.77 -13.91 1.07
N ILE I 940 37.18 -14.93 1.79
CA ILE I 940 36.25 -15.65 2.64
C ILE I 940 36.07 -14.94 3.96
N LYS I 941 34.94 -14.27 4.13
CA LYS I 941 34.66 -13.58 5.38
C LYS I 941 33.48 -14.29 6.02
N PRO I 942 33.25 -14.09 7.32
CA PRO I 942 33.65 -12.97 8.17
C PRO I 942 35.02 -13.15 8.79
N ALA I 943 35.99 -12.35 8.37
CA ALA I 943 37.33 -12.42 8.94
C ALA I 943 37.35 -11.87 10.35
N ASP I 944 38.36 -12.22 11.12
CA ASP I 944 38.40 -11.79 12.52
C ASP I 944 39.20 -10.50 12.71
N THR I 945 39.65 -9.90 11.63
CA THR I 945 40.45 -8.68 11.72
C THR I 945 39.64 -7.43 11.42
N GLU I 946 38.39 -7.57 11.01
CA GLU I 946 37.55 -6.44 10.68
C GLU I 946 36.10 -6.77 11.04
N PRO I 947 35.43 -5.92 11.80
CA PRO I 947 33.99 -6.08 12.01
C PRO I 947 33.24 -5.88 10.70
N PRO I 948 32.01 -6.36 10.60
CA PRO I 948 31.27 -6.25 9.34
C PRO I 948 31.16 -4.82 8.84
N PRO I 949 30.99 -3.81 9.71
CA PRO I 949 31.07 -2.43 9.21
C PRO I 949 32.42 -2.10 8.58
N LEU I 950 33.51 -2.61 9.15
CA LEU I 950 34.81 -2.42 8.52
C LEU I 950 34.90 -3.19 7.21
N LEU I 951 34.23 -4.33 7.12
CA LEU I 951 34.16 -5.03 5.85
C LEU I 951 33.47 -4.19 4.79
N VAL I 952 32.36 -3.54 5.16
CA VAL I 952 31.65 -2.66 4.23
C VAL I 952 32.55 -1.49 3.82
N TYR I 953 33.25 -0.90 4.79
CA TYR I 953 34.13 0.22 4.50
C TYR I 953 35.25 -0.19 3.54
N LYS I 954 35.90 -1.32 3.81
CA LYS I 954 36.96 -1.81 2.95
C LYS I 954 36.43 -2.13 1.56
N TRP I 955 35.22 -2.70 1.49
CA TRP I 955 34.62 -3.00 0.19
C TRP I 955 34.37 -1.74 -0.61
N CYS I 956 33.83 -0.71 0.04
CA CYS I 956 33.57 0.56 -0.65
C CYS I 956 34.87 1.19 -1.12
N GLN I 957 35.90 1.20 -0.27
CA GLN I 957 37.17 1.80 -0.66
C GLN I 957 37.84 1.03 -1.78
N GLY I 958 37.74 -0.31 -1.76
CA GLY I 958 38.29 -1.09 -2.84
C GLY I 958 37.55 -0.89 -4.15
N ILE I 959 36.23 -0.71 -4.07
CA ILE I 959 35.45 -0.36 -5.25
C ILE I 959 35.93 0.99 -5.79
N ASN I 960 36.12 1.96 -4.89
CA ASN I 960 36.50 3.30 -5.31
C ASN I 960 37.95 3.39 -5.77
N ASN I 961 38.79 2.44 -5.37
CA ASN I 961 40.22 2.51 -5.67
C ASN I 961 40.61 1.72 -6.91
N LEU I 962 39.64 1.14 -7.61
CA LEU I 962 39.97 0.49 -8.88
C LEU I 962 40.32 1.55 -9.93
N GLN I 963 41.14 1.14 -10.90
CA GLN I 963 41.60 2.07 -11.92
C GLN I 963 40.44 2.57 -12.76
N ASP I 964 40.25 3.88 -12.77
CA ASP I 964 39.19 4.58 -13.51
C ASP I 964 37.87 3.80 -13.46
N VAL I 965 37.49 3.41 -12.26
CA VAL I 965 36.29 2.59 -12.08
C VAL I 965 35.04 3.37 -12.43
N TRP I 966 35.05 4.70 -12.23
CA TRP I 966 33.87 5.53 -12.46
C TRP I 966 33.84 6.14 -13.85
N GLU I 967 34.83 5.84 -14.68
CA GLU I 967 34.85 6.36 -16.05
C GLU I 967 33.80 5.64 -16.89
N THR I 968 32.95 6.42 -17.57
CA THR I 968 31.89 5.86 -18.41
C THR I 968 31.82 6.57 -19.75
N SER I 969 32.92 7.18 -20.18
CA SER I 969 32.93 7.87 -21.47
C SER I 969 32.86 6.87 -22.61
N GLU I 970 33.66 5.81 -22.56
CA GLU I 970 33.72 4.82 -23.62
C GLU I 970 32.67 3.72 -23.47
N GLY I 971 31.63 3.94 -22.69
CA GLY I 971 30.59 2.96 -22.51
C GLY I 971 30.88 1.90 -21.47
N GLU I 972 31.92 2.06 -20.66
CA GLU I 972 32.24 1.08 -19.64
C GLU I 972 31.11 1.00 -18.62
N CYS I 973 31.01 -0.16 -17.97
CA CYS I 973 29.90 -0.43 -17.06
C CYS I 973 30.37 -1.32 -15.92
N ASN I 974 30.05 -0.92 -14.69
CA ASN I 974 30.38 -1.68 -13.51
C ASN I 974 29.14 -2.39 -13.01
N VAL I 975 29.31 -3.63 -12.57
CA VAL I 975 28.20 -4.48 -12.16
C VAL I 975 28.46 -4.99 -10.76
N MET I 976 27.49 -4.80 -9.86
CA MET I 976 27.58 -5.25 -8.49
C MET I 976 26.49 -6.30 -8.28
N LEU I 977 26.91 -7.54 -8.08
CA LEU I 977 26.00 -8.68 -7.93
C LEU I 977 26.07 -9.19 -6.50
N GLU I 978 24.92 -9.30 -5.86
CA GLU I 978 24.84 -9.88 -4.52
C GLU I 978 23.89 -11.07 -4.57
N SER I 979 24.29 -12.16 -3.92
CA SER I 979 23.52 -13.40 -3.93
C SER I 979 23.69 -14.09 -2.58
N ARG I 980 22.94 -15.17 -2.39
CA ARG I 980 22.84 -15.81 -1.09
C ARG I 980 23.23 -17.29 -1.07
N PHE I 981 23.46 -17.93 -2.22
CA PHE I 981 23.72 -19.37 -2.26
C PHE I 981 22.56 -20.13 -1.62
N GLU I 982 21.40 -20.04 -2.27
CA GLU I 982 20.16 -20.55 -1.69
C GLU I 982 20.28 -22.01 -1.33
N LYS I 983 19.75 -22.36 -0.14
CA LYS I 983 19.80 -23.72 0.40
C LYS I 983 21.24 -24.23 0.45
N MET I 984 22.15 -23.37 0.91
CA MET I 984 23.56 -23.76 1.01
C MET I 984 23.76 -24.88 2.00
N TYR I 985 23.23 -24.72 3.21
CA TYR I 985 23.47 -25.73 4.25
C TYR I 985 22.74 -27.02 3.95
N GLU I 986 21.45 -26.92 3.60
CA GLU I 986 20.64 -28.12 3.41
C GLU I 986 21.14 -28.97 2.24
N LYS I 987 21.54 -28.33 1.15
CA LYS I 987 22.00 -29.05 -0.04
C LYS I 987 23.52 -29.20 -0.02
N ILE I 988 24.01 -29.93 0.97
CA ILE I 988 25.41 -30.34 1.05
C ILE I 988 25.43 -31.86 1.11
N ASP I 989 26.01 -32.49 0.09
CA ASP I 989 26.06 -33.94 0.05
C ASP I 989 27.13 -34.43 1.02
N LEU I 990 26.74 -35.29 1.96
CA LEU I 990 27.66 -35.73 3.00
C LEU I 990 28.78 -36.59 2.43
N THR I 991 28.50 -37.38 1.39
CA THR I 991 29.56 -38.18 0.77
C THR I 991 30.59 -37.29 0.09
N LEU I 992 30.13 -36.34 -0.73
CA LEU I 992 31.04 -35.40 -1.37
C LEU I 992 31.72 -34.52 -0.32
N LEU I 993 31.00 -34.15 0.73
CA LEU I 993 31.61 -33.38 1.81
C LEU I 993 32.75 -34.15 2.46
N ASN I 994 32.54 -35.44 2.73
CA ASN I 994 33.60 -36.26 3.29
C ASN I 994 34.78 -36.36 2.35
N ARG I 995 34.52 -36.56 1.06
CA ARG I 995 35.61 -36.67 0.10
C ARG I 995 36.40 -35.37 0.00
N LEU I 996 35.71 -34.23 0.09
CA LEU I 996 36.38 -32.94 0.07
C LEU I 996 37.19 -32.71 1.35
N LEU I 997 36.63 -33.12 2.50
CA LEU I 997 37.31 -32.92 3.77
C LEU I 997 38.56 -33.78 3.87
N ARG I 998 38.55 -34.97 3.27
CA ARG I 998 39.75 -35.80 3.29
C ARG I 998 40.92 -35.15 2.58
N LEU I 999 40.67 -34.12 1.77
CA LEU I 999 41.76 -33.43 1.08
C LEU I 999 42.56 -32.56 2.05
N ILE I 1000 41.89 -31.91 2.98
CA ILE I 1000 42.52 -30.91 3.83
C ILE I 1000 42.90 -31.49 5.20
N VAL I 1001 42.04 -32.32 5.78
CA VAL I 1001 42.22 -32.80 7.13
C VAL I 1001 42.48 -34.29 7.09
N ASP I 1002 42.87 -34.84 8.24
CA ASP I 1002 43.10 -36.28 8.35
C ASP I 1002 41.81 -37.05 8.04
N HIS I 1003 41.98 -38.21 7.42
CA HIS I 1003 40.82 -39.02 7.02
C HIS I 1003 39.98 -39.42 8.22
N ASN I 1004 40.61 -39.71 9.36
CA ASN I 1004 39.85 -40.01 10.56
C ASN I 1004 39.02 -38.81 11.00
N ILE I 1005 39.63 -37.62 10.97
CA ILE I 1005 38.89 -36.41 11.34
C ILE I 1005 37.75 -36.16 10.36
N ALA I 1006 38.01 -36.35 9.07
CA ALA I 1006 36.96 -36.13 8.07
C ALA I 1006 35.80 -37.10 8.27
N ASP I 1007 36.11 -38.37 8.54
CA ASP I 1007 35.06 -39.34 8.79
C ASP I 1007 34.27 -38.98 10.04
N TYR I 1008 34.95 -38.53 11.10
CA TYR I 1008 34.24 -38.11 12.30
C TYR I 1008 33.32 -36.94 12.01
N MET I 1009 33.82 -35.95 11.27
CA MET I 1009 33.03 -34.77 10.94
C MET I 1009 31.79 -35.14 10.13
N THR I 1010 31.96 -36.03 9.15
CA THR I 1010 30.82 -36.43 8.33
C THR I 1010 29.82 -37.26 9.13
N ALA I 1011 30.31 -38.16 9.99
CA ALA I 1011 29.43 -39.00 10.77
C ALA I 1011 28.66 -38.19 11.81
N LYS I 1012 29.27 -37.13 12.34
CA LYS I 1012 28.57 -36.29 13.32
C LYS I 1012 27.36 -35.61 12.71
N ASN I 1013 27.37 -35.39 11.39
CA ASN I 1013 26.22 -34.80 10.72
C ASN I 1013 25.10 -35.81 10.51
N ASN I 1014 25.45 -37.08 10.27
CA ASN I 1014 24.45 -38.13 10.04
C ASN I 1014 24.04 -38.76 11.37
N VAL I 1015 23.28 -37.97 12.14
CA VAL I 1015 22.75 -38.42 13.43
C VAL I 1015 21.25 -38.18 13.45
N VAL I 1016 20.64 -38.52 14.57
CA VAL I 1016 19.20 -38.37 14.73
C VAL I 1016 18.90 -36.99 15.30
N ILE I 1017 18.04 -36.24 14.62
CA ILE I 1017 17.55 -34.96 15.11
C ILE I 1017 16.19 -35.21 15.76
N ASN I 1018 16.06 -34.81 17.02
CA ASN I 1018 14.92 -35.21 17.85
C ASN I 1018 14.25 -33.98 18.45
N TYR I 1019 12.94 -33.86 18.22
CA TYR I 1019 12.09 -32.91 18.92
C TYR I 1019 11.48 -33.62 20.14
N LYS I 1020 10.44 -33.04 20.73
CA LYS I 1020 9.79 -33.66 21.89
C LYS I 1020 9.40 -35.10 21.60
N ASP I 1021 8.50 -35.30 20.64
CA ASP I 1021 8.07 -36.63 20.24
C ASP I 1021 8.52 -37.02 18.85
N MET I 1022 9.17 -36.11 18.12
CA MET I 1022 9.54 -36.33 16.73
C MET I 1022 11.04 -36.54 16.63
N ASN I 1023 11.45 -37.40 15.69
CA ASN I 1023 12.86 -37.56 15.38
C ASN I 1023 13.01 -38.14 13.99
N HIS I 1024 14.12 -37.79 13.35
CA HIS I 1024 14.44 -38.30 12.02
C HIS I 1024 15.93 -38.30 11.81
N THR I 1025 16.40 -39.15 10.91
CA THR I 1025 17.82 -39.25 10.62
C THR I 1025 18.21 -38.20 9.60
N ASN I 1026 19.02 -37.24 10.01
CA ASN I 1026 19.51 -36.20 9.11
C ASN I 1026 20.61 -36.79 8.26
N SER I 1027 20.29 -37.10 7.00
CA SER I 1027 21.25 -37.74 6.12
C SER I 1027 21.73 -36.86 4.97
N TYR I 1028 20.92 -35.90 4.52
CA TYR I 1028 21.35 -35.01 3.43
C TYR I 1028 22.16 -33.85 3.96
N GLY I 1029 21.53 -32.96 4.74
CA GLY I 1029 22.13 -31.69 5.05
C GLY I 1029 22.98 -31.71 6.31
N ILE I 1030 23.84 -30.70 6.41
CA ILE I 1030 24.63 -30.50 7.62
C ILE I 1030 23.73 -29.96 8.73
N ILE I 1031 24.26 -29.98 9.95
CA ILE I 1031 23.44 -29.70 11.12
C ILE I 1031 23.51 -28.23 11.51
N ARG I 1032 24.70 -27.62 11.43
CA ARG I 1032 24.94 -26.21 11.79
C ARG I 1032 24.91 -25.99 13.30
N GLY I 1033 24.54 -27.01 14.06
CA GLY I 1033 24.58 -26.91 15.50
C GLY I 1033 25.89 -27.46 16.02
N LEU I 1034 26.62 -28.15 15.14
CA LEU I 1034 27.93 -28.65 15.50
C LEU I 1034 28.92 -27.49 15.65
N GLN I 1035 29.84 -27.62 16.60
CA GLN I 1035 30.80 -26.56 16.83
C GLN I 1035 31.72 -26.37 15.62
N PHE I 1036 32.05 -27.45 14.93
CA PHE I 1036 32.92 -27.38 13.77
C PHE I 1036 32.17 -27.15 12.47
N ALA I 1037 30.83 -27.07 12.52
CA ALA I 1037 30.08 -26.74 11.31
C ALA I 1037 30.50 -25.39 10.76
N SER I 1038 30.84 -24.45 11.64
CA SER I 1038 31.38 -23.16 11.21
C SER I 1038 32.53 -23.34 10.24
N PHE I 1039 33.39 -24.33 10.50
CA PHE I 1039 34.47 -24.62 9.57
C PHE I 1039 33.92 -25.14 8.25
N ILE I 1040 33.00 -26.11 8.31
CA ILE I 1040 32.56 -26.81 7.11
C ILE I 1040 31.96 -25.83 6.11
N VAL I 1041 31.08 -24.95 6.58
CA VAL I 1041 30.46 -23.97 5.70
C VAL I 1041 31.53 -23.09 5.07
N GLN I 1042 32.54 -22.70 5.84
CA GLN I 1042 33.59 -21.86 5.28
C GLN I 1042 34.48 -22.62 4.31
N TYR I 1043 34.46 -23.95 4.36
CA TYR I 1043 35.25 -24.76 3.43
C TYR I 1043 34.45 -25.09 2.18
N TYR I 1044 33.27 -25.70 2.35
CA TYR I 1044 32.41 -26.02 1.22
C TYR I 1044 32.12 -24.79 0.38
N GLY I 1045 31.82 -23.67 1.03
CA GLY I 1045 31.62 -22.43 0.30
C GLY I 1045 32.81 -22.05 -0.54
N LEU I 1046 34.02 -22.21 0.02
CA LEU I 1046 35.23 -21.95 -0.75
C LEU I 1046 35.23 -22.75 -2.04
N VAL I 1047 34.75 -23.99 -1.98
CA VAL I 1047 34.64 -24.81 -3.19
C VAL I 1047 33.78 -24.10 -4.22
N MET I 1048 32.60 -23.63 -3.81
CA MET I 1048 31.75 -22.90 -4.74
C MET I 1048 32.45 -21.66 -5.27
N ASP I 1049 33.31 -21.04 -4.46
CA ASP I 1049 34.07 -19.89 -4.95
C ASP I 1049 34.92 -20.28 -6.14
N LEU I 1050 35.60 -21.43 -6.04
CA LEU I 1050 36.39 -21.90 -7.17
C LEU I 1050 35.51 -22.18 -8.37
N LEU I 1051 34.24 -22.52 -8.15
CA LEU I 1051 33.31 -22.64 -9.26
C LEU I 1051 32.90 -21.27 -9.78
N VAL I 1052 32.67 -20.31 -8.87
CA VAL I 1052 32.24 -18.99 -9.31
C VAL I 1052 33.39 -18.23 -9.96
N LEU I 1053 34.56 -18.23 -9.32
CA LEU I 1053 35.70 -17.46 -9.80
C LEU I 1053 36.50 -18.19 -10.86
N GLY I 1054 36.57 -19.51 -10.77
CA GLY I 1054 37.51 -20.23 -11.62
C GLY I 1054 38.89 -20.28 -11.00
N LEU I 1055 39.58 -21.39 -11.28
CA LEU I 1055 40.91 -21.59 -10.68
C LEU I 1055 41.93 -20.57 -11.17
N HIS I 1056 41.68 -19.91 -12.31
CA HIS I 1056 42.60 -18.90 -12.79
C HIS I 1056 42.42 -17.60 -12.00
N ARG I 1057 41.22 -17.00 -12.08
CA ARG I 1057 41.00 -15.70 -11.47
C ARG I 1057 41.25 -15.74 -9.96
N ALA I 1058 40.80 -16.81 -9.30
CA ALA I 1058 41.07 -16.95 -7.87
C ALA I 1058 42.57 -16.95 -7.60
N SER I 1059 43.33 -17.66 -8.43
CA SER I 1059 44.78 -17.65 -8.27
C SER I 1059 45.34 -16.25 -8.45
N GLU I 1060 44.71 -15.44 -9.30
CA GLU I 1060 45.14 -14.06 -9.45
C GLU I 1060 44.77 -13.22 -8.23
N MET I 1061 43.68 -13.57 -7.55
CA MET I 1061 43.22 -12.75 -6.44
C MET I 1061 43.84 -13.18 -5.12
N ALA I 1062 43.91 -14.48 -4.88
CA ALA I 1062 44.53 -14.98 -3.66
C ALA I 1062 46.03 -14.76 -3.63
N GLY I 1063 46.64 -14.43 -4.78
CA GLY I 1063 48.06 -14.19 -4.84
C GLY I 1063 48.84 -15.49 -4.91
N PRO I 1064 50.13 -15.39 -5.26
CA PRO I 1064 50.96 -16.58 -5.29
C PRO I 1064 51.16 -17.12 -3.88
N PRO I 1065 51.39 -18.43 -3.74
CA PRO I 1065 51.60 -19.00 -2.39
C PRO I 1065 52.83 -18.44 -1.70
N GLN I 1066 53.79 -17.88 -2.44
CA GLN I 1066 54.95 -17.26 -1.81
C GLN I 1066 54.51 -16.11 -0.90
N MET I 1067 53.86 -15.10 -1.46
CA MET I 1067 53.28 -14.01 -0.68
C MET I 1067 51.82 -13.83 -1.06
N PRO I 1068 50.89 -14.02 -0.13
CA PRO I 1068 49.46 -13.84 -0.45
C PRO I 1068 49.09 -12.37 -0.55
N ASN I 1069 48.00 -12.12 -1.26
CA ASN I 1069 47.45 -10.78 -1.34
C ASN I 1069 46.58 -10.50 -0.11
N ASP I 1070 46.13 -9.25 -0.01
CA ASP I 1070 45.23 -8.85 1.06
C ASP I 1070 43.79 -9.11 0.63
N PHE I 1071 42.82 -8.56 1.36
CA PHE I 1071 41.42 -8.80 1.05
C PHE I 1071 41.08 -8.30 -0.35
N LEU I 1072 41.43 -7.04 -0.65
CA LEU I 1072 41.13 -6.43 -1.95
C LEU I 1072 42.42 -5.83 -2.48
N SER I 1073 43.23 -6.65 -3.14
CA SER I 1073 44.51 -6.19 -3.66
C SER I 1073 44.97 -7.14 -4.75
N PHE I 1074 45.80 -6.61 -5.66
CA PHE I 1074 46.39 -7.39 -6.73
C PHE I 1074 47.88 -7.07 -6.81
N GLN I 1075 48.65 -8.02 -7.33
CA GLN I 1075 50.09 -7.81 -7.45
C GLN I 1075 50.40 -6.65 -8.38
N ASP I 1076 49.66 -6.55 -9.49
CA ASP I 1076 49.89 -5.49 -10.46
C ASP I 1076 48.54 -5.00 -10.99
N ILE I 1077 48.53 -3.76 -11.48
CA ILE I 1077 47.32 -3.21 -12.09
C ILE I 1077 46.92 -4.01 -13.32
N ALA I 1078 47.90 -4.42 -14.13
CA ALA I 1078 47.59 -5.20 -15.33
C ALA I 1078 46.89 -6.50 -14.97
N THR I 1079 47.24 -7.09 -13.83
CA THR I 1079 46.54 -8.29 -13.38
C THR I 1079 45.14 -7.98 -12.88
N GLU I 1080 44.94 -6.80 -12.29
CA GLU I 1080 43.65 -6.46 -11.71
C GLU I 1080 42.55 -6.36 -12.77
N ALA I 1081 42.86 -5.74 -13.90
CA ALA I 1081 41.88 -5.51 -14.96
C ALA I 1081 41.89 -6.59 -16.03
N ALA I 1082 42.70 -7.64 -15.86
CA ALA I 1082 42.81 -8.68 -16.85
C ALA I 1082 41.56 -9.56 -16.96
N HIS I 1083 40.63 -9.44 -16.02
CA HIS I 1083 39.43 -10.27 -16.01
C HIS I 1083 38.24 -9.37 -15.77
N PRO I 1084 37.05 -9.74 -16.27
CA PRO I 1084 35.85 -8.94 -15.96
C PRO I 1084 35.56 -8.83 -14.48
N ILE I 1085 35.83 -9.88 -13.71
CA ILE I 1085 35.57 -9.85 -12.27
C ILE I 1085 36.71 -9.07 -11.60
N ARG I 1086 36.35 -7.98 -10.94
CA ARG I 1086 37.35 -7.17 -10.24
C ARG I 1086 37.43 -7.53 -8.76
N LEU I 1087 36.29 -7.64 -8.09
CA LEU I 1087 36.28 -7.89 -6.65
C LEU I 1087 35.35 -9.05 -6.32
N PHE I 1088 35.73 -9.83 -5.32
CA PHE I 1088 34.90 -10.91 -4.82
C PHE I 1088 34.96 -10.91 -3.29
N CYS I 1089 33.83 -11.13 -2.66
CA CYS I 1089 33.76 -11.19 -1.20
C CYS I 1089 32.65 -12.16 -0.82
N ARG I 1090 33.01 -13.25 -0.17
CA ARG I 1090 32.03 -14.22 0.30
C ARG I 1090 31.85 -14.07 1.80
N TYR I 1091 30.62 -13.83 2.22
CA TYR I 1091 30.24 -13.93 3.62
C TYR I 1091 30.02 -15.40 3.92
N ILE I 1092 29.32 -15.72 5.02
CA ILE I 1092 29.09 -17.12 5.37
C ILE I 1092 28.45 -17.86 4.18
N ASP I 1093 27.41 -17.27 3.59
CA ASP I 1093 26.81 -17.81 2.39
C ASP I 1093 26.57 -16.78 1.30
N ARG I 1094 26.48 -15.50 1.62
CA ARG I 1094 26.26 -14.47 0.62
C ARG I 1094 27.53 -14.20 -0.16
N ILE I 1095 27.36 -13.86 -1.44
CA ILE I 1095 28.48 -13.52 -2.31
C ILE I 1095 28.24 -12.13 -2.89
N HIS I 1096 29.28 -11.31 -2.87
CA HIS I 1096 29.28 -9.99 -3.49
C HIS I 1096 30.39 -9.97 -4.54
N ILE I 1097 30.02 -9.70 -5.78
CA ILE I 1097 30.96 -9.72 -6.90
C ILE I 1097 30.87 -8.38 -7.61
N PHE I 1098 32.02 -7.78 -7.88
CA PHE I 1098 32.10 -6.52 -8.62
C PHE I 1098 32.83 -6.78 -9.92
N PHE I 1099 32.09 -6.66 -11.03
CA PHE I 1099 32.59 -6.80 -12.38
C PHE I 1099 32.80 -5.42 -12.99
N ARG I 1100 33.71 -5.33 -13.95
CA ARG I 1100 33.87 -4.15 -14.79
C ARG I 1100 34.00 -4.60 -16.23
N PHE I 1101 33.07 -4.16 -17.08
CA PHE I 1101 33.07 -4.50 -18.50
C PHE I 1101 33.30 -3.26 -19.34
N THR I 1102 34.01 -3.45 -20.46
CA THR I 1102 34.00 -2.46 -21.52
C THR I 1102 32.70 -2.58 -22.30
N ALA I 1103 32.50 -1.69 -23.28
CA ALA I 1103 31.30 -1.76 -24.08
C ALA I 1103 31.25 -3.05 -24.90
N ASP I 1104 32.38 -3.44 -25.49
CA ASP I 1104 32.41 -4.64 -26.32
C ASP I 1104 32.13 -5.89 -25.50
N GLU I 1105 32.76 -6.00 -24.33
CA GLU I 1105 32.54 -7.17 -23.49
C GLU I 1105 31.10 -7.25 -23.01
N ALA I 1106 30.53 -6.10 -22.62
CA ALA I 1106 29.15 -6.08 -22.15
C ALA I 1106 28.19 -6.47 -23.26
N ARG I 1107 28.39 -5.95 -24.47
CA ARG I 1107 27.49 -6.31 -25.56
C ARG I 1107 27.67 -7.76 -25.97
N ASP I 1108 28.89 -8.30 -25.88
CA ASP I 1108 29.08 -9.72 -26.17
C ASP I 1108 28.36 -10.58 -25.15
N LEU I 1109 28.45 -10.22 -23.87
CA LEU I 1109 27.75 -10.99 -22.83
C LEU I 1109 26.24 -10.91 -23.02
N ILE I 1110 25.72 -9.72 -23.33
CA ILE I 1110 24.29 -9.56 -23.56
C ILE I 1110 23.86 -10.37 -24.79
N GLN I 1111 24.69 -10.37 -25.84
CA GLN I 1111 24.37 -11.15 -27.02
C GLN I 1111 24.31 -12.63 -26.71
N ARG I 1112 25.26 -13.14 -25.92
CA ARG I 1112 25.23 -14.54 -25.52
C ARG I 1112 23.98 -14.85 -24.70
N TYR I 1113 23.66 -13.99 -23.74
CA TYR I 1113 22.49 -14.22 -22.89
C TYR I 1113 21.21 -14.26 -23.71
N LEU I 1114 21.05 -13.30 -24.63
CA LEU I 1114 19.86 -13.26 -25.46
C LEU I 1114 19.85 -14.35 -26.51
N THR I 1115 21.02 -14.85 -26.91
CA THR I 1115 21.07 -16.02 -27.78
C THR I 1115 20.52 -17.24 -27.05
N GLU I 1116 20.87 -17.39 -25.76
CA GLU I 1116 20.34 -18.51 -25.00
C GLU I 1116 18.99 -18.25 -24.37
N HIS I 1117 18.71 -17.00 -23.97
CA HIS I 1117 17.43 -16.63 -23.36
C HIS I 1117 16.87 -15.42 -24.11
N PRO I 1118 16.30 -15.62 -25.29
CA PRO I 1118 15.80 -14.50 -26.08
C PRO I 1118 14.64 -13.80 -25.39
N ASP I 1119 14.59 -12.48 -25.58
CA ASP I 1119 13.54 -11.64 -25.01
C ASP I 1119 13.02 -10.71 -26.11
N PRO I 1120 12.08 -11.17 -26.93
CA PRO I 1120 11.55 -10.31 -27.98
C PRO I 1120 10.68 -9.17 -27.45
N ASN I 1121 10.07 -9.34 -26.28
CA ASN I 1121 9.12 -8.37 -25.74
C ASN I 1121 9.76 -7.39 -24.78
N ASN I 1122 11.08 -7.45 -24.59
CA ASN I 1122 11.77 -6.66 -23.57
C ASN I 1122 11.13 -6.89 -22.20
N GLU I 1123 10.87 -8.16 -21.91
CA GLU I 1123 10.27 -8.58 -20.65
C GLU I 1123 11.28 -8.69 -19.52
N ASN I 1124 12.55 -8.43 -19.78
CA ASN I 1124 13.58 -8.58 -18.76
C ASN I 1124 13.40 -7.58 -17.62
N ILE I 1125 12.57 -6.55 -17.80
CA ILE I 1125 12.40 -5.51 -16.81
C ILE I 1125 11.31 -5.83 -15.80
N VAL I 1126 10.43 -6.80 -16.09
CA VAL I 1126 9.25 -7.01 -15.27
C VAL I 1126 9.62 -7.51 -13.88
N GLY I 1127 10.66 -8.33 -13.77
CA GLY I 1127 10.98 -8.94 -12.49
C GLY I 1127 12.29 -8.47 -11.89
N TYR I 1128 12.79 -7.32 -12.35
CA TYR I 1128 14.10 -6.85 -11.92
C TYR I 1128 14.03 -6.33 -10.50
N ASN I 1129 14.80 -6.94 -9.61
CA ASN I 1129 14.86 -6.52 -8.22
C ASN I 1129 15.59 -5.19 -8.10
N ASN I 1130 15.01 -4.27 -7.35
CA ASN I 1130 15.60 -2.96 -7.14
C ASN I 1130 15.32 -2.51 -5.72
N LYS I 1131 16.17 -1.62 -5.21
CA LYS I 1131 16.14 -1.23 -3.80
C LYS I 1131 15.15 -0.09 -3.62
N LYS I 1132 13.91 -0.45 -3.26
CA LYS I 1132 12.84 0.53 -3.10
C LYS I 1132 13.08 1.48 -1.94
N CYS I 1133 14.04 1.19 -1.04
CA CYS I 1133 14.28 2.09 0.08
C CYS I 1133 14.73 3.46 -0.38
N TRP I 1134 15.60 3.52 -1.38
CA TRP I 1134 16.06 4.79 -1.93
C TRP I 1134 14.96 5.43 -2.78
N PRO I 1135 15.01 6.75 -2.94
CA PRO I 1135 14.05 7.42 -3.82
C PRO I 1135 14.27 7.02 -5.28
N ARG I 1136 13.29 7.38 -6.11
CA ARG I 1136 13.29 6.91 -7.51
C ARG I 1136 14.54 7.36 -8.25
N ASP I 1137 14.95 8.62 -8.08
CA ASP I 1137 16.16 9.08 -8.73
C ASP I 1137 17.42 8.50 -8.12
N ALA I 1138 17.31 7.84 -6.96
CA ALA I 1138 18.46 7.24 -6.30
C ALA I 1138 18.59 5.75 -6.58
N ARG I 1139 17.52 5.08 -6.99
CA ARG I 1139 17.58 3.65 -7.25
C ARG I 1139 18.34 3.40 -8.55
N MET I 1140 18.35 2.14 -8.99
CA MET I 1140 18.82 1.79 -10.32
C MET I 1140 17.74 2.12 -11.33
N ARG I 1141 18.14 2.73 -12.44
CA ARG I 1141 17.20 3.08 -13.50
C ARG I 1141 17.21 1.97 -14.55
N LEU I 1142 16.05 1.35 -14.76
CA LEU I 1142 15.94 0.12 -15.54
C LEU I 1142 15.99 0.45 -17.03
N MET I 1143 17.17 0.86 -17.47
CA MET I 1143 17.42 1.02 -18.90
C MET I 1143 17.46 -0.35 -19.56
N LYS I 1144 17.13 -0.39 -20.85
CA LYS I 1144 17.09 -1.66 -21.55
C LYS I 1144 18.46 -2.34 -21.55
N HIS I 1145 19.50 -1.58 -21.90
CA HIS I 1145 20.84 -2.14 -21.91
C HIS I 1145 21.30 -2.53 -20.52
N ASP I 1146 21.01 -1.70 -19.51
CA ASP I 1146 21.42 -2.02 -18.16
C ASP I 1146 20.72 -3.26 -17.64
N VAL I 1147 19.41 -3.38 -17.88
CA VAL I 1147 18.67 -4.55 -17.44
C VAL I 1147 19.20 -5.80 -18.14
N ASN I 1148 19.45 -5.71 -19.44
CA ASN I 1148 19.98 -6.86 -20.17
C ASN I 1148 21.35 -7.26 -19.64
N LEU I 1149 22.21 -6.27 -19.34
CA LEU I 1149 23.53 -6.57 -18.81
C LEU I 1149 23.46 -7.22 -17.44
N GLY I 1150 22.59 -6.71 -16.57
CA GLY I 1150 22.45 -7.32 -15.26
C GLY I 1150 21.96 -8.75 -15.34
N ARG I 1151 20.95 -8.98 -16.18
CA ARG I 1151 20.46 -10.35 -16.37
C ARG I 1151 21.54 -11.25 -16.95
N ALA I 1152 22.33 -10.72 -17.89
CA ALA I 1152 23.38 -11.53 -18.49
C ALA I 1152 24.46 -11.89 -17.48
N VAL I 1153 24.84 -10.94 -16.62
CA VAL I 1153 25.85 -11.21 -15.60
C VAL I 1153 25.34 -12.27 -14.63
N PHE I 1154 24.10 -12.12 -14.17
CA PHE I 1154 23.54 -13.11 -13.26
C PHE I 1154 23.43 -14.47 -13.92
N TRP I 1155 23.03 -14.50 -15.19
CA TRP I 1155 22.93 -15.77 -15.91
C TRP I 1155 24.28 -16.45 -16.04
N ASP I 1156 25.32 -15.68 -16.35
CA ASP I 1156 26.66 -16.26 -16.45
C ASP I 1156 27.11 -16.81 -15.11
N ILE I 1157 26.89 -16.06 -14.03
CA ILE I 1157 27.28 -16.53 -12.70
C ILE I 1157 26.53 -17.81 -12.35
N LYS I 1158 25.23 -17.84 -12.63
CA LYS I 1158 24.43 -19.04 -12.34
C LYS I 1158 24.93 -20.23 -13.15
N ASN I 1159 25.26 -20.01 -14.42
CA ASN I 1159 25.78 -21.09 -15.25
C ASN I 1159 27.11 -21.62 -14.73
N ARG I 1160 27.92 -20.76 -14.12
CA ARG I 1160 29.18 -21.24 -13.55
C ARG I 1160 28.98 -22.22 -12.41
N LEU I 1161 27.81 -22.22 -11.78
CA LEU I 1161 27.55 -23.08 -10.64
C LEU I 1161 26.62 -24.21 -11.03
N PRO I 1162 27.01 -25.47 -10.88
CA PRO I 1162 26.08 -26.57 -11.10
C PRO I 1162 24.90 -26.50 -10.14
N ARG I 1163 23.73 -26.86 -10.63
CA ARG I 1163 22.50 -26.63 -9.88
C ARG I 1163 22.40 -27.54 -8.66
N SER I 1164 22.90 -28.78 -8.77
CA SER I 1164 22.81 -29.70 -7.65
C SER I 1164 23.68 -29.27 -6.48
N VAL I 1165 24.87 -28.73 -6.77
CA VAL I 1165 25.75 -28.28 -5.70
C VAL I 1165 25.13 -27.11 -4.95
N THR I 1166 24.67 -26.09 -5.68
CA THR I 1166 24.04 -24.93 -5.07
C THR I 1166 23.24 -24.20 -6.14
N THR I 1167 22.29 -23.39 -5.70
CA THR I 1167 21.43 -22.63 -6.60
C THR I 1167 21.46 -21.17 -6.21
N VAL I 1168 21.51 -20.30 -7.23
CA VAL I 1168 21.53 -18.85 -7.04
C VAL I 1168 20.23 -18.32 -7.63
N GLN I 1169 19.27 -18.04 -6.77
CA GLN I 1169 17.96 -17.57 -7.23
C GLN I 1169 18.03 -16.09 -7.61
N TRP I 1170 17.26 -15.73 -8.64
CA TRP I 1170 17.20 -14.33 -9.04
C TRP I 1170 16.38 -13.50 -8.05
N GLU I 1171 15.31 -14.08 -7.52
CA GLU I 1171 14.44 -13.34 -6.60
C GLU I 1171 15.15 -12.99 -5.29
N ASN I 1172 16.13 -13.79 -4.87
CA ASN I 1172 16.87 -13.52 -3.65
C ASN I 1172 18.19 -12.82 -3.90
N SER I 1173 18.50 -12.50 -5.15
CA SER I 1173 19.74 -11.81 -5.51
C SER I 1173 19.42 -10.38 -5.90
N PHE I 1174 20.47 -9.62 -6.21
CA PHE I 1174 20.30 -8.24 -6.64
C PHE I 1174 21.50 -7.83 -7.46
N VAL I 1175 21.26 -7.32 -8.66
CA VAL I 1175 22.30 -6.86 -9.57
C VAL I 1175 22.07 -5.37 -9.82
N SER I 1176 23.10 -4.57 -9.58
CA SER I 1176 23.05 -3.13 -9.81
C SER I 1176 24.12 -2.75 -10.83
N VAL I 1177 23.74 -1.95 -11.81
CA VAL I 1177 24.63 -1.56 -12.89
C VAL I 1177 24.89 -0.06 -12.79
N TYR I 1178 26.17 0.33 -12.93
CA TYR I 1178 26.58 1.72 -13.03
C TYR I 1178 27.18 1.93 -14.42
N SER I 1179 26.60 2.83 -15.19
CA SER I 1179 27.08 3.12 -16.53
C SER I 1179 26.77 4.57 -16.85
N LYS I 1180 26.85 4.93 -18.12
CA LYS I 1180 26.51 6.29 -18.54
C LYS I 1180 25.04 6.60 -18.33
N ASP I 1181 24.21 5.60 -18.08
CA ASP I 1181 22.79 5.82 -17.82
C ASP I 1181 22.41 5.73 -16.36
N ASN I 1182 23.20 5.01 -15.54
CA ASN I 1182 22.93 4.86 -14.12
C ASN I 1182 24.09 5.46 -13.32
N PRO I 1183 23.85 6.49 -12.50
CA PRO I 1183 24.95 7.10 -11.76
C PRO I 1183 25.19 6.47 -10.40
N ASN I 1184 24.19 5.75 -9.87
CA ASN I 1184 24.25 5.20 -8.53
C ASN I 1184 24.59 3.72 -8.57
N LEU I 1185 25.53 3.31 -7.73
CA LEU I 1185 25.88 1.90 -7.58
C LEU I 1185 25.42 1.43 -6.22
N LEU I 1186 24.46 0.51 -6.19
CA LEU I 1186 23.78 0.10 -4.97
C LEU I 1186 24.20 -1.31 -4.57
N PHE I 1187 24.31 -1.55 -3.27
CA PHE I 1187 24.52 -2.91 -2.79
C PHE I 1187 24.17 -3.00 -1.32
N ASN I 1188 23.68 -4.17 -0.92
CA ASN I 1188 23.41 -4.49 0.47
C ASN I 1188 24.50 -5.41 0.97
N MET I 1189 25.14 -5.04 2.07
CA MET I 1189 26.22 -5.82 2.65
C MET I 1189 26.18 -5.71 4.16
N CYS I 1190 26.07 -6.85 4.84
CA CYS I 1190 26.12 -6.92 6.30
C CYS I 1190 25.05 -6.05 6.96
N GLY I 1191 23.88 -5.96 6.34
CA GLY I 1191 22.81 -5.14 6.84
C GLY I 1191 22.88 -3.68 6.43
N PHE I 1192 23.92 -3.27 5.73
CA PHE I 1192 24.10 -1.89 5.30
C PHE I 1192 23.68 -1.74 3.85
N GLU I 1193 22.76 -0.82 3.59
CA GLU I 1193 22.36 -0.47 2.24
C GLU I 1193 23.24 0.69 1.79
N CYS I 1194 24.23 0.40 0.94
CA CYS I 1194 25.19 1.38 0.50
C CYS I 1194 24.87 1.81 -0.93
N ARG I 1195 24.99 3.10 -1.19
CA ARG I 1195 24.78 3.66 -2.52
C ARG I 1195 25.94 4.60 -2.83
N ILE I 1196 26.81 4.18 -3.73
CA ILE I 1196 27.96 4.99 -4.13
C ILE I 1196 27.55 5.87 -5.28
N LEU I 1197 27.82 7.17 -5.15
CA LEU I 1197 27.61 8.14 -6.23
C LEU I 1197 28.94 8.84 -6.50
N PRO I 1198 29.53 8.68 -7.68
CA PRO I 1198 30.81 9.33 -7.95
C PRO I 1198 30.68 10.84 -7.95
N LYS I 1199 31.78 11.50 -7.56
CA LYS I 1199 31.77 12.97 -7.51
C LYS I 1199 31.58 13.57 -8.89
N CYS I 1200 32.28 13.05 -9.90
CA CYS I 1200 32.20 13.58 -11.25
C CYS I 1200 30.94 13.12 -11.99
N ARG I 1201 29.97 12.57 -11.28
CA ARG I 1201 28.78 11.98 -11.89
C ARG I 1201 27.55 12.37 -11.08
N THR I 1202 26.77 13.32 -11.61
CA THR I 1202 25.46 13.69 -11.06
C THR I 1202 25.58 14.12 -9.60
N SER I 1203 26.51 15.05 -9.34
CA SER I 1203 26.61 15.71 -8.04
C SER I 1203 26.33 17.20 -8.15
N TYR I 1204 27.10 17.91 -8.99
CA TYR I 1204 26.92 19.32 -9.33
C TYR I 1204 26.53 20.20 -8.16
N GLU I 1205 27.05 19.90 -6.96
CA GLU I 1205 26.63 20.66 -5.79
C GLU I 1205 27.70 20.59 -4.72
N GLU I 1206 27.83 21.68 -3.94
CA GLU I 1206 28.69 21.67 -2.78
C GLU I 1206 28.13 20.71 -1.73
N PHE I 1207 29.03 20.01 -1.04
CA PHE I 1207 28.64 19.01 -0.05
C PHE I 1207 29.17 19.40 1.32
N THR I 1208 28.31 19.27 2.33
CA THR I 1208 28.70 19.45 3.71
C THR I 1208 29.01 18.09 4.33
N HIS I 1209 29.21 18.07 5.64
CA HIS I 1209 29.46 16.83 6.36
C HIS I 1209 28.15 16.31 6.93
N LYS I 1210 27.67 15.19 6.40
CA LYS I 1210 26.51 14.50 6.94
C LYS I 1210 26.96 13.17 7.52
N ASP I 1211 26.34 12.77 8.62
CA ASP I 1211 26.80 11.60 9.36
C ASP I 1211 26.70 10.34 8.53
N GLY I 1212 25.60 10.17 7.79
CA GLY I 1212 25.39 8.93 7.05
C GLY I 1212 26.13 8.81 5.75
N VAL I 1213 26.98 9.77 5.41
CA VAL I 1213 27.70 9.79 4.13
C VAL I 1213 29.17 9.52 4.38
N TRP I 1214 29.73 8.59 3.61
CA TRP I 1214 31.16 8.29 3.66
C TRP I 1214 31.85 8.97 2.49
N ASN I 1215 32.88 9.76 2.77
CA ASN I 1215 33.61 10.49 1.75
C ASN I 1215 34.77 9.61 1.28
N LEU I 1216 34.57 8.93 0.16
CA LEU I 1216 35.58 8.02 -0.39
C LEU I 1216 36.56 8.82 -1.24
N GLN I 1217 37.86 8.56 -1.04
CA GLN I 1217 38.90 9.28 -1.76
C GLN I 1217 39.95 8.30 -2.25
N ASN I 1218 40.54 8.62 -3.41
CA ASN I 1218 41.59 7.78 -3.97
C ASN I 1218 42.84 7.87 -3.10
N GLU I 1219 43.41 6.71 -2.76
CA GLU I 1219 44.54 6.67 -1.84
C GLU I 1219 45.77 7.36 -2.44
N VAL I 1220 46.02 7.15 -3.74
CA VAL I 1220 47.26 7.62 -4.33
C VAL I 1220 47.28 9.14 -4.45
N THR I 1221 46.11 9.77 -4.55
CA THR I 1221 46.03 11.21 -4.74
C THR I 1221 45.28 11.93 -3.63
N LYS I 1222 44.65 11.21 -2.70
CA LYS I 1222 43.95 11.81 -1.56
C LYS I 1222 42.86 12.79 -2.01
N GLU I 1223 42.28 12.55 -3.18
CA GLU I 1223 41.21 13.38 -3.72
C GLU I 1223 39.89 12.64 -3.59
N ARG I 1224 38.89 13.33 -3.04
CA ARG I 1224 37.54 12.76 -2.94
C ARG I 1224 37.03 12.42 -4.33
N THR I 1225 36.49 11.21 -4.49
CA THR I 1225 36.02 10.76 -5.79
C THR I 1225 34.58 10.27 -5.78
N ALA I 1226 34.04 9.89 -4.63
CA ALA I 1226 32.68 9.39 -4.57
C ALA I 1226 32.14 9.55 -3.15
N GLN I 1227 30.82 9.51 -3.03
CA GLN I 1227 30.13 9.55 -1.75
C GLN I 1227 29.35 8.27 -1.58
N CYS I 1228 29.56 7.59 -0.45
CA CYS I 1228 28.89 6.32 -0.17
C CYS I 1228 27.79 6.59 0.84
N PHE I 1229 26.58 6.85 0.36
CA PHE I 1229 25.44 7.06 1.24
C PHE I 1229 25.05 5.75 1.90
N LEU I 1230 25.00 5.75 3.22
CA LEU I 1230 24.68 4.56 3.99
C LEU I 1230 23.24 4.59 4.46
N ARG I 1231 22.67 3.40 4.62
CA ARG I 1231 21.34 3.25 5.20
C ARG I 1231 21.28 1.91 5.90
N VAL I 1232 20.27 1.74 6.74
CA VAL I 1232 20.01 0.46 7.37
C VAL I 1232 19.03 -0.33 6.51
N ASP I 1233 19.40 -1.56 6.18
CA ASP I 1233 18.53 -2.40 5.38
C ASP I 1233 17.20 -2.62 6.09
N ASP I 1234 16.12 -2.65 5.31
CA ASP I 1234 14.79 -2.85 5.90
C ASP I 1234 14.70 -4.19 6.62
N GLU I 1235 15.52 -5.16 6.23
CA GLU I 1235 15.57 -6.43 6.96
C GLU I 1235 16.07 -6.22 8.37
N SER I 1236 17.11 -5.41 8.55
CA SER I 1236 17.62 -5.12 9.88
C SER I 1236 16.62 -4.32 10.70
N MET I 1237 15.93 -3.37 10.07
CA MET I 1237 14.90 -2.62 10.76
C MET I 1237 13.77 -3.54 11.22
N GLN I 1238 13.38 -4.49 10.37
CA GLN I 1238 12.35 -5.45 10.76
C GLN I 1238 12.84 -6.36 11.88
N ARG I 1239 14.12 -6.76 11.85
CA ARG I 1239 14.65 -7.55 12.96
C ARG I 1239 14.61 -6.77 14.26
N PHE I 1240 14.97 -5.48 14.23
CA PHE I 1240 14.91 -4.68 15.45
C PHE I 1240 13.47 -4.51 15.94
N HIS I 1241 12.54 -4.28 15.02
CA HIS I 1241 11.14 -4.15 15.41
C HIS I 1241 10.62 -5.45 16.02
N ASN I 1242 11.00 -6.59 15.43
CA ASN I 1242 10.59 -7.88 15.98
C ASN I 1242 11.23 -8.13 17.34
N ARG I 1243 12.48 -7.71 17.53
CA ARG I 1243 13.11 -7.84 18.84
C ARG I 1243 12.37 -7.02 19.89
N VAL I 1244 11.97 -5.80 19.53
CA VAL I 1244 11.20 -4.96 20.44
C VAL I 1244 9.86 -5.62 20.76
N ARG I 1245 9.21 -6.19 19.73
CA ARG I 1245 7.94 -6.87 19.96
C ARG I 1245 8.12 -8.08 20.88
N GLN I 1246 9.19 -8.84 20.69
CA GLN I 1246 9.46 -9.98 21.56
C GLN I 1246 9.70 -9.52 22.99
N ILE I 1247 10.44 -8.43 23.17
CA ILE I 1247 10.66 -7.90 24.51
C ILE I 1247 9.33 -7.50 25.14
N LEU I 1248 8.47 -6.86 24.37
CA LEU I 1248 7.18 -6.42 24.92
C LEU I 1248 6.30 -7.60 25.29
N MET I 1249 6.21 -8.62 24.44
CA MET I 1249 5.33 -9.74 24.73
C MET I 1249 5.91 -10.65 25.81
N ALA I 1250 7.20 -10.93 25.75
CA ALA I 1250 7.84 -11.79 26.74
C ALA I 1250 8.02 -11.09 28.08
N SER I 1251 7.46 -9.89 28.25
CA SER I 1251 7.55 -9.19 29.53
C SER I 1251 6.68 -9.87 30.57
N GLY I 1252 5.37 -9.92 30.34
CA GLY I 1252 4.46 -10.58 31.25
C GLY I 1252 4.55 -10.06 32.68
N SER I 1253 5.08 -10.88 33.57
CA SER I 1253 5.23 -10.54 34.97
C SER I 1253 6.66 -10.13 35.33
N THR I 1254 7.52 -9.95 34.35
CA THR I 1254 8.91 -9.61 34.63
C THR I 1254 9.02 -8.19 35.16
N THR I 1255 10.08 -7.95 35.92
CA THR I 1255 10.36 -6.62 36.47
C THR I 1255 10.63 -5.63 35.35
N PHE I 1256 10.22 -4.38 35.57
CA PHE I 1256 10.50 -3.32 34.60
C PHE I 1256 12.00 -3.18 34.36
N THR I 1257 12.81 -3.50 35.37
CA THR I 1257 14.26 -3.38 35.23
C THR I 1257 14.79 -4.26 34.11
N LYS I 1258 14.31 -5.52 34.05
CA LYS I 1258 14.80 -6.42 33.02
C LYS I 1258 14.27 -6.04 31.65
N ILE I 1259 13.04 -5.54 31.57
CA ILE I 1259 12.50 -5.07 30.28
C ILE I 1259 13.34 -3.91 29.75
N VAL I 1260 13.64 -2.95 30.63
CA VAL I 1260 14.46 -1.81 30.21
C VAL I 1260 15.87 -2.27 29.87
N ASN I 1261 16.40 -3.26 30.59
CA ASN I 1261 17.72 -3.79 30.24
C ASN I 1261 17.72 -4.42 28.86
N LYS I 1262 16.68 -5.19 28.54
CA LYS I 1262 16.60 -5.79 27.22
C LYS I 1262 16.48 -4.72 26.13
N TRP I 1263 15.66 -3.70 26.37
CA TRP I 1263 15.55 -2.62 25.39
C TRP I 1263 16.88 -1.89 25.23
N ASN I 1264 17.58 -1.66 26.33
CA ASN I 1264 18.88 -0.99 26.28
C ASN I 1264 19.88 -1.82 25.50
N THR I 1265 19.89 -3.14 25.71
CA THR I 1265 20.81 -3.99 24.97
C THR I 1265 20.49 -3.99 23.49
N ALA I 1266 19.21 -4.07 23.14
CA ALA I 1266 18.83 -4.01 21.73
C ALA I 1266 19.26 -2.69 21.10
N LEU I 1267 19.00 -1.59 21.79
CA LEU I 1267 19.37 -0.28 21.26
C LEU I 1267 20.87 -0.13 21.13
N ILE I 1268 21.63 -0.60 22.13
CA ILE I 1268 23.09 -0.49 22.07
C ILE I 1268 23.62 -1.31 20.91
N GLY I 1269 23.14 -2.54 20.73
CA GLY I 1269 23.59 -3.33 19.60
C GLY I 1269 23.27 -2.66 18.28
N LEU I 1270 22.05 -2.16 18.13
CA LEU I 1270 21.64 -1.51 16.89
C LEU I 1270 22.51 -0.30 16.59
N MET I 1271 22.74 0.55 17.60
CA MET I 1271 23.48 1.79 17.36
C MET I 1271 24.97 1.53 17.18
N THR I 1272 25.56 0.66 18.00
CA THR I 1272 26.97 0.35 17.84
C THR I 1272 27.25 -0.41 16.55
N TYR I 1273 26.24 -1.02 15.95
CA TYR I 1273 26.45 -1.64 14.65
C TYR I 1273 26.19 -0.67 13.50
N PHE I 1274 25.07 0.05 13.55
CA PHE I 1274 24.61 0.92 12.47
C PHE I 1274 24.85 2.39 12.77
N ARG I 1275 26.02 2.74 13.31
CA ARG I 1275 26.26 4.06 13.89
C ARG I 1275 25.81 5.20 12.96
N GLU I 1276 26.43 5.32 11.79
CA GLU I 1276 26.09 6.41 10.89
C GLU I 1276 24.78 6.15 10.15
N ALA I 1277 24.51 4.88 9.82
CA ALA I 1277 23.32 4.56 9.05
C ALA I 1277 22.05 4.86 9.82
N VAL I 1278 22.09 4.78 11.15
CA VAL I 1278 20.92 5.15 11.95
C VAL I 1278 20.60 6.62 11.76
N VAL I 1279 21.63 7.48 11.78
CA VAL I 1279 21.41 8.90 11.56
C VAL I 1279 20.90 9.14 10.15
N ASN I 1280 21.46 8.43 9.17
CA ASN I 1280 21.05 8.65 7.79
C ASN I 1280 19.61 8.21 7.54
N THR I 1281 19.15 7.14 8.19
CA THR I 1281 17.84 6.56 7.90
C THR I 1281 16.78 7.23 8.76
N GLN I 1282 15.87 7.97 8.12
CA GLN I 1282 14.80 8.63 8.84
C GLN I 1282 13.72 7.64 9.28
N GLU I 1283 13.43 6.66 8.43
CA GLU I 1283 12.46 5.64 8.81
C GLU I 1283 12.91 4.89 10.04
N LEU I 1284 14.21 4.62 10.15
CA LEU I 1284 14.72 3.95 11.34
C LEU I 1284 14.57 4.82 12.58
N LEU I 1285 14.82 6.12 12.46
CA LEU I 1285 14.66 7.00 13.62
C LEU I 1285 13.21 7.02 14.08
N ASP I 1286 12.27 7.07 13.12
CA ASP I 1286 10.86 6.99 13.49
C ASP I 1286 10.55 5.66 14.16
N LEU I 1287 11.13 4.57 13.66
CA LEU I 1287 10.90 3.26 14.28
C LEU I 1287 11.42 3.23 15.72
N LEU I 1288 12.62 3.77 15.95
CA LEU I 1288 13.16 3.79 17.30
C LEU I 1288 12.33 4.65 18.25
N VAL I 1289 11.86 5.82 17.79
CA VAL I 1289 11.06 6.64 18.69
C VAL I 1289 9.72 5.95 18.98
N LYS I 1290 9.15 5.26 17.98
CA LYS I 1290 7.92 4.51 18.22
C LYS I 1290 8.14 3.39 19.21
N CYS I 1291 9.25 2.65 19.08
CA CYS I 1291 9.52 1.55 19.99
C CYS I 1291 9.80 2.06 21.40
N GLU I 1292 10.51 3.19 21.52
CA GLU I 1292 10.75 3.78 22.83
C GLU I 1292 9.44 4.19 23.49
N ASN I 1293 8.54 4.81 22.72
CA ASN I 1293 7.24 5.17 23.26
C ASN I 1293 6.46 3.94 23.66
N LYS I 1294 6.66 2.83 22.96
CA LYS I 1294 6.00 1.59 23.33
C LYS I 1294 6.56 1.04 24.64
N ILE I 1295 7.88 1.03 24.78
CA ILE I 1295 8.51 0.48 25.98
C ILE I 1295 8.05 1.26 27.19
N GLN I 1296 8.09 2.58 27.10
CA GLN I 1296 7.64 3.41 28.20
C GLN I 1296 6.18 3.15 28.48
N THR I 1297 5.38 3.03 27.43
CA THR I 1297 3.96 2.78 27.61
C THR I 1297 3.77 1.50 28.40
N ARG I 1298 4.53 0.47 28.05
CA ARG I 1298 4.38 -0.80 28.73
C ARG I 1298 4.64 -0.61 30.21
N ILE I 1299 5.71 0.09 30.54
CA ILE I 1299 6.02 0.34 31.94
C ILE I 1299 4.89 1.12 32.58
N LYS I 1300 4.41 2.15 31.90
CA LYS I 1300 3.37 2.99 32.45
C LYS I 1300 2.09 2.20 32.72
N ILE I 1301 1.70 1.37 31.77
CA ILE I 1301 0.46 0.61 31.96
C ILE I 1301 0.63 -0.32 33.13
N GLY I 1302 1.83 -0.85 33.31
CA GLY I 1302 2.10 -1.71 34.44
C GLY I 1302 1.89 -0.93 35.71
N LEU I 1303 2.35 0.31 35.73
CA LEU I 1303 2.19 1.15 36.91
C LEU I 1303 0.71 1.38 37.19
N ASN I 1304 -0.07 1.60 36.14
CA ASN I 1304 -1.50 1.84 36.33
C ASN I 1304 -2.21 1.68 34.99
N SER I 1305 -3.45 1.19 35.06
CA SER I 1305 -4.24 0.99 33.85
C SER I 1305 -4.56 2.31 33.17
N LYS I 1306 -4.92 3.34 33.94
CA LYS I 1306 -5.28 4.62 33.37
C LYS I 1306 -4.07 5.27 32.72
N MET I 1307 -4.30 5.95 31.60
CA MET I 1307 -3.22 6.57 30.84
C MET I 1307 -2.66 7.76 31.61
N PRO I 1308 -1.39 7.74 31.99
CA PRO I 1308 -0.83 8.86 32.77
C PRO I 1308 -0.43 10.04 31.91
N SER I 1309 -1.36 10.95 31.64
CA SER I 1309 -1.06 12.13 30.85
C SER I 1309 0.07 12.93 31.49
N ARG I 1310 1.04 13.33 30.66
CA ARG I 1310 2.23 14.04 31.11
C ARG I 1310 2.97 13.27 32.20
N PHE I 1311 3.25 12.01 31.93
CA PHE I 1311 4.04 11.20 32.84
C PHE I 1311 5.47 11.74 32.90
N PRO I 1312 6.08 11.79 34.09
CA PRO I 1312 7.43 12.34 34.20
C PRO I 1312 8.45 11.39 33.58
N PRO I 1313 9.29 11.89 32.68
CA PRO I 1313 10.33 11.04 32.10
C PRO I 1313 11.45 10.70 33.07
N VAL I 1314 11.54 11.40 34.21
CA VAL I 1314 12.66 11.22 35.12
C VAL I 1314 12.75 9.79 35.61
N VAL I 1315 11.60 9.11 35.77
CA VAL I 1315 11.63 7.75 36.27
C VAL I 1315 12.29 6.81 35.27
N PHE I 1316 12.18 7.10 33.97
CA PHE I 1316 12.69 6.17 32.97
C PHE I 1316 14.19 6.29 32.79
N TYR I 1317 14.69 7.51 32.65
CA TYR I 1317 16.08 7.72 32.27
C TYR I 1317 17.03 7.84 33.45
N THR I 1318 16.52 7.83 34.67
CA THR I 1318 17.39 7.86 35.84
C THR I 1318 18.18 6.56 35.92
N PRO I 1319 19.48 6.62 36.16
CA PRO I 1319 20.28 5.37 36.24
C PRO I 1319 19.81 4.48 37.37
N LYS I 1320 20.03 3.17 37.18
CA LYS I 1320 19.54 2.19 38.14
C LYS I 1320 20.12 2.40 39.53
N GLU I 1321 21.38 2.82 39.61
CA GLU I 1321 22.02 3.03 40.90
C GLU I 1321 21.31 4.11 41.70
N LEU I 1322 20.64 5.03 41.01
CA LEU I 1322 19.92 6.11 41.65
C LEU I 1322 18.42 5.81 41.76
N GLY I 1323 18.00 4.59 41.44
CA GLY I 1323 16.63 4.16 41.62
C GLY I 1323 15.80 4.10 40.37
N GLY I 1324 16.26 4.71 39.28
CA GLY I 1324 15.50 4.73 38.05
C GLY I 1324 15.69 3.47 37.24
N LEU I 1325 15.07 3.46 36.05
CA LEU I 1325 15.16 2.32 35.15
C LEU I 1325 16.47 2.28 34.38
N GLY I 1326 17.19 3.38 34.29
CA GLY I 1326 18.42 3.40 33.52
C GLY I 1326 18.20 3.20 32.04
N MET I 1327 17.16 3.82 31.49
CA MET I 1327 16.80 3.62 30.09
C MET I 1327 17.54 4.59 29.20
N LEU I 1328 18.12 4.07 28.13
CA LEU I 1328 18.78 4.91 27.13
C LEU I 1328 17.74 5.56 26.24
N SER I 1329 18.12 6.69 25.65
CA SER I 1329 17.22 7.49 24.83
C SER I 1329 17.81 7.66 23.43
N MET I 1330 16.94 7.60 22.43
CA MET I 1330 17.32 7.91 21.06
C MET I 1330 16.40 8.96 20.44
N GLY I 1331 15.30 9.31 21.11
CA GLY I 1331 14.38 10.30 20.62
C GLY I 1331 14.61 11.65 21.28
N HIS I 1332 13.91 12.66 20.78
CA HIS I 1332 14.01 14.01 21.30
C HIS I 1332 13.07 14.14 22.49
N VAL I 1333 13.62 14.19 23.70
CA VAL I 1333 12.84 14.29 24.93
C VAL I 1333 13.20 15.59 25.61
N LEU I 1334 12.19 16.41 25.90
CA LEU I 1334 12.37 17.69 26.58
C LEU I 1334 11.97 17.53 28.04
N ILE I 1335 12.90 17.74 28.94
CA ILE I 1335 12.59 17.69 30.37
C ILE I 1335 12.09 19.07 30.79
N PRO I 1336 10.84 19.19 31.23
CA PRO I 1336 10.29 20.51 31.55
C PRO I 1336 11.02 21.13 32.74
N GLN I 1337 11.05 22.46 32.75
CA GLN I 1337 11.65 23.18 33.86
C GLN I 1337 10.89 22.95 35.16
N SER I 1338 9.57 22.72 35.08
CA SER I 1338 8.77 22.46 36.27
C SER I 1338 9.23 21.22 37.03
N ASP I 1339 9.95 20.31 36.38
CA ASP I 1339 10.46 19.11 37.02
C ASP I 1339 11.91 19.26 37.45
N LEU I 1340 12.49 20.45 37.34
CA LEU I 1340 13.88 20.67 37.71
C LEU I 1340 14.03 21.50 38.98
N ARG I 1341 12.95 21.76 39.70
CA ARG I 1341 13.00 22.52 40.93
C ARG I 1341 13.03 21.57 42.13
N TRP I 1342 13.82 21.91 43.14
CA TRP I 1342 13.93 21.06 44.30
C TRP I 1342 14.16 21.90 45.55
N SER I 1343 13.75 21.37 46.70
CA SER I 1343 13.82 22.08 47.96
C SER I 1343 14.77 21.37 48.92
N LYS I 1344 15.42 22.16 49.78
CA LYS I 1344 16.28 21.63 50.81
C LYS I 1344 16.06 22.42 52.10
N GLN I 1345 15.92 21.71 53.22
CA GLN I 1345 15.58 22.33 54.49
C GLN I 1345 16.78 22.33 55.42
N THR I 1346 17.07 23.49 55.99
CA THR I 1346 18.07 23.67 57.04
C THR I 1346 17.35 24.35 58.20
N ASP I 1347 18.02 24.45 59.34
CA ASP I 1347 17.40 25.12 60.50
C ASP I 1347 17.01 26.55 60.18
N VAL I 1348 17.71 27.20 59.25
CA VAL I 1348 17.35 28.55 58.85
C VAL I 1348 16.02 28.59 58.11
N GLY I 1349 15.66 27.53 57.40
CA GLY I 1349 14.43 27.48 56.65
C GLY I 1349 14.59 26.58 55.43
N ILE I 1350 13.62 26.66 54.53
CA ILE I 1350 13.62 25.85 53.32
C ILE I 1350 14.04 26.72 52.14
N THR I 1351 14.95 26.22 51.33
CA THR I 1351 15.49 26.95 50.19
C THR I 1351 15.19 26.16 48.91
N HIS I 1352 14.78 26.89 47.87
CA HIS I 1352 14.41 26.29 46.60
C HIS I 1352 15.52 26.52 45.58
N PHE I 1353 15.65 25.57 44.65
CA PHE I 1353 16.72 25.60 43.66
C PHE I 1353 16.19 25.11 42.33
N ARG I 1354 16.86 25.54 41.27
CA ARG I 1354 16.55 25.12 39.90
C ARG I 1354 17.84 24.68 39.22
N SER I 1355 17.70 24.04 38.06
CA SER I 1355 18.85 23.57 37.30
C SER I 1355 19.09 24.44 36.07
N GLN I 1363 15.98 21.95 29.25
CA GLN I 1363 17.03 21.05 28.77
C GLN I 1363 16.43 19.86 28.04
N LEU I 1364 17.27 19.13 27.31
CA LEU I 1364 16.84 17.98 26.54
C LEU I 1364 17.66 16.76 26.93
N ILE I 1365 16.99 15.61 26.93
CA ILE I 1365 17.65 14.34 27.29
C ILE I 1365 18.72 14.03 26.25
N PRO I 1366 19.95 13.72 26.65
CA PRO I 1366 21.00 13.44 25.66
C PRO I 1366 20.66 12.21 24.82
N ASN I 1367 21.01 12.28 23.54
CA ASN I 1367 20.76 11.19 22.61
C ASN I 1367 21.99 10.30 22.50
N LEU I 1368 21.74 9.02 22.24
CA LEU I 1368 22.82 8.05 22.19
C LEU I 1368 23.79 8.35 21.05
N TYR I 1369 23.27 8.75 19.88
CA TYR I 1369 24.12 8.90 18.71
C TYR I 1369 25.21 9.95 18.91
N ARG I 1370 25.04 10.86 19.88
CA ARG I 1370 26.05 11.87 20.12
C ARG I 1370 27.29 11.31 20.79
N TYR I 1371 27.17 10.16 21.46
CA TYR I 1371 28.26 9.61 22.26
C TYR I 1371 28.95 8.42 21.62
N ILE I 1372 28.51 7.98 20.44
CA ILE I 1372 29.11 6.86 19.74
C ILE I 1372 29.86 7.40 18.54
N GLN I 1373 31.15 7.09 18.47
CA GLN I 1373 31.97 7.60 17.39
C GLN I 1373 31.55 7.00 16.06
N PRO I 1374 31.51 7.79 14.99
CA PRO I 1374 31.14 7.25 13.68
C PRO I 1374 32.18 6.25 13.17
N TRP I 1375 31.70 5.35 12.30
CA TRP I 1375 32.55 4.26 11.83
C TRP I 1375 33.74 4.77 11.04
N GLU I 1376 33.54 5.77 10.19
CA GLU I 1376 34.64 6.30 9.39
C GLU I 1376 35.72 6.91 10.27
N SER I 1377 35.29 7.70 11.26
CA SER I 1377 36.23 8.25 12.24
C SER I 1377 36.90 7.13 13.02
N GLU I 1378 36.14 6.10 13.39
CA GLU I 1378 36.72 4.95 14.07
C GLU I 1378 37.83 4.32 13.24
N PHE I 1379 37.61 4.18 11.95
CA PHE I 1379 38.59 3.47 11.11
C PHE I 1379 39.83 4.31 10.87
N ILE I 1380 39.68 5.60 10.59
CA ILE I 1380 40.86 6.44 10.41
C ILE I 1380 41.64 6.54 11.72
N ASP I 1381 40.92 6.66 12.84
CA ASP I 1381 41.56 6.68 14.15
C ASP I 1381 42.31 5.38 14.40
N SER I 1382 41.70 4.25 14.04
CA SER I 1382 42.36 2.97 14.22
C SER I 1382 43.64 2.88 13.40
N GLN I 1383 43.59 3.30 12.14
CA GLN I 1383 44.77 3.24 11.30
C GLN I 1383 45.91 4.08 11.88
N ARG I 1384 45.61 5.32 12.25
CA ARG I 1384 46.67 6.19 12.76
C ARG I 1384 47.19 5.70 14.10
N VAL I 1385 46.30 5.22 14.97
CA VAL I 1385 46.73 4.76 16.29
C VAL I 1385 47.56 3.50 16.19
N TRP I 1386 47.23 2.60 15.27
CA TRP I 1386 48.02 1.38 15.14
C TRP I 1386 49.34 1.63 14.44
N ALA I 1387 49.41 2.60 13.52
CA ALA I 1387 50.71 3.02 13.02
C ALA I 1387 51.58 3.59 14.14
N GLU I 1388 50.97 4.43 14.99
CA GLU I 1388 51.68 4.97 16.14
C GLU I 1388 52.15 3.86 17.06
N TYR I 1389 51.31 2.85 17.29
CA TYR I 1389 51.71 1.73 18.14
C TYR I 1389 52.84 0.94 17.51
N ALA I 1390 52.83 0.78 16.19
CA ALA I 1390 53.91 0.07 15.53
C ALA I 1390 55.24 0.79 15.75
N LEU I 1391 55.24 2.11 15.54
CA LEU I 1391 56.50 2.85 15.75
C LEU I 1391 56.92 2.84 17.21
N LYS I 1392 55.96 2.97 18.13
CA LYS I 1392 56.29 2.92 19.55
C LYS I 1392 56.86 1.57 19.95
N ARG I 1393 56.28 0.49 19.42
CA ARG I 1393 56.78 -0.85 19.74
C ARG I 1393 58.18 -1.05 19.19
N GLN I 1394 58.43 -0.60 17.96
CA GLN I 1394 59.76 -0.80 17.39
C GLN I 1394 60.80 0.03 18.14
N GLU I 1395 60.43 1.24 18.59
CA GLU I 1395 61.40 2.05 19.33
C GLU I 1395 61.60 1.51 20.74
N ALA I 1396 60.57 0.90 21.34
CA ALA I 1396 60.73 0.25 22.63
C ALA I 1396 61.63 -0.97 22.52
N ILE I 1397 61.48 -1.74 21.44
CA ILE I 1397 62.38 -2.86 21.19
C ILE I 1397 63.80 -2.36 20.97
N ALA I 1398 63.95 -1.23 20.29
CA ALA I 1398 65.27 -0.65 20.09
C ALA I 1398 65.93 -0.32 21.43
N GLN I 1399 65.16 0.20 22.38
CA GLN I 1399 65.67 0.49 23.72
C GLN I 1399 65.69 -0.74 24.62
N ASN I 1400 65.23 -1.89 24.12
CA ASN I 1400 65.14 -3.13 24.91
C ASN I 1400 64.29 -2.91 26.16
N ARG I 1401 63.04 -2.53 25.95
CA ARG I 1401 62.08 -2.33 27.03
C ARG I 1401 60.69 -2.67 26.53
N ARG I 1402 59.77 -2.87 27.46
CA ARG I 1402 58.38 -3.20 27.15
C ARG I 1402 57.52 -1.95 27.29
N LEU I 1403 56.64 -1.73 26.31
CA LEU I 1403 55.72 -0.61 26.36
C LEU I 1403 54.83 -0.73 27.60
N THR I 1404 54.72 0.38 28.34
CA THR I 1404 53.93 0.39 29.55
C THR I 1404 52.51 0.89 29.27
N LEU I 1405 51.71 0.97 30.33
CA LEU I 1405 50.36 1.49 30.19
C LEU I 1405 50.38 3.00 29.97
N GLU I 1406 51.34 3.69 30.58
CA GLU I 1406 51.36 5.15 30.51
C GLU I 1406 51.82 5.64 29.13
N ASP I 1407 52.81 4.97 28.54
CA ASP I 1407 53.31 5.41 27.24
C ASP I 1407 52.30 5.17 26.11
N LEU I 1408 51.25 4.38 26.37
CA LEU I 1408 50.18 4.17 25.41
C LEU I 1408 48.83 4.67 25.91
N GLU I 1409 48.78 5.30 27.08
CA GLU I 1409 47.49 5.78 27.60
C GLU I 1409 46.93 6.89 26.73
N ASP I 1410 47.77 7.57 25.95
CA ASP I 1410 47.27 8.54 24.99
C ASP I 1410 46.41 7.88 23.93
N SER I 1411 46.73 6.62 23.58
CA SER I 1411 45.97 5.86 22.60
C SER I 1411 44.94 4.93 23.23
N TRP I 1412 44.51 5.22 24.46
CA TRP I 1412 43.52 4.39 25.11
C TRP I 1412 42.17 4.53 24.43
N ASP I 1413 41.47 3.41 24.29
CA ASP I 1413 40.14 3.34 23.67
C ASP I 1413 40.13 3.85 22.23
N ARG I 1414 41.26 3.79 21.54
CA ARG I 1414 41.33 4.15 20.14
C ARG I 1414 41.87 2.94 19.36
N GLY I 1415 41.27 2.71 18.20
CA GLY I 1415 41.64 1.56 17.39
C GLY I 1415 40.56 0.49 17.38
N ILE I 1416 40.28 -0.07 16.20
CA ILE I 1416 39.28 -1.14 16.11
C ILE I 1416 39.69 -2.36 16.93
N PRO I 1417 40.94 -2.81 16.85
CA PRO I 1417 41.28 -3.85 17.81
C PRO I 1417 41.24 -3.02 19.09
N ARG I 1418 42.15 -3.20 20.00
CA ARG I 1418 42.10 -2.31 21.15
C ARG I 1418 43.47 -2.14 21.71
N ILE I 1419 43.96 -0.91 21.68
CA ILE I 1419 45.23 -0.72 22.31
C ILE I 1419 45.00 -1.25 23.71
N ASN I 1420 43.78 -1.12 24.21
CA ASN I 1420 43.45 -1.68 25.51
C ASN I 1420 43.67 -3.19 25.57
N THR I 1421 43.26 -3.92 24.54
CA THR I 1421 43.39 -5.37 24.55
C THR I 1421 44.85 -5.78 24.59
N LEU I 1422 45.72 -4.94 24.02
CA LEU I 1422 47.14 -5.24 24.03
C LEU I 1422 47.62 -5.42 25.45
N PHE I 1423 46.79 -5.06 26.41
CA PHE I 1423 47.20 -5.14 27.82
C PHE I 1423 46.42 -6.20 28.60
N GLN I 1424 45.58 -6.97 27.91
CA GLN I 1424 44.78 -7.99 28.59
C GLN I 1424 45.67 -9.18 28.94
N LYS I 1425 45.31 -9.89 30.01
CA LYS I 1425 46.12 -11.03 30.45
C LYS I 1425 46.07 -12.22 29.49
N ASP I 1426 44.89 -12.52 28.96
CA ASP I 1426 44.76 -13.69 28.09
C ASP I 1426 45.40 -13.48 26.74
N ARG I 1427 45.99 -12.31 26.53
CA ARG I 1427 46.61 -12.01 25.26
C ARG I 1427 47.26 -13.25 24.64
N HIS I 1428 48.12 -13.92 25.39
CA HIS I 1428 48.80 -15.09 24.85
C HIS I 1428 47.82 -16.20 24.49
N THR I 1429 46.80 -16.41 25.33
CA THR I 1429 45.84 -17.48 25.07
C THR I 1429 44.97 -17.16 23.86
N LEU I 1430 44.54 -15.90 23.73
CA LEU I 1430 43.66 -15.52 22.63
C LEU I 1430 44.34 -15.54 21.27
N ALA I 1431 45.67 -15.65 21.23
CA ALA I 1431 46.37 -15.73 19.96
C ALA I 1431 46.08 -17.02 19.20
N TYR I 1432 45.52 -18.03 19.86
CA TYR I 1432 45.15 -19.28 19.21
C TYR I 1432 43.65 -19.39 18.97
N ASP I 1433 42.87 -18.38 19.32
CA ASP I 1433 41.41 -18.42 19.17
C ASP I 1433 41.03 -17.91 17.78
N LYS I 1434 41.53 -18.62 16.78
CA LYS I 1434 41.25 -18.28 15.39
C LYS I 1434 39.81 -18.61 15.02
N GLY I 1435 39.29 -17.90 14.02
CA GLY I 1435 37.93 -18.13 13.58
C GLY I 1435 36.88 -17.79 14.62
N TRP I 1436 37.11 -16.75 15.42
CA TRP I 1436 36.18 -16.43 16.50
C TRP I 1436 35.00 -15.60 16.03
N ARG I 1437 35.18 -14.75 15.01
CA ARG I 1437 34.05 -13.98 14.51
C ARG I 1437 33.01 -14.88 13.86
N VAL I 1438 33.46 -15.83 13.04
CA VAL I 1438 32.54 -16.76 12.39
C VAL I 1438 31.88 -17.64 13.45
N ARG I 1439 32.64 -18.02 14.48
CA ARG I 1439 32.07 -18.81 15.57
C ARG I 1439 30.98 -18.04 16.30
N THR I 1440 31.22 -16.76 16.59
CA THR I 1440 30.21 -15.96 17.26
C THR I 1440 28.97 -15.79 16.38
N ASP I 1441 29.17 -15.65 15.07
CA ASP I 1441 28.03 -15.54 14.17
C ASP I 1441 27.23 -16.84 14.13
N PHE I 1442 27.91 -17.99 14.14
CA PHE I 1442 27.22 -19.28 14.14
C PHE I 1442 26.67 -19.65 15.51
N LYS I 1443 27.02 -18.92 16.57
CA LYS I 1443 26.51 -19.23 17.89
C LYS I 1443 24.99 -19.19 17.97
N GLN I 1444 24.33 -18.50 17.03
CA GLN I 1444 22.88 -18.43 17.03
C GLN I 1444 22.23 -19.80 16.84
N TYR I 1445 22.95 -20.76 16.27
CA TYR I 1445 22.43 -22.10 16.05
C TYR I 1445 22.60 -23.03 17.24
N GLN I 1446 23.26 -22.56 18.30
CA GLN I 1446 23.52 -23.37 19.47
C GLN I 1446 22.95 -22.81 20.76
N VAL I 1447 22.56 -21.54 20.78
CA VAL I 1447 22.13 -20.86 22.00
C VAL I 1447 20.70 -20.39 21.81
N LEU I 1448 19.86 -20.65 22.82
CA LEU I 1448 18.47 -20.22 22.78
C LEU I 1448 18.32 -18.73 23.12
N LYS I 1449 19.39 -18.06 23.48
CA LYS I 1449 19.35 -16.61 23.74
C LYS I 1449 19.90 -15.86 22.54
N GLN I 1450 19.11 -14.91 22.02
CA GLN I 1450 19.54 -14.13 20.87
C GLN I 1450 20.67 -13.18 21.26
N ASN I 1451 21.73 -13.17 20.45
CA ASN I 1451 22.90 -12.36 20.74
C ASN I 1451 22.89 -11.09 19.91
N PRO I 1452 22.81 -9.91 20.50
CA PRO I 1452 22.84 -8.68 19.72
C PRO I 1452 24.25 -8.33 19.24
N PHE I 1453 25.25 -8.63 20.06
CA PHE I 1453 26.65 -8.38 19.70
C PHE I 1453 27.29 -9.59 19.04
N TRP I 1454 26.62 -10.10 18.01
CA TRP I 1454 27.11 -11.26 17.28
C TRP I 1454 28.32 -10.94 16.42
N TRP I 1455 28.52 -9.67 16.08
CA TRP I 1455 29.57 -9.28 15.17
C TRP I 1455 30.92 -9.07 15.85
N THR I 1456 30.98 -9.08 17.18
CA THR I 1456 32.20 -8.76 17.88
C THR I 1456 32.30 -9.56 19.16
N HIS I 1457 33.51 -9.67 19.69
CA HIS I 1457 33.78 -10.25 20.99
C HIS I 1457 34.45 -9.22 21.87
N GLN I 1458 33.99 -9.13 23.12
CA GLN I 1458 34.57 -8.19 24.07
C GLN I 1458 36.06 -8.47 24.27
N ARG I 1459 36.44 -9.75 24.28
CA ARG I 1459 37.82 -10.11 24.57
C ARG I 1459 38.74 -9.81 23.39
N HIS I 1460 38.28 -10.04 22.17
CA HIS I 1460 39.16 -9.97 21.00
C HIS I 1460 39.19 -8.58 20.38
N ASP I 1461 38.03 -7.95 20.20
CA ASP I 1461 37.98 -6.62 19.59
C ASP I 1461 38.05 -5.50 20.60
N GLY I 1462 37.84 -5.77 21.88
CA GLY I 1462 37.75 -4.72 22.87
C GLY I 1462 36.38 -4.09 22.88
N LYS I 1463 36.19 -3.15 23.80
CA LYS I 1463 34.93 -2.42 23.92
C LYS I 1463 34.98 -1.22 22.99
N LEU I 1464 34.13 -1.22 21.97
CA LEU I 1464 34.15 -0.18 20.95
C LEU I 1464 33.30 1.03 21.32
N TRP I 1465 32.58 0.99 22.45
CA TRP I 1465 31.71 2.08 22.84
C TRP I 1465 31.91 2.39 24.31
N ASN I 1466 31.55 3.61 24.69
CA ASN I 1466 31.67 4.07 26.07
C ASN I 1466 30.49 4.98 26.38
N LEU I 1467 29.76 4.69 27.45
CA LEU I 1467 28.61 5.49 27.86
C LEU I 1467 28.74 6.01 29.28
N ASN I 1468 29.96 6.09 29.82
CA ASN I 1468 30.15 6.68 31.13
C ASN I 1468 29.80 8.17 31.11
N ASN I 1469 30.34 8.89 30.12
CA ASN I 1469 29.97 10.29 29.95
C ASN I 1469 28.49 10.42 29.62
N TYR I 1470 27.90 9.43 28.96
CA TYR I 1470 26.46 9.45 28.73
C TYR I 1470 25.70 9.42 30.05
N ARG I 1471 26.11 8.55 30.98
CA ARG I 1471 25.44 8.49 32.28
C ARG I 1471 25.63 9.79 33.06
N THR I 1472 26.84 10.35 33.01
CA THR I 1472 27.08 11.61 33.70
C THR I 1472 26.20 12.72 33.13
N ASP I 1473 26.13 12.84 31.81
CA ASP I 1473 25.30 13.86 31.19
C ASP I 1473 23.82 13.59 31.43
N MET I 1474 23.41 12.33 31.51
CA MET I 1474 22.03 12.01 31.86
C MET I 1474 21.70 12.53 33.25
N ILE I 1475 22.59 12.29 34.21
CA ILE I 1475 22.36 12.76 35.57
C ILE I 1475 22.29 14.29 35.60
N GLN I 1476 23.21 14.95 34.89
CA GLN I 1476 23.19 16.41 34.87
C GLN I 1476 21.92 16.96 34.24
N ALA I 1477 21.52 16.40 33.09
CA ALA I 1477 20.36 16.91 32.37
C ALA I 1477 19.06 16.64 33.11
N LEU I 1478 18.98 15.52 33.83
CA LEU I 1478 17.77 15.24 34.60
C LEU I 1478 17.59 16.16 35.79
N GLY I 1479 18.62 16.94 36.14
CA GLY I 1479 18.48 17.91 37.21
C GLY I 1479 19.46 17.71 38.34
N GLY I 1480 20.52 16.95 38.10
CA GLY I 1480 21.50 16.65 39.13
C GLY I 1480 21.01 15.55 40.06
N VAL I 1481 21.92 15.11 40.93
CA VAL I 1481 21.59 14.02 41.84
C VAL I 1481 20.45 14.43 42.77
N GLU I 1482 20.58 15.60 43.40
CA GLU I 1482 19.54 16.06 44.33
C GLU I 1482 18.26 16.42 43.59
N GLY I 1483 18.37 16.99 42.39
CA GLY I 1483 17.19 17.28 41.62
C GLY I 1483 16.40 16.04 41.26
N ILE I 1484 17.10 14.95 40.90
CA ILE I 1484 16.43 13.68 40.65
C ILE I 1484 15.83 13.14 41.94
N LEU I 1485 16.60 13.18 43.03
CA LEU I 1485 16.14 12.63 44.30
C LEU I 1485 14.91 13.36 44.82
N GLU I 1486 14.70 14.61 44.42
CA GLU I 1486 13.48 15.31 44.82
C GLU I 1486 12.23 14.61 44.33
N HIS I 1487 12.31 13.90 43.20
CA HIS I 1487 11.18 13.14 42.70
C HIS I 1487 10.97 11.84 43.46
N THR I 1488 11.90 11.45 44.33
CA THR I 1488 11.87 10.17 45.01
C THR I 1488 11.54 10.37 46.49
N LEU I 1489 11.43 9.25 47.20
CA LEU I 1489 11.23 9.25 48.64
C LEU I 1489 12.55 9.27 49.42
N PHE I 1490 13.64 9.73 48.80
CA PHE I 1490 14.90 9.78 49.51
C PHE I 1490 14.82 10.75 50.69
N LYS I 1491 14.19 11.91 50.49
CA LYS I 1491 14.02 12.84 51.60
C LYS I 1491 13.08 12.28 52.66
N GLY I 1492 12.19 11.36 52.28
CA GLY I 1492 11.33 10.72 53.26
C GLY I 1492 12.03 9.75 54.17
N THR I 1493 13.19 9.24 53.75
CA THR I 1493 13.98 8.35 54.58
C THR I 1493 14.82 9.09 55.62
N TYR I 1494 14.93 10.42 55.50
CA TYR I 1494 15.66 11.25 56.45
C TYR I 1494 17.13 10.86 56.55
N PHE I 1495 17.68 10.30 55.48
CA PHE I 1495 19.10 10.02 55.45
C PHE I 1495 19.88 11.33 55.31
N PRO I 1496 20.84 11.60 56.19
CA PRO I 1496 21.55 12.89 56.13
C PRO I 1496 22.26 13.13 54.80
N THR I 1497 22.81 12.08 54.20
CA THR I 1497 23.50 12.22 52.93
C THR I 1497 23.29 10.96 52.12
N TRP I 1498 23.44 11.09 50.80
CA TRP I 1498 23.27 9.98 49.88
C TRP I 1498 24.59 9.34 49.48
N GLU I 1499 25.71 9.78 50.05
CA GLU I 1499 27.01 9.30 49.58
C GLU I 1499 27.24 7.83 49.92
N GLY I 1500 26.98 7.45 51.17
CA GLY I 1500 27.32 6.12 51.63
C GLY I 1500 26.20 5.09 51.57
N LEU I 1501 25.11 5.37 50.86
CA LEU I 1501 23.96 4.49 50.84
C LEU I 1501 24.13 3.37 49.82
N PHE I 1502 23.22 2.42 49.88
CA PHE I 1502 23.22 1.27 48.98
C PHE I 1502 21.88 0.57 49.07
N TRP I 1503 21.43 0.02 47.94
CA TRP I 1503 20.22 -0.76 47.91
C TRP I 1503 20.49 -2.19 48.36
N GLU I 1504 19.45 -3.02 48.32
CA GLU I 1504 19.57 -4.46 48.54
C GLU I 1504 18.73 -5.13 47.46
N LYS I 1505 19.35 -5.39 46.30
CA LYS I 1505 18.63 -6.04 45.22
C LYS I 1505 18.35 -7.50 45.59
N ALA I 1506 17.12 -7.94 45.36
CA ALA I 1506 16.68 -9.29 45.65
C ALA I 1506 16.94 -9.65 47.12
N SER I 1507 16.29 -8.91 48.01
CA SER I 1507 16.32 -9.21 49.43
C SER I 1507 14.92 -9.49 49.99
N GLY I 1508 13.96 -8.60 49.77
CA GLY I 1508 12.59 -8.83 50.16
C GLY I 1508 12.39 -8.94 51.67
N PHE I 1509 11.27 -9.54 52.03
CA PHE I 1509 10.92 -9.80 53.43
C PHE I 1509 11.27 -11.21 53.89
N GLU I 1510 11.58 -12.11 52.96
CA GLU I 1510 11.87 -13.50 53.27
C GLU I 1510 13.27 -13.92 52.79
N GLU I 1511 14.23 -13.00 52.86
CA GLU I 1511 15.57 -13.21 52.32
C GLU I 1511 15.52 -13.53 50.83
N SER I 1512 14.50 -12.98 50.16
CA SER I 1512 14.24 -13.09 48.72
C SER I 1512 13.78 -14.48 48.31
N MET I 1513 13.92 -15.46 49.20
CA MET I 1513 13.47 -16.84 49.00
C MET I 1513 13.72 -17.26 47.54
N LYS I 1514 14.99 -17.28 47.17
CA LYS I 1514 15.36 -17.53 45.77
C LYS I 1514 15.31 -19.03 45.45
N TRP I 1515 16.02 -19.84 46.23
CA TRP I 1515 15.99 -21.28 46.06
C TRP I 1515 14.80 -21.84 46.84
N LYS I 1516 14.00 -22.65 46.16
CA LYS I 1516 12.82 -23.28 46.74
C LYS I 1516 12.18 -24.15 45.68
N LYS I 1517 11.14 -24.87 46.07
CA LYS I 1517 10.25 -25.59 45.16
C LYS I 1517 8.97 -24.80 44.90
N LEU I 1518 9.09 -23.49 44.82
CA LEU I 1518 7.95 -22.58 44.81
C LEU I 1518 7.13 -22.75 43.53
N THR I 1519 5.84 -22.43 43.66
CA THR I 1519 4.89 -22.49 42.56
C THR I 1519 5.13 -21.33 41.58
N ASN I 1520 4.69 -21.52 40.34
CA ASN I 1520 4.89 -20.51 39.30
C ASN I 1520 4.24 -19.19 39.70
N ALA I 1521 3.06 -19.23 40.32
CA ALA I 1521 2.42 -18.00 40.77
C ALA I 1521 3.26 -17.30 41.82
N GLN I 1522 3.84 -18.07 42.75
CA GLN I 1522 4.74 -17.49 43.75
C GLN I 1522 5.97 -16.90 43.09
N ARG I 1523 6.48 -17.55 42.05
CA ARG I 1523 7.62 -16.98 41.32
C ARG I 1523 7.25 -15.67 40.67
N SER I 1524 6.04 -15.58 40.09
CA SER I 1524 5.59 -14.33 39.50
C SER I 1524 5.47 -13.23 40.56
N GLY I 1525 4.95 -13.57 41.74
CA GLY I 1525 4.88 -12.59 42.81
C GLY I 1525 6.24 -12.10 43.25
N LEU I 1526 7.21 -13.02 43.39
CA LEU I 1526 8.56 -12.63 43.74
C LEU I 1526 9.17 -11.74 42.66
N ASN I 1527 8.92 -12.04 41.39
CA ASN I 1527 9.43 -11.19 40.31
C ASN I 1527 8.76 -9.83 40.30
N GLN I 1528 7.50 -9.75 40.73
CA GLN I 1528 6.79 -8.47 40.78
C GLN I 1528 7.13 -7.64 42.01
N ILE I 1529 7.72 -8.24 43.04
CA ILE I 1529 8.11 -7.47 44.23
C ILE I 1529 9.07 -6.31 43.89
N PRO I 1530 10.11 -6.50 43.07
CA PRO I 1530 10.95 -5.34 42.71
C PRO I 1530 10.18 -4.23 42.02
N ASN I 1531 9.13 -4.57 41.27
CA ASN I 1531 8.25 -3.53 40.74
C ASN I 1531 7.56 -2.77 41.86
N ARG I 1532 7.20 -3.46 42.94
CA ARG I 1532 6.64 -2.78 44.10
C ARG I 1532 7.66 -1.82 44.70
N ARG I 1533 8.92 -2.25 44.81
CA ARG I 1533 9.95 -1.36 45.32
C ARG I 1533 10.13 -0.14 44.43
N PHE I 1534 10.13 -0.34 43.11
CA PHE I 1534 10.31 0.77 42.17
C PHE I 1534 9.14 1.76 42.28
N THR I 1535 7.91 1.24 42.34
CA THR I 1535 6.76 2.12 42.47
C THR I 1535 6.79 2.90 43.78
N LEU I 1536 7.17 2.25 44.88
CA LEU I 1536 7.30 2.96 46.14
C LEU I 1536 8.37 4.05 46.05
N TRP I 1537 9.48 3.74 45.38
CA TRP I 1537 10.55 4.72 45.23
C TRP I 1537 10.09 5.94 44.45
N TRP I 1538 9.35 5.74 43.37
CA TRP I 1538 8.94 6.84 42.50
C TRP I 1538 7.53 7.34 42.79
N SER I 1539 6.94 6.95 43.91
CA SER I 1539 5.63 7.46 44.30
C SER I 1539 5.52 8.99 44.32
N PRO I 1540 6.46 9.78 44.87
CA PRO I 1540 6.22 11.23 44.97
C PRO I 1540 6.02 11.92 43.63
N THR I 1541 6.53 11.35 42.54
CA THR I 1541 6.45 11.99 41.23
C THR I 1541 5.40 11.38 40.31
N ILE I 1542 4.82 10.24 40.66
CA ILE I 1542 3.78 9.62 39.84
C ILE I 1542 2.42 9.62 40.52
N ASN I 1543 2.35 9.87 41.83
CA ASN I 1543 1.09 9.93 42.54
C ASN I 1543 0.51 11.34 42.58
N ARG I 1544 1.04 12.25 41.77
CA ARG I 1544 0.59 13.63 41.73
C ARG I 1544 -0.56 13.80 40.75
N ALA I 1545 -1.36 14.83 40.98
CA ALA I 1545 -2.55 15.07 40.16
C ALA I 1545 -2.19 15.47 38.73
N ASN I 1546 -0.98 15.96 38.48
CA ASN I 1546 -0.58 16.25 37.12
C ASN I 1546 -0.47 14.99 36.28
N VAL I 1547 0.05 13.91 36.88
CA VAL I 1547 0.20 12.66 36.14
C VAL I 1547 -1.17 12.04 35.84
N TYR I 1548 -2.04 11.98 36.84
CA TYR I 1548 -3.36 11.37 36.68
C TYR I 1548 -4.43 12.40 37.00
N VAL I 1549 -5.36 12.59 36.09
CA VAL I 1549 -6.46 13.53 36.27
C VAL I 1549 -7.66 12.80 36.87
N GLY I 1550 -8.23 13.40 37.91
CA GLY I 1550 -9.37 12.78 38.58
C GLY I 1550 -8.94 11.63 39.47
N PHE I 1551 -9.95 10.99 40.05
CA PHE I 1551 -9.77 9.84 40.93
C PHE I 1551 -8.84 10.18 42.09
N GLN I 1552 -9.22 11.22 42.83
CA GLN I 1552 -8.49 11.65 44.03
C GLN I 1552 -9.17 11.00 45.23
N VAL I 1553 -8.67 9.83 45.64
CA VAL I 1553 -9.25 9.06 46.73
C VAL I 1553 -8.23 8.99 47.86
N GLN I 1554 -8.64 9.40 49.05
CA GLN I 1554 -7.78 9.34 50.22
C GLN I 1554 -7.56 7.90 50.65
N LEU I 1555 -6.37 7.61 51.15
CA LEU I 1555 -6.08 6.28 51.67
C LEU I 1555 -6.87 6.02 52.93
N ASP I 1556 -7.18 4.74 53.16
CA ASP I 1556 -7.96 4.36 54.33
C ASP I 1556 -7.23 4.71 55.62
N LEU I 1557 -7.95 5.35 56.55
CA LEU I 1557 -7.42 5.77 57.85
C LEU I 1557 -6.07 6.48 57.73
N THR I 1558 -5.83 7.13 56.59
CA THR I 1558 -4.57 7.78 56.32
C THR I 1558 -4.83 9.05 55.53
N GLY I 1559 -3.99 10.05 55.72
CA GLY I 1559 -4.12 11.32 55.04
C GLY I 1559 -3.55 11.39 53.64
N ILE I 1560 -3.15 10.26 53.08
CA ILE I 1560 -2.54 10.22 51.75
C ILE I 1560 -3.62 10.04 50.70
N PHE I 1561 -3.57 10.88 49.66
CA PHE I 1561 -4.49 10.78 48.54
C PHE I 1561 -3.83 10.01 47.40
N MET I 1562 -4.59 9.12 46.79
CA MET I 1562 -4.08 8.23 45.74
C MET I 1562 -4.61 8.71 44.39
N HIS I 1563 -3.78 9.47 43.68
CA HIS I 1563 -4.13 9.94 42.34
C HIS I 1563 -3.84 8.83 41.35
N GLY I 1564 -4.89 8.19 40.85
CA GLY I 1564 -4.74 7.06 39.96
C GLY I 1564 -4.73 5.74 40.69
N LYS I 1565 -5.46 4.77 40.17
CA LYS I 1565 -5.64 3.47 40.82
C LYS I 1565 -4.37 2.65 40.61
N ILE I 1566 -3.40 2.83 41.50
CA ILE I 1566 -2.16 2.06 41.47
C ILE I 1566 -2.19 1.06 42.62
N PRO I 1567 -2.65 -0.17 42.39
CA PRO I 1567 -2.73 -1.13 43.50
C PRO I 1567 -1.39 -1.44 44.13
N THR I 1568 -0.32 -1.42 43.33
CA THR I 1568 1.02 -1.64 43.88
C THR I 1568 1.36 -0.59 44.93
N LEU I 1569 1.19 0.69 44.58
CA LEU I 1569 1.47 1.77 45.53
C LEU I 1569 0.52 1.72 46.71
N LYS I 1570 -0.74 1.33 46.47
CA LYS I 1570 -1.70 1.19 47.56
C LYS I 1570 -1.21 0.18 48.59
N ILE I 1571 -0.79 -1.00 48.12
CA ILE I 1571 -0.29 -2.03 49.02
C ILE I 1571 0.96 -1.56 49.74
N SER I 1572 1.88 -0.91 49.02
CA SER I 1572 3.12 -0.46 49.64
C SER I 1572 2.85 0.56 50.74
N LEU I 1573 1.97 1.53 50.46
CA LEU I 1573 1.65 2.55 51.46
C LEU I 1573 0.91 1.96 52.65
N ILE I 1574 0.02 0.99 52.40
CA ILE I 1574 -0.67 0.34 53.51
C ILE I 1574 0.33 -0.39 54.38
N GLN I 1575 1.32 -1.06 53.77
CA GLN I 1575 2.35 -1.73 54.54
C GLN I 1575 3.16 -0.73 55.36
N ILE I 1576 3.50 0.41 54.77
CA ILE I 1576 4.29 1.41 55.50
C ILE I 1576 3.51 1.95 56.69
N PHE I 1577 2.23 2.28 56.49
CA PHE I 1577 1.41 2.92 57.52
C PHE I 1577 0.52 1.92 58.24
N ARG I 1578 1.01 0.71 58.45
CA ARG I 1578 0.23 -0.31 59.14
C ARG I 1578 0.03 0.06 60.61
N ALA I 1579 -1.07 -0.41 61.18
CA ALA I 1579 -1.38 -0.26 62.61
C ALA I 1579 -1.53 1.20 63.01
N HIS I 1580 -2.30 1.94 62.20
CA HIS I 1580 -2.69 3.32 62.51
C HIS I 1580 -1.47 4.19 62.80
N LEU I 1581 -0.48 4.10 61.90
CA LEU I 1581 0.78 4.83 62.13
C LEU I 1581 0.58 6.33 62.05
N TRP I 1582 -0.37 6.81 61.24
CA TRP I 1582 -0.62 8.24 61.14
C TRP I 1582 -1.10 8.81 62.47
N GLN I 1583 -2.09 8.14 63.08
CA GLN I 1583 -2.60 8.61 64.37
C GLN I 1583 -1.53 8.56 65.44
N LYS I 1584 -0.71 7.49 65.44
CA LYS I 1584 0.37 7.39 66.42
C LYS I 1584 1.40 8.49 66.23
N ILE I 1585 1.73 8.82 64.97
CA ILE I 1585 2.69 9.88 64.70
C ILE I 1585 2.15 11.22 65.20
N HIS I 1586 0.89 11.51 64.90
CA HIS I 1586 0.30 12.78 65.35
C HIS I 1586 0.25 12.84 66.86
N GLU I 1587 -0.12 11.73 67.51
CA GLU I 1587 -0.16 11.68 68.97
C GLU I 1587 1.22 11.92 69.56
N SER I 1588 2.24 11.26 69.02
CA SER I 1588 3.59 11.44 69.52
C SER I 1588 4.04 12.88 69.36
N ILE I 1589 3.73 13.50 68.22
CA ILE I 1589 4.12 14.89 68.00
C ILE I 1589 3.44 15.81 69.01
N VAL I 1590 2.14 15.61 69.25
CA VAL I 1590 1.43 16.50 70.16
C VAL I 1590 1.92 16.31 71.59
N MET I 1591 2.14 15.07 72.03
CA MET I 1591 2.70 14.86 73.36
C MET I 1591 4.10 15.46 73.50
N ASP I 1592 4.94 15.32 72.48
CA ASP I 1592 6.28 15.91 72.56
C ASP I 1592 6.21 17.43 72.67
N LEU I 1593 5.32 18.05 71.89
CA LEU I 1593 5.18 19.50 71.96
C LEU I 1593 4.65 19.93 73.32
N CYS I 1594 3.69 19.20 73.87
CA CYS I 1594 3.18 19.51 75.20
C CYS I 1594 4.28 19.38 76.26
N GLN I 1595 5.09 18.33 76.16
CA GLN I 1595 6.20 18.15 77.10
C GLN I 1595 7.19 19.30 77.01
N VAL I 1596 7.51 19.72 75.78
CA VAL I 1596 8.43 20.85 75.59
C VAL I 1596 7.85 22.10 76.20
N PHE I 1597 6.55 22.36 76.00
CA PHE I 1597 5.94 23.56 76.55
C PHE I 1597 5.88 23.52 78.07
N ASP I 1598 5.61 22.35 78.65
CA ASP I 1598 5.61 22.23 80.10
C ASP I 1598 7.01 22.44 80.67
N GLN I 1599 8.03 21.95 79.98
CA GLN I 1599 9.40 22.15 80.45
C GLN I 1599 9.82 23.60 80.42
N GLU I 1600 9.13 24.44 79.64
CA GLU I 1600 9.40 25.88 79.54
C GLU I 1600 8.12 26.66 79.80
N LEU I 1601 7.41 26.28 80.86
CA LEU I 1601 6.10 26.86 81.13
C LEU I 1601 6.22 28.30 81.64
N ASP I 1602 6.91 28.48 82.77
CA ASP I 1602 6.95 29.79 83.41
C ASP I 1602 7.79 30.81 82.65
N ALA I 1603 8.62 30.37 81.71
CA ALA I 1603 9.51 31.29 81.02
C ALA I 1603 8.78 32.20 80.06
N LEU I 1604 7.58 31.83 79.60
CA LEU I 1604 6.83 32.60 78.63
C LEU I 1604 5.46 33.02 79.16
N GLU I 1605 5.26 32.97 80.48
CA GLU I 1605 4.02 33.37 81.13
C GLU I 1605 2.83 32.58 80.58
N ILE I 1606 2.90 31.26 80.77
CA ILE I 1606 1.82 30.34 80.42
C ILE I 1606 1.33 29.70 81.70
N GLU I 1607 0.05 29.87 82.01
CA GLU I 1607 -0.52 29.27 83.20
C GLU I 1607 -0.45 27.76 83.07
N THR I 1608 -0.90 27.24 81.94
CA THR I 1608 -0.91 25.79 81.75
C THR I 1608 -1.15 25.37 80.31
N VAL I 1609 -1.03 24.08 80.04
CA VAL I 1609 -1.31 23.56 78.70
C VAL I 1609 -2.53 22.67 78.77
N GLN I 1610 -3.17 22.42 77.63
CA GLN I 1610 -4.41 21.63 77.65
C GLN I 1610 -4.44 20.54 76.59
N LYS I 1611 -4.96 19.38 76.96
CA LYS I 1611 -5.08 18.29 75.99
C LYS I 1611 -6.49 18.25 75.44
N GLU I 1612 -6.68 18.87 74.28
CA GLU I 1612 -8.01 18.92 73.68
C GLU I 1612 -8.53 17.55 73.27
N THR I 1613 -9.82 17.31 73.47
CA THR I 1613 -10.40 16.05 73.05
C THR I 1613 -10.36 15.98 71.54
N ILE I 1614 -9.54 15.08 70.99
CA ILE I 1614 -9.40 15.02 69.54
C ILE I 1614 -9.98 13.75 68.95
N HIS I 1615 -10.84 13.91 67.94
CA HIS I 1615 -11.38 12.75 67.26
C HIS I 1615 -10.26 12.06 66.51
N PRO I 1616 -10.27 10.73 66.49
CA PRO I 1616 -9.19 9.99 65.84
C PRO I 1616 -8.97 10.47 64.42
N ARG I 1617 -10.05 10.69 63.67
CA ARG I 1617 -9.91 11.08 62.28
C ARG I 1617 -9.21 12.42 62.10
N LYS I 1618 -9.20 13.24 63.14
CA LYS I 1618 -8.60 14.57 63.03
C LYS I 1618 -7.20 14.47 62.46
N SER I 1619 -6.47 13.44 62.85
CA SER I 1619 -5.11 13.27 62.36
C SER I 1619 -5.09 13.21 60.84
N TYR I 1620 -6.06 12.51 60.26
CA TYR I 1620 -6.13 12.40 58.81
C TYR I 1620 -7.37 13.09 58.24
N LYS I 1621 -7.80 14.17 58.89
CA LYS I 1621 -8.94 14.92 58.39
C LYS I 1621 -8.44 16.15 57.66
N MET I 1622 -8.60 16.20 56.33
CA MET I 1622 -8.05 17.31 55.57
C MET I 1622 -9.09 18.40 55.30
N ASN I 1623 -10.36 18.01 55.15
CA ASN I 1623 -11.40 18.98 54.82
C ASN I 1623 -11.59 19.99 55.94
N SER I 1624 -11.69 19.51 57.18
CA SER I 1624 -11.86 20.35 58.35
C SER I 1624 -10.68 20.15 59.29
N SER I 1625 -10.74 20.77 60.46
CA SER I 1625 -9.69 20.65 61.45
C SER I 1625 -10.27 20.92 62.83
N CYS I 1626 -9.42 20.85 63.84
CA CYS I 1626 -9.80 21.09 65.22
C CYS I 1626 -8.60 21.66 65.96
N ALA I 1627 -8.67 21.70 67.27
CA ALA I 1627 -7.58 22.17 68.11
C ALA I 1627 -6.81 20.99 68.70
N ASP I 1628 -5.52 21.19 68.90
CA ASP I 1628 -4.66 20.15 69.46
C ASP I 1628 -4.18 20.50 70.86
N ILE I 1629 -3.56 21.67 71.04
CA ILE I 1629 -3.04 22.10 72.32
C ILE I 1629 -3.63 23.46 72.66
N LEU I 1630 -4.02 23.64 73.92
CA LEU I 1630 -4.55 24.90 74.40
C LEU I 1630 -3.66 25.42 75.51
N LEU I 1631 -3.21 26.66 75.38
CA LEU I 1631 -2.37 27.31 76.37
C LEU I 1631 -3.19 28.33 77.13
N PHE I 1632 -3.16 28.24 78.46
CA PHE I 1632 -3.86 29.17 79.34
C PHE I 1632 -2.81 30.02 80.06
N ALA I 1633 -3.12 31.30 80.24
CA ALA I 1633 -2.17 32.29 80.72
C ALA I 1633 -2.62 32.88 82.04
N SER I 1634 -1.64 33.28 82.85
CA SER I 1634 -1.89 34.09 84.03
C SER I 1634 -1.95 35.58 83.71
N TYR I 1635 -1.24 36.03 82.68
CA TYR I 1635 -1.25 37.41 82.25
C TYR I 1635 -1.67 37.47 80.79
N LYS I 1636 -1.95 38.67 80.30
CA LYS I 1636 -2.36 38.85 78.93
C LYS I 1636 -1.19 38.59 77.99
N TRP I 1637 -1.44 37.82 76.92
CA TRP I 1637 -0.47 37.63 75.85
C TRP I 1637 -0.80 38.62 74.73
N ASN I 1638 0.08 39.60 74.53
CA ASN I 1638 0.03 40.38 73.30
C ASN I 1638 0.42 39.50 72.13
N VAL I 1639 -0.35 39.54 71.05
CA VAL I 1639 -0.11 38.64 69.93
C VAL I 1639 0.33 39.46 68.72
N SER I 1640 1.07 38.81 67.83
CA SER I 1640 1.59 39.43 66.62
C SER I 1640 0.80 38.95 65.41
N ARG I 1641 1.01 39.66 64.30
CA ARG I 1641 0.37 39.29 63.03
C ARG I 1641 0.97 37.99 62.50
N PRO I 1642 0.24 37.27 61.64
CA PRO I 1642 0.74 35.97 61.15
C PRO I 1642 2.07 36.11 60.42
N SER I 1643 2.94 35.14 60.64
CA SER I 1643 4.25 35.09 60.00
C SER I 1643 4.70 33.64 59.88
N LEU I 1644 5.59 33.39 58.93
CA LEU I 1644 6.09 32.03 58.72
C LEU I 1644 7.08 31.65 59.81
N LEU I 1645 7.44 30.37 59.83
CA LEU I 1645 8.42 29.87 60.80
C LEU I 1645 9.78 30.50 60.59
N ALA I 1646 10.13 30.85 59.35
CA ALA I 1646 11.40 31.46 59.04
C ALA I 1646 11.35 32.98 59.01
N ASP I 1647 10.20 33.58 59.30
CA ASP I 1647 10.06 35.03 59.31
C ASP I 1647 10.71 35.58 60.56
N SER I 1648 11.98 36.01 60.43
CA SER I 1648 12.68 36.59 61.56
C SER I 1648 12.04 37.87 62.04
N LYS I 1649 11.59 38.72 61.11
CA LYS I 1649 10.94 39.98 61.44
C LYS I 1649 9.44 39.80 61.36
N ASP I 1650 8.75 40.04 62.47
CA ASP I 1650 7.31 39.94 62.54
C ASP I 1650 6.72 41.27 63.00
N VAL I 1651 5.56 41.61 62.47
CA VAL I 1651 4.85 42.83 62.84
C VAL I 1651 3.84 42.50 63.93
N MET I 1652 3.88 43.27 65.02
CA MET I 1652 3.04 43.00 66.17
C MET I 1652 1.61 43.45 65.90
N ASP I 1653 0.65 42.59 66.27
CA ASP I 1653 -0.76 42.95 66.20
C ASP I 1653 -1.17 43.64 67.49
N SER I 1654 -2.11 44.58 67.35
CA SER I 1654 -2.55 45.40 68.48
C SER I 1654 -3.73 44.74 69.20
N THR I 1655 -3.49 43.54 69.71
CA THR I 1655 -4.49 42.84 70.51
C THR I 1655 -3.82 41.78 71.38
N THR I 1656 -4.58 41.30 72.36
CA THR I 1656 -4.10 40.36 73.35
C THR I 1656 -5.12 39.23 73.50
N THR I 1657 -4.67 38.17 74.17
CA THR I 1657 -5.48 36.97 74.38
C THR I 1657 -5.06 36.30 75.67
N GLN I 1658 -5.87 35.32 76.08
CA GLN I 1658 -5.63 34.51 77.27
C GLN I 1658 -5.52 33.02 76.96
N LYS I 1659 -6.25 32.53 75.98
CA LYS I 1659 -6.17 31.13 75.55
C LYS I 1659 -5.66 31.08 74.12
N TYR I 1660 -4.67 30.22 73.90
CA TYR I 1660 -3.92 30.18 72.64
C TYR I 1660 -3.93 28.76 72.10
N TRP I 1661 -4.31 28.59 70.83
CA TRP I 1661 -4.42 27.26 70.27
C TRP I 1661 -3.24 26.92 69.37
N ILE I 1662 -2.85 25.65 69.40
CA ILE I 1662 -1.79 25.11 68.56
C ILE I 1662 -2.36 23.89 67.85
N ASP I 1663 -2.26 23.87 66.52
CA ASP I 1663 -2.75 22.77 65.71
C ASP I 1663 -1.60 22.13 64.94
N ILE I 1664 -1.68 20.83 64.76
CA ILE I 1664 -0.66 20.06 64.05
C ILE I 1664 -1.33 19.37 62.87
N GLN I 1665 -0.87 19.67 61.66
CA GLN I 1665 -1.39 19.06 60.45
C GLN I 1665 -0.28 18.32 59.73
N LEU I 1666 -0.47 17.01 59.53
CA LEU I 1666 0.50 16.19 58.82
C LEU I 1666 0.03 15.99 57.39
N ARG I 1667 0.95 16.11 56.44
CA ARG I 1667 0.63 15.97 55.03
C ARG I 1667 1.66 15.09 54.34
N TRP I 1668 1.22 14.46 53.25
CA TRP I 1668 2.09 13.64 52.40
C TRP I 1668 2.13 14.34 51.05
N GLY I 1669 3.07 15.26 50.90
CA GLY I 1669 3.16 16.05 49.69
C GLY I 1669 3.78 15.29 48.54
N ASP I 1670 3.19 15.44 47.37
CA ASP I 1670 3.75 14.89 46.14
C ASP I 1670 4.84 15.84 45.64
N TYR I 1671 5.32 15.61 44.41
CA TYR I 1671 6.40 16.44 43.90
C TYR I 1671 5.95 17.88 43.67
N ASP I 1672 4.75 18.07 43.13
CA ASP I 1672 4.31 19.41 42.77
C ASP I 1672 3.85 20.21 43.99
N SER I 1673 3.46 19.54 45.06
CA SER I 1673 2.92 20.20 46.25
C SER I 1673 3.69 19.78 47.49
N HIS I 1674 5.03 19.83 47.41
CA HIS I 1674 5.87 19.56 48.56
C HIS I 1674 6.35 20.83 49.24
N ASP I 1675 5.78 21.98 48.89
CA ASP I 1675 6.11 23.25 49.55
C ASP I 1675 5.33 23.32 50.85
N ILE I 1676 6.02 23.16 51.97
CA ILE I 1676 5.33 23.11 53.26
C ILE I 1676 4.82 24.48 53.68
N GLU I 1677 5.53 25.55 53.32
CA GLU I 1677 5.13 26.89 53.77
C GLU I 1677 3.82 27.32 53.12
N ARG I 1678 3.68 27.10 51.82
CA ARG I 1678 2.44 27.45 51.14
C ARG I 1678 1.27 26.67 51.70
N TYR I 1679 1.48 25.37 51.94
CA TYR I 1679 0.42 24.53 52.50
C TYR I 1679 0.02 25.01 53.89
N ALA I 1680 1.00 25.32 54.73
CA ALA I 1680 0.69 25.79 56.09
C ALA I 1680 -0.08 27.09 56.04
N ARG I 1681 0.36 28.03 55.21
CA ARG I 1681 -0.32 29.32 55.11
C ARG I 1681 -1.74 29.14 54.62
N ALA I 1682 -1.94 28.36 53.55
CA ALA I 1682 -3.27 28.17 52.99
C ALA I 1682 -4.20 27.50 53.99
N LYS I 1683 -3.72 26.47 54.68
CA LYS I 1683 -4.60 25.76 55.59
C LYS I 1683 -4.89 26.58 56.85
N PHE I 1684 -3.93 27.41 57.29
CA PHE I 1684 -4.23 28.31 58.39
C PHE I 1684 -5.29 29.33 58.00
N LEU I 1685 -5.15 29.92 56.80
CA LEU I 1685 -6.15 30.89 56.36
C LEU I 1685 -7.48 30.25 55.99
N ASP I 1686 -7.50 28.93 55.80
CA ASP I 1686 -8.75 28.24 55.51
C ASP I 1686 -9.48 27.80 56.78
N TYR I 1687 -8.79 27.08 57.67
CA TYR I 1687 -9.44 26.56 58.87
C TYR I 1687 -9.93 27.67 59.78
N THR I 1688 -9.14 28.74 59.92
CA THR I 1688 -9.54 29.84 60.79
C THR I 1688 -10.84 30.49 60.31
N THR I 1689 -10.96 30.68 58.99
CA THR I 1689 -12.16 31.27 58.40
C THR I 1689 -13.10 30.19 57.86
N ASP I 1690 -13.09 29.01 58.46
CA ASP I 1690 -13.96 27.91 58.05
C ASP I 1690 -15.18 27.85 58.95
N ASN I 1691 -16.20 27.12 58.49
CA ASN I 1691 -17.44 26.97 59.26
C ASN I 1691 -17.60 25.58 59.88
N MET I 1692 -16.97 24.55 59.32
CA MET I 1692 -16.96 23.23 59.94
C MET I 1692 -15.77 23.02 60.86
N SER I 1693 -14.89 24.02 60.99
CA SER I 1693 -13.75 23.96 61.91
C SER I 1693 -13.97 25.01 62.99
N ILE I 1694 -14.00 24.57 64.24
CA ILE I 1694 -14.25 25.46 65.37
C ILE I 1694 -12.96 25.60 66.17
N TYR I 1695 -12.50 26.84 66.35
CA TYR I 1695 -11.30 27.10 67.11
C TYR I 1695 -11.64 27.79 68.43
N PRO I 1696 -10.93 27.46 69.51
CA PRO I 1696 -11.22 28.13 70.79
C PRO I 1696 -11.01 29.63 70.76
N SER I 1697 -10.02 30.09 70.01
CA SER I 1697 -9.70 31.50 69.91
C SER I 1697 -9.34 31.82 68.46
N PRO I 1698 -9.58 33.05 68.02
CA PRO I 1698 -9.13 33.43 66.67
C PRO I 1698 -7.62 33.43 66.51
N THR I 1699 -6.87 33.51 67.61
CA THR I 1699 -5.42 33.58 67.56
C THR I 1699 -4.79 32.24 67.92
N GLY I 1700 -3.81 31.83 67.14
CA GLY I 1700 -3.14 30.56 67.37
C GLY I 1700 -2.13 30.30 66.27
N VAL I 1701 -1.53 29.11 66.36
CA VAL I 1701 -0.50 28.70 65.42
C VAL I 1701 -0.83 27.33 64.84
N LEU I 1702 -0.59 27.17 63.54
CA LEU I 1702 -0.80 25.91 62.83
C LEU I 1702 0.54 25.47 62.27
N ILE I 1703 0.98 24.27 62.66
CA ILE I 1703 2.24 23.71 62.21
C ILE I 1703 1.95 22.57 61.24
N ALA I 1704 2.43 22.70 60.01
CA ALA I 1704 2.27 21.68 59.00
C ALA I 1704 3.59 20.93 58.84
N ILE I 1705 3.50 19.60 58.85
CA ILE I 1705 4.66 18.72 58.78
C ILE I 1705 4.49 17.80 57.56
N ASP I 1706 5.48 17.82 56.67
CA ASP I 1706 5.50 16.97 55.49
C ASP I 1706 6.35 15.74 55.80
N LEU I 1707 5.67 14.60 55.97
CA LEU I 1707 6.37 13.35 56.25
C LEU I 1707 7.07 12.81 55.02
N ALA I 1708 6.49 13.02 53.84
CA ALA I 1708 7.08 12.50 52.61
C ALA I 1708 8.41 13.17 52.28
N TYR I 1709 8.59 14.42 52.72
CA TYR I 1709 9.82 15.16 52.47
C TYR I 1709 10.49 15.67 53.74
N ASN I 1710 9.92 15.38 54.91
CA ASN I 1710 10.49 15.79 56.20
C ASN I 1710 10.65 17.31 56.28
N LEU I 1711 9.53 18.02 56.15
CA LEU I 1711 9.51 19.47 56.25
C LEU I 1711 8.55 19.90 57.34
N HIS I 1712 8.65 21.17 57.75
CA HIS I 1712 7.78 21.70 58.79
C HIS I 1712 7.74 23.21 58.70
N SER I 1713 6.56 23.78 58.89
CA SER I 1713 6.41 25.23 58.84
C SER I 1713 5.16 25.66 59.57
N ALA I 1714 5.22 26.82 60.22
CA ALA I 1714 4.11 27.39 60.96
C ALA I 1714 3.83 28.81 60.49
N TYR I 1715 2.54 29.16 60.37
CA TYR I 1715 2.12 30.44 59.83
C TYR I 1715 1.16 31.22 60.70
N GLY I 1716 0.66 30.64 61.79
CA GLY I 1716 -0.40 31.27 62.58
C GLY I 1716 -0.04 32.57 63.28
N ASN I 1717 -0.80 32.92 64.31
CA ASN I 1717 -0.50 34.10 65.12
C ASN I 1717 0.43 33.73 66.25
N TRP I 1718 1.46 34.55 66.45
CA TRP I 1718 2.54 34.25 67.39
C TRP I 1718 2.63 35.32 68.47
N PHE I 1719 3.08 34.91 69.64
CA PHE I 1719 3.37 35.79 70.76
C PHE I 1719 4.86 35.76 71.09
N PRO I 1720 5.40 36.83 71.67
CA PRO I 1720 6.85 36.87 71.94
C PRO I 1720 7.30 35.72 72.83
N GLY I 1721 8.47 35.18 72.50
CA GLY I 1721 9.03 34.06 73.22
C GLY I 1721 8.65 32.70 72.69
N SER I 1722 7.59 32.61 71.88
CA SER I 1722 7.17 31.33 71.33
C SER I 1722 7.98 30.95 70.08
N LYS I 1723 8.52 31.93 69.37
CA LYS I 1723 9.27 31.64 68.15
C LYS I 1723 10.44 30.70 68.38
N PRO I 1724 11.43 31.03 69.23
CA PRO I 1724 12.54 30.09 69.43
C PRO I 1724 12.11 28.78 70.04
N LEU I 1725 11.14 28.81 70.98
CA LEU I 1725 10.68 27.57 71.60
C LEU I 1725 10.12 26.62 70.56
N ILE I 1726 9.26 27.13 69.68
CA ILE I 1726 8.69 26.29 68.63
C ILE I 1726 9.77 25.85 67.65
N GLN I 1727 10.75 26.72 67.38
CA GLN I 1727 11.82 26.35 66.45
C GLN I 1727 12.62 25.17 66.97
N GLN I 1728 13.12 25.25 68.20
CA GLN I 1728 13.88 24.12 68.74
C GLN I 1728 12.99 22.91 69.00
N ALA I 1729 11.70 23.13 69.30
CA ALA I 1729 10.80 22.01 69.46
C ALA I 1729 10.67 21.23 68.15
N MET I 1730 10.46 21.94 67.04
CA MET I 1730 10.39 21.28 65.74
C MET I 1730 11.73 20.61 65.39
N ALA I 1731 12.84 21.28 65.69
CA ALA I 1731 14.14 20.66 65.41
C ALA I 1731 14.29 19.34 66.16
N LYS I 1732 14.04 19.34 67.46
CA LYS I 1732 14.18 18.13 68.26
C LYS I 1732 13.16 17.07 67.86
N ILE I 1733 11.97 17.47 67.42
CA ILE I 1733 10.96 16.48 67.09
C ILE I 1733 11.20 15.86 65.71
N MET I 1734 11.83 16.60 64.80
CA MET I 1734 12.31 15.96 63.57
C MET I 1734 13.54 15.13 63.81
N LYS I 1735 14.33 15.46 64.83
CA LYS I 1735 15.57 14.73 65.07
C LYS I 1735 15.36 13.43 65.84
N ALA I 1736 14.42 13.40 66.79
CA ALA I 1736 14.37 12.25 67.70
C ALA I 1736 12.96 11.79 68.05
N ASN I 1737 11.97 12.00 67.18
CA ASN I 1737 10.65 11.46 67.46
C ASN I 1737 10.65 9.95 67.25
N PRO I 1738 10.06 9.19 68.17
CA PRO I 1738 10.03 7.73 68.01
C PRO I 1738 9.15 7.30 66.86
N ALA I 1739 7.94 7.87 66.78
CA ALA I 1739 7.02 7.51 65.70
C ALA I 1739 7.56 7.91 64.34
N LEU I 1740 8.18 9.08 64.25
CA LEU I 1740 8.79 9.49 62.99
C LEU I 1740 9.95 8.58 62.62
N TYR I 1741 10.74 8.15 63.61
CA TYR I 1741 11.82 7.21 63.35
C TYR I 1741 11.27 5.87 62.85
N VAL I 1742 10.15 5.42 63.40
CA VAL I 1742 9.53 4.20 62.94
C VAL I 1742 9.03 4.35 61.51
N LEU I 1743 8.43 5.51 61.19
CA LEU I 1743 8.03 5.78 59.81
C LEU I 1743 9.22 5.72 58.87
N ARG I 1744 10.32 6.34 59.26
CA ARG I 1744 11.52 6.34 58.42
C ARG I 1744 12.05 4.93 58.24
N GLU I 1745 12.07 4.14 59.31
CA GLU I 1745 12.57 2.77 59.22
C GLU I 1745 11.68 1.91 58.34
N ARG I 1746 10.36 2.07 58.46
CA ARG I 1746 9.44 1.33 57.60
C ARG I 1746 9.61 1.72 56.14
N ILE I 1747 9.81 3.02 55.87
CA ILE I 1747 10.05 3.46 54.50
C ILE I 1747 11.35 2.87 53.97
N ARG I 1748 12.40 2.85 54.80
CA ARG I 1748 13.67 2.28 54.37
C ARG I 1748 13.53 0.79 54.08
N LYS I 1749 12.80 0.07 54.93
CA LYS I 1749 12.59 -1.35 54.70
C LYS I 1749 11.80 -1.60 53.42
N GLY I 1750 10.76 -0.80 53.18
CA GLY I 1750 10.00 -0.93 51.95
C GLY I 1750 10.84 -0.61 50.72
N LEU I 1751 11.76 0.34 50.84
CA LEU I 1751 12.64 0.71 49.74
C LEU I 1751 13.88 -0.18 49.64
N GLN I 1752 14.13 -1.02 50.65
CA GLN I 1752 15.31 -1.87 50.68
C GLN I 1752 16.59 -1.06 50.48
N LEU I 1753 16.65 0.08 51.15
CA LEU I 1753 17.78 0.99 51.07
C LEU I 1753 18.39 1.13 52.46
N TYR I 1754 19.70 0.91 52.55
CA TYR I 1754 20.41 0.94 53.82
C TYR I 1754 21.71 1.70 53.68
N SER I 1755 22.20 2.20 54.80
CA SER I 1755 23.44 2.98 54.84
C SER I 1755 24.54 2.22 55.57
N SER I 2068 62.85 24.57 28.87
CA SER I 2068 64.05 24.09 29.56
C SER I 2068 65.27 24.13 28.63
N SER I 2069 65.10 23.59 27.43
CA SER I 2069 66.15 23.54 26.40
C SER I 2069 67.40 22.78 26.88
N LYS I 2070 67.24 21.91 27.87
CA LYS I 2070 68.33 21.07 28.35
C LYS I 2070 68.10 19.60 28.06
N THR I 2071 66.96 19.05 28.51
CA THR I 2071 66.56 17.70 28.16
C THR I 2071 65.44 17.66 27.13
N GLU I 2072 64.73 18.77 26.92
CA GLU I 2072 63.69 18.82 25.90
C GLU I 2072 64.30 18.83 24.50
N TRP I 2073 65.52 19.33 24.35
CA TRP I 2073 66.18 19.30 23.05
C TRP I 2073 66.44 17.87 22.60
N ARG I 2074 66.91 17.02 23.51
CA ARG I 2074 67.15 15.62 23.17
C ARG I 2074 65.86 14.92 22.81
N VAL I 2075 64.78 15.19 23.56
CA VAL I 2075 63.48 14.59 23.26
C VAL I 2075 63.00 15.04 21.89
N ARG I 2076 63.15 16.33 21.57
CA ARG I 2076 62.74 16.83 20.27
C ARG I 2076 63.54 16.18 19.15
N ALA I 2077 64.86 16.04 19.34
CA ALA I 2077 65.69 15.40 18.32
C ALA I 2077 65.28 13.94 18.12
N ILE I 2078 65.02 13.21 19.22
CA ILE I 2078 64.61 11.83 19.10
C ILE I 2078 63.26 11.72 18.39
N SER I 2079 62.32 12.60 18.74
CA SER I 2079 61.00 12.56 18.09
C SER I 2079 61.11 12.88 16.60
N ALA I 2080 61.95 13.85 16.25
CA ALA I 2080 62.14 14.17 14.84
C ALA I 2080 62.86 13.05 14.10
N ALA I 2081 63.67 12.26 14.81
CA ALA I 2081 64.30 11.11 14.18
C ALA I 2081 63.29 10.08 13.72
N ASN I 2082 62.20 9.91 14.48
CA ASN I 2082 61.13 8.99 14.13
C ASN I 2082 60.02 9.66 13.32
N LEU I 2083 60.18 10.93 12.97
CA LEU I 2083 59.18 11.63 12.18
C LEU I 2083 59.18 11.20 10.72
N HIS I 2084 60.18 10.44 10.28
CA HIS I 2084 60.19 9.95 8.91
C HIS I 2084 59.00 9.03 8.65
N LEU I 2085 58.69 8.15 9.61
CA LEU I 2085 57.56 7.25 9.44
C LEU I 2085 56.22 7.98 9.40
N ARG I 2086 56.14 9.19 9.96
CA ARG I 2086 54.90 9.94 9.92
C ARG I 2086 54.52 10.36 8.51
N THR I 2087 55.49 10.45 7.60
CA THR I 2087 55.21 10.80 6.22
C THR I 2087 54.58 9.65 5.43
N ASN I 2088 54.67 8.42 5.93
CA ASN I 2088 54.07 7.29 5.25
C ASN I 2088 52.56 7.29 5.33
N HIS I 2089 51.98 8.01 6.29
CA HIS I 2089 50.53 8.13 6.44
C HIS I 2089 50.17 9.60 6.44
N ILE I 2090 49.62 10.08 5.33
CA ILE I 2090 49.20 11.46 5.18
C ILE I 2090 47.71 11.47 4.89
N TYR I 2091 46.96 12.25 5.66
CA TYR I 2091 45.51 12.36 5.51
C TYR I 2091 45.17 13.80 5.14
N VAL I 2092 44.17 13.96 4.27
CA VAL I 2092 43.70 15.26 3.82
C VAL I 2092 42.25 15.43 4.25
N SER I 2093 41.97 16.53 4.95
CA SER I 2093 40.63 16.81 5.44
C SER I 2093 39.80 17.37 4.30
N SER I 2094 39.27 16.49 3.47
CA SER I 2094 38.47 16.88 2.31
C SER I 2094 37.00 17.00 2.74
N ASP I 2095 36.67 18.16 3.30
CA ASP I 2095 35.31 18.44 3.72
C ASP I 2095 35.08 19.94 3.68
N ASP I 2096 33.80 20.31 3.51
CA ASP I 2096 33.38 21.71 3.44
C ASP I 2096 34.11 22.47 2.32
N ILE I 2097 34.37 21.79 1.21
CA ILE I 2097 35.07 22.42 0.09
C ILE I 2097 34.07 23.19 -0.76
N LYS I 2098 34.40 24.44 -1.07
CA LYS I 2098 33.51 25.27 -1.86
C LYS I 2098 33.36 24.74 -3.29
N GLU I 2099 34.37 24.03 -3.78
CA GLU I 2099 34.35 23.44 -5.13
C GLU I 2099 34.12 24.48 -6.21
N THR I 2100 34.61 25.69 -6.00
CA THR I 2100 34.45 26.75 -6.99
C THR I 2100 35.81 27.39 -7.30
N GLY I 2101 36.70 27.42 -6.31
CA GLY I 2101 38.02 27.99 -6.48
C GLY I 2101 39.00 27.00 -7.10
N TYR I 2102 40.22 27.49 -7.32
CA TYR I 2102 41.26 26.65 -7.88
C TYR I 2102 41.68 25.57 -6.89
N THR I 2103 42.00 24.40 -7.41
CA THR I 2103 42.40 23.26 -6.61
C THR I 2103 43.93 23.27 -6.40
N TYR I 2104 44.36 22.61 -5.33
CA TYR I 2104 45.77 22.52 -4.98
C TYR I 2104 46.32 21.17 -5.42
N ILE I 2105 47.43 21.19 -6.14
CA ILE I 2105 48.03 19.99 -6.70
C ILE I 2105 49.40 19.77 -6.09
N LEU I 2106 49.55 20.10 -4.81
CA LEU I 2106 50.84 20.00 -4.14
C LEU I 2106 51.38 18.57 -4.25
N PRO I 2107 52.62 18.38 -4.70
CA PRO I 2107 53.14 17.03 -4.91
C PRO I 2107 53.44 16.32 -3.61
N LYS I 2108 53.60 15.01 -3.71
CA LYS I 2108 53.90 14.19 -2.53
C LYS I 2108 55.35 14.36 -2.09
N ASN I 2109 56.28 14.52 -3.04
CA ASN I 2109 57.68 14.65 -2.68
C ASN I 2109 57.94 15.92 -1.88
N VAL I 2110 57.34 17.04 -2.30
CA VAL I 2110 57.53 18.30 -1.57
C VAL I 2110 56.96 18.19 -0.17
N LEU I 2111 55.77 17.59 -0.04
CA LEU I 2111 55.17 17.42 1.29
C LEU I 2111 56.02 16.53 2.17
N LYS I 2112 56.57 15.44 1.61
CA LYS I 2112 57.44 14.57 2.38
C LYS I 2112 58.69 15.30 2.83
N LYS I 2113 59.28 16.12 1.95
CA LYS I 2113 60.46 16.88 2.32
C LYS I 2113 60.15 17.89 3.41
N PHE I 2114 59.02 18.58 3.30
CA PHE I 2114 58.62 19.59 4.28
C PHE I 2114 58.10 18.99 5.58
N ILE I 2115 57.79 17.69 5.59
CA ILE I 2115 57.33 17.05 6.81
C ILE I 2115 58.50 16.52 7.65
N CYS I 2116 59.58 16.09 7.00
CA CYS I 2116 60.75 15.59 7.72
C CYS I 2116 61.68 16.71 8.17
N ILE I 2117 61.39 17.96 7.81
CA ILE I 2117 62.23 19.09 8.20
C ILE I 2117 61.43 19.99 9.14
N SER I 2118 60.52 19.39 9.90
CA SER I 2118 59.69 20.11 10.85
C SER I 2118 59.80 19.45 12.22
N ASP I 2119 59.62 20.26 13.25
CA ASP I 2119 59.70 19.81 14.63
C ASP I 2119 58.31 19.62 15.21
N LEU I 2120 58.19 18.65 16.11
CA LEU I 2120 56.91 18.38 16.76
C LEU I 2120 56.52 19.48 17.76
N ARG I 2121 57.44 20.39 18.09
CA ARG I 2121 57.17 21.48 19.01
C ARG I 2121 57.13 22.83 18.33
N ALA I 2122 58.16 23.18 17.56
CA ALA I 2122 58.21 24.46 16.88
C ALA I 2122 57.57 24.36 15.50
N GLN I 2123 56.68 25.30 15.20
CA GLN I 2123 56.02 25.33 13.91
C GLN I 2123 56.99 25.79 12.83
N ILE I 2124 57.01 25.08 11.70
CA ILE I 2124 57.85 25.41 10.56
C ILE I 2124 56.96 25.85 9.41
N ALA I 2125 57.29 26.98 8.80
CA ALA I 2125 56.50 27.55 7.73
C ALA I 2125 57.36 27.79 6.49
N GLY I 2126 56.74 27.68 5.33
CA GLY I 2126 57.42 27.89 4.07
C GLY I 2126 56.52 28.43 2.98
N TYR I 2127 57.04 29.32 2.15
CA TYR I 2127 56.24 29.92 1.09
C TYR I 2127 56.19 29.02 -0.13
N LEU I 2128 54.99 28.70 -0.57
CA LEU I 2128 54.77 27.85 -1.74
C LEU I 2128 54.35 28.71 -2.92
N TYR I 2129 55.08 28.59 -4.02
CA TYR I 2129 54.79 29.31 -5.26
C TYR I 2129 54.70 28.30 -6.39
N GLY I 2130 53.76 28.53 -7.31
CA GLY I 2130 53.57 27.62 -8.41
C GLY I 2130 52.80 28.29 -9.54
N VAL I 2131 52.48 27.48 -10.54
CA VAL I 2131 51.74 27.96 -11.71
C VAL I 2131 50.59 27.01 -12.00
N SER I 2132 49.64 27.45 -12.84
CA SER I 2132 48.52 26.60 -13.20
C SER I 2132 48.90 25.66 -14.33
N PRO I 2133 48.33 24.46 -14.36
CA PRO I 2133 48.62 23.53 -15.45
C PRO I 2133 48.08 24.07 -16.76
N PRO I 2134 48.70 23.72 -17.89
CA PRO I 2134 48.22 24.22 -19.18
C PRO I 2134 46.79 23.75 -19.46
N ASP I 2135 46.01 24.65 -20.06
CA ASP I 2135 44.62 24.38 -20.44
C ASP I 2135 43.78 23.96 -19.24
N ASN I 2136 44.12 24.46 -18.05
CA ASN I 2136 43.38 24.13 -16.83
C ASN I 2136 43.53 25.28 -15.85
N PRO I 2137 42.80 26.39 -16.07
CA PRO I 2137 42.89 27.53 -15.15
C PRO I 2137 42.16 27.32 -13.83
N GLN I 2138 41.41 26.23 -13.68
CA GLN I 2138 40.65 25.95 -12.47
C GLN I 2138 41.46 25.18 -11.43
N VAL I 2139 42.77 25.09 -11.60
CA VAL I 2139 43.63 24.38 -10.66
C VAL I 2139 44.98 25.10 -10.60
N LYS I 2140 45.55 25.13 -9.40
CA LYS I 2140 46.87 25.72 -9.17
C LYS I 2140 47.80 24.64 -8.63
N GLU I 2141 48.96 24.50 -9.27
CA GLU I 2141 49.95 23.49 -8.91
C GLU I 2141 51.11 24.17 -8.20
N ILE I 2142 51.28 23.89 -6.91
CA ILE I 2142 52.39 24.44 -6.15
C ILE I 2142 53.63 23.60 -6.45
N ARG I 2143 54.51 24.13 -7.29
CA ARG I 2143 55.68 23.39 -7.75
C ARG I 2143 56.96 23.76 -7.02
N CYS I 2144 56.99 24.87 -6.28
CA CYS I 2144 58.19 25.30 -5.60
C CYS I 2144 57.87 25.69 -4.16
N ILE I 2145 58.75 25.32 -3.23
CA ILE I 2145 58.62 25.68 -1.83
C ILE I 2145 59.94 26.28 -1.37
N VAL I 2146 59.88 27.47 -0.79
CA VAL I 2146 61.05 28.19 -0.31
C VAL I 2146 60.90 28.39 1.20
N MET I 2147 61.91 27.99 1.97
CA MET I 2147 61.89 28.12 3.42
C MET I 2147 62.76 29.31 3.80
N VAL I 2148 62.11 30.43 4.10
CA VAL I 2148 62.80 31.65 4.51
C VAL I 2148 63.27 31.47 5.95
N PRO I 2149 64.36 32.12 6.36
CA PRO I 2149 64.83 31.98 7.75
C PRO I 2149 63.83 32.59 8.72
N GLN I 2150 63.24 31.74 9.56
CA GLN I 2150 62.25 32.17 10.53
C GLN I 2150 62.39 31.35 11.81
N TRP I 2151 61.91 31.92 12.90
CA TRP I 2151 61.95 31.27 14.21
C TRP I 2151 60.54 31.33 14.80
N GLY I 2152 59.77 30.26 14.60
CA GLY I 2152 58.40 30.23 15.06
C GLY I 2152 58.22 29.46 16.35
N THR I 2153 57.17 29.81 17.09
CA THR I 2153 56.86 29.15 18.35
C THR I 2153 55.89 28.00 18.11
N HIS I 2154 55.35 27.43 19.18
CA HIS I 2154 54.38 26.34 19.08
C HIS I 2154 52.99 26.83 18.68
N GLN I 2155 52.75 28.14 18.66
CA GLN I 2155 51.46 28.69 18.29
C GLN I 2155 51.52 29.71 17.18
N THR I 2156 52.71 30.18 16.79
CA THR I 2156 52.83 31.17 15.74
C THR I 2156 54.21 31.06 15.10
N VAL I 2157 54.34 31.64 13.91
CA VAL I 2157 55.58 31.61 13.15
C VAL I 2157 56.02 33.05 12.89
N HIS I 2158 57.27 33.35 13.20
CA HIS I 2158 57.84 34.68 13.00
C HIS I 2158 58.55 34.71 11.66
N LEU I 2159 57.75 34.75 10.59
CA LEU I 2159 58.30 34.79 9.25
C LEU I 2159 58.92 36.15 8.97
N PRO I 2160 60.02 36.20 8.22
CA PRO I 2160 60.63 37.48 7.88
C PRO I 2160 59.76 38.28 6.92
N GLY I 2161 59.94 39.61 6.98
CA GLY I 2161 59.14 40.49 6.15
C GLY I 2161 59.59 40.59 4.70
N GLN I 2162 60.78 40.07 4.39
CA GLN I 2162 61.30 40.13 3.03
C GLN I 2162 60.73 38.97 2.21
N LEU I 2163 59.97 39.30 1.18
CA LEU I 2163 59.43 38.28 0.29
C LEU I 2163 60.53 37.76 -0.62
N PRO I 2164 60.78 36.46 -0.65
CA PRO I 2164 61.88 35.92 -1.46
C PRO I 2164 61.66 36.15 -2.95
N GLN I 2165 62.76 36.36 -3.66
CA GLN I 2165 62.74 36.54 -5.11
C GLN I 2165 63.97 35.88 -5.70
N HIS I 2166 63.77 35.16 -6.81
CA HIS I 2166 64.88 34.46 -7.46
C HIS I 2166 64.50 34.20 -8.91
N GLU I 2167 65.49 33.76 -9.69
CA GLU I 2167 65.26 33.46 -11.10
C GLU I 2167 64.29 32.29 -11.26
N TYR I 2168 64.41 31.27 -10.39
CA TYR I 2168 63.50 30.13 -10.47
C TYR I 2168 62.05 30.53 -10.19
N LEU I 2169 61.84 31.44 -9.25
CA LEU I 2169 60.50 31.89 -8.91
C LEU I 2169 59.99 32.98 -9.85
N LYS I 2170 60.80 33.42 -10.81
CA LYS I 2170 60.39 34.46 -11.75
C LYS I 2170 59.37 33.97 -12.77
N GLU I 2171 59.11 32.66 -12.84
CA GLU I 2171 58.14 32.11 -13.77
C GLU I 2171 56.86 31.62 -13.11
N MET I 2172 56.81 31.56 -11.79
CA MET I 2172 55.65 31.06 -11.07
C MET I 2172 55.18 32.10 -10.06
N GLU I 2173 53.85 32.17 -9.90
CA GLU I 2173 53.19 33.07 -8.96
C GLU I 2173 53.20 32.47 -7.55
N PRO I 2174 53.17 33.31 -6.52
CA PRO I 2174 53.13 32.78 -5.15
C PRO I 2174 51.78 32.12 -4.86
N LEU I 2175 51.83 30.87 -4.43
CA LEU I 2175 50.63 30.11 -4.11
C LEU I 2175 50.23 30.23 -2.64
N GLY I 2176 51.02 30.91 -1.83
CA GLY I 2176 50.68 31.09 -0.43
C GLY I 2176 51.74 30.58 0.52
N TRP I 2177 51.32 30.14 1.71
CA TRP I 2177 52.24 29.63 2.71
C TRP I 2177 51.70 28.32 3.29
N ILE I 2178 52.63 27.48 3.73
CA ILE I 2178 52.29 26.21 4.37
C ILE I 2178 53.02 26.17 5.71
N HIS I 2179 52.26 26.04 6.80
CA HIS I 2179 52.81 26.06 8.15
C HIS I 2179 52.47 24.75 8.85
N THR I 2180 53.48 24.11 9.42
CA THR I 2180 53.26 22.89 10.18
C THR I 2180 52.60 23.20 11.52
N GLN I 2181 51.58 22.42 11.87
CA GLN I 2181 50.86 22.60 13.12
C GLN I 2181 51.13 21.41 14.02
N PRO I 2182 51.72 21.60 15.20
CA PRO I 2182 51.99 20.46 16.09
C PRO I 2182 50.74 19.74 16.55
N ASN I 2183 49.58 20.41 16.55
CA ASN I 2183 48.33 19.81 16.97
C ASN I 2183 47.26 20.08 15.92
N GLU I 2184 46.33 19.13 15.78
CA GLU I 2184 45.24 19.25 14.82
C GLU I 2184 44.07 19.95 15.48
N SER I 2185 43.66 21.09 14.92
CA SER I 2185 42.56 21.86 15.44
C SER I 2185 41.45 21.95 14.40
N PRO I 2186 40.18 21.78 14.80
CA PRO I 2186 39.09 21.87 13.82
C PRO I 2186 38.99 23.23 13.14
N GLN I 2187 39.33 24.31 13.84
CA GLN I 2187 39.23 25.65 13.30
C GLN I 2187 40.60 26.22 12.97
N LEU I 2188 40.64 27.09 11.97
CA LEU I 2188 41.90 27.71 11.57
C LEU I 2188 42.39 28.66 12.65
N SER I 2189 43.70 28.73 12.81
CA SER I 2189 44.29 29.58 13.84
C SER I 2189 44.12 31.05 13.46
N PRO I 2190 43.58 31.88 14.36
CA PRO I 2190 43.48 33.32 14.05
C PRO I 2190 44.82 33.98 13.81
N GLN I 2191 45.87 33.52 14.50
CA GLN I 2191 47.20 34.07 14.28
C GLN I 2191 47.67 33.83 12.85
N ASP I 2192 47.41 32.62 12.33
CA ASP I 2192 47.78 32.32 10.95
C ASP I 2192 47.01 33.19 9.98
N VAL I 2193 45.71 33.41 10.23
CA VAL I 2193 44.91 34.27 9.37
C VAL I 2193 45.44 35.70 9.38
N THR I 2194 45.78 36.21 10.57
CA THR I 2194 46.32 37.56 10.67
C THR I 2194 47.65 37.67 9.95
N THR I 2195 48.52 36.67 10.10
CA THR I 2195 49.81 36.68 9.42
C THR I 2195 49.63 36.65 7.90
N HIS I 2196 48.71 35.83 7.42
CA HIS I 2196 48.45 35.77 5.99
C HIS I 2196 47.91 37.10 5.46
N ALA I 2197 47.00 37.73 6.22
CA ALA I 2197 46.47 39.02 5.81
C ALA I 2197 47.57 40.08 5.77
N LYS I 2198 48.44 40.08 6.78
CA LYS I 2198 49.54 41.04 6.80
C LYS I 2198 50.50 40.82 5.64
N ILE I 2199 50.80 39.56 5.33
CA ILE I 2199 51.69 39.26 4.21
C ILE I 2199 51.05 39.69 2.90
N MET I 2200 49.75 39.44 2.73
CA MET I 2200 49.06 39.83 1.51
C MET I 2200 49.03 41.36 1.36
N ALA I 2201 48.78 42.07 2.45
CA ALA I 2201 48.77 43.53 2.39
C ALA I 2201 50.16 44.08 2.10
N ASP I 2202 51.20 43.50 2.72
CA ASP I 2202 52.55 44.01 2.52
C ASP I 2202 53.05 43.71 1.11
N ASN I 2203 52.86 42.48 0.64
CA ASN I 2203 53.34 42.07 -0.67
C ASN I 2203 52.18 42.04 -1.66
N PRO I 2204 52.13 42.96 -2.63
CA PRO I 2204 51.02 42.94 -3.60
C PRO I 2204 51.02 41.72 -4.50
N SER I 2205 52.12 40.96 -4.56
CA SER I 2205 52.16 39.79 -5.43
C SER I 2205 51.13 38.75 -5.02
N TRP I 2206 50.99 38.51 -3.71
CA TRP I 2206 49.98 37.56 -3.23
C TRP I 2206 48.59 38.15 -3.40
N ASP I 2207 47.69 37.37 -3.96
CA ASP I 2207 46.32 37.80 -4.21
C ASP I 2207 45.39 37.30 -3.11
N GLY I 2208 44.23 37.95 -3.02
CA GLY I 2208 43.23 37.59 -2.04
C GLY I 2208 42.37 36.41 -2.46
N GLU I 2209 42.54 35.97 -3.71
CA GLU I 2209 41.78 34.85 -4.24
C GLU I 2209 42.68 33.79 -4.87
N LYS I 2210 44.00 33.92 -4.76
CA LYS I 2210 44.93 32.96 -5.33
C LYS I 2210 45.97 32.44 -4.35
N THR I 2211 45.93 32.86 -3.08
CA THR I 2211 46.87 32.41 -2.08
C THR I 2211 46.14 31.57 -1.04
N ILE I 2212 46.78 30.48 -0.61
CA ILE I 2212 46.19 29.56 0.37
C ILE I 2212 47.17 29.36 1.51
N ILE I 2213 46.63 29.01 2.66
CA ILE I 2213 47.40 28.74 3.88
C ILE I 2213 47.23 27.26 4.19
N ILE I 2214 48.22 26.46 3.83
CA ILE I 2214 48.16 25.01 4.02
C ILE I 2214 48.56 24.73 5.48
N THR I 2215 47.58 24.42 6.31
CA THR I 2215 47.82 24.11 7.73
C THR I 2215 48.08 22.62 7.87
N CYS I 2216 49.31 22.22 7.54
CA CYS I 2216 49.69 20.81 7.64
C CYS I 2216 49.86 20.42 9.10
N SER I 2217 48.80 19.90 9.70
CA SER I 2217 48.80 19.57 11.12
C SER I 2217 49.60 18.30 11.36
N PHE I 2218 49.79 17.99 12.64
CA PHE I 2218 50.47 16.77 13.07
C PHE I 2218 49.46 15.87 13.78
N THR I 2219 49.47 14.59 13.43
CA THR I 2219 48.55 13.61 13.96
C THR I 2219 49.34 12.43 14.53
N PRO I 2220 48.73 11.64 15.42
CA PRO I 2220 49.44 10.46 15.93
C PRO I 2220 49.76 9.47 14.83
N GLY I 2221 51.04 9.33 14.50
CA GLY I 2221 51.45 8.43 13.45
C GLY I 2221 51.12 8.88 12.05
N SER I 2222 50.64 10.12 11.88
CA SER I 2222 50.23 10.59 10.56
C SER I 2222 50.46 12.10 10.48
N CYS I 2223 50.52 12.60 9.26
CA CYS I 2223 50.68 14.02 8.98
C CYS I 2223 49.40 14.51 8.32
N THR I 2224 48.43 14.91 9.13
CA THR I 2224 47.15 15.36 8.62
C THR I 2224 47.30 16.74 7.98
N LEU I 2225 46.96 16.84 6.70
CA LEU I 2225 47.08 18.07 5.94
C LEU I 2225 45.70 18.66 5.68
N THR I 2226 45.65 19.99 5.56
CA THR I 2226 44.40 20.69 5.29
C THR I 2226 44.72 22.04 4.68
N ALA I 2227 43.93 22.44 3.68
CA ALA I 2227 44.10 23.73 3.05
C ALA I 2227 43.10 24.74 3.62
N TYR I 2228 43.48 26.00 3.55
CA TYR I 2228 42.64 27.07 4.08
C TYR I 2228 42.88 28.35 3.28
N LYS I 2229 41.79 29.03 2.94
CA LYS I 2229 41.86 30.30 2.21
C LYS I 2229 41.13 31.37 3.01
N LEU I 2230 41.65 32.59 2.94
CA LEU I 2230 41.12 33.71 3.69
C LEU I 2230 40.14 34.50 2.83
N THR I 2231 38.94 34.74 3.36
CA THR I 2231 37.95 35.55 2.67
C THR I 2231 38.39 37.01 2.65
N PRO I 2232 37.90 37.80 1.69
CA PRO I 2232 38.22 39.24 1.70
C PRO I 2232 37.84 39.92 3.01
N SER I 2233 36.71 39.53 3.60
CA SER I 2233 36.38 40.03 4.93
C SER I 2233 37.42 39.58 5.96
N GLY I 2234 37.84 38.32 5.87
CA GLY I 2234 38.88 37.84 6.76
C GLY I 2234 40.21 38.55 6.55
N TYR I 2235 40.55 38.81 5.29
CA TYR I 2235 41.78 39.55 4.99
C TYR I 2235 41.72 40.97 5.56
N GLU I 2236 40.57 41.63 5.40
CA GLU I 2236 40.41 42.97 5.96
C GLU I 2236 40.51 42.95 7.48
N TRP I 2237 39.88 41.96 8.12
CA TRP I 2237 39.95 41.87 9.58
C TRP I 2237 41.38 41.62 10.05
N GLY I 2238 42.12 40.75 9.35
CA GLY I 2238 43.50 40.48 9.72
C GLY I 2238 44.39 41.69 9.51
N ARG I 2239 44.18 42.42 8.41
CA ARG I 2239 44.97 43.63 8.17
C ARG I 2239 44.68 44.70 9.21
N GLN I 2240 43.41 44.88 9.57
CA GLN I 2240 43.05 45.89 10.56
C GLN I 2240 43.53 45.50 11.96
N ASN I 2241 43.37 44.23 12.33
CA ASN I 2241 43.79 43.79 13.64
C ASN I 2241 45.30 43.73 13.74
N THR I 2242 45.82 44.06 14.93
CA THR I 2242 47.26 44.04 15.17
C THR I 2242 47.63 43.33 16.46
N ASP I 2243 46.66 42.99 17.31
CA ASP I 2243 46.97 42.28 18.54
C ASP I 2243 47.35 40.83 18.25
N LYS I 2244 48.33 40.33 19.00
CA LYS I 2244 48.83 38.96 18.84
C LYS I 2244 48.38 38.06 19.99
N GLY I 2245 47.17 38.29 20.52
CA GLY I 2245 46.66 37.48 21.60
C GLY I 2245 46.15 36.14 21.13
N ASN I 2246 45.79 35.30 22.11
CA ASN I 2246 45.27 33.97 21.81
C ASN I 2246 43.94 34.03 21.07
N ASN I 2247 43.04 34.93 21.48
CA ASN I 2247 41.75 35.10 20.82
C ASN I 2247 41.52 36.58 20.55
N PRO I 2248 42.22 37.13 19.55
CA PRO I 2248 42.08 38.57 19.26
C PRO I 2248 40.70 38.90 18.73
N LYS I 2249 40.30 40.15 18.97
CA LYS I 2249 39.02 40.63 18.47
C LYS I 2249 39.04 40.74 16.95
N GLY I 2250 37.87 40.56 16.35
CA GLY I 2250 37.73 40.62 14.91
C GLY I 2250 37.90 39.31 14.19
N TYR I 2251 38.31 38.26 14.88
CA TYR I 2251 38.44 36.94 14.26
C TYR I 2251 37.08 36.27 14.20
N LEU I 2252 36.69 35.81 13.02
CA LEU I 2252 35.38 35.23 12.79
C LEU I 2252 35.51 33.90 12.08
N PRO I 2253 34.55 32.99 12.27
CA PRO I 2253 34.59 31.72 11.51
C PRO I 2253 34.48 31.91 10.01
N SER I 2254 33.89 33.01 9.55
CA SER I 2254 33.78 33.29 8.12
C SER I 2254 35.06 33.85 7.53
N HIS I 2255 36.08 34.12 8.35
CA HIS I 2255 37.33 34.65 7.84
C HIS I 2255 38.08 33.63 6.98
N TYR I 2256 38.03 32.36 7.36
CA TYR I 2256 38.76 31.31 6.68
C TYR I 2256 37.80 30.39 5.92
N GLU I 2257 38.25 29.92 4.76
CA GLU I 2257 37.47 29.01 3.93
C GLU I 2257 38.39 27.92 3.42
N ARG I 2258 38.04 26.67 3.73
CA ARG I 2258 38.84 25.55 3.26
C ARG I 2258 38.71 25.39 1.75
N VAL I 2259 39.81 24.98 1.12
CA VAL I 2259 39.85 24.78 -0.33
C VAL I 2259 40.33 23.36 -0.62
N GLN I 2260 39.95 22.85 -1.78
CA GLN I 2260 40.33 21.49 -2.15
C GLN I 2260 41.83 21.40 -2.37
N MET I 2261 42.45 20.38 -1.78
CA MET I 2261 43.88 20.14 -1.93
C MET I 2261 44.10 18.66 -2.17
N LEU I 2262 44.74 18.33 -3.30
CA LEU I 2262 44.99 16.96 -3.69
C LEU I 2262 46.48 16.75 -3.93
N LEU I 2263 47.02 15.71 -3.32
CA LEU I 2263 48.41 15.34 -3.57
C LEU I 2263 48.52 14.58 -4.89
N SER I 2264 49.73 14.50 -5.42
CA SER I 2264 49.98 13.81 -6.68
C SER I 2264 51.39 13.26 -6.69
N ASP I 2265 51.61 12.30 -7.57
CA ASP I 2265 52.91 11.67 -7.77
C ASP I 2265 53.33 11.71 -9.24
N ARG I 2266 52.96 12.78 -9.93
CA ARG I 2266 53.27 12.94 -11.34
C ARG I 2266 54.29 14.03 -11.62
N PHE I 2267 54.24 15.13 -10.87
CA PHE I 2267 55.20 16.23 -11.04
C PHE I 2267 55.97 16.41 -9.75
N LEU I 2268 57.29 16.47 -9.85
CA LEU I 2268 58.15 16.67 -8.70
C LEU I 2268 58.27 18.14 -8.36
N GLY I 2269 58.44 18.43 -7.08
CA GLY I 2269 58.52 19.78 -6.58
C GLY I 2269 59.96 20.25 -6.41
N PHE I 2270 60.13 21.57 -6.36
CA PHE I 2270 61.43 22.19 -6.17
C PHE I 2270 61.53 22.79 -4.77
N PHE I 2271 62.73 22.78 -4.22
CA PHE I 2271 63.00 23.30 -2.90
C PHE I 2271 64.05 24.41 -2.99
N MET I 2272 63.79 25.51 -2.28
CA MET I 2272 64.68 26.66 -2.26
C MET I 2272 65.07 26.96 -0.82
N VAL I 2273 66.37 27.13 -0.59
CA VAL I 2273 66.89 27.38 0.75
C VAL I 2273 67.74 28.65 0.71
N PRO I 2274 67.86 29.38 1.81
CA PRO I 2274 68.67 30.60 1.80
C PRO I 2274 70.13 30.30 1.46
N ALA I 2275 70.73 31.19 0.67
CA ALA I 2275 72.10 30.97 0.22
C ALA I 2275 73.10 31.23 1.34
N GLN I 2276 72.86 32.24 2.17
CA GLN I 2276 73.82 32.60 3.21
C GLN I 2276 73.67 31.71 4.43
N SER I 2277 72.51 31.76 5.08
CA SER I 2277 72.25 31.01 6.29
C SER I 2277 71.28 29.87 6.01
N SER I 2278 70.97 29.11 7.04
CA SER I 2278 70.03 28.01 6.94
C SER I 2278 68.61 28.50 7.23
N TRP I 2279 67.63 27.73 6.74
CA TRP I 2279 66.23 28.09 6.98
C TRP I 2279 65.87 28.02 8.45
N ASN I 2280 66.53 27.15 9.21
CA ASN I 2280 66.24 26.99 10.63
C ASN I 2280 66.79 28.18 11.41
N TYR I 2281 65.94 28.79 12.23
CA TYR I 2281 66.36 29.92 13.07
C TYR I 2281 65.79 29.84 14.48
N ASN I 2282 65.05 28.79 14.82
CA ASN I 2282 64.48 28.67 16.15
C ASN I 2282 65.54 28.47 17.23
N PHE I 2283 66.70 27.93 16.87
CA PHE I 2283 67.77 27.70 17.84
C PHE I 2283 68.54 28.97 18.16
N MET I 2284 68.34 30.05 17.41
CA MET I 2284 69.03 31.31 17.69
C MET I 2284 68.09 32.44 17.31
N GLY I 2285 67.35 32.95 18.30
CA GLY I 2285 66.45 34.06 18.07
C GLY I 2285 67.11 35.41 17.98
N VAL I 2286 68.34 35.54 18.48
CA VAL I 2286 69.05 36.82 18.39
C VAL I 2286 69.46 37.10 16.95
N ARG I 2287 69.94 36.07 16.24
CA ARG I 2287 70.38 36.27 14.87
C ARG I 2287 69.23 36.61 13.93
N HIS I 2288 68.04 36.06 14.18
CA HIS I 2288 66.89 36.33 13.34
C HIS I 2288 66.46 37.79 13.46
N ASP I 2289 66.19 38.41 12.33
CA ASP I 2289 65.74 39.80 12.29
C ASP I 2289 64.48 39.89 11.43
N PRO I 2290 63.42 40.53 11.91
CA PRO I 2290 62.18 40.61 11.11
C PRO I 2290 62.34 41.36 9.80
N ASN I 2291 63.32 42.26 9.70
CA ASN I 2291 63.53 43.03 8.47
C ASN I 2291 64.77 42.60 7.71
N MET I 2292 65.38 41.49 8.09
CA MET I 2292 66.60 41.04 7.43
C MET I 2292 66.29 40.53 6.03
N LYS I 2293 67.09 40.95 5.04
CA LYS I 2293 66.94 40.45 3.69
C LYS I 2293 67.49 39.04 3.57
N TYR I 2294 66.92 38.28 2.63
CA TYR I 2294 67.31 36.90 2.42
C TYR I 2294 67.55 36.65 0.93
N GLU I 2295 68.51 35.78 0.64
CA GLU I 2295 68.85 35.38 -0.72
C GLU I 2295 68.68 33.87 -0.83
N LEU I 2296 67.69 33.43 -1.61
CA LEU I 2296 67.38 32.02 -1.75
C LEU I 2296 68.01 31.45 -3.02
N GLN I 2297 68.22 30.13 -3.00
CA GLN I 2297 68.78 29.42 -4.14
C GLN I 2297 68.31 27.97 -4.09
N LEU I 2298 68.40 27.30 -5.24
CA LEU I 2298 67.90 25.94 -5.38
C LEU I 2298 68.78 24.99 -4.58
N ALA I 2299 68.28 24.56 -3.42
CA ALA I 2299 69.00 23.63 -2.57
C ALA I 2299 68.00 22.90 -1.67
N ASN I 2300 68.46 21.77 -1.14
CA ASN I 2300 67.62 20.97 -0.24
C ASN I 2300 67.77 21.48 1.18
N PRO I 2301 66.68 21.88 1.84
CA PRO I 2301 66.79 22.38 3.22
C PRO I 2301 67.22 21.29 4.19
N LYS I 2302 67.87 21.71 5.27
CA LYS I 2302 68.32 20.80 6.30
C LYS I 2302 67.23 20.64 7.37
N GLU I 2303 67.39 19.63 8.22
CA GLU I 2303 66.43 19.35 9.27
C GLU I 2303 66.49 20.43 10.35
N PHE I 2304 65.40 20.50 11.12
CA PHE I 2304 65.34 21.48 12.22
C PHE I 2304 66.41 21.20 13.26
N TYR I 2305 66.60 19.93 13.61
CA TYR I 2305 67.64 19.54 14.57
C TYR I 2305 68.95 19.17 13.88
N HIS I 2306 69.44 20.08 13.04
CA HIS I 2306 70.69 19.87 12.32
C HIS I 2306 71.84 20.49 13.07
N GLU I 2307 73.06 20.04 12.73
CA GLU I 2307 74.25 20.56 13.40
C GLU I 2307 74.43 22.06 13.13
N VAL I 2308 74.23 22.47 11.87
CA VAL I 2308 74.36 23.88 11.53
C VAL I 2308 73.17 24.71 11.99
N HIS I 2309 72.06 24.07 12.39
CA HIS I 2309 70.88 24.81 12.82
C HIS I 2309 71.06 25.38 14.22
N ARG I 2310 71.90 24.77 15.06
CA ARG I 2310 72.10 25.19 16.43
C ARG I 2310 73.59 25.39 16.67
N PRO I 2311 74.16 26.52 16.23
CA PRO I 2311 75.58 26.78 16.48
C PRO I 2311 75.93 26.89 17.95
N SER I 2312 75.02 27.38 18.78
CA SER I 2312 75.31 27.54 20.20
C SER I 2312 75.53 26.19 20.88
N HIS I 2313 74.71 25.19 20.54
CA HIS I 2313 74.87 23.87 21.12
C HIS I 2313 76.08 23.12 20.57
N PHE I 2314 76.64 23.59 19.45
CA PHE I 2314 77.78 22.92 18.83
C PHE I 2314 79.10 23.53 19.29
N LEU I 2315 79.28 24.83 19.07
CA LEU I 2315 80.54 25.51 19.42
C LEU I 2315 80.41 26.15 20.80
N ASN I 2316 80.43 25.30 21.82
CA ASN I 2316 80.37 25.74 23.19
C ASN I 2316 81.43 25.13 24.09
N PHE I 2317 81.92 23.93 23.80
CA PHE I 2317 82.93 23.30 24.64
C PHE I 2317 84.30 23.95 24.41
N ALA I 2318 85.11 23.94 25.47
CA ALA I 2318 86.45 24.51 25.43
C ALA I 2318 87.46 23.45 24.99
N LEU I 2319 88.57 23.91 24.42
CA LEU I 2319 89.62 23.02 23.95
C LEU I 2319 90.40 22.43 25.13
N VAL I 2325 95.72 13.86 27.74
CA VAL I 2325 96.60 13.46 26.65
C VAL I 2325 97.67 12.50 27.16
N TYR I 2326 97.36 11.79 28.23
CA TYR I 2326 98.27 10.83 28.84
C TYR I 2326 97.63 9.45 28.97
N SER I 2327 96.73 9.11 28.05
CA SER I 2327 96.06 7.83 28.06
C SER I 2327 96.80 6.84 27.16
N ALA I 2328 96.20 5.67 26.96
CA ALA I 2328 96.81 4.64 26.13
C ALA I 2328 96.71 5.03 24.66
N ASP I 2329 97.84 5.32 24.03
CA ASP I 2329 97.88 5.73 22.63
C ASP I 2329 98.34 4.54 21.79
N ARG I 2330 97.38 3.89 21.13
CA ARG I 2330 97.67 2.78 20.25
C ARG I 2330 97.86 3.30 18.83
N GLU I 2331 99.07 3.14 18.29
CA GLU I 2331 99.42 3.64 16.98
C GLU I 2331 99.49 2.50 15.97
N ASP I 2332 99.19 2.82 14.71
CA ASP I 2332 99.25 1.87 13.61
C ASP I 2332 98.35 0.65 13.87
N LEU I 2333 97.07 0.92 14.05
CA LEU I 2333 96.08 -0.11 14.33
C LEU I 2333 95.55 -0.68 13.00
N TYR I 2334 94.51 -1.50 13.09
CA TYR I 2334 93.92 -2.12 11.90
C TYR I 2334 92.79 -1.23 11.36
N ALA I 2335 93.21 -0.15 10.72
CA ALA I 2335 92.27 0.81 10.14
C ALA I 2335 92.93 1.60 9.02
N GLU J 369 -3.76 -16.56 89.69
CA GLU J 369 -4.33 -17.64 90.48
C GLU J 369 -5.86 -17.61 90.41
N ASP J 370 -6.38 -17.60 89.19
CA ASP J 370 -7.83 -17.60 89.01
C ASP J 370 -8.41 -18.95 89.40
N PRO J 371 -9.38 -19.00 90.31
CA PRO J 371 -9.99 -20.28 90.71
C PRO J 371 -11.01 -20.78 89.68
N SER J 372 -10.50 -21.35 88.59
CA SER J 372 -11.35 -21.91 87.54
C SER J 372 -10.93 -23.29 87.07
N LEU J 373 -9.74 -23.76 87.44
CA LEU J 373 -9.25 -25.06 87.02
C LEU J 373 -9.60 -26.17 88.00
N LEU J 374 -10.40 -25.88 89.03
CA LEU J 374 -10.76 -26.86 90.04
C LEU J 374 -11.96 -27.71 89.66
N GLU J 375 -12.55 -27.49 88.48
CA GLU J 375 -13.72 -28.23 88.05
C GLU J 375 -13.42 -29.27 86.98
N TRP J 376 -12.38 -29.05 86.16
CA TRP J 376 -12.06 -29.96 85.07
C TRP J 376 -10.79 -30.77 85.30
N ASP J 377 -9.92 -30.33 86.21
CA ASP J 377 -8.67 -31.04 86.49
C ASP J 377 -8.98 -32.23 87.40
N ALA J 378 -9.01 -33.43 86.82
CA ALA J 378 -9.27 -34.67 87.54
C ALA J 378 -8.26 -35.74 87.12
N ASP J 379 -6.98 -35.35 87.10
CA ASP J 379 -5.90 -36.21 86.63
C ASP J 379 -6.15 -36.69 85.21
N ASP J 380 -6.72 -35.80 84.39
CA ASP J 380 -7.06 -36.08 83.01
C ASP J 380 -6.09 -35.36 82.08
N PHE J 381 -6.35 -35.46 80.79
CA PHE J 381 -5.54 -34.80 79.77
C PHE J 381 -6.24 -33.53 79.30
N ARG J 382 -5.55 -32.41 79.40
CA ARG J 382 -6.07 -31.12 78.98
C ARG J 382 -5.46 -30.74 77.64
N ILE J 383 -6.31 -30.48 76.66
CA ILE J 383 -5.88 -30.11 75.31
C ILE J 383 -6.28 -28.67 75.06
N PHE J 384 -5.32 -27.86 74.63
CA PHE J 384 -5.55 -26.48 74.26
C PHE J 384 -5.91 -26.41 72.78
N CYS J 385 -7.16 -26.04 72.49
CA CYS J 385 -7.65 -25.92 71.13
C CYS J 385 -7.75 -24.44 70.79
N GLY J 386 -6.82 -23.95 69.98
CA GLY J 386 -6.81 -22.59 69.54
C GLY J 386 -7.10 -22.44 68.06
N ASP J 387 -6.87 -21.22 67.57
CA ASP J 387 -7.09 -20.88 66.16
C ASP J 387 -8.52 -21.16 65.73
N LEU J 388 -9.45 -20.94 66.64
CA LEU J 388 -10.87 -21.13 66.38
C LEU J 388 -11.56 -19.78 66.17
N GLY J 389 -12.77 -19.84 65.63
CA GLY J 389 -13.55 -18.63 65.41
C GLY J 389 -13.85 -17.87 66.68
N ASN J 390 -13.62 -16.56 66.66
CA ASN J 390 -13.88 -15.74 67.84
C ASN J 390 -15.36 -15.70 68.18
N GLU J 391 -16.22 -15.59 67.17
CA GLU J 391 -17.66 -15.54 67.37
C GLU J 391 -18.33 -16.90 67.17
N VAL J 392 -17.56 -17.97 66.97
CA VAL J 392 -18.08 -19.30 66.74
C VAL J 392 -17.46 -20.26 67.74
N ASN J 393 -17.87 -21.52 67.65
CA ASN J 393 -17.37 -22.60 68.52
C ASN J 393 -17.61 -22.29 69.99
N ASP J 394 -18.74 -21.64 70.29
CA ASP J 394 -19.11 -21.37 71.67
C ASP J 394 -19.40 -22.67 72.40
N ASP J 395 -20.25 -23.52 71.83
CA ASP J 395 -20.57 -24.82 72.37
C ASP J 395 -20.20 -25.95 71.43
N ILE J 396 -19.63 -25.64 70.25
CA ILE J 396 -19.21 -26.70 69.33
C ILE J 396 -18.09 -27.52 69.95
N LEU J 397 -17.31 -26.92 70.85
CA LEU J 397 -16.29 -27.68 71.56
C LEU J 397 -16.92 -28.79 72.38
N ALA J 398 -18.11 -28.54 72.94
CA ALA J 398 -18.83 -29.59 73.65
C ALA J 398 -19.21 -30.72 72.72
N ARG J 399 -19.64 -30.40 71.50
CA ARG J 399 -19.94 -31.43 70.52
C ARG J 399 -18.69 -32.23 70.16
N ALA J 400 -17.55 -31.55 70.02
CA ALA J 400 -16.31 -32.26 69.72
C ALA J 400 -15.92 -33.19 70.87
N PHE J 401 -16.07 -32.71 72.10
CA PHE J 401 -15.75 -33.54 73.26
C PHE J 401 -16.67 -34.76 73.34
N SER J 402 -17.96 -34.55 73.08
CA SER J 402 -18.90 -35.67 73.06
C SER J 402 -18.53 -36.67 71.97
N ARG J 403 -18.08 -36.17 70.82
CA ARG J 403 -17.55 -37.06 69.79
C ARG J 403 -16.32 -37.79 70.28
N PHE J 404 -15.48 -37.12 71.05
CA PHE J 404 -14.32 -37.77 71.62
C PHE J 404 -14.75 -38.85 72.61
N PRO J 405 -13.98 -39.94 72.74
CA PRO J 405 -14.43 -41.04 73.62
C PRO J 405 -14.65 -40.62 75.07
N SER J 406 -13.80 -39.74 75.60
CA SER J 406 -13.89 -39.41 77.03
C SER J 406 -15.13 -38.56 77.32
N PHE J 407 -15.35 -37.50 76.54
CA PHE J 407 -16.50 -36.61 76.72
C PHE J 407 -16.62 -36.12 78.15
N LEU J 408 -15.51 -35.60 78.68
CA LEU J 408 -15.48 -35.13 80.07
C LEU J 408 -15.80 -33.64 80.18
N LYS J 409 -14.99 -32.79 79.55
CA LYS J 409 -15.21 -31.35 79.62
C LYS J 409 -14.65 -30.69 78.37
N ALA J 410 -15.27 -29.58 77.97
CA ALA J 410 -14.87 -28.85 76.78
C ALA J 410 -14.89 -27.35 77.04
N LYS J 411 -14.30 -26.92 78.15
CA LYS J 411 -14.42 -25.53 78.57
C LYS J 411 -13.77 -24.60 77.54
N VAL J 412 -14.38 -23.44 77.34
CA VAL J 412 -13.90 -22.44 76.39
C VAL J 412 -13.51 -21.20 77.16
N ILE J 413 -12.26 -20.77 77.02
CA ILE J 413 -11.79 -19.58 77.71
C ILE J 413 -12.34 -18.35 77.02
N ARG J 414 -13.16 -17.58 77.74
CA ARG J 414 -13.75 -16.35 77.22
C ARG J 414 -13.64 -15.26 78.27
N ASP J 415 -13.62 -14.02 77.80
CA ASP J 415 -13.51 -12.86 78.67
C ASP J 415 -14.90 -12.35 79.05
N LYS J 416 -15.06 -11.98 80.31
CA LYS J 416 -16.32 -11.42 80.79
C LYS J 416 -16.54 -10.04 80.22
N ARG J 417 -17.81 -9.72 79.93
CA ARG J 417 -18.20 -8.44 79.34
C ARG J 417 -17.48 -8.18 78.02
N THR J 418 -17.31 -9.23 77.21
CA THR J 418 -16.65 -9.12 75.91
C THR J 418 -17.54 -9.56 74.76
N GLY J 419 -18.38 -10.57 74.96
CA GLY J 419 -19.25 -11.05 73.91
C GLY J 419 -18.62 -12.02 72.95
N LYS J 420 -17.34 -12.34 73.10
CA LYS J 420 -16.64 -13.26 72.22
C LYS J 420 -15.64 -14.08 73.01
N THR J 421 -15.25 -15.21 72.43
CA THR J 421 -14.27 -16.07 73.08
C THR J 421 -12.87 -15.45 73.02
N LYS J 422 -12.00 -15.94 73.90
CA LYS J 422 -10.63 -15.46 73.99
C LYS J 422 -9.67 -16.25 73.10
N GLY J 423 -10.19 -17.18 72.30
CA GLY J 423 -9.35 -17.99 71.44
C GLY J 423 -9.24 -19.43 71.88
N TYR J 424 -8.08 -19.81 72.42
CA TYR J 424 -7.85 -21.19 72.83
C TYR J 424 -8.76 -21.59 73.99
N GLY J 425 -9.20 -22.85 73.97
CA GLY J 425 -10.01 -23.38 75.05
C GLY J 425 -9.40 -24.69 75.55
N PHE J 426 -9.85 -25.10 76.73
CA PHE J 426 -9.32 -26.28 77.40
C PHE J 426 -10.33 -27.41 77.34
N VAL J 427 -9.98 -28.49 76.66
CA VAL J 427 -10.81 -29.69 76.57
C VAL J 427 -10.18 -30.76 77.46
N SER J 428 -10.91 -31.19 78.48
CA SER J 428 -10.44 -32.18 79.43
C SER J 428 -11.03 -33.54 79.04
N PHE J 429 -10.15 -34.50 78.79
CA PHE J 429 -10.54 -35.86 78.43
C PHE J 429 -9.89 -36.83 79.41
N LYS J 430 -10.71 -37.74 79.96
CA LYS J 430 -10.19 -38.66 80.97
C LYS J 430 -9.24 -39.68 80.37
N ASP J 431 -9.61 -40.28 79.23
CA ASP J 431 -8.79 -41.32 78.62
C ASP J 431 -7.61 -40.67 77.92
N PRO J 432 -6.37 -40.99 78.31
CA PRO J 432 -5.21 -40.34 77.67
C PRO J 432 -4.94 -40.82 76.26
N SER J 433 -5.01 -42.14 76.00
CA SER J 433 -4.80 -42.63 74.65
C SER J 433 -5.89 -42.14 73.71
N ASP J 434 -7.14 -42.13 74.17
CA ASP J 434 -8.22 -41.59 73.37
C ASP J 434 -8.02 -40.10 73.09
N TYR J 435 -7.54 -39.35 74.10
CA TYR J 435 -7.26 -37.93 73.89
C TYR J 435 -6.16 -37.74 72.84
N VAL J 436 -5.12 -38.57 72.90
CA VAL J 436 -4.03 -38.46 71.91
C VAL J 436 -4.54 -38.80 70.52
N ARG J 437 -5.36 -39.84 70.40
CA ARG J 437 -5.91 -40.22 69.10
C ARG J 437 -6.80 -39.11 68.55
N ALA J 438 -7.64 -38.52 69.40
CA ALA J 438 -8.50 -37.43 68.96
C ALA J 438 -7.68 -36.21 68.54
N MET J 439 -6.62 -35.90 69.28
CA MET J 439 -5.75 -34.79 68.90
C MET J 439 -5.08 -35.05 67.57
N ARG J 440 -4.67 -36.30 67.32
CA ARG J 440 -4.09 -36.65 66.01
C ARG J 440 -5.14 -36.51 64.91
N GLU J 441 -6.37 -36.91 65.18
CA GLU J 441 -7.42 -36.83 64.15
C GLU J 441 -7.93 -35.42 63.97
N MET J 442 -8.02 -34.64 65.05
CA MET J 442 -8.63 -33.31 65.01
C MET J 442 -7.61 -32.20 64.83
N ASN J 443 -6.34 -32.54 64.57
CA ASN J 443 -5.31 -31.53 64.34
C ASN J 443 -5.54 -30.89 62.99
N GLY J 444 -5.95 -29.62 62.99
CA GLY J 444 -6.26 -28.92 61.76
C GLY J 444 -7.64 -29.20 61.20
N LYS J 445 -8.47 -29.95 61.92
CA LYS J 445 -9.82 -30.23 61.45
C LYS J 445 -10.66 -28.95 61.45
N TYR J 446 -11.45 -28.78 60.40
CA TYR J 446 -12.28 -27.58 60.25
C TYR J 446 -13.44 -27.66 61.23
N VAL J 447 -13.31 -26.97 62.36
CA VAL J 447 -14.36 -26.92 63.38
C VAL J 447 -14.88 -25.50 63.43
N GLY J 448 -16.18 -25.34 63.18
CA GLY J 448 -16.79 -24.03 63.15
C GLY J 448 -16.48 -23.28 61.87
N SER J 449 -15.68 -22.21 61.98
CA SER J 449 -15.30 -21.41 60.82
C SER J 449 -13.81 -21.39 60.56
N ARG J 450 -13.01 -22.04 61.40
CA ARG J 450 -11.56 -22.06 61.24
C ARG J 450 -11.02 -23.38 61.78
N PRO J 451 -9.95 -23.91 61.21
CA PRO J 451 -9.38 -25.17 61.74
C PRO J 451 -8.79 -24.95 63.12
N ILE J 452 -9.25 -25.75 64.07
CA ILE J 452 -8.78 -25.66 65.45
C ILE J 452 -7.47 -26.42 65.59
N LYS J 453 -6.45 -25.75 66.10
CA LYS J 453 -5.14 -26.37 66.34
C LYS J 453 -5.10 -26.85 67.78
N LEU J 454 -4.85 -28.14 67.97
CA LEU J 454 -4.85 -28.76 69.30
C LEU J 454 -3.42 -29.04 69.74
N ARG J 455 -3.09 -28.60 70.95
CA ARG J 455 -1.78 -28.83 71.54
C ARG J 455 -1.97 -29.19 73.01
N LYS J 456 -0.85 -29.36 73.72
CA LYS J 456 -0.89 -29.74 75.12
C LYS J 456 -1.00 -28.50 76.00
N SER J 457 -1.87 -28.58 77.01
CA SER J 457 -2.03 -27.48 77.95
C SER J 457 -0.83 -27.38 78.87
N MET J 458 -0.46 -26.13 79.20
CA MET J 458 0.73 -25.90 80.02
C MET J 458 0.44 -26.10 81.50
N TRP J 459 -0.48 -25.28 82.05
CA TRP J 459 -0.85 -25.35 83.46
C TRP J 459 0.36 -25.12 84.36
N LYS J 460 0.93 -23.92 84.27
CA LYS J 460 2.08 -23.53 85.08
C LYS J 460 1.57 -22.76 86.30
N ASP J 461 1.46 -23.47 87.42
CA ASP J 461 0.92 -22.91 88.65
C ASP J 461 2.06 -22.44 89.55
N ARG J 462 1.69 -21.97 90.75
CA ARG J 462 2.68 -21.49 91.71
C ARG J 462 3.60 -22.61 92.17
N ASN J 463 3.02 -23.78 92.46
CA ASN J 463 3.85 -24.93 92.84
C ASN J 463 4.75 -25.36 91.68
N LEU J 464 4.21 -25.36 90.46
CA LEU J 464 5.02 -25.66 89.29
C LEU J 464 6.12 -24.64 89.09
N ASP J 465 5.82 -23.35 89.29
CA ASP J 465 6.85 -22.33 89.16
C ASP J 465 7.95 -22.50 90.21
N VAL J 466 7.56 -22.84 91.45
CA VAL J 466 8.55 -23.06 92.50
C VAL J 466 9.42 -24.27 92.18
N VAL J 467 8.81 -25.34 91.67
CA VAL J 467 9.57 -26.53 91.29
C VAL J 467 10.52 -26.21 90.15
N ARG J 468 10.07 -25.43 89.17
CA ARG J 468 10.93 -25.04 88.07
C ARG J 468 12.10 -24.18 88.55
N LYS J 469 11.83 -23.27 89.49
CA LYS J 469 12.91 -22.47 90.06
C LYS J 469 13.91 -23.34 90.82
N LYS J 470 13.41 -24.32 91.58
CA LYS J 470 14.29 -25.22 92.31
C LYS J 470 15.16 -26.05 91.36
N GLN J 471 14.56 -26.54 90.27
CA GLN J 471 15.32 -27.33 89.31
C GLN J 471 16.23 -26.47 88.43
N LYS J 472 15.97 -25.16 88.34
CA LYS J 472 16.81 -24.30 87.52
C LYS J 472 18.16 -24.06 88.18
N GLU J 473 18.18 -23.87 89.50
CA GLU J 473 19.43 -23.67 90.23
C GLU J 473 20.21 -24.95 90.43
N LYS J 474 19.62 -26.11 90.14
CA LYS J 474 20.31 -27.38 90.31
C LYS J 474 20.22 -28.22 89.04
N VAL K 18 -36.66 -27.16 46.74
CA VAL K 18 -35.84 -26.15 47.39
C VAL K 18 -35.35 -25.13 46.37
N PRO K 19 -35.47 -23.83 46.72
CA PRO K 19 -34.95 -22.80 45.83
C PRO K 19 -33.44 -22.64 45.94
N GLY K 20 -32.89 -21.62 45.28
CA GLY K 20 -31.47 -21.34 45.39
C GLY K 20 -31.06 -20.77 46.74
N LEU K 21 -32.00 -20.28 47.53
CA LEU K 21 -31.69 -19.73 48.85
C LEU K 21 -31.55 -20.83 49.90
N GLY K 22 -31.97 -22.06 49.60
CA GLY K 22 -31.82 -23.15 50.54
C GLY K 22 -30.38 -23.43 50.92
N ARG K 23 -29.43 -23.04 50.08
CA ARG K 23 -28.02 -23.09 50.45
C ARG K 23 -27.65 -22.04 51.48
N GLY K 24 -28.55 -21.11 51.78
CA GLY K 24 -28.21 -20.01 52.67
C GLY K 24 -27.36 -18.94 52.04
N ALA K 25 -27.32 -18.89 50.72
CA ALA K 25 -26.47 -17.94 50.00
C ALA K 25 -27.25 -16.68 49.65
N THR K 26 -26.50 -15.59 49.47
CA THR K 26 -27.06 -14.31 49.07
C THR K 26 -26.25 -13.76 47.91
N GLY K 27 -26.92 -12.98 47.05
CA GLY K 27 -26.23 -12.38 45.93
C GLY K 27 -25.22 -11.35 46.38
N PHE K 28 -24.07 -11.33 45.69
CA PHE K 28 -23.01 -10.39 46.02
C PHE K 28 -23.37 -8.97 45.56
N ASP K 72 -34.71 -12.88 29.71
CA ASP K 72 -33.30 -13.25 29.77
C ASP K 72 -32.41 -12.05 29.47
N LEU K 73 -31.78 -11.51 30.51
CA LEU K 73 -30.95 -10.33 30.32
C LEU K 73 -29.55 -10.69 29.83
N ASN K 74 -29.33 -11.97 29.57
CA ASN K 74 -28.02 -12.41 29.11
C ASN K 74 -27.66 -11.67 27.83
N ASP K 75 -26.38 -11.33 27.69
CA ASP K 75 -25.93 -10.62 26.50
C ASP K 75 -26.35 -11.41 25.29
N THR K 76 -26.37 -12.73 25.42
CA THR K 76 -26.77 -13.59 24.31
C THR K 76 -28.18 -13.26 23.85
N ASN K 77 -29.07 -12.97 24.80
CA ASN K 77 -30.46 -12.70 24.46
C ASN K 77 -30.67 -11.27 23.96
N TYR K 78 -29.62 -10.46 23.99
CA TYR K 78 -29.76 -9.07 23.58
C TYR K 78 -29.02 -8.75 22.30
N ASP K 79 -29.66 -8.00 21.41
CA ASP K 79 -29.01 -7.59 20.17
C ASP K 79 -29.13 -6.08 20.04
N GLU K 80 -28.04 -5.43 19.63
CA GLU K 80 -28.07 -3.97 19.56
C GLU K 80 -29.28 -3.49 18.78
N PHE K 81 -29.57 -4.13 17.65
CA PHE K 81 -30.81 -3.89 16.92
C PHE K 81 -31.84 -4.93 17.34
N ASN K 82 -33.10 -4.51 17.33
CA ASN K 82 -34.26 -5.26 17.82
C ASN K 82 -34.24 -5.45 19.34
N GLY K 83 -33.24 -4.91 20.04
CA GLY K 83 -33.20 -5.03 21.49
C GLY K 83 -33.05 -6.46 21.93
N TYR K 84 -33.75 -6.80 23.02
CA TYR K 84 -33.72 -8.16 23.54
C TYR K 84 -34.62 -9.06 22.71
N ALA K 85 -34.12 -10.24 22.37
CA ALA K 85 -34.89 -11.20 21.61
C ALA K 85 -36.05 -11.74 22.46
N GLY K 86 -37.12 -12.12 21.78
CA GLY K 86 -38.29 -12.66 22.46
C GLY K 86 -39.46 -11.70 22.47
N SER K 87 -40.61 -12.17 21.99
CA SER K 87 -41.81 -11.34 21.94
C SER K 87 -42.32 -11.05 23.35
N LEU K 88 -42.71 -9.79 23.57
CA LEU K 88 -43.22 -9.39 24.88
C LEU K 88 -44.64 -9.87 25.10
N PHE K 89 -45.35 -10.28 24.05
CA PHE K 89 -46.72 -10.76 24.14
C PHE K 89 -46.82 -12.22 23.71
N SER K 90 -45.86 -13.04 24.16
CA SER K 90 -45.86 -14.45 23.80
C SER K 90 -47.10 -15.16 24.36
N SER K 91 -47.49 -14.83 25.59
CA SER K 91 -48.67 -15.41 26.20
C SER K 91 -49.58 -14.29 26.70
N GLY K 92 -50.88 -14.56 26.69
CA GLY K 92 -51.86 -13.59 27.13
C GLY K 92 -53.27 -14.02 26.80
N PRO K 93 -54.19 -13.04 26.77
CA PRO K 93 -55.59 -13.36 26.45
C PRO K 93 -55.79 -13.72 24.99
N TYR K 94 -55.50 -14.96 24.64
CA TYR K 94 -55.61 -15.44 23.27
C TYR K 94 -56.92 -16.21 23.12
N GLU K 95 -57.77 -15.76 22.19
CA GLU K 95 -59.04 -16.43 21.92
C GLU K 95 -59.27 -16.53 20.41
N LYS K 96 -60.50 -16.86 20.01
CA LYS K 96 -60.79 -17.03 18.59
C LYS K 96 -60.60 -15.73 17.83
N ASP K 97 -60.96 -14.59 18.43
CA ASP K 97 -60.77 -13.31 17.76
C ASP K 97 -59.29 -12.99 17.61
N ASP K 98 -58.48 -13.30 18.63
CA ASP K 98 -57.04 -13.10 18.52
C ASP K 98 -56.45 -13.97 17.42
N GLU K 99 -56.91 -15.22 17.32
CA GLU K 99 -56.44 -16.09 16.25
C GLU K 99 -56.83 -15.55 14.89
N GLU K 100 -58.05 -15.02 14.77
CA GLU K 100 -58.49 -14.43 13.50
C GLU K 100 -57.63 -13.23 13.14
N ALA K 101 -57.34 -12.36 14.13
CA ALA K 101 -56.51 -11.20 13.86
C ALA K 101 -55.10 -11.61 13.42
N ASP K 102 -54.52 -12.60 14.11
CA ASP K 102 -53.20 -13.07 13.73
C ASP K 102 -53.21 -13.66 12.33
N ALA K 103 -54.27 -14.41 11.98
CA ALA K 103 -54.37 -14.97 10.64
C ALA K 103 -54.47 -13.86 9.60
N ILE K 104 -55.27 -12.83 9.87
CA ILE K 104 -55.42 -11.73 8.91
C ILE K 104 -54.09 -11.02 8.70
N TYR K 105 -53.37 -10.74 9.80
CA TYR K 105 -52.11 -10.00 9.66
C TYR K 105 -51.04 -10.86 9.01
N ALA K 106 -51.03 -12.17 9.28
CA ALA K 106 -50.11 -13.06 8.59
C ALA K 106 -50.42 -13.13 7.10
N ALA K 107 -51.71 -13.15 6.74
CA ALA K 107 -52.09 -13.12 5.33
C ALA K 107 -51.65 -11.83 4.67
N LEU K 108 -51.76 -10.71 5.39
CA LEU K 108 -51.28 -9.43 4.86
C LEU K 108 -49.78 -9.45 4.64
N ASP K 109 -49.04 -10.02 5.60
CA ASP K 109 -47.58 -10.12 5.43
C ASP K 109 -47.22 -11.00 4.25
N LYS K 110 -47.93 -12.12 4.08
CA LYS K 110 -47.69 -12.98 2.93
C LYS K 110 -48.00 -12.25 1.62
N ARG K 111 -49.10 -11.49 1.60
CA ARG K 111 -49.44 -10.73 0.40
C ARG K 111 -48.37 -9.70 0.08
N MET K 112 -47.84 -9.04 1.10
CA MET K 112 -46.75 -8.09 0.88
C MET K 112 -45.51 -8.80 0.34
N ASP K 113 -45.19 -9.98 0.89
CA ASP K 113 -44.04 -10.72 0.40
C ASP K 113 -44.26 -11.27 -1.01
N GLU K 114 -45.51 -11.36 -1.47
CA GLU K 114 -45.78 -11.85 -2.81
C GLU K 114 -45.19 -10.96 -3.89
N ARG K 115 -44.78 -9.73 -3.55
CA ARG K 115 -44.27 -8.80 -4.55
C ARG K 115 -43.10 -9.40 -5.32
N ARG K 116 -42.16 -10.00 -4.60
CA ARG K 116 -40.98 -10.61 -5.22
C ARG K 116 -40.78 -12.03 -4.72
N LYS K 117 -41.86 -12.70 -4.32
CA LYS K 117 -41.74 -14.00 -3.65
C LYS K 117 -41.08 -15.03 -4.55
N GLU K 118 -41.50 -15.11 -5.82
CA GLU K 118 -40.99 -16.16 -6.70
C GLU K 118 -39.49 -16.02 -6.91
N ARG K 119 -39.03 -14.83 -7.31
CA ARG K 119 -37.61 -14.65 -7.61
C ARG K 119 -36.77 -14.72 -6.34
N ARG K 120 -37.28 -14.15 -5.25
CA ARG K 120 -36.52 -14.19 -3.99
C ARG K 120 -36.35 -15.63 -3.51
N GLU K 121 -37.41 -16.43 -3.56
CA GLU K 121 -37.30 -17.81 -3.12
C GLU K 121 -36.43 -18.63 -4.06
N GLN K 122 -36.50 -18.35 -5.37
CA GLN K 122 -35.63 -19.05 -6.31
C GLN K 122 -34.17 -18.75 -6.03
N ARG K 123 -33.84 -17.47 -5.82
CA ARG K 123 -32.46 -17.10 -5.52
C ARG K 123 -32.01 -17.68 -4.19
N GLU K 124 -32.89 -17.70 -3.18
CA GLU K 124 -32.53 -18.28 -1.90
C GLU K 124 -32.24 -19.77 -2.03
N LYS K 125 -33.07 -20.49 -2.77
CA LYS K 125 -32.84 -21.92 -2.97
C LYS K 125 -31.54 -22.17 -3.72
N GLU K 126 -31.29 -21.40 -4.79
CA GLU K 126 -30.04 -21.58 -5.53
C GLU K 126 -28.83 -21.27 -4.66
N GLU K 127 -28.90 -20.18 -3.88
CA GLU K 127 -27.78 -19.80 -3.03
C GLU K 127 -27.49 -20.84 -1.96
N ILE K 128 -28.54 -21.34 -1.30
CA ILE K 128 -28.32 -22.33 -0.25
C ILE K 128 -27.83 -23.64 -0.85
N GLU K 129 -28.33 -24.02 -2.02
CA GLU K 129 -27.86 -25.24 -2.67
C GLU K 129 -26.39 -25.13 -3.02
N LYS K 130 -25.97 -24.00 -3.59
CA LYS K 130 -24.57 -23.83 -3.94
C LYS K 130 -23.68 -23.72 -2.70
N TYR K 131 -24.17 -23.10 -1.64
CA TYR K 131 -23.41 -23.00 -0.40
C TYR K 131 -23.19 -24.38 0.21
N ARG K 132 -24.24 -25.20 0.25
CA ARG K 132 -24.09 -26.55 0.78
C ARG K 132 -23.19 -27.41 -0.10
N MET K 133 -23.31 -27.26 -1.43
CA MET K 133 -22.47 -28.04 -2.34
C MET K 133 -21.00 -27.66 -2.19
N GLU K 134 -20.71 -26.36 -2.08
CA GLU K 134 -19.32 -25.92 -1.98
C GLU K 134 -18.74 -26.27 -0.61
N ARG K 135 -19.32 -25.73 0.46
CA ARG K 135 -18.86 -26.02 1.81
C ARG K 135 -19.82 -26.99 2.46
N PRO K 136 -19.44 -28.25 2.66
CA PRO K 136 -20.32 -29.18 3.37
C PRO K 136 -20.08 -29.14 4.87
N LYS K 137 -21.16 -29.25 5.63
CA LYS K 137 -21.05 -29.30 7.08
C LYS K 137 -20.30 -30.55 7.49
N ILE K 138 -19.53 -30.44 8.58
CA ILE K 138 -18.68 -31.54 9.02
C ILE K 138 -19.51 -32.78 9.32
N GLN K 139 -20.73 -32.59 9.84
CA GLN K 139 -21.60 -33.74 10.06
C GLN K 139 -21.96 -34.42 8.74
N GLN K 140 -22.16 -33.63 7.68
CA GLN K 140 -22.40 -34.21 6.36
C GLN K 140 -21.18 -34.99 5.87
N GLN K 141 -19.98 -34.46 6.12
CA GLN K 141 -18.77 -35.13 5.66
C GLN K 141 -18.56 -36.44 6.42
N PHE K 142 -18.91 -36.49 7.69
CA PHE K 142 -18.71 -37.69 8.49
C PHE K 142 -19.93 -38.61 8.51
N SER K 143 -21.04 -38.23 7.88
CA SER K 143 -22.21 -39.10 7.85
C SER K 143 -21.94 -40.41 7.11
N ASP K 144 -21.12 -40.37 6.05
CA ASP K 144 -20.82 -41.59 5.32
C ASP K 144 -20.13 -42.61 6.22
N LEU K 145 -19.09 -42.18 6.95
CA LEU K 145 -18.39 -43.07 7.86
C LEU K 145 -19.28 -43.45 9.05
N LYS K 146 -20.16 -42.54 9.47
CA LYS K 146 -21.08 -42.85 10.55
C LYS K 146 -22.02 -43.99 10.16
N ARG K 147 -22.53 -43.95 8.94
CA ARG K 147 -23.45 -45.00 8.48
C ARG K 147 -22.70 -46.29 8.18
N LYS K 148 -21.49 -46.20 7.62
CA LYS K 148 -20.68 -47.39 7.43
C LYS K 148 -20.21 -47.98 8.76
N LEU K 149 -20.27 -47.21 9.84
CA LEU K 149 -19.89 -47.68 11.16
C LEU K 149 -21.00 -48.47 11.84
N ALA K 150 -22.22 -48.42 11.32
CA ALA K 150 -23.31 -49.17 11.94
C ALA K 150 -23.07 -50.67 11.88
N GLU K 151 -22.47 -51.15 10.80
CA GLU K 151 -22.21 -52.58 10.61
C GLU K 151 -21.05 -52.99 11.52
N VAL K 152 -21.38 -53.22 12.79
CA VAL K 152 -20.41 -53.67 13.77
C VAL K 152 -21.14 -54.45 14.85
N THR K 153 -20.55 -55.57 15.26
CA THR K 153 -21.15 -56.41 16.29
C THR K 153 -20.92 -55.81 17.67
N GLU K 154 -21.86 -56.07 18.58
CA GLU K 154 -21.73 -55.60 19.95
C GLU K 154 -20.59 -56.29 20.68
N GLU K 155 -20.17 -57.47 20.23
CA GLU K 155 -19.03 -58.14 20.85
C GLU K 155 -17.73 -57.39 20.58
N GLU K 156 -17.60 -56.78 19.40
CA GLU K 156 -16.41 -56.01 19.06
C GLU K 156 -16.28 -54.74 19.87
N TRP K 157 -17.39 -54.18 20.36
CA TRP K 157 -17.32 -52.96 21.16
C TRP K 157 -16.58 -53.19 22.46
N LEU K 158 -16.82 -54.33 23.12
CA LEU K 158 -16.08 -54.64 24.33
C LEU K 158 -14.60 -54.89 24.06
N SER K 159 -14.22 -55.17 22.81
CA SER K 159 -12.86 -55.50 22.46
C SER K 159 -11.98 -54.28 22.21
N ILE K 160 -12.52 -53.07 22.31
CA ILE K 160 -11.75 -51.86 22.06
C ILE K 160 -10.71 -51.69 23.16
N PRO K 161 -9.43 -51.68 22.84
CA PRO K 161 -8.39 -51.61 23.87
C PRO K 161 -8.18 -50.17 24.33
N GLU K 162 -7.22 -50.00 25.23
CA GLU K 162 -6.75 -48.68 25.62
C GLU K 162 -5.50 -48.33 24.81
N VAL K 163 -4.85 -47.24 25.20
CA VAL K 163 -3.65 -46.79 24.50
C VAL K 163 -2.38 -47.17 25.28
N GLY K 164 -2.46 -48.17 26.15
CA GLY K 164 -1.33 -48.54 26.97
C GLY K 164 -0.22 -49.26 26.23
N ASP K 165 -0.52 -49.88 25.10
CA ASP K 165 0.49 -50.58 24.32
C ASP K 165 1.43 -49.61 23.62
N GLY K 236 4.63 -55.49 -8.66
CA GLY K 236 5.00 -55.74 -7.28
C GLY K 236 5.37 -54.48 -6.52
N GLU K 237 6.37 -54.59 -5.65
CA GLU K 237 6.85 -53.48 -4.85
C GLU K 237 8.35 -53.30 -5.06
N LEU K 238 8.79 -52.05 -5.15
CA LEU K 238 10.19 -51.71 -5.33
C LEU K 238 10.71 -50.97 -4.12
N ASP K 239 11.80 -51.47 -3.54
CA ASP K 239 12.46 -50.79 -2.44
C ASP K 239 13.14 -49.54 -2.97
N MET K 240 12.76 -48.38 -2.42
CA MET K 240 13.29 -47.12 -2.94
C MET K 240 14.72 -46.86 -2.48
N ARG K 241 15.17 -47.53 -1.42
CA ARG K 241 16.49 -47.24 -0.87
C ARG K 241 17.60 -47.84 -1.71
N LYS K 242 17.33 -48.94 -2.43
CA LYS K 242 18.41 -49.68 -3.07
C LYS K 242 19.04 -48.88 -4.21
N ILE K 243 18.22 -48.21 -5.02
CA ILE K 243 18.76 -47.44 -6.13
C ILE K 243 19.55 -46.25 -5.62
N GLY K 244 19.05 -45.60 -4.56
CA GLY K 244 19.80 -44.50 -3.96
C GLY K 244 21.13 -44.95 -3.42
N GLN K 245 21.15 -46.08 -2.72
CA GLN K 245 22.41 -46.61 -2.20
C GLN K 245 23.36 -46.99 -3.33
N ALA K 246 22.83 -47.58 -4.41
CA ALA K 246 23.67 -47.96 -5.54
C ALA K 246 24.31 -46.74 -6.18
N ARG K 247 23.51 -45.70 -6.40
CA ARG K 247 24.06 -44.48 -7.00
C ARG K 247 25.06 -43.80 -6.07
N ASN K 248 24.77 -43.80 -4.76
CA ASN K 248 25.70 -43.22 -3.80
C ASN K 248 27.03 -43.97 -3.79
N THR K 249 26.96 -45.30 -3.83
CA THR K 249 28.19 -46.10 -3.88
C THR K 249 28.94 -45.88 -5.18
N LEU K 250 28.23 -45.71 -6.29
CA LEU K 250 28.89 -45.40 -7.55
C LEU K 250 29.63 -44.08 -7.48
N MET K 251 28.97 -43.05 -6.92
CA MET K 251 29.61 -41.76 -6.79
C MET K 251 30.82 -41.83 -5.85
N ASP K 252 30.69 -42.60 -4.76
CA ASP K 252 31.81 -42.78 -3.84
C ASP K 252 32.98 -43.48 -4.52
N MET K 253 32.69 -44.50 -5.33
CA MET K 253 33.75 -45.21 -6.04
C MET K 253 34.45 -44.29 -7.04
N ARG K 254 33.67 -43.47 -7.76
CA ARG K 254 34.28 -42.52 -8.68
C ARG K 254 35.15 -41.51 -7.95
N LEU K 255 34.67 -41.00 -6.82
CA LEU K 255 35.44 -40.03 -6.06
C LEU K 255 36.70 -40.65 -5.49
N SER K 256 36.63 -41.91 -5.06
CA SER K 256 37.83 -42.58 -4.57
C SER K 256 38.83 -42.84 -5.69
N GLN K 257 38.33 -43.20 -6.88
CA GLN K 257 39.22 -43.40 -8.02
C GLN K 257 39.93 -42.10 -8.39
N VAL K 258 39.21 -40.98 -8.36
CA VAL K 258 39.85 -39.69 -8.61
C VAL K 258 40.84 -39.36 -7.51
N SER K 259 40.47 -39.61 -6.26
CA SER K 259 41.30 -39.25 -5.11
C SER K 259 42.58 -40.07 -5.04
N ASP K 260 42.62 -41.23 -5.68
CA ASP K 260 43.84 -42.04 -5.65
C ASP K 260 44.99 -41.34 -6.35
N SER K 261 44.69 -40.41 -7.26
CA SER K 261 45.73 -39.63 -7.91
C SER K 261 46.32 -38.57 -6.99
N VAL K 262 45.64 -38.26 -5.88
CA VAL K 262 46.14 -37.27 -4.93
C VAL K 262 47.13 -37.95 -4.00
N SER K 263 48.36 -37.43 -3.98
CA SER K 263 49.45 -38.08 -3.24
C SER K 263 49.67 -37.46 -1.87
N GLY K 264 49.37 -36.18 -1.70
CA GLY K 264 49.69 -35.47 -0.48
C GLY K 264 48.77 -35.71 0.69
N GLN K 265 47.72 -36.51 0.54
CA GLN K 265 46.79 -36.76 1.63
C GLN K 265 47.48 -37.47 2.78
N THR K 266 47.12 -37.09 4.00
CA THR K 266 47.68 -37.66 5.20
C THR K 266 46.64 -38.50 5.95
N VAL K 267 47.11 -39.56 6.59
CA VAL K 267 46.24 -40.43 7.37
C VAL K 267 47.10 -41.15 8.41
N VAL K 268 46.57 -41.25 9.62
CA VAL K 268 47.28 -41.93 10.70
C VAL K 268 46.62 -43.25 11.04
N ASP K 269 47.34 -44.14 11.70
CA ASP K 269 46.76 -45.42 12.11
C ASP K 269 45.98 -45.22 13.40
N PRO K 270 44.65 -45.41 13.32
CA PRO K 270 43.82 -45.17 14.50
C PRO K 270 44.25 -46.04 15.66
N LYS K 271 44.36 -47.34 15.43
CA LYS K 271 44.75 -48.26 16.49
C LYS K 271 46.14 -47.91 17.01
N GLY K 272 47.07 -47.68 16.09
CA GLY K 272 48.43 -47.38 16.50
C GLY K 272 48.48 -46.13 17.36
N TYR K 273 47.80 -45.08 16.92
CA TYR K 273 47.79 -43.84 17.67
C TYR K 273 47.22 -44.10 19.05
N LEU K 274 46.14 -44.87 19.12
CA LEU K 274 45.50 -45.13 20.40
C LEU K 274 46.46 -45.84 21.35
N THR K 275 47.13 -46.87 20.85
CA THR K 275 48.06 -47.61 21.69
C THR K 275 49.06 -46.64 22.31
N ASP K 276 49.60 -45.76 21.49
CA ASP K 276 50.55 -44.78 21.99
C ASP K 276 49.90 -43.95 23.08
N LEU K 277 48.64 -43.59 22.88
CA LEU K 277 47.92 -42.85 23.91
C LEU K 277 47.87 -43.70 25.16
N ASN K 278 47.56 -44.97 24.99
CA ASN K 278 47.51 -45.87 26.12
C ASN K 278 48.82 -45.81 26.86
N SER K 279 49.91 -46.09 26.15
CA SER K 279 51.23 -46.07 26.77
C SER K 279 51.53 -44.72 27.42
N MET K 280 50.94 -43.63 26.90
CA MET K 280 51.21 -42.29 27.40
C MET K 280 50.50 -42.01 28.72
N ILE K 281 49.52 -42.80 29.11
CA ILE K 281 48.75 -42.57 30.33
C ILE K 281 49.68 -42.73 31.54
N PRO K 282 49.82 -41.69 32.39
CA PRO K 282 50.67 -41.76 33.57
C PRO K 282 50.07 -42.60 34.69
N LYS L 341 0.76 -37.45 36.30
CA LYS L 341 0.45 -37.36 37.72
C LYS L 341 -0.23 -36.03 38.04
N PRO L 342 -1.31 -36.08 38.81
CA PRO L 342 -1.99 -34.84 39.22
C PRO L 342 -1.10 -33.99 40.12
N LEU L 343 -1.25 -32.69 40.00
CA LEU L 343 -0.46 -31.77 40.79
C LEU L 343 -0.89 -31.87 42.26
N PRO L 344 0.03 -32.09 43.19
CA PRO L 344 -0.35 -32.25 44.59
C PRO L 344 -1.03 -31.00 45.14
N ALA L 345 -1.98 -31.21 46.05
CA ALA L 345 -2.76 -30.12 46.60
C ALA L 345 -1.85 -29.17 47.36
N PRO L 346 -1.79 -27.89 47.00
CA PRO L 346 -0.93 -26.95 47.71
C PRO L 346 -1.33 -26.83 49.18
N LEU L 347 -0.32 -26.71 50.04
CA LEU L 347 -0.54 -26.59 51.46
C LEU L 347 0.61 -25.83 52.08
N ASP L 348 0.35 -25.20 53.23
CA ASP L 348 1.34 -24.41 53.95
C ASP L 348 1.35 -24.87 55.40
N GLY L 349 2.14 -25.91 55.70
CA GLY L 349 2.37 -26.29 57.07
C GLY L 349 3.39 -25.38 57.73
N GLN L 350 3.67 -25.67 59.00
CA GLN L 350 4.69 -24.92 59.71
C GLN L 350 6.04 -25.09 59.02
N ARG L 351 6.68 -23.97 58.67
CA ARG L 351 7.90 -24.03 57.88
C ARG L 351 9.01 -24.76 58.61
N LYS L 352 9.16 -24.51 59.91
CA LYS L 352 10.20 -25.15 60.69
C LYS L 352 9.80 -25.14 62.16
N LYS L 353 9.99 -26.27 62.83
CA LYS L 353 9.65 -26.35 64.24
C LYS L 353 10.91 -26.29 65.09
N ARG L 354 11.97 -26.94 64.63
CA ARG L 354 13.22 -26.91 65.36
C ARG L 354 14.37 -26.53 64.44
N GLY L 355 15.49 -26.12 65.03
CA GLY L 355 16.62 -25.72 64.24
C GLY L 355 17.90 -26.40 64.68
N GLY L 356 19.02 -25.97 64.13
CA GLY L 356 20.30 -26.58 64.47
C GLY L 356 20.39 -28.00 63.97
N ARG L 357 21.27 -28.79 64.57
CA ARG L 357 21.40 -30.19 64.18
C ARG L 357 21.57 -30.33 62.67
N ARG L 358 20.79 -31.21 62.06
CA ARG L 358 20.91 -31.45 60.62
C ARG L 358 20.47 -30.26 59.79
N TYR L 359 19.46 -29.53 60.27
CA TYR L 359 18.97 -28.37 59.55
C TYR L 359 20.11 -27.58 58.91
N ARG L 360 21.23 -27.46 59.62
CA ARG L 360 22.36 -26.68 59.12
C ARG L 360 22.99 -27.29 57.87
N LYS L 361 23.17 -28.61 57.88
CA LYS L 361 23.73 -29.26 56.70
C LYS L 361 22.77 -29.06 55.54
N MET L 362 21.48 -29.06 55.83
CA MET L 362 20.48 -28.88 54.78
C MET L 362 20.74 -27.60 54.02
N LYS L 363 20.84 -26.49 54.75
CA LYS L 363 21.08 -25.20 54.10
C LYS L 363 22.46 -25.22 53.47
N GLU L 364 23.39 -25.94 54.09
CA GLU L 364 24.73 -25.99 53.56
C GLU L 364 24.69 -26.51 52.13
N ARG L 365 23.85 -27.52 51.90
CA ARG L 365 23.70 -28.07 50.56
C ARG L 365 23.15 -27.00 49.63
N LEU L 366 22.08 -26.35 50.06
CA LEU L 366 21.49 -25.28 49.26
C LEU L 366 21.10 -24.14 50.17
N GLY L 367 21.85 -23.03 50.10
CA GLY L 367 21.58 -21.92 50.99
C GLY L 367 22.73 -21.76 51.95
N LEU L 368 23.88 -22.34 51.61
CA LEU L 368 25.06 -22.22 52.47
C LEU L 368 25.47 -20.76 52.61
N THR L 369 26.37 -20.51 53.56
CA THR L 369 26.81 -19.15 53.87
C THR L 369 27.65 -18.62 52.70
N GLU L 370 27.02 -17.83 51.85
CA GLU L 370 27.72 -17.18 50.74
C GLU L 370 28.42 -15.92 51.26
N ILE L 371 28.86 -15.06 50.35
CA ILE L 371 29.45 -13.78 50.76
C ILE L 371 28.43 -12.96 51.53
N ARG L 372 27.18 -12.97 51.06
CA ARG L 372 26.06 -12.31 51.73
C ARG L 372 26.27 -10.81 51.88
N LYS L 373 27.19 -10.24 51.09
CA LYS L 373 27.49 -8.82 51.15
C LYS L 373 28.21 -8.42 49.87
N GLN L 374 27.89 -7.23 49.37
CA GLN L 374 28.45 -6.67 48.14
C GLN L 374 28.10 -7.48 46.90
N ALA L 375 27.28 -8.52 47.04
CA ALA L 375 26.77 -9.27 45.91
C ALA L 375 25.32 -8.93 45.58
N ASN L 376 24.48 -8.75 46.60
CA ASN L 376 23.12 -8.26 46.42
C ASN L 376 23.01 -6.76 46.72
N ARG L 377 24.14 -6.08 46.82
CA ARG L 377 24.19 -4.65 47.13
C ARG L 377 24.31 -3.85 45.84
N MET L 378 23.85 -2.60 45.88
CA MET L 378 23.80 -1.77 44.69
C MET L 378 24.74 -0.58 44.71
N SER L 379 25.16 -0.10 45.88
CA SER L 379 26.04 1.06 46.00
C SER L 379 25.38 2.29 45.36
N PHE L 380 24.30 2.73 46.02
CA PHE L 380 23.43 3.83 45.60
C PHE L 380 24.17 4.98 44.92
N GLY L 381 25.31 5.39 45.48
CA GLY L 381 25.99 6.56 44.98
C GLY L 381 26.72 6.40 43.66
N GLU L 382 27.78 5.59 43.65
CA GLU L 382 28.70 5.56 42.52
C GLU L 382 28.39 4.41 41.58
N ILE L 383 29.26 4.24 40.58
CA ILE L 383 29.12 3.24 39.53
C ILE L 383 30.32 2.31 39.54
N GLU L 384 30.05 1.01 39.53
CA GLU L 384 31.09 0.01 39.31
C GLU L 384 31.19 -0.30 37.82
N GLU L 385 32.38 -0.72 37.41
CA GLU L 385 32.74 -1.04 36.02
C GLU L 385 32.18 0.06 35.11
N ASP L 386 31.77 -0.30 33.90
CA ASP L 386 31.26 0.69 32.96
C ASP L 386 29.79 1.03 33.27
N ALA L 387 29.33 2.13 32.68
CA ALA L 387 28.02 2.67 33.02
C ALA L 387 26.90 1.71 32.64
N TYR L 388 26.87 1.25 31.40
CA TYR L 388 25.80 0.41 30.88
C TYR L 388 26.35 -0.91 30.36
N GLN L 389 27.40 -1.43 31.02
CA GLN L 389 28.00 -2.68 30.59
C GLN L 389 27.02 -3.84 30.71
N GLU L 390 26.30 -3.90 31.83
CA GLU L 390 25.30 -4.94 32.09
C GLU L 390 25.89 -6.34 31.95
N VAL M 434 10.26 -81.37 64.43
CA VAL M 434 9.15 -81.00 63.57
C VAL M 434 9.20 -79.52 63.24
N THR M 435 9.52 -78.70 64.24
CA THR M 435 9.58 -77.26 64.04
C THR M 435 10.76 -76.90 63.13
N LEU M 436 10.53 -75.94 62.24
CA LEU M 436 11.55 -75.48 61.30
C LEU M 436 11.78 -73.99 61.51
N GLY M 437 13.04 -73.60 61.66
CA GLY M 437 13.37 -72.20 61.85
C GLY M 437 13.32 -71.41 60.55
N VAL M 438 13.27 -70.09 60.69
CA VAL M 438 13.22 -69.16 59.57
C VAL M 438 14.43 -68.26 59.64
N TYR M 439 15.16 -68.15 58.52
CA TYR M 439 16.32 -67.28 58.41
C TYR M 439 15.96 -66.04 57.60
N LEU M 440 16.31 -64.87 58.15
CA LEU M 440 15.99 -63.60 57.52
C LEU M 440 17.27 -62.92 57.05
N THR M 441 17.19 -62.30 55.88
CA THR M 441 18.35 -61.64 55.27
C THR M 441 18.69 -60.36 56.02
N LYS M 442 19.77 -59.70 55.59
CA LYS M 442 20.21 -58.47 56.24
C LYS M 442 19.18 -57.36 56.09
N LYS M 443 18.61 -57.22 54.89
CA LYS M 443 17.60 -56.18 54.66
C LYS M 443 16.37 -56.43 55.51
N GLU M 444 15.94 -57.69 55.63
CA GLU M 444 14.80 -58.01 56.48
C GLU M 444 15.09 -57.69 57.93
N GLN M 445 16.30 -57.99 58.40
CA GLN M 445 16.68 -57.66 59.76
C GLN M 445 16.68 -56.15 60.00
N LYS M 446 17.17 -55.39 59.02
CA LYS M 446 17.17 -53.94 59.15
C LYS M 446 15.75 -53.39 59.18
N LYS M 447 14.87 -53.93 58.34
CA LYS M 447 13.47 -53.50 58.34
C LYS M 447 12.80 -53.83 59.67
N LEU M 448 13.07 -55.01 60.21
CA LEU M 448 12.51 -55.39 61.51
C LEU M 448 13.04 -54.47 62.61
N ARG M 449 14.32 -54.13 62.56
CA ARG M 449 14.89 -53.22 63.55
C ARG M 449 14.24 -51.84 63.46
N ARG M 450 14.05 -51.33 62.25
CA ARG M 450 13.41 -50.04 62.07
C ARG M 450 11.98 -50.07 62.59
N GLN M 451 11.24 -51.14 62.29
CA GLN M 451 9.87 -51.25 62.77
C GLN M 451 9.82 -51.32 64.30
N THR M 452 10.72 -52.08 64.91
CA THR M 452 10.74 -52.18 66.36
C THR M 452 11.10 -50.86 67.01
N ARG M 453 12.07 -50.14 66.43
CA ARG M 453 12.43 -48.82 66.96
C ARG M 453 11.28 -47.84 66.82
N ARG M 454 10.57 -47.88 65.69
CA ARG M 454 9.42 -47.01 65.51
C ARG M 454 8.32 -47.33 66.53
N GLU M 455 8.09 -48.63 66.78
CA GLU M 455 7.08 -49.02 67.77
C GLU M 455 7.48 -48.56 69.17
N ALA M 456 8.77 -48.70 69.52
CA ALA M 456 9.24 -48.24 70.82
C ALA M 456 9.10 -46.72 70.96
N GLN M 457 9.44 -45.98 69.90
CA GLN M 457 9.28 -44.54 69.93
C GLN M 457 7.82 -44.14 70.07
N LYS M 458 6.92 -44.83 69.36
CA LYS M 458 5.50 -44.55 69.49
C LYS M 458 5.00 -44.84 70.90
N GLU M 459 5.46 -45.95 71.49
CA GLU M 459 5.07 -46.27 72.85
C GLU M 459 5.56 -45.22 73.84
N LEU M 460 6.80 -44.76 73.67
CA LEU M 460 7.33 -43.71 74.54
C LEU M 460 6.55 -42.42 74.37
N GLN M 461 6.22 -42.05 73.13
CA GLN M 461 5.44 -40.83 72.90
C GLN M 461 4.06 -40.94 73.52
N GLU M 462 3.41 -42.10 73.39
CA GLU M 462 2.10 -42.30 74.00
C GLU M 462 2.17 -42.23 75.51
N LYS M 463 3.20 -42.82 76.11
CA LYS M 463 3.36 -42.77 77.56
C LYS M 463 3.59 -41.34 78.03
N VAL M 464 4.41 -40.58 77.30
CA VAL M 464 4.67 -39.20 77.68
C VAL M 464 3.41 -38.35 77.54
N ARG M 465 2.67 -38.53 76.45
CA ARG M 465 1.45 -37.75 76.24
C ARG M 465 0.33 -38.20 77.18
N LEU M 466 0.43 -39.40 77.75
CA LEU M 466 -0.58 -39.87 78.69
C LEU M 466 -0.45 -39.25 80.07
N GLY M 467 0.70 -38.69 80.40
CA GLY M 467 0.92 -38.14 81.72
C GLY M 467 1.30 -39.15 82.77
N LEU M 468 1.58 -40.40 82.39
CA LEU M 468 1.93 -41.42 83.37
C LEU M 468 3.30 -41.14 83.99
N MET M 469 4.30 -40.83 83.15
CA MET M 469 5.64 -40.58 83.60
C MET M 469 6.24 -39.42 82.81
N PRO M 470 7.19 -38.69 83.39
CA PRO M 470 7.83 -37.61 82.65
C PRO M 470 8.67 -38.17 81.51
N PRO M 471 8.87 -37.40 80.43
CA PRO M 471 9.69 -37.88 79.33
C PRO M 471 11.15 -37.96 79.76
N PRO M 472 11.95 -38.82 79.11
CA PRO M 472 13.35 -38.94 79.49
C PRO M 472 14.11 -37.64 79.27
N GLU M 473 15.12 -37.41 80.11
CA GLU M 473 15.90 -36.18 80.03
C GLU M 473 16.70 -36.17 78.72
N PRO M 474 16.73 -35.04 78.01
CA PRO M 474 17.53 -34.98 76.78
C PRO M 474 19.01 -35.15 77.06
N LYS M 475 19.70 -35.84 76.16
CA LYS M 475 21.12 -36.11 76.31
C LYS M 475 21.72 -36.61 75.01
N SER N 2 -18.97 -33.39 23.45
CA SER N 2 -18.37 -34.30 24.43
C SER N 2 -18.71 -33.86 25.85
N TYR N 3 -17.86 -33.00 26.41
CA TYR N 3 -18.11 -32.37 27.70
C TYR N 3 -18.19 -33.42 28.82
N MET N 4 -17.07 -34.11 29.03
CA MET N 4 -16.99 -35.14 30.06
C MET N 4 -17.11 -34.57 31.47
N LEU N 5 -16.97 -33.27 31.63
CA LEU N 5 -17.12 -32.66 32.94
C LEU N 5 -18.55 -32.85 33.43
N PRO N 6 -18.76 -33.18 34.70
CA PRO N 6 -20.12 -33.42 35.18
C PRO N 6 -20.99 -32.17 35.09
N HIS N 7 -22.27 -32.38 34.80
CA HIS N 7 -23.23 -31.31 34.65
C HIS N 7 -24.26 -31.37 35.77
N LEU N 8 -24.77 -30.19 36.14
CA LEU N 8 -25.83 -30.06 37.13
C LEU N 8 -27.10 -29.60 36.42
N HIS N 9 -28.18 -30.34 36.59
CA HIS N 9 -29.41 -30.13 35.83
C HIS N 9 -30.48 -29.37 36.59
N ASN N 10 -30.23 -28.99 37.84
CA ASN N 10 -31.19 -28.22 38.61
C ASN N 10 -30.46 -27.48 39.72
N GLY N 11 -31.14 -26.53 40.33
CA GLY N 11 -30.56 -25.77 41.42
C GLY N 11 -30.22 -26.63 42.63
N TRP N 12 -30.96 -27.71 42.83
CA TRP N 12 -30.67 -28.62 43.93
C TRP N 12 -29.29 -29.26 43.75
N GLN N 13 -29.00 -29.74 42.53
CA GLN N 13 -27.68 -30.30 42.28
C GLN N 13 -26.58 -29.29 42.57
N VAL N 14 -26.80 -28.03 42.17
CA VAL N 14 -25.79 -27.00 42.39
C VAL N 14 -25.59 -26.74 43.88
N ASP N 15 -26.70 -26.60 44.62
CA ASP N 15 -26.58 -26.15 46.00
C ASP N 15 -26.20 -27.27 46.97
N GLN N 16 -26.30 -28.54 46.57
CA GLN N 16 -25.58 -29.55 47.34
C GLN N 16 -24.21 -29.90 46.75
N ALA N 17 -23.92 -29.50 45.52
CA ALA N 17 -22.56 -29.66 45.01
C ALA N 17 -21.61 -28.65 45.65
N ILE N 18 -22.09 -27.44 45.90
CA ILE N 18 -21.26 -26.44 46.56
C ILE N 18 -20.94 -26.86 47.99
N LEU N 19 -21.90 -27.49 48.66
CA LEU N 19 -21.73 -27.97 50.02
C LEU N 19 -21.15 -29.38 50.09
N SER N 20 -20.98 -30.05 48.94
CA SER N 20 -20.41 -31.40 48.95
C SER N 20 -18.92 -31.37 49.26
N GLU N 21 -18.19 -30.40 48.70
CA GLU N 21 -16.75 -30.33 48.85
C GLU N 21 -16.38 -29.49 50.06
N GLU N 22 -15.54 -30.04 50.93
CA GLU N 22 -15.05 -29.33 52.10
C GLU N 22 -13.57 -28.97 52.02
N ASP N 23 -12.76 -29.80 51.36
CA ASP N 23 -11.34 -29.54 51.21
C ASP N 23 -10.96 -29.20 49.77
N ARG N 24 -11.94 -29.00 48.90
CA ARG N 24 -11.68 -28.72 47.49
C ARG N 24 -12.54 -27.53 47.05
N VAL N 25 -11.99 -26.76 46.12
CA VAL N 25 -12.69 -25.58 45.61
C VAL N 25 -13.68 -26.01 44.54
N VAL N 26 -14.94 -25.60 44.71
CA VAL N 26 -15.98 -25.90 43.75
C VAL N 26 -15.95 -24.84 42.65
N VAL N 27 -15.81 -25.28 41.40
CA VAL N 27 -15.81 -24.41 40.24
C VAL N 27 -17.08 -24.69 39.45
N ILE N 28 -17.82 -23.63 39.14
CA ILE N 28 -19.08 -23.75 38.41
C ILE N 28 -19.01 -22.85 37.19
N ARG N 29 -19.25 -23.43 36.01
CA ARG N 29 -19.27 -22.68 34.76
C ARG N 29 -20.73 -22.45 34.37
N PHE N 30 -21.19 -21.21 34.51
CA PHE N 30 -22.54 -20.88 34.10
C PHE N 30 -22.50 -20.43 32.66
N GLY N 31 -23.28 -21.07 31.80
CA GLY N 31 -23.29 -20.71 30.41
C GLY N 31 -23.97 -21.73 29.53
N HIS N 32 -23.57 -21.79 28.27
CA HIS N 32 -24.17 -22.73 27.34
C HIS N 32 -23.11 -23.46 26.53
N ASP N 33 -23.26 -24.76 26.37
CA ASP N 33 -22.25 -25.55 25.66
C ASP N 33 -22.01 -25.00 24.27
N TRP N 34 -23.09 -24.70 23.56
CA TRP N 34 -22.95 -24.20 22.19
C TRP N 34 -22.16 -22.90 22.15
N ASP N 35 -22.31 -22.07 23.19
CA ASP N 35 -21.55 -20.84 23.25
C ASP N 35 -20.08 -21.15 23.05
N PRO N 36 -19.45 -20.52 22.07
CA PRO N 36 -18.04 -20.82 21.78
C PRO N 36 -17.15 -20.51 22.96
N THR N 37 -17.35 -19.35 23.58
CA THR N 37 -16.53 -18.97 24.73
C THR N 37 -16.59 -20.03 25.82
N CYS N 38 -17.79 -20.51 26.12
CA CYS N 38 -17.92 -21.63 27.05
C CYS N 38 -17.19 -22.86 26.51
N MET N 39 -17.17 -23.05 25.19
CA MET N 39 -16.44 -24.16 24.61
C MET N 39 -14.95 -24.05 24.90
N LYS N 40 -14.38 -22.85 24.71
CA LYS N 40 -12.97 -22.65 25.01
C LYS N 40 -12.67 -22.91 26.48
N MET N 41 -13.49 -22.34 27.38
CA MET N 41 -13.23 -22.54 28.80
C MET N 41 -13.36 -24.00 29.19
N ASP N 42 -14.36 -24.69 28.64
CA ASP N 42 -14.56 -26.09 29.03
C ASP N 42 -13.45 -26.97 28.47
N GLU N 43 -12.93 -26.65 27.28
CA GLU N 43 -11.75 -27.36 26.80
C GLU N 43 -10.57 -27.14 27.72
N VAL N 44 -10.36 -25.90 28.18
CA VAL N 44 -9.28 -25.62 29.11
C VAL N 44 -9.48 -26.40 30.41
N LEU N 45 -10.71 -26.41 30.92
CA LEU N 45 -11.02 -27.10 32.16
C LEU N 45 -10.78 -28.60 32.03
N TYR N 46 -11.21 -29.20 30.92
CA TYR N 46 -10.95 -30.62 30.70
C TYR N 46 -9.46 -30.89 30.59
N SER N 47 -8.71 -29.95 30.01
CA SER N 47 -7.26 -30.10 29.95
C SER N 47 -6.64 -30.12 31.34
N ILE N 48 -7.33 -29.59 32.35
CA ILE N 48 -6.78 -29.52 33.70
C ILE N 48 -7.78 -30.12 34.70
N ALA N 49 -8.74 -30.89 34.20
CA ALA N 49 -9.75 -31.47 35.09
C ALA N 49 -9.12 -32.43 36.09
N GLU N 50 -8.19 -33.27 35.64
CA GLU N 50 -7.55 -34.24 36.52
C GLU N 50 -6.30 -33.69 37.19
N LYS N 51 -5.76 -32.57 36.71
CA LYS N 51 -4.56 -32.00 37.35
C LYS N 51 -4.90 -31.42 38.72
N VAL N 52 -6.09 -30.85 38.87
CA VAL N 52 -6.51 -30.22 40.11
C VAL N 52 -7.51 -31.09 40.87
N LYS N 53 -7.50 -32.40 40.62
CA LYS N 53 -8.42 -33.30 41.30
C LYS N 53 -8.19 -33.32 42.80
N ASN N 54 -6.95 -33.05 43.23
CA ASN N 54 -6.62 -33.12 44.65
C ASN N 54 -7.30 -32.01 45.44
N PHE N 55 -7.41 -30.81 44.86
CA PHE N 55 -7.90 -29.66 45.63
C PHE N 55 -8.97 -28.87 44.91
N ALA N 56 -9.55 -29.39 43.84
CA ALA N 56 -10.56 -28.64 43.11
C ALA N 56 -11.50 -29.61 42.40
N VAL N 57 -12.69 -29.11 42.08
CA VAL N 57 -13.70 -29.85 41.35
C VAL N 57 -14.42 -28.88 40.42
N ILE N 58 -14.83 -29.37 39.26
CA ILE N 58 -15.46 -28.54 38.23
C ILE N 58 -16.83 -29.12 37.90
N TYR N 59 -17.83 -28.25 37.85
CA TYR N 59 -19.18 -28.63 37.44
C TYR N 59 -19.67 -27.64 36.40
N LEU N 60 -20.45 -28.14 35.44
CA LEU N 60 -21.01 -27.31 34.38
C LEU N 60 -22.51 -27.16 34.59
N VAL N 61 -22.98 -25.92 34.58
CA VAL N 61 -24.38 -25.60 34.81
C VAL N 61 -24.91 -24.83 33.60
N ASP N 62 -26.02 -25.30 33.05
CA ASP N 62 -26.65 -24.63 31.92
C ASP N 62 -27.57 -23.52 32.43
N ILE N 63 -27.45 -22.34 31.82
CA ILE N 63 -28.28 -21.22 32.24
C ILE N 63 -29.75 -21.50 31.95
N THR N 64 -30.06 -22.04 30.76
CA THR N 64 -31.44 -22.36 30.43
C THR N 64 -31.98 -23.45 31.34
N GLU N 65 -31.19 -24.50 31.59
CA GLU N 65 -31.64 -25.56 32.47
C GLU N 65 -31.75 -25.10 33.91
N VAL N 66 -30.80 -24.28 34.37
CA VAL N 66 -30.76 -23.82 35.75
C VAL N 66 -30.71 -22.30 35.76
N PRO N 67 -31.84 -21.62 35.64
CA PRO N 67 -31.85 -20.15 35.57
C PRO N 67 -32.10 -19.44 36.90
N ASP N 68 -32.16 -20.16 38.02
CA ASP N 68 -32.48 -19.52 39.29
C ASP N 68 -31.34 -18.64 39.81
N PHE N 69 -30.11 -18.92 39.41
CA PHE N 69 -28.96 -18.14 39.87
C PHE N 69 -28.69 -16.91 39.00
N ASN N 70 -29.52 -16.66 37.98
CA ASN N 70 -29.28 -15.53 37.09
C ASN N 70 -29.39 -14.20 37.83
N LYS N 71 -30.46 -14.03 38.61
CA LYS N 71 -30.67 -12.74 39.28
C LYS N 71 -29.69 -12.54 40.43
N MET N 72 -29.49 -13.56 41.26
CA MET N 72 -28.67 -13.39 42.47
C MET N 72 -27.20 -13.24 42.13
N TYR N 73 -26.71 -13.95 41.13
CA TYR N 73 -25.30 -13.89 40.75
C TYR N 73 -25.05 -12.99 39.55
N GLU N 74 -26.05 -12.21 39.13
CA GLU N 74 -25.91 -11.30 37.99
C GLU N 74 -25.42 -12.02 36.76
N LEU N 75 -25.96 -13.22 36.52
CA LEU N 75 -25.56 -14.05 35.39
C LEU N 75 -26.18 -13.49 34.13
N TYR N 76 -25.60 -12.38 33.66
CA TYR N 76 -26.03 -11.71 32.44
C TYR N 76 -25.02 -11.82 31.31
N ASP N 77 -23.80 -12.22 31.62
CA ASP N 77 -22.79 -12.46 30.59
C ASP N 77 -23.07 -13.78 29.89
N PRO N 78 -22.56 -13.94 28.66
CA PRO N 78 -22.73 -15.24 27.99
C PRO N 78 -22.10 -16.40 28.76
N CYS N 79 -21.15 -16.11 29.64
CA CYS N 79 -20.44 -17.12 30.39
C CYS N 79 -19.84 -16.51 31.65
N THR N 80 -19.87 -17.27 32.75
CA THR N 80 -19.24 -16.88 33.99
C THR N 80 -18.61 -18.11 34.64
N VAL N 81 -17.57 -17.88 35.45
CA VAL N 81 -16.92 -18.92 36.24
C VAL N 81 -17.01 -18.50 37.70
N MET N 82 -17.47 -19.42 38.56
CA MET N 82 -17.82 -19.12 39.93
C MET N 82 -17.02 -20.04 40.85
N PHE N 83 -16.42 -19.46 41.90
CA PHE N 83 -15.57 -20.21 42.82
C PHE N 83 -16.19 -20.21 44.22
N PHE N 84 -16.39 -21.40 44.76
CA PHE N 84 -16.94 -21.57 46.10
C PHE N 84 -16.02 -22.46 46.93
N PHE N 85 -16.08 -22.27 48.25
CA PHE N 85 -15.36 -23.10 49.19
C PHE N 85 -16.10 -23.06 50.53
N ARG N 86 -16.52 -24.21 51.02
CA ARG N 86 -17.22 -24.33 52.29
C ARG N 86 -18.40 -23.38 52.35
N ASN N 87 -19.19 -23.37 51.27
CA ASN N 87 -20.41 -22.59 51.10
C ASN N 87 -20.15 -21.09 50.92
N LYS N 88 -18.90 -20.65 50.93
CA LYS N 88 -18.58 -19.23 50.79
C LYS N 88 -18.00 -18.97 49.40
N HIS N 89 -18.56 -17.97 48.72
CA HIS N 89 -17.98 -17.52 47.46
C HIS N 89 -16.62 -16.87 47.68
N ILE N 90 -15.71 -17.06 46.73
CA ILE N 90 -14.40 -16.41 46.75
C ILE N 90 -14.33 -15.44 45.59
N MET N 91 -14.10 -14.16 45.89
CA MET N 91 -13.86 -13.17 44.86
C MET N 91 -12.38 -13.14 44.48
N ILE N 92 -12.12 -12.97 43.19
CA ILE N 92 -10.77 -12.97 42.64
C ILE N 92 -10.54 -11.62 41.97
N ASP N 93 -9.45 -10.95 42.37
CA ASP N 93 -9.14 -9.61 41.86
C ASP N 93 -8.32 -9.75 40.58
N LEU N 94 -9.04 -9.91 39.46
CA LEU N 94 -8.40 -10.06 38.17
C LEU N 94 -7.99 -8.74 37.55
N GLY N 95 -8.47 -7.62 38.09
CA GLY N 95 -8.22 -6.32 37.50
C GLY N 95 -9.21 -5.93 36.41
N THR N 96 -10.27 -6.71 36.21
CA THR N 96 -11.25 -6.44 35.17
C THR N 96 -12.39 -5.53 35.65
N GLY N 97 -12.43 -5.17 36.92
CA GLY N 97 -13.48 -4.30 37.43
C GLY N 97 -14.41 -5.00 38.40
N ASN N 98 -14.79 -6.24 38.08
CA ASN N 98 -15.62 -7.06 38.95
C ASN N 98 -14.81 -8.27 39.39
N ASN N 99 -14.81 -8.52 40.70
CA ASN N 99 -14.01 -9.59 41.28
C ASN N 99 -14.77 -10.89 41.49
N ASN N 100 -16.05 -10.92 41.15
CA ASN N 100 -16.84 -12.10 41.44
C ASN N 100 -16.72 -13.20 40.39
N LYS N 101 -16.56 -12.84 39.12
CA LYS N 101 -16.55 -13.85 38.08
C LYS N 101 -15.51 -13.59 37.00
N ILE N 102 -14.97 -14.66 36.44
CA ILE N 102 -13.97 -14.52 35.39
C ILE N 102 -14.57 -13.84 34.18
N ASN N 103 -15.69 -14.36 33.67
CA ASN N 103 -16.38 -13.74 32.54
C ASN N 103 -15.57 -13.69 31.25
N TRP N 104 -14.56 -14.54 31.12
CA TRP N 104 -13.80 -14.59 29.86
C TRP N 104 -13.06 -15.90 29.70
N ALA N 105 -12.73 -16.25 28.46
CA ALA N 105 -12.07 -17.53 28.21
C ALA N 105 -10.60 -17.39 27.87
N MET N 106 -9.73 -17.76 28.81
CA MET N 106 -8.30 -17.72 28.55
C MET N 106 -7.86 -19.02 27.89
N GLU N 107 -7.06 -18.89 26.84
CA GLU N 107 -6.58 -20.06 26.11
C GLU N 107 -5.54 -20.85 26.88
N ASP N 108 -4.72 -20.20 27.69
CA ASP N 108 -3.65 -20.86 28.43
C ASP N 108 -4.24 -21.54 29.66
N LYS N 109 -4.04 -22.85 29.76
CA LYS N 109 -4.55 -23.60 30.90
C LYS N 109 -3.76 -23.30 32.17
N GLN N 110 -2.50 -22.91 32.03
CA GLN N 110 -1.69 -22.60 33.21
C GLN N 110 -2.21 -21.38 33.95
N GLU N 111 -2.78 -20.41 33.24
CA GLU N 111 -3.38 -19.27 33.91
C GLU N 111 -4.54 -19.70 34.80
N MET N 112 -5.41 -20.57 34.29
CA MET N 112 -6.51 -21.08 35.10
C MET N 112 -6.00 -21.91 36.27
N VAL N 113 -4.95 -22.70 36.04
CA VAL N 113 -4.37 -23.50 37.13
C VAL N 113 -3.86 -22.59 38.24
N ASP N 114 -3.16 -21.53 37.87
CA ASP N 114 -2.66 -20.59 38.87
C ASP N 114 -3.81 -19.88 39.58
N ILE N 115 -4.86 -19.52 38.84
CA ILE N 115 -6.00 -18.84 39.45
C ILE N 115 -6.66 -19.74 40.49
N ILE N 116 -6.92 -20.99 40.13
CA ILE N 116 -7.58 -21.91 41.06
C ILE N 116 -6.65 -22.22 42.24
N GLU N 117 -5.34 -22.32 42.02
CA GLU N 117 -4.43 -22.55 43.12
C GLU N 117 -4.43 -21.38 44.10
N THR N 118 -4.42 -20.15 43.57
CA THR N 118 -4.47 -18.98 44.44
C THR N 118 -5.78 -18.92 45.21
N VAL N 119 -6.89 -19.26 44.54
CA VAL N 119 -8.18 -19.28 45.22
C VAL N 119 -8.18 -20.30 46.35
N TYR N 120 -7.63 -21.48 46.09
CA TYR N 120 -7.55 -22.50 47.14
C TYR N 120 -6.69 -22.03 48.30
N ARG N 121 -5.53 -21.44 48.00
CA ARG N 121 -4.63 -20.98 49.05
C ARG N 121 -5.29 -19.91 49.91
N GLY N 122 -6.01 -18.97 49.29
CA GLY N 122 -6.69 -17.94 50.05
C GLY N 122 -7.92 -18.44 50.79
N ALA N 123 -8.59 -19.46 50.27
CA ALA N 123 -9.77 -19.98 50.94
C ALA N 123 -9.40 -20.82 52.15
N ARG N 124 -8.35 -21.64 52.04
CA ARG N 124 -7.94 -22.43 53.20
C ARG N 124 -7.34 -21.55 54.29
N LYS N 125 -6.70 -20.44 53.91
CA LYS N 125 -6.11 -19.56 54.91
C LYS N 125 -7.17 -18.71 55.61
N GLY N 126 -8.27 -18.39 54.92
CA GLY N 126 -9.41 -17.72 55.52
C GLY N 126 -9.82 -16.42 54.87
N ARG N 127 -9.06 -15.91 53.90
CA ARG N 127 -9.45 -14.68 53.23
C ARG N 127 -10.57 -14.96 52.23
N GLY N 128 -11.60 -14.12 52.25
CA GLY N 128 -12.71 -14.26 51.33
C GLY N 128 -12.43 -13.69 49.96
N LEU N 129 -11.55 -12.70 49.91
CA LEU N 129 -11.14 -12.07 48.66
C LEU N 129 -9.66 -12.37 48.42
N VAL N 130 -9.33 -12.84 47.23
CA VAL N 130 -7.96 -13.19 46.89
C VAL N 130 -7.53 -12.43 45.65
N VAL N 131 -6.23 -12.24 45.53
CA VAL N 131 -5.64 -11.44 44.46
C VAL N 131 -5.11 -12.38 43.39
N SER N 132 -5.51 -12.14 42.15
CA SER N 132 -5.01 -12.94 41.04
C SER N 132 -3.51 -12.70 40.87
N PRO N 133 -2.74 -13.75 40.61
CA PRO N 133 -1.30 -13.56 40.37
C PRO N 133 -1.02 -13.16 38.93
N LYS N 134 -1.84 -12.24 38.40
CA LYS N 134 -1.69 -11.69 37.06
C LYS N 134 -2.73 -10.61 36.85
N ASP N 135 -2.46 -9.67 35.95
CA ASP N 135 -3.39 -8.59 35.63
C ASP N 135 -3.99 -8.86 34.26
N TYR N 136 -5.32 -8.98 34.21
CA TYR N 136 -6.03 -9.29 32.98
C TYR N 136 -6.71 -8.07 32.37
N SER N 137 -6.45 -6.87 32.91
CA SER N 137 -7.01 -5.66 32.31
C SER N 137 -6.47 -5.45 30.90
N THR N 138 -5.19 -5.72 30.68
CA THR N 138 -4.58 -5.66 29.37
C THR N 138 -4.37 -7.06 28.84
N LYS N 139 -4.75 -7.27 27.57
CA LYS N 139 -4.67 -8.59 26.96
C LYS N 139 -3.24 -9.05 26.70
N TYR N 140 -2.25 -8.17 26.90
CA TYR N 140 -0.84 -8.51 26.72
C TYR N 140 -0.56 -8.98 25.29
N ARG N 141 -1.20 -8.32 24.33
CA ARG N 141 -0.99 -8.59 22.91
C ARG N 141 -0.20 -7.45 22.29
N TYR N 142 0.83 -7.78 21.53
CA TYR N 142 1.70 -6.76 20.94
C TYR N 142 2.11 -7.15 19.52
N LYS O 134 5.28 13.53 82.67
CA LYS O 134 4.01 13.09 82.08
C LYS O 134 4.23 11.95 81.08
N ARG O 135 4.43 12.32 79.81
CA ARG O 135 4.61 11.35 78.73
C ARG O 135 3.45 10.36 78.69
N LYS O 136 2.24 10.87 78.88
CA LYS O 136 1.04 10.06 78.85
C LYS O 136 0.58 9.85 77.42
N TYR O 137 0.22 8.61 77.09
CA TYR O 137 -0.26 8.24 75.76
C TYR O 137 -1.69 7.71 75.90
N ARG O 138 -2.64 8.45 75.35
CA ARG O 138 -4.06 8.17 75.51
C ARG O 138 -4.51 7.06 74.57
N GLN O 139 -5.56 6.36 74.98
CA GLN O 139 -6.01 5.15 74.30
C GLN O 139 -6.73 5.48 73.00
N TYR O 140 -6.45 4.68 71.96
CA TYR O 140 -7.15 4.76 70.69
C TYR O 140 -8.13 3.62 70.45
N MET O 141 -7.78 2.40 70.80
CA MET O 141 -8.57 1.22 70.47
C MET O 141 -9.31 0.69 71.68
N ASN O 142 -10.54 0.24 71.45
CA ASN O 142 -11.38 -0.40 72.46
C ASN O 142 -11.62 0.55 73.64
N ARG O 143 -12.23 1.69 73.35
CA ARG O 143 -12.58 2.68 74.35
C ARG O 143 -14.04 2.60 74.79
N LYS O 144 -14.95 2.39 73.84
CA LYS O 144 -16.39 2.25 74.04
C LYS O 144 -17.06 3.52 74.53
N GLY O 145 -16.34 4.64 74.59
CA GLY O 145 -16.95 5.90 75.00
C GLY O 145 -17.10 6.87 73.83
N GLY O 146 -17.00 8.16 74.11
CA GLY O 146 -17.06 9.15 73.05
C GLY O 146 -15.85 9.06 72.14
N PHE O 147 -16.05 9.50 70.89
CA PHE O 147 -15.01 9.39 69.89
C PHE O 147 -13.78 10.21 70.27
N ASN O 148 -13.99 11.44 70.74
CA ASN O 148 -12.89 12.33 71.04
C ASN O 148 -12.08 11.81 72.23
N ARG O 149 -10.81 12.18 72.26
CA ARG O 149 -9.90 11.66 73.27
C ARG O 149 -10.25 12.21 74.65
N PRO O 150 -10.03 11.41 75.69
CA PRO O 150 -10.14 11.94 77.06
C PRO O 150 -9.04 12.95 77.34
N LEU O 151 -9.33 13.87 78.25
CA LEU O 151 -8.37 14.89 78.65
C LEU O 151 -7.27 14.26 79.50
#